data_4EIL
#
_entry.id   4EIL
#
_cell.length_a   53.787
_cell.length_b   144.399
_cell.length_c   177.605
_cell.angle_alpha   90.01
_cell.angle_beta   89.93
_cell.angle_gamma   90.38
#
_symmetry.space_group_name_H-M   'P 1'
#
loop_
_entity.id
_entity.type
_entity.pdbx_description
1 polymer 'Bifunctional dihydrofolate reductase-thymidylate synthase'
2 non-polymer "2'-DEOXYURIDINE 5'-MONOPHOSPHATE"
3 non-polymer '10-PROPARGYL-5,8-DIDEAZAFOLIC ACID'
4 non-polymer 'FOLIC ACID'
5 non-polymer 'NADPH DIHYDRO-NICOTINAMIDE-ADENINE-DINUCLEOTIDE PHOSPHATE'
6 water water
#
_entity_poly.entity_id   1
_entity_poly.type   'polypeptide(L)'
_entity_poly.pdbx_seq_one_letter_code
;MQKPVCLVVAMTPKRGIGINNGLPWPHLTTDFKHFSRVTKTTPEEASRFNAVVMGRKTWESMPRKFRPLVDRLNIVVSSS
LKEEDIAAEKPQAEGQQRVRVCASLPAALSLLEEEYKDSVDQIFVVGGAGLYEAALSLGVASHLYITRVAREFPCDVFFP
AFPGDDILSNKSTAAEKDNEATYRPIFISKTFSDNGVPYDFVVLEKRRKTDDAATAEPSNAMSSLTSTRETTPVHGLQAP
SSAAAIAPVLAWMDEEDRKKREQKELIRAVPHVHFRGHEEFQYLDLIADIINNGRTMDDRTGVGVISKFGCTMRYSLDQA
FPLLTTKRVFWKGVLEELLWFIRGDTNANHLSEKGVKIWDKNVTREFLDSRNLPHREVGDIGPGYGFQWRHFGAAYKDMH
TDYTGQGVDQLKNVIQMLRTNPTDRRMLMTAWNPAALDEMALPPCHLLCQFYVNDQKELSCIMYQRSCDVGLGVPFNIAS
YSLLTLMVAHVCNLKPKEFIHFMGNTHVYTNHVEALKEQLRREPRPFPIVNILNKERIKEIDDFTAEDFEVVGYVPHGRI
QMEMAV
;
_entity_poly.pdbx_strand_id   A,B,C,D,E,F,G,H
#
loop_
_chem_comp.id
_chem_comp.type
_chem_comp.name
_chem_comp.formula
CB3 non-polymer '10-PROPARGYL-5,8-DIDEAZAFOLIC ACID' 'C24 H23 N5 O6'
FOL non-polymer 'FOLIC ACID' 'C19 H19 N7 O6'
NDP non-polymer 'NADPH DIHYDRO-NICOTINAMIDE-ADENINE-DINUCLEOTIDE PHOSPHATE' 'C21 H30 N7 O17 P3'
UMP non-polymer '2'-DEOXYURIDINE 5'-MONOPHOSPHATE' 'C9 H13 N2 O8 P'
#
# COMPACT_ATOMS: atom_id res chain seq x y z
N PRO A 4 4.97 9.97 10.39
CA PRO A 4 6.29 10.55 10.12
C PRO A 4 7.42 9.77 10.83
N VAL A 5 8.25 9.10 10.03
CA VAL A 5 9.15 8.06 10.55
C VAL A 5 10.64 8.41 10.58
N CYS A 6 11.40 7.72 11.44
CA CYS A 6 12.85 7.83 11.48
C CYS A 6 13.50 6.49 11.15
N LEU A 7 14.63 6.52 10.45
CA LEU A 7 15.37 5.30 10.17
C LEU A 7 16.55 5.20 11.11
N VAL A 8 16.84 4.00 11.59
CA VAL A 8 18.03 3.82 12.39
C VAL A 8 18.85 2.64 11.84
N VAL A 9 20.13 2.90 11.58
CA VAL A 9 21.00 1.95 10.87
C VAL A 9 22.45 2.09 11.25
N ALA A 10 23.18 0.99 11.15
CA ALA A 10 24.62 1.03 11.14
C ALA A 10 25.11 0.46 9.82
N MET A 11 26.21 1.01 9.31
CA MET A 11 26.50 0.94 7.89
C MET A 11 28.00 1.07 7.64
N THR A 12 28.57 0.21 6.80
CA THR A 12 29.95 0.39 6.35
C THR A 12 29.98 1.57 5.35
N PRO A 13 31.19 2.03 4.96
CA PRO A 13 31.23 3.14 4.01
C PRO A 13 30.65 2.79 2.66
N LYS A 14 30.61 1.49 2.35
CA LYS A 14 30.01 1.03 1.10
C LYS A 14 28.54 0.64 1.29
N ARG A 15 27.95 1.13 2.38
CA ARG A 15 26.53 0.93 2.70
C ARG A 15 26.19 -0.49 3.13
N GLY A 16 27.20 -1.28 3.49
CA GLY A 16 26.96 -2.65 3.88
C GLY A 16 26.37 -2.74 5.28
N ILE A 17 25.33 -3.56 5.44
CA ILE A 17 24.66 -3.67 6.74
C ILE A 17 24.58 -5.08 7.31
N GLY A 18 24.71 -6.10 6.46
CA GLY A 18 24.60 -7.47 6.93
C GLY A 18 25.29 -8.53 6.10
N ILE A 19 25.54 -9.68 6.75
CA ILE A 19 26.02 -10.88 6.07
C ILE A 19 25.52 -12.14 6.79
N ASN A 20 25.04 -13.11 6.01
CA ASN A 20 24.49 -14.35 6.56
C ASN A 20 23.47 -14.14 7.63
N ASN A 21 22.59 -13.17 7.42
CA ASN A 21 21.55 -12.84 8.37
C ASN A 21 22.10 -12.45 9.72
N GLY A 22 23.32 -11.91 9.73
CA GLY A 22 23.89 -11.36 10.95
C GLY A 22 24.58 -10.05 10.62
N LEU A 23 25.24 -9.47 11.61
CA LEU A 23 25.92 -8.21 11.46
C LEU A 23 27.33 -8.44 10.93
N PRO A 24 27.88 -7.47 10.19
CA PRO A 24 29.14 -7.78 9.53
C PRO A 24 30.36 -7.64 10.43
N TRP A 25 30.24 -6.88 11.52
CA TRP A 25 31.38 -6.49 12.35
C TRP A 25 31.31 -7.17 13.73
N PRO A 26 32.43 -7.16 14.49
CA PRO A 26 32.30 -7.64 15.87
C PRO A 26 31.42 -6.70 16.69
N HIS A 27 31.16 -7.07 17.94
N HIS A 27 31.12 -7.08 17.92
CA HIS A 27 30.18 -6.36 18.77
CA HIS A 27 30.13 -6.38 18.69
C HIS A 27 30.54 -4.91 19.05
C HIS A 27 30.53 -4.93 19.01
N LEU A 28 29.65 -3.99 18.69
CA LEU A 28 29.89 -2.59 18.96
C LEU A 28 28.99 -2.13 20.10
N THR A 29 29.50 -2.20 21.34
CA THR A 29 28.61 -1.95 22.49
C THR A 29 28.04 -0.54 22.58
N THR A 30 28.82 0.47 22.22
CA THR A 30 28.29 1.83 22.21
C THR A 30 27.18 2.00 21.17
N ASP A 31 27.33 1.34 20.01
CA ASP A 31 26.26 1.40 19.02
C ASP A 31 24.96 0.80 19.53
N PHE A 32 25.06 -0.29 20.29
CA PHE A 32 23.86 -0.91 20.85
C PHE A 32 23.22 -0.04 21.92
N LYS A 33 24.05 0.68 22.68
CA LYS A 33 23.52 1.58 23.69
C LYS A 33 22.70 2.66 23.00
N HIS A 34 23.33 3.26 21.99
CA HIS A 34 22.72 4.26 21.16
C HIS A 34 21.39 3.79 20.55
N PHE A 35 21.39 2.61 19.94
CA PHE A 35 20.18 2.04 19.36
C PHE A 35 19.06 1.93 20.39
N SER A 36 19.40 1.41 21.56
CA SER A 36 18.44 1.23 22.64
C SER A 36 17.93 2.59 23.10
N ARG A 37 18.86 3.52 23.30
CA ARG A 37 18.50 4.82 23.81
C ARG A 37 17.63 5.61 22.83
N VAL A 38 17.94 5.55 21.55
CA VAL A 38 17.15 6.29 20.57
C VAL A 38 15.76 5.68 20.39
N THR A 39 15.66 4.35 20.42
CA THR A 39 14.36 3.71 20.18
C THR A 39 13.46 3.66 21.42
N LYS A 40 14.03 3.67 22.62
CA LYS A 40 13.22 3.53 23.84
C LYS A 40 12.65 4.84 24.40
N THR A 41 13.43 5.91 24.36
CA THR A 41 13.12 7.11 25.14
C THR A 41 11.90 7.92 24.69
N THR A 42 11.22 8.49 25.68
CA THR A 42 9.93 9.17 25.52
C THR A 42 9.86 10.19 26.65
N PRO A 43 8.94 11.17 26.58
CA PRO A 43 8.74 12.02 27.77
C PRO A 43 8.18 11.22 28.94
N ALA A 46 5.91 8.56 29.90
CA ALA A 46 4.64 8.99 30.47
C ALA A 46 3.53 8.01 30.11
N SER A 47 2.77 8.35 29.08
CA SER A 47 1.66 7.52 28.64
C SER A 47 2.07 6.55 27.53
N ARG A 48 3.00 6.99 26.69
CA ARG A 48 3.24 6.35 25.39
C ARG A 48 4.49 5.48 25.31
N PHE A 49 4.62 4.80 24.18
CA PHE A 49 5.85 4.09 23.83
C PHE A 49 6.13 4.32 22.36
N ASN A 50 7.36 4.05 21.93
CA ASN A 50 7.67 4.10 20.51
C ASN A 50 7.42 2.75 19.87
N ALA A 51 7.35 2.75 18.54
CA ALA A 51 7.23 1.52 17.80
C ALA A 51 8.51 1.28 17.00
N VAL A 52 8.92 0.02 16.90
CA VAL A 52 9.95 -0.33 15.93
C VAL A 52 9.38 -1.25 14.87
N VAL A 53 9.66 -0.92 13.62
CA VAL A 53 9.19 -1.72 12.50
C VAL A 53 10.38 -2.37 11.81
N MET A 54 10.29 -3.66 11.56
CA MET A 54 11.40 -4.42 11.00
C MET A 54 10.93 -5.50 10.04
N GLY A 55 11.83 -5.94 9.17
CA GLY A 55 11.55 -7.04 8.27
C GLY A 55 11.74 -8.40 8.94
N ARG A 56 11.23 -9.44 8.31
CA ARG A 56 11.22 -10.77 8.90
C ARG A 56 12.64 -11.29 9.21
N LYS A 57 13.56 -11.12 8.27
CA LYS A 57 14.91 -11.63 8.49
C LYS A 57 15.62 -10.86 9.60
N THR A 58 15.33 -9.57 9.72
CA THR A 58 15.88 -8.77 10.81
C THR A 58 15.35 -9.30 12.14
N TRP A 59 14.07 -9.63 12.18
CA TRP A 59 13.48 -10.25 13.36
C TRP A 59 14.18 -11.57 13.68
N GLU A 60 14.43 -12.37 12.65
CA GLU A 60 15.10 -13.66 12.83
C GLU A 60 16.58 -13.50 13.19
N SER A 61 17.20 -12.41 12.76
CA SER A 61 18.62 -12.20 13.04
C SER A 61 18.88 -11.88 14.51
N MET A 62 17.85 -11.37 15.19
CA MET A 62 17.95 -10.98 16.58
C MET A 62 17.92 -12.21 17.49
N PRO A 63 18.81 -12.26 18.48
CA PRO A 63 18.78 -13.38 19.43
C PRO A 63 17.47 -13.45 20.21
N ARG A 64 16.99 -14.67 20.44
CA ARG A 64 15.70 -14.93 21.08
C ARG A 64 15.49 -14.12 22.34
N LYS A 65 16.51 -14.09 23.20
CA LYS A 65 16.39 -13.50 24.52
C LYS A 65 16.11 -11.99 24.47
N PHE A 66 16.50 -11.35 23.38
CA PHE A 66 16.27 -9.91 23.24
C PHE A 66 15.03 -9.60 22.40
N ARG A 67 14.35 -10.61 21.86
CA ARG A 67 13.22 -10.37 20.99
C ARG A 67 11.89 -10.89 21.57
N PRO A 68 10.85 -10.05 21.57
CA PRO A 68 10.76 -8.70 21.01
C PRO A 68 11.57 -7.67 21.79
N LEU A 69 11.94 -6.58 21.15
CA LEU A 69 12.67 -5.50 21.79
C LEU A 69 11.79 -4.88 22.87
N VAL A 70 12.29 -4.86 24.11
CA VAL A 70 11.48 -4.50 25.27
C VAL A 70 11.06 -3.03 25.32
N ASP A 71 9.85 -2.80 25.82
CA ASP A 71 9.29 -1.45 26.02
C ASP A 71 9.04 -0.70 24.72
N ARG A 72 9.05 -1.43 23.61
CA ARG A 72 8.72 -0.85 22.32
C ARG A 72 7.74 -1.78 21.62
N LEU A 73 6.73 -1.20 21.00
CA LEU A 73 5.82 -1.98 20.18
C LEU A 73 6.58 -2.50 18.97
N ASN A 74 6.59 -3.81 18.80
CA ASN A 74 7.30 -4.40 17.68
C ASN A 74 6.34 -4.75 16.56
N ILE A 75 6.66 -4.33 15.35
CA ILE A 75 5.91 -4.74 14.18
C ILE A 75 6.85 -5.40 13.18
N VAL A 76 6.50 -6.61 12.76
CA VAL A 76 7.28 -7.29 11.75
C VAL A 76 6.54 -7.31 10.42
N VAL A 77 7.23 -6.92 9.36
CA VAL A 77 6.69 -6.99 8.03
C VAL A 77 7.09 -8.31 7.40
N SER A 78 6.11 -9.13 7.09
CA SER A 78 6.34 -10.48 6.57
C SER A 78 5.03 -10.97 5.97
N SER A 79 5.12 -11.89 5.02
CA SER A 79 3.94 -12.53 4.51
C SER A 79 3.88 -14.01 4.91
N SER A 80 4.99 -14.51 5.45
CA SER A 80 5.05 -15.90 5.86
C SER A 80 4.94 -16.11 7.38
N LEU A 81 5.58 -15.23 8.15
CA LEU A 81 5.50 -15.30 9.60
C LEU A 81 4.15 -14.79 10.06
N LYS A 82 3.56 -15.46 11.04
CA LYS A 82 2.27 -15.04 11.56
C LYS A 82 2.40 -14.60 13.00
N GLU A 83 1.45 -13.81 13.48
CA GLU A 83 1.48 -13.33 14.84
C GLU A 83 1.53 -14.47 15.86
N GLU A 84 0.88 -15.58 15.56
CA GLU A 84 0.91 -16.70 16.50
C GLU A 84 2.22 -17.47 16.46
N ASP A 85 2.92 -17.43 15.33
CA ASP A 85 4.27 -17.98 15.27
C ASP A 85 5.12 -17.29 16.33
N ILE A 86 5.02 -15.97 16.39
CA ILE A 86 5.84 -15.17 17.29
C ILE A 86 5.37 -15.33 18.74
N ALA A 87 4.07 -15.36 18.96
CA ALA A 87 3.52 -15.55 20.30
C ALA A 87 3.94 -16.91 20.84
N ALA A 88 4.08 -17.89 19.96
CA ALA A 88 4.45 -19.25 20.35
C ALA A 88 5.93 -19.37 20.68
N GLU A 89 6.75 -18.51 20.08
CA GLU A 89 8.19 -18.51 20.23
C GLU A 89 8.62 -18.33 21.70
N LYS A 90 7.85 -17.55 22.44
CA LYS A 90 8.23 -17.15 23.80
C LYS A 90 7.05 -16.45 24.47
N PRO A 91 6.79 -16.74 25.75
CA PRO A 91 5.67 -16.06 26.41
C PRO A 91 5.81 -14.53 26.51
N GLN A 92 4.77 -13.83 26.10
CA GLN A 92 4.64 -12.39 26.28
C GLN A 92 4.75 -12.04 27.76
N ALA A 93 5.65 -11.12 28.09
CA ALA A 93 5.83 -10.70 29.48
C ALA A 93 4.79 -9.65 29.83
N GLU A 94 4.32 -9.67 31.08
CA GLU A 94 3.29 -8.72 31.52
C GLU A 94 3.73 -7.27 31.27
N GLY A 95 2.79 -6.46 30.80
CA GLY A 95 3.05 -5.04 30.59
C GLY A 95 3.61 -4.71 29.23
N GLN A 96 4.06 -5.73 28.50
CA GLN A 96 4.61 -5.51 27.17
C GLN A 96 3.53 -5.60 26.10
N GLN A 97 3.85 -5.11 24.91
CA GLN A 97 2.90 -5.08 23.81
C GLN A 97 2.98 -6.36 22.98
N ARG A 98 1.83 -6.83 22.52
CA ARG A 98 1.81 -7.99 21.65
C ARG A 98 2.45 -7.63 20.32
N VAL A 99 3.24 -8.56 19.78
CA VAL A 99 3.95 -8.34 18.53
C VAL A 99 3.01 -8.47 17.34
N ARG A 100 2.97 -7.43 16.51
CA ARG A 100 2.09 -7.44 15.34
C ARG A 100 2.86 -7.79 14.07
N VAL A 101 2.16 -8.38 13.11
CA VAL A 101 2.75 -8.67 11.81
C VAL A 101 1.90 -8.01 10.72
N CYS A 102 2.57 -7.35 9.77
CA CYS A 102 1.87 -6.72 8.66
C CYS A 102 2.49 -7.14 7.32
N ALA A 103 1.74 -6.98 6.24
CA ALA A 103 2.17 -7.48 4.94
C ALA A 103 3.10 -6.52 4.18
N SER A 104 3.10 -5.26 4.59
CA SER A 104 3.90 -4.28 3.87
C SER A 104 4.21 -3.15 4.83
N LEU A 105 5.12 -2.28 4.43
CA LEU A 105 5.35 -1.07 5.22
C LEU A 105 4.12 -0.16 5.24
N PRO A 106 3.47 0.07 4.08
CA PRO A 106 2.24 0.87 4.14
C PRO A 106 1.19 0.30 5.10
N ALA A 107 1.09 -1.03 5.18
CA ALA A 107 0.15 -1.65 6.11
C ALA A 107 0.58 -1.43 7.57
N ALA A 108 1.88 -1.45 7.84
CA ALA A 108 2.37 -1.23 9.19
C ALA A 108 2.06 0.19 9.66
N LEU A 109 2.17 1.15 8.75
CA LEU A 109 1.89 2.54 9.07
C LEU A 109 0.40 2.83 9.20
N SER A 110 -0.43 2.09 8.45
CA SER A 110 -1.88 2.17 8.61
C SER A 110 -2.28 1.66 9.98
N LEU A 111 -1.72 0.52 10.36
CA LEU A 111 -2.04 -0.11 11.63
C LEU A 111 -1.71 0.83 12.78
N LEU A 112 -0.55 1.48 12.66
CA LEU A 112 -0.12 2.46 13.64
C LEU A 112 -1.13 3.59 13.79
N GLU A 113 -1.66 4.07 12.67
CA GLU A 113 -2.70 5.10 12.71
C GLU A 113 -4.00 4.56 13.29
N GLU A 114 -4.53 3.51 12.66
CA GLU A 114 -5.80 2.91 13.08
C GLU A 114 -5.82 2.52 14.56
N GLU A 115 -4.96 1.59 14.95
CA GLU A 115 -5.05 0.98 16.27
C GLU A 115 -4.10 1.52 17.33
N TYR A 116 -3.17 2.38 16.95
CA TYR A 116 -2.21 2.91 17.92
C TYR A 116 -1.99 4.42 17.87
N LYS A 117 -2.95 5.17 17.38
CA LYS A 117 -2.92 6.60 17.66
C LYS A 117 -3.12 6.66 19.16
N ASP A 118 -2.69 7.73 19.80
CA ASP A 118 -2.80 7.90 21.25
C ASP A 118 -1.81 7.04 22.02
N SER A 119 -1.32 5.98 21.39
CA SER A 119 -0.53 4.96 22.07
C SER A 119 0.96 5.04 21.76
N VAL A 120 1.30 5.22 20.49
CA VAL A 120 2.70 5.36 20.11
C VAL A 120 3.10 6.81 19.87
N ASP A 121 4.35 7.10 20.18
CA ASP A 121 4.90 8.42 19.97
C ASP A 121 5.71 8.44 18.67
N GLN A 122 6.89 7.85 18.68
CA GLN A 122 7.71 7.85 17.47
C GLN A 122 7.74 6.51 16.77
N ILE A 123 7.91 6.56 15.46
CA ILE A 123 8.01 5.35 14.67
C ILE A 123 9.43 5.22 14.11
N PHE A 124 10.03 4.06 14.36
CA PHE A 124 11.40 3.79 13.93
C PHE A 124 11.43 2.59 13.00
N VAL A 125 11.98 2.78 11.81
CA VAL A 125 12.23 1.66 10.91
C VAL A 125 13.67 1.17 11.11
N VAL A 126 13.81 -0.13 11.36
CA VAL A 126 14.99 -0.69 11.98
C VAL A 126 15.67 -1.75 11.08
N GLY A 127 15.24 -1.81 9.82
CA GLY A 127 15.84 -2.75 8.88
C GLY A 127 14.91 -3.88 8.49
N GLY A 128 15.28 -4.68 7.49
CA GLY A 128 16.52 -4.52 6.76
C GLY A 128 16.37 -3.70 5.50
N ALA A 129 17.10 -4.08 4.45
CA ALA A 129 17.15 -3.30 3.23
C ALA A 129 15.78 -3.18 2.56
N GLY A 130 14.97 -4.23 2.70
CA GLY A 130 13.61 -4.19 2.22
C GLY A 130 12.85 -3.01 2.79
N LEU A 131 12.92 -2.85 4.11
CA LEU A 131 12.20 -1.78 4.78
C LEU A 131 12.82 -0.40 4.56
N TYR A 132 14.15 -0.33 4.57
CA TYR A 132 14.83 0.95 4.37
C TYR A 132 14.48 1.50 3.01
N GLU A 133 14.50 0.62 2.01
CA GLU A 133 14.19 1.00 0.65
C GLU A 133 12.76 1.49 0.50
N ALA A 134 11.83 0.75 1.07
CA ALA A 134 10.42 1.14 0.99
C ALA A 134 10.20 2.49 1.67
N ALA A 135 10.75 2.65 2.86
CA ALA A 135 10.60 3.88 3.61
C ALA A 135 11.11 5.10 2.84
N LEU A 136 12.23 4.95 2.15
CA LEU A 136 12.78 6.03 1.34
C LEU A 136 11.96 6.26 0.08
N SER A 137 11.41 5.19 -0.47
CA SER A 137 10.55 5.28 -1.65
C SER A 137 9.26 6.03 -1.32
N LEU A 138 8.68 5.73 -0.16
CA LEU A 138 7.46 6.40 0.26
C LEU A 138 7.72 7.86 0.64
N GLY A 139 8.97 8.16 0.97
CA GLY A 139 9.34 9.50 1.38
C GLY A 139 8.82 9.87 2.76
N VAL A 140 8.64 8.88 3.61
CA VAL A 140 8.06 9.13 4.93
C VAL A 140 9.11 9.29 6.03
N ALA A 141 10.37 9.12 5.68
CA ALA A 141 11.45 9.26 6.66
C ALA A 141 11.88 10.72 6.79
N SER A 142 11.78 11.27 7.99
CA SER A 142 12.23 12.65 8.20
C SER A 142 13.68 12.73 8.62
N HIS A 143 14.15 11.70 9.31
CA HIS A 143 15.52 11.68 9.82
C HIS A 143 16.18 10.33 9.68
N LEU A 144 17.48 10.32 9.43
CA LEU A 144 18.23 9.08 9.44
C LEU A 144 19.21 9.11 10.60
N TYR A 145 19.10 8.13 11.49
CA TYR A 145 20.12 7.91 12.50
C TYR A 145 21.10 6.89 11.96
N ILE A 146 22.27 7.36 11.53
CA ILE A 146 23.25 6.47 10.92
C ILE A 146 24.49 6.33 11.78
N THR A 147 24.81 5.10 12.12
CA THR A 147 26.10 4.81 12.75
C THR A 147 27.05 4.47 11.61
N ARG A 148 28.05 5.30 11.38
CA ARG A 148 28.98 5.05 10.28
C ARG A 148 30.13 4.20 10.76
N VAL A 149 30.14 2.94 10.34
CA VAL A 149 31.25 2.07 10.63
C VAL A 149 32.34 2.36 9.61
N ALA A 150 33.54 2.65 10.06
CA ALA A 150 34.59 3.14 9.17
C ALA A 150 35.35 2.03 8.45
N ARG A 151 35.30 0.82 9.00
CA ARG A 151 35.91 -0.31 8.32
C ARG A 151 34.94 -1.00 7.38
N GLU A 152 35.48 -1.49 6.29
CA GLU A 152 34.73 -2.32 5.38
C GLU A 152 34.72 -3.76 5.87
N PHE A 153 33.58 -4.43 5.72
CA PHE A 153 33.45 -5.83 6.09
C PHE A 153 32.73 -6.53 4.96
N PRO A 154 32.94 -7.84 4.83
CA PRO A 154 32.12 -8.65 3.92
C PRO A 154 30.64 -8.45 4.24
N CYS A 155 29.86 -8.07 3.24
CA CYS A 155 28.42 -7.86 3.40
C CYS A 155 27.67 -8.44 2.21
N ASP A 156 26.47 -8.98 2.43
CA ASP A 156 25.62 -9.41 1.33
C ASP A 156 24.33 -8.59 1.28
N VAL A 157 24.12 -7.75 2.30
CA VAL A 157 22.98 -6.85 2.31
C VAL A 157 23.44 -5.41 2.49
N PHE A 158 22.81 -4.49 1.75
CA PHE A 158 23.25 -3.11 1.68
C PHE A 158 22.09 -2.14 1.90
N PHE A 159 22.37 -1.02 2.58
CA PHE A 159 21.42 0.09 2.69
C PHE A 159 21.37 0.70 1.29
N PRO A 160 20.18 1.17 0.86
CA PRO A 160 20.08 1.67 -0.50
C PRO A 160 20.81 3.00 -0.72
N ALA A 161 21.17 3.26 -1.97
CA ALA A 161 21.70 4.55 -2.35
C ALA A 161 20.68 5.63 -2.01
N PHE A 162 21.17 6.80 -1.60
CA PHE A 162 20.29 7.90 -1.25
C PHE A 162 21.00 9.24 -1.47
N PRO A 163 20.24 10.26 -1.87
CA PRO A 163 20.83 11.58 -2.06
C PRO A 163 21.38 12.12 -0.74
N GLY A 164 22.68 12.37 -0.73
CA GLY A 164 23.37 12.72 0.50
C GLY A 164 24.19 11.55 1.03
N ASP A 165 24.26 10.45 0.29
CA ASP A 165 25.04 9.31 0.77
C ASP A 165 26.55 9.54 0.67
N ASP A 166 26.92 10.76 0.32
CA ASP A 166 28.33 11.15 0.34
C ASP A 166 28.88 11.31 1.77
N ILE A 167 28.04 11.28 2.81
CA ILE A 167 28.57 11.26 4.18
C ILE A 167 29.20 9.92 4.51
N LEU A 168 29.09 8.95 3.60
CA LEU A 168 29.66 7.64 3.83
C LEU A 168 31.00 7.44 3.13
N SER A 169 31.07 7.88 1.88
CA SER A 169 32.27 7.66 1.09
C SER A 169 32.17 8.49 -0.18
N ASN A 170 33.29 8.60 -0.89
CA ASN A 170 33.35 9.43 -2.08
C ASN A 170 32.59 8.82 -3.26
N LYS A 171 31.96 9.67 -4.04
CA LYS A 171 31.26 9.22 -5.23
C LYS A 171 32.16 9.33 -6.45
N ALA A 181 14.57 16.34 -2.90
CA ALA A 181 14.78 15.85 -1.54
C ALA A 181 16.18 15.28 -1.36
N THR A 182 16.91 15.83 -0.39
CA THR A 182 18.21 15.29 -0.02
C THR A 182 18.29 15.17 1.49
N TYR A 183 19.20 14.34 1.97
CA TYR A 183 19.36 14.13 3.40
C TYR A 183 20.66 14.77 3.87
N ARG A 184 20.54 15.85 4.64
CA ARG A 184 21.72 16.56 5.07
C ARG A 184 21.99 16.34 6.54
N PRO A 185 23.28 16.21 6.89
CA PRO A 185 23.67 15.95 8.27
C PRO A 185 23.53 17.17 9.14
N ILE A 186 22.95 16.96 10.31
CA ILE A 186 22.67 18.03 11.23
C ILE A 186 23.44 17.75 12.52
N PHE A 187 24.13 16.62 12.53
CA PHE A 187 24.76 16.10 13.73
C PHE A 187 25.90 15.16 13.32
N ILE A 188 27.10 15.43 13.83
CA ILE A 188 28.24 14.55 13.60
C ILE A 188 29.05 14.41 14.88
N SER A 189 29.04 13.21 15.46
CA SER A 189 29.69 12.99 16.74
C SER A 189 31.21 12.80 16.59
N LYS A 190 31.89 12.72 17.71
CA LYS A 190 33.29 12.32 17.68
C LYS A 190 33.36 10.83 17.38
N THR A 191 34.58 10.34 17.21
CA THR A 191 34.80 8.97 16.81
C THR A 191 34.86 8.04 18.02
N PHE A 192 34.12 6.95 17.95
CA PHE A 192 34.17 5.92 18.97
C PHE A 192 34.86 4.71 18.41
N SER A 193 35.16 3.75 19.26
CA SER A 193 35.59 2.45 18.79
C SER A 193 35.28 1.34 19.79
N ASP A 194 35.07 0.15 19.25
CA ASP A 194 34.92 -1.07 20.04
C ASP A 194 35.52 -2.18 19.17
N ASN A 195 36.27 -3.08 19.81
CA ASN A 195 36.79 -4.26 19.13
C ASN A 195 37.58 -3.98 17.86
N GLY A 196 38.34 -2.90 17.89
CA GLY A 196 39.18 -2.54 16.77
C GLY A 196 38.40 -1.95 15.60
N VAL A 197 37.20 -1.47 15.87
CA VAL A 197 36.37 -0.88 14.83
C VAL A 197 36.03 0.57 15.16
N PRO A 198 36.45 1.50 14.29
CA PRO A 198 36.07 2.90 14.52
C PRO A 198 34.70 3.17 13.95
N TYR A 199 33.92 4.02 14.62
CA TYR A 199 32.64 4.44 14.09
C TYR A 199 32.15 5.71 14.76
N ASP A 200 31.22 6.40 14.12
CA ASP A 200 30.61 7.55 14.74
C ASP A 200 29.11 7.63 14.44
N PHE A 201 28.47 8.64 14.99
CA PHE A 201 27.04 8.78 14.87
C PHE A 201 26.67 10.05 14.12
N VAL A 202 25.85 9.91 13.09
CA VAL A 202 25.31 11.08 12.42
C VAL A 202 23.79 11.02 12.35
N VAL A 203 23.18 12.20 12.30
CA VAL A 203 21.76 12.28 12.09
C VAL A 203 21.55 13.12 10.84
N LEU A 204 20.81 12.60 9.87
CA LEU A 204 20.50 13.35 8.67
C LEU A 204 19.06 13.78 8.73
N GLU A 205 18.74 14.88 8.08
CA GLU A 205 17.39 15.41 8.07
C GLU A 205 16.96 15.60 6.61
N LYS A 206 15.77 15.11 6.28
CA LYS A 206 15.20 15.31 4.95
C LYS A 206 14.99 16.80 4.73
N ARG A 207 15.56 17.35 3.64
CA ARG A 207 15.49 18.80 3.46
C ARG A 207 14.73 19.29 2.22
N ARG A 208 15.10 18.78 1.03
CA ARG A 208 14.72 19.39 -0.25
C ARG A 208 15.43 20.73 -0.46
N SER A 241 12.66 41.68 35.08
CA SER A 241 14.09 41.87 35.31
C SER A 241 14.70 40.82 36.25
N SER A 242 14.96 39.65 35.69
CA SER A 242 15.86 38.69 36.32
C SER A 242 17.24 39.08 35.83
N ALA A 243 17.63 38.48 34.72
CA ALA A 243 18.79 38.94 33.97
C ALA A 243 18.31 39.63 32.71
N ALA A 244 17.04 40.00 32.71
CA ALA A 244 16.46 40.75 31.61
C ALA A 244 17.15 42.11 31.51
N ALA A 245 17.20 42.81 32.63
CA ALA A 245 17.66 44.20 32.66
C ALA A 245 19.17 44.37 32.45
N ILE A 246 19.90 43.26 32.38
CA ILE A 246 21.35 43.30 32.20
C ILE A 246 21.72 43.47 30.74
N ALA A 247 20.86 42.99 29.85
CA ALA A 247 21.17 42.96 28.42
C ALA A 247 21.32 44.28 27.64
N PRO A 248 21.00 45.46 28.24
CA PRO A 248 21.34 46.62 27.40
C PRO A 248 22.82 47.01 27.53
N VAL A 249 23.43 46.74 28.68
CA VAL A 249 24.87 46.88 28.82
C VAL A 249 25.54 45.85 27.91
N LEU A 250 24.98 44.65 27.85
CA LEU A 250 25.42 43.63 26.90
C LEU A 250 25.19 44.13 25.48
N ALA A 251 24.04 44.79 25.26
CA ALA A 251 23.64 45.24 23.92
C ALA A 251 24.69 46.14 23.25
N TRP A 252 25.33 46.99 24.04
CA TRP A 252 26.31 47.91 23.45
C TRP A 252 27.73 47.37 23.47
N MET A 253 27.98 46.36 24.30
CA MET A 253 29.30 45.72 24.32
C MET A 253 29.42 44.64 23.23
N ASP A 254 28.30 44.35 22.57
CA ASP A 254 28.21 43.16 21.71
C ASP A 254 28.38 43.43 20.21
N GLU A 255 28.89 42.42 19.49
CA GLU A 255 29.01 42.44 18.03
C GLU A 255 28.08 41.42 17.37
N LEU A 266 31.12 34.73 8.53
CA LEU A 266 30.84 34.68 7.10
C LEU A 266 31.28 33.37 6.45
N ILE A 267 32.57 33.06 6.50
CA ILE A 267 33.00 31.74 6.06
C ILE A 267 32.81 30.78 7.23
N ARG A 268 32.17 29.64 6.96
CA ARG A 268 31.94 28.63 7.99
C ARG A 268 31.92 27.23 7.37
N ALA A 269 32.52 26.27 8.08
CA ALA A 269 32.51 24.89 7.61
C ALA A 269 31.12 24.30 7.77
N VAL A 270 30.65 23.61 6.72
CA VAL A 270 29.36 22.90 6.70
C VAL A 270 28.36 23.37 7.75
N PRO A 271 27.82 24.59 7.54
CA PRO A 271 27.07 25.30 8.59
C PRO A 271 25.75 24.63 8.98
N HIS A 272 25.24 23.76 8.11
CA HIS A 272 24.02 23.03 8.43
C HIS A 272 24.24 22.01 9.55
N VAL A 273 25.49 21.63 9.79
CA VAL A 273 25.80 20.74 10.90
C VAL A 273 25.75 21.49 12.23
N HIS A 274 24.74 21.20 13.04
CA HIS A 274 24.51 21.95 14.26
C HIS A 274 25.22 21.40 15.47
N PHE A 275 25.20 20.08 15.64
CA PHE A 275 26.07 19.50 16.65
C PHE A 275 27.39 19.07 16.04
N ARG A 276 28.46 19.76 16.42
CA ARG A 276 29.76 19.56 15.82
C ARG A 276 30.71 18.83 16.76
N GLY A 277 30.39 17.58 17.05
CA GLY A 277 31.18 16.79 17.99
C GLY A 277 32.50 16.30 17.41
N HIS A 278 32.55 16.04 16.11
CA HIS A 278 33.76 15.55 15.48
C HIS A 278 34.92 16.51 15.74
N GLU A 279 36.01 15.98 16.26
CA GLU A 279 37.14 16.80 16.68
C GLU A 279 37.81 17.52 15.50
N GLU A 280 37.57 17.02 14.30
CA GLU A 280 38.08 17.68 13.09
C GLU A 280 37.43 19.06 12.88
N PHE A 281 36.33 19.33 13.58
CA PHE A 281 35.75 20.66 13.50
C PHE A 281 36.67 21.74 14.07
N GLN A 282 37.58 21.35 14.96
CA GLN A 282 38.56 22.30 15.46
C GLN A 282 39.43 22.83 14.33
N TYR A 283 39.86 21.93 13.47
CA TYR A 283 40.70 22.31 12.34
C TYR A 283 39.89 23.10 11.33
N LEU A 284 38.68 22.65 11.06
CA LEU A 284 37.84 23.31 10.08
C LEU A 284 37.45 24.72 10.56
N ASP A 285 37.13 24.85 11.85
CA ASP A 285 36.76 26.15 12.39
C ASP A 285 37.97 27.08 12.45
N LEU A 286 39.15 26.52 12.65
CA LEU A 286 40.36 27.33 12.70
C LEU A 286 40.65 27.92 11.32
N ILE A 287 40.39 27.16 10.25
CA ILE A 287 40.54 27.68 8.90
C ILE A 287 39.62 28.87 8.70
N ALA A 288 38.34 28.69 9.05
CA ALA A 288 37.34 29.74 8.91
C ALA A 288 37.66 30.98 9.74
N ASP A 289 38.10 30.76 10.97
CA ASP A 289 38.45 31.82 11.91
C ASP A 289 39.59 32.71 11.38
N ILE A 290 40.63 32.08 10.84
CA ILE A 290 41.73 32.82 10.24
C ILE A 290 41.28 33.63 9.02
N ILE A 291 40.46 33.02 8.17
CA ILE A 291 39.99 33.71 6.99
C ILE A 291 39.04 34.86 7.34
N ASN A 292 38.18 34.65 8.32
CA ASN A 292 37.28 35.72 8.77
C ASN A 292 38.00 36.82 9.56
N ASN A 293 38.88 36.43 10.47
CA ASN A 293 39.38 37.35 11.48
C ASN A 293 40.85 37.65 11.42
N GLY A 294 41.56 36.89 10.60
CA GLY A 294 43.01 37.03 10.52
C GLY A 294 43.39 38.28 9.78
N ARG A 295 44.67 38.61 9.83
CA ARG A 295 45.15 39.82 9.16
C ARG A 295 46.08 39.47 8.02
N THR A 296 45.88 40.16 6.91
CA THR A 296 46.70 39.95 5.74
C THR A 296 48.07 40.58 5.95
N MET A 297 49.12 39.77 5.80
CA MET A 297 50.48 40.20 6.07
C MET A 297 51.43 39.70 5.01
N ASP A 298 52.59 40.35 4.92
CA ASP A 298 53.71 39.80 4.17
C ASP A 298 54.38 38.69 4.98
N ASP A 299 55.42 38.13 4.39
CA ASP A 299 55.88 36.82 4.77
C ASP A 299 57.22 36.54 4.11
N ARG A 300 58.01 35.67 4.71
CA ARG A 300 59.32 35.32 4.18
C ARG A 300 59.28 34.88 2.71
N THR A 301 58.21 34.18 2.32
CA THR A 301 58.18 33.51 1.03
C THR A 301 57.80 34.40 -0.13
N GLY A 302 57.23 35.56 0.16
CA GLY A 302 56.73 36.42 -0.90
C GLY A 302 55.29 36.12 -1.28
N VAL A 303 54.84 34.91 -0.93
CA VAL A 303 53.44 34.57 -1.11
C VAL A 303 52.73 35.30 0.01
N GLY A 304 51.53 35.81 -0.22
CA GLY A 304 50.84 36.50 0.86
C GLY A 304 50.56 35.57 2.04
N VAL A 305 50.15 36.12 3.17
CA VAL A 305 49.67 35.33 4.30
C VAL A 305 48.46 36.01 4.96
N ILE A 306 47.49 35.24 5.43
CA ILE A 306 46.51 35.74 6.39
C ILE A 306 46.80 35.05 7.72
N SER A 307 47.05 35.81 8.77
CA SER A 307 47.54 35.20 10.00
C SER A 307 46.80 35.54 11.29
N LYS A 308 46.92 34.65 12.26
CA LYS A 308 46.49 34.88 13.62
C LYS A 308 47.60 34.41 14.54
N PHE A 309 47.49 34.74 15.83
CA PHE A 309 48.55 34.42 16.77
C PHE A 309 48.02 33.80 18.05
N GLY A 310 48.50 32.61 18.37
CA GLY A 310 48.10 31.92 19.58
C GLY A 310 46.84 31.12 19.35
N CYS A 311 47.00 29.89 18.90
CA CYS A 311 45.88 29.02 18.60
C CYS A 311 46.09 27.64 19.20
N THR A 312 44.99 26.92 19.37
CA THR A 312 44.99 25.72 20.18
C THR A 312 44.01 24.68 19.61
N MET A 313 44.42 23.42 19.58
CA MET A 313 43.53 22.31 19.27
C MET A 313 43.92 21.14 20.16
N ARG A 314 43.00 20.21 20.39
CA ARG A 314 43.38 18.97 21.04
C ARG A 314 42.60 17.76 20.53
N TYR A 315 43.30 16.63 20.42
CA TYR A 315 42.73 15.44 19.81
C TYR A 315 42.86 14.22 20.71
N SER A 316 41.75 13.51 20.90
CA SER A 316 41.75 12.30 21.70
C SER A 316 42.47 11.19 20.96
N LEU A 317 43.20 10.36 21.68
CA LEU A 317 43.94 9.27 21.08
C LEU A 317 43.49 7.92 21.64
N ASP A 318 42.55 7.94 22.57
CA ASP A 318 42.15 6.70 23.21
C ASP A 318 41.23 5.82 22.36
N GLN A 319 40.38 6.41 21.53
CA GLN A 319 39.43 5.64 20.71
C GLN A 319 39.87 5.50 19.26
N ALA A 320 40.34 6.60 18.67
CA ALA A 320 40.78 6.60 17.28
C ALA A 320 41.94 7.57 17.09
N PHE A 321 42.30 7.83 15.83
CA PHE A 321 43.50 8.58 15.54
C PHE A 321 43.17 9.75 14.62
N PRO A 322 43.64 10.96 14.98
CA PRO A 322 43.28 12.18 14.26
C PRO A 322 44.04 12.35 12.95
N LEU A 323 43.81 11.42 12.03
CA LEU A 323 44.28 11.58 10.66
C LEU A 323 43.12 12.22 9.89
N LEU A 324 43.23 13.51 9.57
CA LEU A 324 42.08 14.25 9.04
C LEU A 324 41.43 13.61 7.81
N THR A 325 40.12 13.76 7.70
CA THR A 325 39.36 13.03 6.70
C THR A 325 38.80 13.94 5.63
N THR A 326 38.97 15.23 5.84
CA THR A 326 38.28 16.16 4.99
C THR A 326 39.19 16.49 3.79
N LYS A 327 40.39 15.92 3.83
CA LYS A 327 41.19 15.64 2.65
C LYS A 327 42.21 14.56 3.01
N ARG A 328 42.65 13.79 2.02
CA ARG A 328 43.57 12.70 2.27
C ARG A 328 44.92 13.24 2.76
N VAL A 329 45.39 12.73 3.89
CA VAL A 329 46.69 13.13 4.43
C VAL A 329 47.74 12.09 4.01
N PHE A 330 48.96 12.56 3.74
CA PHE A 330 50.04 11.70 3.23
C PHE A 330 50.66 10.88 4.36
N TRP A 331 50.02 9.77 4.74
CA TRP A 331 50.44 9.01 5.93
C TRP A 331 51.82 8.37 5.80
N LYS A 332 52.15 7.86 4.61
CA LYS A 332 53.46 7.29 4.39
C LYS A 332 54.49 8.38 4.70
N GLY A 333 54.16 9.59 4.28
CA GLY A 333 54.98 10.75 4.56
C GLY A 333 55.16 11.03 6.04
N VAL A 334 54.09 10.99 6.83
CA VAL A 334 54.25 11.29 8.25
C VAL A 334 55.07 10.20 8.94
N LEU A 335 54.79 8.96 8.59
CA LEU A 335 55.43 7.84 9.25
C LEU A 335 56.93 7.84 8.92
N GLU A 336 57.25 8.07 7.66
CA GLU A 336 58.62 8.00 7.21
C GLU A 336 59.45 9.15 7.79
N GLU A 337 58.85 10.35 7.85
CA GLU A 337 59.52 11.51 8.44
C GLU A 337 59.79 11.34 9.94
N LEU A 338 58.81 10.79 10.66
CA LEU A 338 58.95 10.61 12.10
C LEU A 338 60.04 9.59 12.45
N LEU A 339 60.10 8.50 11.70
CA LEU A 339 61.14 7.50 11.87
C LEU A 339 62.52 8.11 11.60
N TRP A 340 62.59 8.95 10.57
CA TRP A 340 63.78 9.69 10.18
C TRP A 340 64.25 10.64 11.30
N PHE A 341 63.31 11.40 11.87
CA PHE A 341 63.56 12.22 13.06
C PHE A 341 64.14 11.40 14.20
N ILE A 342 63.50 10.27 14.47
CA ILE A 342 63.90 9.44 15.60
C ILE A 342 65.32 8.93 15.44
N ARG A 343 65.72 8.69 14.20
CA ARG A 343 67.08 8.24 13.87
C ARG A 343 68.14 9.32 14.09
N GLY A 344 67.72 10.57 14.21
CA GLY A 344 68.65 11.67 14.24
C GLY A 344 69.19 11.98 12.85
N ASP A 345 68.48 11.52 11.82
CA ASP A 345 68.94 11.63 10.45
C ASP A 345 68.70 13.02 9.87
N THR A 346 69.70 13.55 9.17
CA THR A 346 69.62 14.89 8.61
C THR A 346 69.84 14.88 7.10
N ASN A 347 69.66 13.71 6.49
CA ASN A 347 69.82 13.57 5.06
C ASN A 347 68.45 13.38 4.41
N ALA A 348 67.91 14.44 3.83
CA ALA A 348 66.59 14.38 3.24
C ALA A 348 66.52 13.53 1.97
N ASN A 349 67.68 13.14 1.44
CA ASN A 349 67.69 12.21 0.31
C ASN A 349 67.20 10.83 0.74
N HIS A 350 67.40 10.50 2.02
CA HIS A 350 66.88 9.24 2.55
C HIS A 350 65.37 9.23 2.53
N LEU A 351 64.75 10.40 2.65
CA LEU A 351 63.31 10.51 2.52
C LEU A 351 62.91 10.51 1.05
N SER A 352 63.57 11.35 0.27
CA SER A 352 63.30 11.49 -1.15
C SER A 352 63.31 10.14 -1.85
N GLU A 353 64.26 9.30 -1.44
CA GLU A 353 64.49 7.98 -2.05
C GLU A 353 63.35 7.00 -1.78
N LYS A 354 62.54 7.28 -0.77
CA LYS A 354 61.40 6.44 -0.45
C LYS A 354 60.09 7.03 -0.97
N GLY A 355 60.19 8.06 -1.79
CA GLY A 355 58.99 8.71 -2.31
C GLY A 355 58.40 9.79 -1.41
N VAL A 356 59.19 10.24 -0.43
CA VAL A 356 58.75 11.31 0.47
C VAL A 356 59.57 12.58 0.20
N LYS A 357 59.00 13.51 -0.54
CA LYS A 357 59.75 14.63 -1.09
C LYS A 357 59.57 15.93 -0.33
N ILE A 358 58.89 15.85 0.81
CA ILE A 358 58.54 17.02 1.62
C ILE A 358 59.68 17.99 1.95
N TRP A 359 60.91 17.51 2.01
CA TRP A 359 62.03 18.38 2.35
C TRP A 359 62.87 18.84 1.17
N ASP A 360 62.54 18.35 -0.02
CA ASP A 360 63.40 18.58 -1.19
C ASP A 360 63.61 20.04 -1.59
N LYS A 361 62.54 20.85 -1.55
CA LYS A 361 62.64 22.23 -1.99
C LYS A 361 63.39 23.12 -1.01
N ASN A 362 63.58 22.66 0.21
CA ASN A 362 64.33 23.42 1.20
C ASN A 362 65.75 22.87 1.36
N VAL A 363 66.13 21.93 0.51
CA VAL A 363 67.49 21.41 0.54
C VAL A 363 68.17 21.43 -0.84
N THR A 364 67.64 22.25 -1.75
CA THR A 364 68.28 22.44 -3.05
C THR A 364 69.55 23.26 -2.92
N ARG A 365 70.39 23.21 -3.94
CA ARG A 365 71.59 24.04 -4.00
C ARG A 365 71.17 25.48 -3.81
N GLU A 366 70.12 25.85 -4.52
CA GLU A 366 69.65 27.22 -4.52
C GLU A 366 69.15 27.68 -3.14
N PHE A 367 68.33 26.86 -2.48
CA PHE A 367 67.79 27.30 -1.20
C PHE A 367 68.87 27.31 -0.12
N LEU A 368 69.77 26.33 -0.16
CA LEU A 368 70.89 26.30 0.78
C LEU A 368 71.76 27.55 0.65
N ASP A 369 71.96 28.03 -0.58
CA ASP A 369 72.75 29.23 -0.79
C ASP A 369 72.04 30.50 -0.32
N SER A 370 70.72 30.53 -0.49
CA SER A 370 69.93 31.68 -0.04
C SER A 370 70.03 31.78 1.49
N ARG A 371 70.53 30.71 2.09
CA ARG A 371 70.68 30.63 3.52
C ARG A 371 72.14 30.77 3.93
N ASN A 372 72.97 31.14 2.97
CA ASN A 372 74.41 31.21 3.18
C ASN A 372 74.98 29.90 3.69
N LEU A 373 74.55 28.79 3.10
CA LEU A 373 75.20 27.52 3.39
C LEU A 373 75.72 26.87 2.12
N PRO A 374 76.71 27.49 1.46
CA PRO A 374 77.28 26.90 0.25
C PRO A 374 77.99 25.59 0.51
N HIS A 375 78.49 25.38 1.72
CA HIS A 375 79.27 24.18 2.04
C HIS A 375 78.43 22.93 2.30
N ARG A 376 77.11 23.09 2.33
CA ARG A 376 76.21 21.95 2.49
C ARG A 376 75.96 21.24 1.17
N GLU A 377 76.04 19.92 1.22
CA GLU A 377 75.65 19.07 0.12
C GLU A 377 74.12 19.08 0.00
N VAL A 378 73.62 18.89 -1.21
CA VAL A 378 72.19 18.89 -1.45
C VAL A 378 71.49 17.78 -0.65
N GLY A 379 70.46 18.13 0.10
CA GLY A 379 69.78 17.19 0.97
C GLY A 379 70.07 17.35 2.46
N ASP A 380 71.12 18.09 2.80
CA ASP A 380 71.57 18.22 4.19
C ASP A 380 70.81 19.32 4.92
N ILE A 381 69.86 18.93 5.78
CA ILE A 381 69.07 19.93 6.50
C ILE A 381 69.86 20.60 7.60
N GLY A 382 71.09 20.14 7.82
CA GLY A 382 71.93 20.68 8.88
C GLY A 382 71.53 20.09 10.22
N PRO A 383 71.94 20.73 11.31
CA PRO A 383 71.64 20.18 12.64
C PRO A 383 70.21 20.47 13.09
N GLY A 384 69.22 20.04 12.32
CA GLY A 384 67.83 20.29 12.67
C GLY A 384 67.09 19.10 13.26
N TYR A 385 65.81 19.30 13.53
CA TYR A 385 64.90 18.37 14.23
C TYR A 385 65.52 17.16 14.95
N GLY A 386 65.54 16.02 14.25
CA GLY A 386 66.02 14.78 14.84
C GLY A 386 67.42 14.87 15.41
N PHE A 387 68.26 15.68 14.79
CA PHE A 387 69.61 15.89 15.29
C PHE A 387 69.57 16.47 16.70
N GLN A 388 68.78 17.52 16.88
CA GLN A 388 68.66 18.14 18.19
C GLN A 388 67.94 17.24 19.21
N TRP A 389 67.00 16.42 18.73
CA TRP A 389 66.31 15.46 19.60
C TRP A 389 67.27 14.45 20.20
N ARG A 390 68.10 13.87 19.35
CA ARG A 390 68.97 12.77 19.75
C ARG A 390 70.35 13.27 20.16
N HIS A 391 70.73 14.45 19.70
CA HIS A 391 72.09 14.93 19.94
C HIS A 391 72.16 16.41 20.24
N PHE A 392 71.28 16.90 21.11
CA PHE A 392 71.19 18.33 21.34
C PHE A 392 72.55 18.95 21.65
N GLY A 393 72.92 19.97 20.88
CA GLY A 393 74.12 20.72 21.17
C GLY A 393 75.42 20.15 20.62
N ALA A 394 75.37 18.97 20.01
CA ALA A 394 76.58 18.40 19.41
C ALA A 394 77.05 19.29 18.27
N ALA A 395 78.35 19.22 17.99
CA ALA A 395 78.94 20.01 16.90
C ALA A 395 78.65 19.35 15.57
N TYR A 396 77.89 20.02 14.72
CA TYR A 396 77.52 19.44 13.44
C TYR A 396 78.69 19.49 12.45
N LYS A 397 78.80 18.45 11.63
CA LYS A 397 79.74 18.45 10.52
C LYS A 397 78.96 18.37 9.22
N ASP A 398 78.46 17.18 8.91
CA ASP A 398 77.57 16.98 7.78
C ASP A 398 76.62 15.80 8.05
N MET A 399 75.77 15.52 7.08
CA MET A 399 74.76 14.47 7.23
C MET A 399 75.31 13.05 7.19
N HIS A 400 76.59 12.89 6.84
CA HIS A 400 77.19 11.57 6.71
C HIS A 400 77.97 11.14 7.95
N THR A 401 77.99 11.99 8.96
CA THR A 401 78.81 11.76 10.15
C THR A 401 78.08 10.93 11.20
N ASP A 402 78.83 10.13 11.95
CA ASP A 402 78.28 9.40 13.08
C ASP A 402 78.37 10.27 14.34
N TYR A 403 77.22 10.58 14.92
CA TYR A 403 77.16 11.46 16.08
C TYR A 403 76.84 10.69 17.33
N THR A 404 76.86 9.37 17.21
CA THR A 404 76.52 8.48 18.32
C THR A 404 77.27 8.88 19.60
N GLY A 405 76.51 9.20 20.63
CA GLY A 405 77.07 9.57 21.91
C GLY A 405 77.40 11.03 22.12
N GLN A 406 77.24 11.86 21.08
CA GLN A 406 77.50 13.29 21.23
C GLN A 406 76.22 14.05 21.57
N GLY A 407 76.34 15.01 22.49
CA GLY A 407 75.22 15.86 22.84
C GLY A 407 74.20 15.14 23.69
N VAL A 408 73.06 15.78 23.90
CA VAL A 408 72.05 15.25 24.79
C VAL A 408 70.96 14.47 24.04
N ASP A 409 70.76 13.21 24.41
CA ASP A 409 69.66 12.44 23.83
C ASP A 409 68.40 12.72 24.62
N GLN A 410 67.65 13.73 24.17
CA GLN A 410 66.45 14.15 24.87
C GLN A 410 65.37 13.09 24.82
N LEU A 411 65.29 12.38 23.70
CA LEU A 411 64.23 11.38 23.52
C LEU A 411 64.43 10.24 24.51
N LYS A 412 65.66 9.79 24.66
CA LYS A 412 65.97 8.76 25.63
C LYS A 412 65.60 9.23 27.04
N ASN A 413 66.00 10.45 27.39
CA ASN A 413 65.70 11.02 28.70
C ASN A 413 64.20 11.08 29.02
N VAL A 414 63.41 11.52 28.04
CA VAL A 414 61.98 11.58 28.21
C VAL A 414 61.39 10.20 28.48
N ILE A 415 61.81 9.23 27.68
CA ILE A 415 61.32 7.87 27.82
C ILE A 415 61.70 7.28 29.19
N GLN A 416 62.96 7.41 29.57
CA GLN A 416 63.41 6.93 30.87
C GLN A 416 62.67 7.59 32.04
N MET A 417 62.36 8.87 31.91
CA MET A 417 61.62 9.55 32.96
C MET A 417 60.16 9.06 33.00
N LEU A 418 59.58 8.81 31.83
CA LEU A 418 58.23 8.28 31.77
C LEU A 418 58.15 6.90 32.44
N ARG A 419 59.19 6.09 32.25
CA ARG A 419 59.17 4.72 32.77
C ARG A 419 59.46 4.65 34.28
N THR A 420 60.12 5.67 34.82
CA THR A 420 60.61 5.60 36.20
C THR A 420 60.06 6.65 37.15
N ASN A 421 59.69 7.82 36.64
CA ASN A 421 59.15 8.87 37.49
C ASN A 421 58.18 9.74 36.70
N PRO A 422 57.02 9.16 36.33
CA PRO A 422 56.08 9.82 35.41
C PRO A 422 55.37 11.05 35.97
N THR A 423 55.63 11.41 37.23
CA THR A 423 55.05 12.64 37.77
C THR A 423 56.03 13.81 37.67
N ASP A 424 57.23 13.54 37.14
CA ASP A 424 58.22 14.58 36.90
C ASP A 424 57.64 15.60 35.93
N ARG A 425 58.00 16.87 36.09
CA ARG A 425 57.41 17.90 35.25
C ARG A 425 58.39 18.51 34.25
N ARG A 426 59.46 17.76 33.95
CA ARG A 426 60.50 18.22 33.03
C ARG A 426 60.63 17.32 31.80
N MET A 427 59.56 16.60 31.47
CA MET A 427 59.61 15.66 30.36
C MET A 427 59.39 16.35 29.03
N LEU A 428 60.42 17.10 28.62
CA LEU A 428 60.36 17.90 27.41
C LEU A 428 61.46 17.56 26.44
N MET A 429 61.20 17.86 25.19
CA MET A 429 62.17 17.70 24.14
C MET A 429 62.06 18.94 23.27
N THR A 430 63.19 19.53 22.92
CA THR A 430 63.18 20.73 22.10
C THR A 430 64.12 20.61 20.92
N ALA A 431 63.78 21.31 19.83
CA ALA A 431 64.63 21.32 18.66
C ALA A 431 65.16 22.72 18.44
N TRP A 432 64.76 23.64 19.31
CA TRP A 432 65.15 25.03 19.18
C TRP A 432 66.48 25.29 19.90
N ASN A 433 67.56 25.30 19.13
CA ASN A 433 68.88 25.58 19.65
C ASN A 433 69.38 26.83 18.93
N PRO A 434 69.24 27.99 19.58
CA PRO A 434 69.63 29.31 19.05
C PRO A 434 71.08 29.35 18.54
N ALA A 435 71.94 28.51 19.10
CA ALA A 435 73.34 28.48 18.68
C ALA A 435 73.49 27.84 17.30
N ALA A 436 72.54 26.99 16.93
CA ALA A 436 72.67 26.20 15.72
C ALA A 436 71.71 26.60 14.59
N LEU A 437 70.82 27.57 14.86
CA LEU A 437 69.80 27.97 13.89
C LEU A 437 70.35 28.33 12.51
N ASP A 438 71.42 29.10 12.48
CA ASP A 438 71.98 29.57 11.21
C ASP A 438 72.59 28.44 10.37
N GLU A 439 72.83 27.30 11.01
CA GLU A 439 73.40 26.16 10.31
C GLU A 439 72.31 25.27 9.73
N MET A 440 71.07 25.53 10.12
CA MET A 440 69.95 24.72 9.63
C MET A 440 69.43 25.26 8.31
N ALA A 441 68.97 24.35 7.46
CA ALA A 441 68.30 24.76 6.23
C ALA A 441 67.06 25.57 6.59
N LEU A 442 66.39 25.15 7.65
CA LEU A 442 65.18 25.83 8.08
C LEU A 442 65.11 25.71 9.59
N PRO A 443 64.90 26.83 10.28
CA PRO A 443 64.69 26.68 11.72
C PRO A 443 63.43 25.87 11.95
N PRO A 444 63.42 25.03 12.98
CA PRO A 444 62.29 24.13 13.18
C PRO A 444 60.98 24.87 13.44
N CYS A 445 59.88 24.30 12.92
CA CYS A 445 58.56 24.87 13.14
C CYS A 445 57.94 24.25 14.38
N HIS A 446 57.93 22.92 14.44
CA HIS A 446 57.51 22.25 15.64
C HIS A 446 58.73 22.12 16.54
N LEU A 447 58.75 22.91 17.61
CA LEU A 447 60.02 23.14 18.27
C LEU A 447 60.11 22.60 19.69
N LEU A 448 58.99 22.19 20.26
CA LEU A 448 59.03 21.66 21.60
C LEU A 448 57.85 20.74 21.84
N CYS A 449 58.07 19.70 22.63
CA CYS A 449 56.95 18.88 23.08
C CYS A 449 57.13 18.45 24.51
N GLN A 450 56.01 18.30 25.22
CA GLN A 450 56.05 17.94 26.62
C GLN A 450 55.09 16.80 26.91
N PHE A 451 55.50 15.90 27.79
CA PHE A 451 54.71 14.73 28.09
C PHE A 451 54.16 14.78 29.51
N TYR A 452 53.10 14.00 29.72
CA TYR A 452 52.38 14.03 30.98
C TYR A 452 51.64 12.71 31.16
N VAL A 453 51.69 12.18 32.37
CA VAL A 453 51.01 10.95 32.68
C VAL A 453 50.07 11.21 33.83
N ASN A 454 48.84 10.74 33.72
CA ASN A 454 47.93 10.93 34.82
C ASN A 454 47.89 9.76 35.80
N ASP A 455 46.80 9.74 36.55
CA ASP A 455 46.37 8.69 37.45
C ASP A 455 46.39 7.27 36.93
N GLN A 456 45.95 7.13 35.68
CA GLN A 456 45.56 5.84 35.15
C GLN A 456 46.52 5.39 34.08
N LYS A 457 47.77 5.84 34.19
CA LYS A 457 48.79 5.48 33.24
C LYS A 457 48.41 5.90 31.80
N GLU A 458 47.76 7.06 31.69
CA GLU A 458 47.40 7.63 30.39
C GLU A 458 48.35 8.74 29.98
N LEU A 459 48.88 8.65 28.77
CA LEU A 459 49.90 9.58 28.30
C LEU A 459 49.31 10.67 27.41
N SER A 460 49.62 11.92 27.73
CA SER A 460 49.23 13.05 26.90
C SER A 460 50.47 13.79 26.45
N CYS A 461 50.36 14.48 25.31
CA CYS A 461 51.49 15.18 24.75
C CYS A 461 51.05 16.55 24.22
N ILE A 462 51.85 17.56 24.52
CA ILE A 462 51.68 18.89 23.99
C ILE A 462 52.82 19.15 23.04
N MET A 463 52.53 19.73 21.87
CA MET A 463 53.59 20.22 21.01
C MET A 463 53.39 21.71 20.73
N TYR A 464 54.48 22.47 20.79
CA TYR A 464 54.43 23.90 20.46
C TYR A 464 55.02 24.12 19.08
N GLN A 465 54.27 24.81 18.23
CA GLN A 465 54.70 25.07 16.88
C GLN A 465 54.71 26.56 16.63
N ARG A 466 55.90 27.12 16.37
CA ARG A 466 56.07 28.55 16.19
C ARG A 466 55.34 29.08 14.95
N SER A 467 55.27 28.23 13.92
CA SER A 467 54.82 28.65 12.60
C SER A 467 53.99 27.55 11.96
N CYS A 468 52.75 27.88 11.60
CA CYS A 468 51.81 26.84 11.20
C CYS A 468 51.14 27.17 9.88
N ASP A 469 51.57 26.45 8.84
CA ASP A 469 50.91 26.50 7.55
C ASP A 469 49.63 25.66 7.68
N VAL A 470 48.53 26.33 7.99
CA VAL A 470 47.26 25.70 8.25
C VAL A 470 46.81 24.77 7.13
N GLY A 471 46.97 25.22 5.89
CA GLY A 471 46.58 24.42 4.74
C GLY A 471 47.41 23.15 4.57
N LEU A 472 48.72 23.30 4.46
CA LEU A 472 49.58 22.19 4.09
C LEU A 472 50.17 21.42 5.27
N GLY A 473 50.80 22.15 6.20
CA GLY A 473 51.52 21.51 7.28
C GLY A 473 50.71 21.00 8.45
N VAL A 474 49.74 21.78 8.91
CA VAL A 474 49.03 21.47 10.14
C VAL A 474 48.46 20.05 10.23
N PRO A 475 47.71 19.60 9.21
CA PRO A 475 47.19 18.23 9.30
C PRO A 475 48.31 17.20 9.44
N PHE A 476 49.42 17.46 8.74
CA PHE A 476 50.57 16.59 8.77
C PHE A 476 51.21 16.60 10.16
N ASN A 477 51.32 17.79 10.76
CA ASN A 477 51.87 17.92 12.11
C ASN A 477 51.00 17.25 13.18
N ILE A 478 49.68 17.37 13.04
CA ILE A 478 48.76 16.70 13.96
C ILE A 478 49.00 15.19 13.99
N ALA A 479 49.06 14.60 12.79
CA ALA A 479 49.28 13.18 12.64
C ALA A 479 50.64 12.74 13.16
N SER A 480 51.66 13.55 12.90
CA SER A 480 53.02 13.25 13.29
C SER A 480 53.22 13.12 14.81
N TYR A 481 52.74 14.12 15.57
CA TYR A 481 52.95 14.07 17.01
C TYR A 481 51.95 13.16 17.72
N SER A 482 50.80 12.94 17.09
CA SER A 482 49.86 11.95 17.59
C SER A 482 50.47 10.56 17.48
N LEU A 483 51.23 10.36 16.42
CA LEU A 483 51.87 9.07 16.18
C LEU A 483 53.02 8.87 17.17
N LEU A 484 53.83 9.90 17.36
CA LEU A 484 54.90 9.88 18.35
C LEU A 484 54.34 9.52 19.72
N THR A 485 53.16 10.06 20.04
CA THR A 485 52.54 9.77 21.31
C THR A 485 52.18 8.28 21.42
N LEU A 486 51.61 7.72 20.34
CA LEU A 486 51.36 6.28 20.30
C LEU A 486 52.63 5.48 20.54
N MET A 487 53.71 5.86 19.86
CA MET A 487 54.96 5.11 19.94
C MET A 487 55.56 5.18 21.33
N VAL A 488 55.53 6.37 21.93
CA VAL A 488 56.04 6.54 23.26
C VAL A 488 55.18 5.81 24.31
N ALA A 489 53.86 5.93 24.20
CA ALA A 489 52.96 5.18 25.07
C ALA A 489 53.31 3.68 25.09
N HIS A 490 53.47 3.10 23.90
CA HIS A 490 53.75 1.67 23.80
C HIS A 490 55.05 1.27 24.49
N VAL A 491 56.10 2.03 24.23
CA VAL A 491 57.42 1.69 24.73
C VAL A 491 57.53 1.94 26.25
N CYS A 492 56.62 2.76 26.78
CA CYS A 492 56.61 3.04 28.21
C CYS A 492 55.49 2.32 28.94
N ASN A 493 54.81 1.40 28.26
CA ASN A 493 53.68 0.70 28.84
C ASN A 493 52.57 1.62 29.29
N LEU A 494 52.26 2.59 28.45
CA LEU A 494 51.23 3.57 28.76
C LEU A 494 50.06 3.50 27.77
N LYS A 495 48.97 4.15 28.14
CA LYS A 495 47.81 4.27 27.27
C LYS A 495 47.79 5.66 26.67
N PRO A 496 47.78 5.76 25.33
CA PRO A 496 47.76 7.09 24.71
C PRO A 496 46.42 7.77 24.93
N LYS A 497 46.43 9.00 25.43
CA LYS A 497 45.19 9.67 25.78
C LYS A 497 44.92 10.90 24.92
N GLU A 498 45.90 11.80 24.81
CA GLU A 498 45.62 13.07 24.17
C GLU A 498 46.81 13.76 23.54
N PHE A 499 46.59 14.30 22.34
CA PHE A 499 47.55 15.21 21.74
C PHE A 499 47.00 16.64 21.77
N ILE A 500 47.83 17.55 22.25
CA ILE A 500 47.45 18.94 22.42
C ILE A 500 48.37 19.82 21.59
N HIS A 501 47.78 20.58 20.68
CA HIS A 501 48.53 21.37 19.71
C HIS A 501 48.48 22.85 20.10
N PHE A 502 49.63 23.40 20.48
CA PHE A 502 49.75 24.83 20.74
C PHE A 502 50.44 25.49 19.55
N MET A 503 49.85 26.57 19.05
CA MET A 503 50.28 27.16 17.78
C MET A 503 50.62 28.63 17.93
N GLY A 504 51.77 29.03 17.38
CA GLY A 504 52.17 30.43 17.42
C GLY A 504 51.60 31.21 16.25
N ASN A 505 52.46 31.57 15.30
CA ASN A 505 52.00 32.25 14.09
C ASN A 505 51.25 31.27 13.19
N THR A 506 49.93 31.40 13.17
CA THR A 506 49.06 30.44 12.53
C THR A 506 48.47 31.09 11.29
N HIS A 507 48.82 30.56 10.12
CA HIS A 507 48.51 31.28 8.89
C HIS A 507 47.99 30.43 7.75
N VAL A 508 47.22 31.04 6.86
CA VAL A 508 46.94 30.41 5.57
C VAL A 508 47.46 31.30 4.44
N TYR A 509 48.25 30.68 3.57
CA TYR A 509 48.81 31.38 2.42
C TYR A 509 47.68 31.78 1.48
N THR A 510 47.86 32.88 0.76
CA THR A 510 46.81 33.41 -0.11
C THR A 510 46.47 32.46 -1.22
N ASN A 511 47.47 31.73 -1.69
CA ASN A 511 47.22 30.81 -2.78
C ASN A 511 46.59 29.49 -2.34
N HIS A 512 46.16 29.42 -1.08
CA HIS A 512 45.46 28.25 -0.56
C HIS A 512 43.99 28.52 -0.25
N VAL A 513 43.62 29.79 -0.17
CA VAL A 513 42.30 30.18 0.34
C VAL A 513 41.13 29.55 -0.42
N GLU A 514 41.28 29.51 -1.73
N GLU A 514 41.23 29.52 -1.74
CA GLU A 514 40.27 28.99 -2.63
CA GLU A 514 40.18 28.96 -2.58
C GLU A 514 40.03 27.50 -2.39
C GLU A 514 40.01 27.46 -2.31
N ALA A 515 41.13 26.75 -2.31
CA ALA A 515 41.09 25.32 -2.05
C ALA A 515 40.57 25.01 -0.64
N LEU A 516 40.92 25.86 0.31
CA LEU A 516 40.49 25.67 1.69
C LEU A 516 38.99 25.87 1.82
N LYS A 517 38.44 26.76 1.00
CA LYS A 517 37.01 27.01 1.00
C LYS A 517 36.23 25.82 0.45
N GLU A 518 36.80 25.13 -0.53
CA GLU A 518 36.21 23.90 -1.02
C GLU A 518 36.26 22.85 0.08
N GLN A 519 37.37 22.79 0.79
CA GLN A 519 37.53 21.83 1.87
C GLN A 519 36.46 22.03 2.96
N LEU A 520 36.09 23.28 3.20
CA LEU A 520 35.09 23.59 4.22
C LEU A 520 33.67 23.16 3.86
N ARG A 521 33.45 22.74 2.63
CA ARG A 521 32.13 22.28 2.22
C ARG A 521 31.95 20.79 2.45
N ARG A 522 33.01 20.14 2.91
CA ARG A 522 33.00 18.70 3.13
C ARG A 522 32.75 18.39 4.59
N GLU A 523 31.82 17.49 4.89
CA GLU A 523 31.72 17.05 6.26
C GLU A 523 32.72 15.92 6.56
N PRO A 524 33.28 15.93 7.77
CA PRO A 524 34.27 14.92 8.16
C PRO A 524 33.70 13.52 8.27
N ARG A 525 34.58 12.54 8.06
CA ARG A 525 34.25 11.14 8.19
C ARG A 525 34.82 10.69 9.52
N PRO A 526 34.37 9.55 10.03
CA PRO A 526 34.95 9.04 11.28
C PRO A 526 36.45 8.83 11.15
N PHE A 527 37.20 9.13 12.21
CA PHE A 527 38.64 8.93 12.20
C PHE A 527 38.99 7.46 12.12
N PRO A 528 40.15 7.15 11.53
CA PRO A 528 40.61 5.77 11.49
C PRO A 528 41.26 5.37 12.81
N ILE A 529 41.64 4.11 12.90
CA ILE A 529 42.45 3.62 13.99
C ILE A 529 43.83 3.30 13.45
N VAL A 530 44.86 3.62 14.22
CA VAL A 530 46.21 3.19 13.89
C VAL A 530 46.65 2.13 14.87
N ASN A 531 46.99 0.95 14.36
CA ASN A 531 47.50 -0.11 15.21
C ASN A 531 48.99 -0.26 15.04
N ILE A 532 49.68 -0.47 16.16
CA ILE A 532 51.06 -0.89 16.11
C ILE A 532 51.07 -2.40 15.96
N LEU A 533 51.71 -2.87 14.92
CA LEU A 533 51.86 -4.30 14.70
C LEU A 533 53.14 -4.76 15.37
N ASN A 534 53.22 -6.05 15.67
CA ASN A 534 54.44 -6.65 16.19
C ASN A 534 54.87 -6.05 17.50
N LYS A 535 53.90 -5.80 18.37
CA LYS A 535 54.15 -5.15 19.65
C LYS A 535 55.22 -5.86 20.47
N GLU A 536 55.16 -7.19 20.49
CA GLU A 536 56.12 -8.00 21.25
C GLU A 536 57.57 -7.78 20.83
N ARG A 537 57.80 -7.52 19.54
CA ARG A 537 59.15 -7.31 19.06
C ARG A 537 59.65 -5.94 19.51
N ILE A 538 58.72 -5.01 19.70
CA ILE A 538 59.07 -3.60 19.87
C ILE A 538 59.13 -3.18 21.33
N LYS A 539 60.34 -2.93 21.80
CA LYS A 539 60.59 -2.63 23.20
C LYS A 539 61.20 -1.26 23.45
N GLU A 540 61.88 -0.72 22.44
CA GLU A 540 62.49 0.60 22.55
C GLU A 540 62.08 1.45 21.36
N ILE A 541 62.15 2.77 21.53
CA ILE A 541 61.71 3.70 20.50
C ILE A 541 62.44 3.53 19.16
N ASP A 542 63.68 3.05 19.21
CA ASP A 542 64.44 2.82 17.99
C ASP A 542 64.06 1.52 17.29
N ASP A 543 63.22 0.70 17.92
CA ASP A 543 62.83 -0.59 17.34
C ASP A 543 61.78 -0.49 16.23
N PHE A 544 60.96 0.56 16.25
CA PHE A 544 59.92 0.73 15.24
C PHE A 544 60.47 0.79 13.82
N THR A 545 59.80 0.11 12.89
CA THR A 545 60.14 0.25 11.47
C THR A 545 58.95 0.77 10.69
N ALA A 546 59.19 1.02 9.41
CA ALA A 546 58.16 1.52 8.52
C ALA A 546 57.05 0.49 8.28
N GLU A 547 57.24 -0.73 8.77
CA GLU A 547 56.27 -1.80 8.57
C GLU A 547 55.44 -2.14 9.80
N ASP A 548 55.67 -1.46 10.91
CA ASP A 548 55.03 -1.87 12.15
C ASP A 548 53.74 -1.10 12.42
N PHE A 549 53.14 -0.55 11.36
CA PHE A 549 51.93 0.25 11.52
C PHE A 549 50.84 -0.12 10.53
N GLU A 550 49.60 -0.06 11.00
CA GLU A 550 48.44 -0.38 10.22
C GLU A 550 47.43 0.75 10.43
N VAL A 551 46.94 1.34 9.35
CA VAL A 551 45.91 2.36 9.45
C VAL A 551 44.59 1.73 9.06
N VAL A 552 43.63 1.75 9.97
CA VAL A 552 42.39 1.01 9.78
C VAL A 552 41.17 1.92 9.68
N GLY A 553 40.43 1.81 8.59
CA GLY A 553 39.18 2.53 8.46
C GLY A 553 39.31 3.97 8.03
N TYR A 554 40.33 4.28 7.25
CA TYR A 554 40.55 5.63 6.78
C TYR A 554 39.79 5.85 5.48
N VAL A 555 38.86 6.81 5.51
CA VAL A 555 38.00 7.06 4.36
C VAL A 555 37.90 8.55 4.09
N PRO A 556 39.00 9.17 3.66
CA PRO A 556 38.96 10.63 3.57
C PRO A 556 38.35 11.06 2.25
N HIS A 557 37.96 12.33 2.16
CA HIS A 557 37.65 12.93 0.88
C HIS A 557 38.91 12.99 0.02
N GLY A 558 38.77 13.41 -1.23
CA GLY A 558 39.90 13.43 -2.14
C GLY A 558 41.02 14.38 -1.75
N ARG A 559 42.23 14.10 -2.26
CA ARG A 559 43.36 15.02 -2.14
C ARG A 559 42.98 16.41 -2.63
N ILE A 560 43.50 17.43 -1.96
CA ILE A 560 43.42 18.77 -2.52
C ILE A 560 44.82 19.31 -2.75
N GLN A 561 45.09 19.69 -3.99
CA GLN A 561 46.38 20.25 -4.36
C GLN A 561 46.61 21.60 -3.71
N MET A 562 47.73 21.73 -3.01
CA MET A 562 48.12 22.99 -2.41
C MET A 562 49.64 23.14 -2.52
N GLU A 563 50.08 24.16 -3.26
CA GLU A 563 51.51 24.37 -3.51
C GLU A 563 52.24 24.79 -2.25
N MET A 564 53.43 24.25 -2.04
CA MET A 564 54.26 24.66 -0.92
C MET A 564 54.86 26.05 -1.18
N ALA A 565 54.70 26.95 -0.22
CA ALA A 565 55.34 28.26 -0.29
C ALA A 565 56.80 28.08 0.09
N VAL A 566 57.66 28.37 -0.87
CA VAL A 566 58.94 27.70 -0.99
C VAL A 566 60.08 28.17 -0.10
N LYS B 3 6.75 49.88 38.74
CA LYS B 3 7.52 50.69 39.68
C LYS B 3 9.04 50.50 39.71
N PRO B 4 9.63 49.79 38.73
CA PRO B 4 11.01 49.35 39.00
C PRO B 4 12.11 50.40 38.77
N VAL B 5 12.86 50.76 39.81
CA VAL B 5 13.89 51.81 39.71
C VAL B 5 15.33 51.30 39.71
N CYS B 6 16.17 51.92 38.89
CA CYS B 6 17.59 51.59 38.84
C CYS B 6 18.47 52.83 38.96
N LEU B 7 19.62 52.68 39.63
CA LEU B 7 20.57 53.79 39.77
C LEU B 7 21.72 53.64 38.78
N VAL B 8 22.06 54.74 38.09
CA VAL B 8 23.23 54.79 37.23
C VAL B 8 24.26 55.74 37.82
N VAL B 9 25.46 55.23 38.09
CA VAL B 9 26.52 55.99 38.76
C VAL B 9 27.90 55.60 38.28
N ALA B 10 28.82 56.54 38.36
CA ALA B 10 30.23 56.24 38.24
C ALA B 10 30.89 56.72 39.52
N MET B 11 31.72 55.88 40.13
CA MET B 11 32.35 56.26 41.39
C MET B 11 33.76 55.72 41.56
N THR B 12 34.57 56.47 42.29
CA THR B 12 35.89 56.03 42.70
C THR B 12 35.74 54.93 43.75
N PRO B 13 36.85 54.25 44.11
CA PRO B 13 36.75 53.20 45.12
C PRO B 13 36.30 53.70 46.49
N LYS B 14 36.62 54.95 46.81
CA LYS B 14 36.13 55.56 48.04
C LYS B 14 34.72 56.15 47.88
N ARG B 15 34.03 55.72 46.83
CA ARG B 15 32.66 56.17 46.52
C ARG B 15 32.53 57.63 46.08
N GLY B 16 33.62 58.24 45.63
CA GLY B 16 33.57 59.62 45.19
C GLY B 16 32.85 59.77 43.86
N ILE B 17 31.97 60.75 43.74
CA ILE B 17 31.24 60.95 42.50
C ILE B 17 31.33 62.36 41.92
N GLY B 18 31.74 63.32 42.74
CA GLY B 18 31.85 64.68 42.24
C GLY B 18 32.69 65.64 43.07
N ILE B 19 33.01 66.77 42.45
CA ILE B 19 33.69 67.85 43.13
C ILE B 19 33.42 69.15 42.40
N ASN B 20 33.20 70.22 43.18
CA ASN B 20 32.82 71.53 42.65
C ASN B 20 31.74 71.45 41.57
N ASN B 21 30.68 70.71 41.88
CA ASN B 21 29.56 70.52 40.99
C ASN B 21 29.97 70.07 39.60
N GLY B 22 31.00 69.23 39.55
CA GLY B 22 31.45 68.63 38.32
C GLY B 22 31.92 67.22 38.61
N LEU B 23 32.48 66.57 37.61
CA LEU B 23 33.00 65.22 37.76
C LEU B 23 34.45 65.26 38.22
N PRO B 24 34.87 64.26 39.00
CA PRO B 24 36.22 64.23 39.57
C PRO B 24 37.31 63.87 38.56
N TRP B 25 36.93 63.15 37.51
CA TRP B 25 37.91 62.54 36.61
C TRP B 25 37.89 63.15 35.21
N PRO B 26 38.98 63.00 34.45
CA PRO B 26 38.87 63.50 33.08
C PRO B 26 37.87 62.67 32.29
N HIS B 27 37.60 63.10 31.07
CA HIS B 27 36.49 62.57 30.30
C HIS B 27 36.60 61.08 30.00
N LEU B 28 35.59 60.32 30.41
CA LEU B 28 35.53 58.88 30.18
C LEU B 28 34.57 58.56 29.04
N THR B 29 35.13 58.43 27.84
CA THR B 29 34.35 58.31 26.62
C THR B 29 33.44 57.08 26.60
N THR B 30 34.01 55.92 26.93
CA THR B 30 33.23 54.70 26.93
C THR B 30 32.16 54.69 28.02
N ASP B 31 32.45 55.27 29.18
CA ASP B 31 31.43 55.38 30.22
C ASP B 31 30.22 56.17 29.72
N PHE B 32 30.48 57.22 28.96
CA PHE B 32 29.40 58.02 28.40
C PHE B 32 28.54 57.24 27.42
N LYS B 33 29.17 56.45 26.56
CA LYS B 33 28.44 55.53 25.69
C LYS B 33 27.56 54.62 26.51
N HIS B 34 28.19 53.78 27.33
CA HIS B 34 27.49 52.95 28.31
C HIS B 34 26.31 53.66 28.92
N PHE B 35 26.53 54.88 29.39
CA PHE B 35 25.46 55.65 30.00
C PHE B 35 24.32 55.87 29.02
N SER B 36 24.68 56.23 27.79
CA SER B 36 23.71 56.57 26.77
C SER B 36 22.80 55.39 26.54
N ARG B 37 23.43 54.27 26.15
CA ARG B 37 22.72 53.05 25.84
C ARG B 37 21.79 52.61 26.96
N VAL B 38 22.37 52.40 28.15
CA VAL B 38 21.62 51.91 29.29
C VAL B 38 20.35 52.71 29.50
N THR B 39 20.47 54.02 29.43
CA THR B 39 19.37 54.91 29.75
C THR B 39 18.26 54.96 28.68
N LYS B 40 18.48 54.34 27.51
CA LYS B 40 17.45 54.33 26.48
C LYS B 40 17.31 52.99 25.75
N THR B 41 16.08 52.50 25.64
CA THR B 41 15.77 51.28 24.89
C THR B 41 14.31 51.21 24.43
N PHE B 49 9.13 55.42 25.91
CA PHE B 49 10.42 56.01 26.30
C PHE B 49 10.82 55.72 27.74
N ASN B 50 12.06 56.09 28.07
CA ASN B 50 12.59 55.94 29.42
C ASN B 50 12.58 57.26 30.18
N ALA B 51 12.56 57.17 31.49
CA ALA B 51 12.70 58.37 32.31
C ALA B 51 14.04 58.39 33.04
N VAL B 52 14.75 59.50 32.94
CA VAL B 52 15.88 59.74 33.83
C VAL B 52 15.49 60.83 34.82
N VAL B 53 15.92 60.66 36.06
CA VAL B 53 15.50 61.54 37.14
C VAL B 53 16.73 62.06 37.87
N MET B 54 16.87 63.38 37.98
CA MET B 54 18.10 63.96 38.53
C MET B 54 17.89 65.13 39.48
N GLY B 55 18.74 65.22 40.51
CA GLY B 55 18.70 66.31 41.46
C GLY B 55 19.01 67.66 40.84
N ARG B 56 18.75 68.75 41.58
CA ARG B 56 18.92 70.09 41.03
C ARG B 56 20.34 70.31 40.53
N LYS B 57 21.29 70.25 41.47
CA LYS B 57 22.69 70.51 41.16
C LYS B 57 23.16 69.70 39.96
N THR B 58 22.77 68.43 39.89
CA THR B 58 23.13 67.57 38.75
C THR B 58 22.66 68.14 37.41
N TRP B 59 21.51 68.82 37.40
CA TRP B 59 21.00 69.41 36.17
C TRP B 59 21.93 70.53 35.69
N GLU B 60 22.35 71.38 36.63
CA GLU B 60 23.27 72.48 36.34
C GLU B 60 24.59 71.97 35.77
N SER B 61 25.18 70.98 36.42
CA SER B 61 26.45 70.38 36.02
C SER B 61 26.47 69.95 34.56
N MET B 62 25.31 69.65 34.02
CA MET B 62 25.23 69.25 32.63
C MET B 62 25.41 70.45 31.74
N PRO B 63 26.27 70.32 30.71
CA PRO B 63 26.40 71.36 29.70
C PRO B 63 25.07 71.53 28.97
N ARG B 64 24.71 72.76 28.64
CA ARG B 64 23.40 73.06 28.05
C ARG B 64 23.15 72.30 26.75
N LYS B 65 24.20 72.02 26.00
CA LYS B 65 24.04 71.35 24.71
C LYS B 65 23.47 69.95 24.86
N PHE B 66 23.62 69.38 26.06
CA PHE B 66 23.07 68.06 26.37
C PHE B 66 21.94 68.14 27.39
N ARG B 67 21.73 69.32 27.99
CA ARG B 67 20.88 69.45 29.17
C ARG B 67 19.49 68.81 29.08
N PRO B 68 18.77 69.03 27.97
CA PRO B 68 17.66 68.09 27.86
C PRO B 68 18.23 66.76 27.39
N LEU B 69 18.25 65.77 28.28
CA LEU B 69 18.74 64.44 27.91
C LEU B 69 17.79 63.81 26.92
N VAL B 70 18.16 63.88 25.65
CA VAL B 70 17.27 63.57 24.54
C VAL B 70 16.87 62.09 24.45
N ASP B 71 15.67 61.85 23.92
CA ASP B 71 15.09 60.51 23.73
C ASP B 71 14.72 59.81 25.04
N ARG B 72 14.61 60.59 26.11
CA ARG B 72 14.23 60.09 27.42
C ARG B 72 13.50 61.20 28.14
N LEU B 73 12.50 60.84 28.94
CA LEU B 73 11.82 61.81 29.78
C LEU B 73 12.82 62.28 30.83
N ASN B 74 12.85 63.58 31.09
CA ASN B 74 13.72 64.15 32.11
C ASN B 74 12.89 64.65 33.28
N ILE B 75 13.36 64.44 34.50
CA ILE B 75 12.74 65.05 35.67
C ILE B 75 13.80 65.64 36.59
N VAL B 76 13.69 66.93 36.88
CA VAL B 76 14.54 67.52 37.89
C VAL B 76 13.74 67.61 39.19
N VAL B 77 14.41 67.36 40.30
CA VAL B 77 13.72 67.34 41.57
C VAL B 77 14.27 68.43 42.47
N SER B 78 14.21 69.65 41.98
CA SER B 78 14.56 70.82 42.76
C SER B 78 13.30 71.27 43.50
N SER B 79 13.44 72.29 44.33
CA SER B 79 12.27 72.95 44.87
C SER B 79 12.39 74.44 44.56
N SER B 80 13.21 74.76 43.57
CA SER B 80 13.56 76.14 43.29
C SER B 80 13.59 76.53 41.80
N LEU B 81 13.08 75.68 40.92
CA LEU B 81 13.29 75.91 39.49
C LEU B 81 12.07 75.91 38.55
N LYS B 82 12.31 76.38 37.33
CA LYS B 82 11.30 76.51 36.28
C LYS B 82 10.56 75.21 36.01
N VAL B 101 9.34 68.67 36.61
CA VAL B 101 10.03 69.22 37.78
C VAL B 101 9.27 69.01 39.07
N CYS B 102 9.65 68.00 39.84
CA CYS B 102 8.97 67.70 41.10
C CYS B 102 9.75 68.19 42.31
N ALA B 103 9.15 68.07 43.49
CA ALA B 103 9.74 68.61 44.70
C ALA B 103 10.44 67.55 45.55
N SER B 104 10.23 66.29 45.19
CA SER B 104 10.86 65.19 45.92
C SER B 104 10.97 63.99 45.00
N LEU B 105 11.62 62.93 45.47
CA LEU B 105 11.71 61.70 44.69
C LEU B 105 10.42 60.87 44.71
N PRO B 106 9.78 60.75 45.89
CA PRO B 106 8.45 60.14 45.88
C PRO B 106 7.53 60.83 44.87
N ALA B 107 7.54 62.16 44.90
CA ALA B 107 6.75 62.97 43.97
C ALA B 107 6.98 62.62 42.51
N ALA B 108 8.24 62.46 42.12
CA ALA B 108 8.57 62.18 40.73
C ALA B 108 8.13 60.80 40.31
N LEU B 109 8.02 59.90 41.29
CA LEU B 109 7.58 58.54 41.00
C LEU B 109 6.07 58.50 40.83
N SER B 110 5.36 59.34 41.59
CA SER B 110 3.93 59.51 41.40
C SER B 110 3.65 60.05 40.01
N LEU B 111 4.41 61.08 39.63
CA LEU B 111 4.24 61.74 38.33
C LEU B 111 4.52 60.82 37.14
N LEU B 112 5.01 59.62 37.43
CA LEU B 112 5.31 58.64 36.39
C LEU B 112 4.24 57.57 36.33
N GLU B 113 3.58 57.32 37.45
CA GLU B 113 2.47 56.39 37.43
C GLU B 113 1.24 57.10 36.87
N GLU B 114 0.85 58.20 37.50
CA GLU B 114 -0.32 58.96 37.07
C GLU B 114 -0.29 59.24 35.56
N GLU B 115 0.58 60.15 35.13
CA GLU B 115 0.81 60.32 33.69
C GLU B 115 2.01 59.48 33.25
N TYR B 116 2.27 59.43 31.95
CA TYR B 116 3.32 58.60 31.35
C TYR B 116 3.22 57.10 31.64
N LYS B 117 2.23 56.67 32.42
CA LYS B 117 1.98 55.26 32.71
C LYS B 117 2.20 54.37 31.49
N ASP B 118 1.77 54.88 30.35
CA ASP B 118 2.05 54.26 29.07
C ASP B 118 3.20 55.01 28.40
N SER B 119 4.01 54.29 27.65
CA SER B 119 5.18 54.83 26.96
C SER B 119 6.35 55.21 27.90
N VAL B 120 6.23 54.87 29.19
CA VAL B 120 7.39 54.87 30.08
C VAL B 120 7.80 53.43 30.40
N ASP B 121 9.01 53.05 30.01
CA ASP B 121 9.45 51.70 30.33
C ASP B 121 10.10 51.68 31.71
N GLN B 122 11.42 51.69 31.74
CA GLN B 122 12.12 51.71 33.02
C GLN B 122 12.52 53.13 33.39
N ILE B 123 12.75 53.36 34.68
CA ILE B 123 13.20 54.66 35.12
C ILE B 123 14.60 54.58 35.76
N PHE B 124 15.42 55.58 35.50
CA PHE B 124 16.77 55.62 36.04
C PHE B 124 17.03 56.89 36.84
N VAL B 125 17.53 56.73 38.07
CA VAL B 125 18.04 57.88 38.82
C VAL B 125 19.51 58.07 38.47
N VAL B 126 19.90 59.31 38.14
CA VAL B 126 21.23 59.57 37.59
C VAL B 126 21.98 60.72 38.25
N GLY B 128 21.91 63.13 41.53
CA GLY B 128 23.08 63.33 42.38
C GLY B 128 22.95 62.54 43.67
N ALA B 129 23.84 62.80 44.63
CA ALA B 129 23.67 62.23 45.96
C ALA B 129 22.46 62.94 46.52
N GLY B 130 21.95 62.50 47.66
CA GLY B 130 20.69 63.08 48.06
C GLY B 130 19.62 62.35 47.28
N LEU B 131 19.65 62.51 45.96
CA LEU B 131 18.80 61.68 45.12
C LEU B 131 19.14 60.21 45.24
N TYR B 132 20.43 59.87 45.12
CA TYR B 132 20.85 58.48 45.33
C TYR B 132 20.47 58.01 46.72
N GLU B 133 20.73 58.84 47.72
CA GLU B 133 20.50 58.41 49.10
C GLU B 133 19.00 58.37 49.44
N ALA B 134 18.22 59.23 48.80
CA ALA B 134 16.78 59.16 48.95
C ALA B 134 16.31 57.81 48.41
N ALA B 135 16.77 57.47 47.21
CA ALA B 135 16.35 56.25 46.56
C ALA B 135 16.74 54.99 47.32
N LEU B 136 17.82 55.07 48.11
CA LEU B 136 18.27 53.92 48.87
C LEU B 136 17.53 53.78 50.20
N SER B 137 17.29 54.90 50.87
CA SER B 137 16.56 54.90 52.13
C SER B 137 15.11 54.45 51.92
N LEU B 138 14.47 54.99 50.89
CA LEU B 138 13.12 54.59 50.51
C LEU B 138 13.10 53.18 49.91
N GLY B 139 14.27 52.60 49.75
CA GLY B 139 14.40 51.23 49.28
C GLY B 139 13.72 50.87 47.98
N VAL B 140 13.67 51.81 47.04
CA VAL B 140 12.96 51.57 45.78
C VAL B 140 13.85 51.12 44.61
N ALA B 141 15.17 51.14 44.79
CA ALA B 141 16.07 50.77 43.70
C ALA B 141 16.32 49.27 43.67
N SER B 142 16.08 48.63 42.54
CA SER B 142 16.29 47.20 42.45
C SER B 142 17.63 46.82 41.85
N HIS B 143 18.23 47.73 41.08
CA HIS B 143 19.53 47.46 40.49
C HIS B 143 20.46 48.66 40.52
N LEU B 144 21.75 48.40 40.69
CA LEU B 144 22.74 49.47 40.63
C LEU B 144 23.64 49.26 39.42
N TYR B 145 23.64 50.23 38.50
CA TYR B 145 24.57 50.22 37.38
C TYR B 145 25.76 51.09 37.75
N ILE B 146 26.87 50.45 38.13
CA ILE B 146 28.01 51.19 38.62
C ILE B 146 29.21 51.10 37.70
N THR B 147 29.72 52.26 37.29
CA THR B 147 31.02 52.34 36.64
C THR B 147 32.06 52.52 37.74
N ARG B 148 32.89 51.51 37.96
CA ARG B 148 33.93 51.62 38.98
C ARG B 148 35.18 52.31 38.44
N VAL B 149 35.38 53.56 38.83
CA VAL B 149 36.60 54.26 38.45
C VAL B 149 37.71 53.75 39.35
N ALA B 150 38.74 53.15 38.76
CA ALA B 150 39.77 52.48 39.54
C ALA B 150 40.68 53.41 40.33
N ARG B 151 40.83 54.65 39.87
CA ARG B 151 41.68 55.61 40.56
C ARG B 151 40.92 56.48 41.54
N GLU B 152 41.60 56.91 42.58
CA GLU B 152 41.04 57.93 43.45
C GLU B 152 41.30 59.33 42.90
N PHE B 153 40.32 60.20 43.13
CA PHE B 153 40.41 61.58 42.73
C PHE B 153 39.80 62.36 43.87
N PRO B 154 40.26 63.59 44.07
CA PRO B 154 39.63 64.50 45.02
C PRO B 154 38.13 64.59 44.76
N CYS B 155 37.33 64.39 45.80
CA CYS B 155 35.88 64.51 45.69
C CYS B 155 35.33 65.19 46.92
N ASP B 156 34.21 65.88 46.77
CA ASP B 156 33.53 66.47 47.92
C ASP B 156 32.09 65.96 48.00
N VAL B 157 31.71 65.13 47.05
CA VAL B 157 30.40 64.50 47.06
C VAL B 157 30.58 63.00 46.84
N PHE B 158 29.98 62.21 47.72
CA PHE B 158 30.22 60.78 47.74
C PHE B 158 28.93 60.00 47.59
N PHE B 159 29.01 58.84 46.93
CA PHE B 159 27.86 57.96 46.86
C PHE B 159 27.69 57.33 48.23
N PRO B 160 26.45 57.12 48.67
CA PRO B 160 26.20 56.57 50.00
C PRO B 160 26.77 55.18 50.18
N ALA B 161 27.28 54.89 51.38
CA ALA B 161 27.67 53.53 51.72
C ALA B 161 26.43 52.65 51.62
N PHE B 162 26.64 51.36 51.36
CA PHE B 162 25.53 50.46 51.10
C PHE B 162 26.02 49.03 51.24
N PRO B 163 25.12 48.12 51.67
CA PRO B 163 25.58 46.73 51.80
C PRO B 163 25.87 46.15 50.40
N GLY B 164 27.06 45.59 50.24
CA GLY B 164 27.54 45.22 48.91
C GLY B 164 28.73 46.10 48.57
N ASP B 165 28.95 47.10 49.41
CA ASP B 165 30.10 48.00 49.34
C ASP B 165 31.46 47.43 48.96
N ASP B 166 31.78 46.23 49.45
CA ASP B 166 33.09 45.62 49.18
C ASP B 166 33.38 45.41 47.68
N ILE B 167 32.41 45.70 46.82
CA ILE B 167 32.59 45.60 45.38
C ILE B 167 33.49 46.74 44.89
N LEU B 168 33.64 47.76 45.73
CA LEU B 168 34.46 48.93 45.41
C LEU B 168 35.85 48.84 46.02
N SER B 169 35.91 48.49 47.30
CA SER B 169 37.17 48.44 48.01
C SER B 169 37.05 47.56 49.24
N ASN B 170 38.15 47.39 49.96
CA ASN B 170 38.22 46.43 51.06
C ASN B 170 37.61 46.87 52.37
N LYS B 171 37.30 48.17 52.49
CA LYS B 171 36.73 48.76 53.72
C LYS B 171 35.91 47.81 54.60
N GLU B 180 17.89 41.91 56.49
CA GLU B 180 18.87 42.85 55.95
C GLU B 180 19.01 42.60 54.44
N ALA B 181 18.68 43.60 53.64
CA ALA B 181 18.83 43.50 52.19
C ALA B 181 20.26 43.81 51.79
N THR B 182 20.70 43.25 50.67
CA THR B 182 22.05 43.55 50.17
C THR B 182 22.10 43.56 48.65
N TYR B 183 23.11 44.23 48.10
CA TYR B 183 23.30 44.31 46.66
C TYR B 183 24.43 43.42 46.19
N ARG B 184 24.14 42.57 45.22
CA ARG B 184 25.02 41.48 44.82
C ARG B 184 25.32 41.66 43.34
N PRO B 185 26.61 41.63 42.96
CA PRO B 185 26.93 41.81 41.55
C PRO B 185 26.44 40.65 40.72
N ILE B 186 26.10 40.95 39.48
CA ILE B 186 25.39 40.03 38.65
C ILE B 186 26.04 40.08 37.28
N PHE B 187 26.97 41.03 37.15
CA PHE B 187 27.58 41.39 35.89
C PHE B 187 28.86 42.15 36.21
N ILE B 188 29.99 41.75 35.63
CA ILE B 188 31.26 42.44 35.84
C ILE B 188 32.03 42.50 34.53
N SER B 189 32.12 43.67 33.93
CA SER B 189 32.70 43.79 32.60
C SER B 189 34.22 43.64 32.61
N LYS B 190 34.75 43.61 31.40
CA LYS B 190 36.17 43.75 31.16
C LYS B 190 36.61 45.15 31.60
N THR B 191 37.91 45.36 31.75
CA THR B 191 38.43 46.66 32.14
C THR B 191 38.63 47.57 30.92
N PHE B 192 38.15 48.81 31.02
CA PHE B 192 38.39 49.80 30.00
C PHE B 192 39.30 50.90 30.52
N SER B 193 39.67 51.83 29.65
CA SER B 193 40.43 52.99 30.06
C SER B 193 40.28 54.12 29.06
N ASP B 194 40.36 55.35 29.57
CA ASP B 194 40.38 56.55 28.75
C ASP B 194 41.13 57.59 29.54
N ASN B 195 41.99 58.35 28.87
CA ASN B 195 42.69 59.45 29.51
C ASN B 195 43.45 59.00 30.76
N GLY B 196 44.00 57.79 30.72
CA GLY B 196 44.78 57.26 31.82
C GLY B 196 43.99 56.82 33.04
N VAL B 197 42.69 56.61 32.84
CA VAL B 197 41.81 56.19 33.93
C VAL B 197 41.20 54.83 33.64
N PRO B 198 41.60 53.80 34.42
CA PRO B 198 41.00 52.48 34.25
C PRO B 198 39.61 52.40 34.89
N TYR B 199 38.70 51.66 34.26
CA TYR B 199 37.38 51.44 34.85
C TYR B 199 36.62 50.23 34.28
N ASP B 200 35.59 49.84 35.03
CA ASP B 200 34.83 48.61 34.88
C ASP B 200 33.36 48.98 34.87
N PHE B 201 32.52 48.07 34.40
CA PHE B 201 31.08 48.22 34.58
C PHE B 201 30.52 47.03 35.33
N VAL B 202 29.86 47.30 36.46
CA VAL B 202 29.16 46.23 37.14
C VAL B 202 27.69 46.56 37.32
N VAL B 203 26.90 45.52 37.50
CA VAL B 203 25.48 45.65 37.79
C VAL B 203 25.18 44.85 39.05
N LEU B 204 24.59 45.50 40.04
CA LEU B 204 24.23 44.83 41.28
C LEU B 204 22.72 44.71 41.36
N GLU B 205 22.20 43.62 41.92
CA GLU B 205 20.77 43.51 42.14
C GLU B 205 20.45 43.36 43.63
N LYS B 206 19.44 44.09 44.10
CA LYS B 206 18.97 43.96 45.47
C LYS B 206 18.42 42.55 45.64
N ARG B 207 18.84 41.87 46.70
CA ARG B 207 18.54 40.47 46.88
C ARG B 207 18.06 40.22 48.30
N SER B 241 12.28 20.56 15.97
CA SER B 241 12.27 19.21 15.47
C SER B 241 13.70 18.68 15.38
N SER B 242 14.58 19.49 14.80
CA SER B 242 15.95 19.06 14.65
C SER B 242 16.65 18.97 16.00
N ALA B 243 16.25 19.83 16.94
CA ALA B 243 16.73 19.71 18.30
C ALA B 243 16.07 18.52 18.99
N ALA B 244 14.88 18.15 18.53
CA ALA B 244 14.19 16.99 19.09
C ALA B 244 14.81 15.70 18.57
N ALA B 245 15.15 15.69 17.28
CA ALA B 245 15.81 14.53 16.67
C ALA B 245 17.11 14.24 17.39
N ILE B 246 17.84 15.30 17.68
CA ILE B 246 19.18 15.21 18.23
C ILE B 246 19.20 14.89 19.72
N ALA B 247 18.16 15.32 20.43
CA ALA B 247 18.09 15.20 21.89
C ALA B 247 18.43 13.83 22.49
N PRO B 248 17.77 12.75 22.02
CA PRO B 248 18.06 11.45 22.64
C PRO B 248 19.52 11.05 22.46
N VAL B 249 20.16 11.54 21.41
CA VAL B 249 21.55 11.21 21.17
C VAL B 249 22.49 11.98 22.09
N LEU B 250 22.26 13.27 22.26
CA LEU B 250 23.05 14.06 23.21
C LEU B 250 22.87 13.53 24.62
N ALA B 251 21.65 13.13 24.95
CA ALA B 251 21.36 12.66 26.30
C ALA B 251 22.21 11.47 26.69
N TRP B 252 22.32 10.48 25.82
CA TRP B 252 23.12 9.30 26.18
C TRP B 252 24.61 9.58 26.17
N MET B 253 25.05 10.49 25.31
CA MET B 253 26.45 10.85 25.24
C MET B 253 26.89 11.62 26.48
N ASP B 254 25.94 12.27 27.13
CA ASP B 254 26.24 13.07 28.32
C ASP B 254 26.11 12.28 29.62
N GLU B 255 25.28 11.24 29.61
CA GLU B 255 24.97 10.45 30.82
C GLU B 255 26.18 10.28 31.73
N GLU B 256 27.05 9.34 31.40
CA GLU B 256 28.32 9.27 32.07
C GLU B 256 29.22 10.33 31.44
N ASP B 257 29.64 11.32 32.21
CA ASP B 257 29.35 11.39 33.65
C ASP B 257 28.81 12.78 34.00
N LYS B 264 31.87 15.77 43.18
CA LYS B 264 30.44 15.61 43.32
C LYS B 264 29.73 16.95 43.54
N GLU B 265 30.31 17.79 44.39
CA GLU B 265 29.85 19.18 44.44
C GLU B 265 30.91 20.13 43.93
N LEU B 266 30.61 20.70 42.76
CA LEU B 266 31.53 21.52 42.02
C LEU B 266 31.73 22.82 42.76
N ILE B 267 32.94 23.33 42.74
CA ILE B 267 33.10 24.72 43.14
C ILE B 267 33.10 25.60 41.90
N ARG B 268 32.76 26.86 42.10
CA ARG B 268 32.69 27.83 41.02
C ARG B 268 33.01 29.19 41.61
N ALA B 269 33.73 30.01 40.86
CA ALA B 269 34.04 31.35 41.32
C ALA B 269 32.79 32.20 41.27
N VAL B 270 32.54 32.92 42.37
CA VAL B 270 31.38 33.80 42.55
C VAL B 270 30.18 33.49 41.64
N PRO B 271 29.51 32.37 41.93
CA PRO B 271 28.49 31.82 41.03
C PRO B 271 27.34 32.78 40.75
N HIS B 272 27.15 33.78 41.60
CA HIS B 272 26.09 34.76 41.41
C HIS B 272 26.35 35.72 40.23
N VAL B 273 27.59 35.79 39.76
CA VAL B 273 27.91 36.62 38.60
C VAL B 273 27.66 35.85 37.31
N HIS B 274 26.70 36.30 36.53
CA HIS B 274 26.33 35.61 35.31
C HIS B 274 27.16 36.04 34.14
N PHE B 275 27.25 37.35 33.97
CA PHE B 275 27.96 37.91 32.85
C PHE B 275 29.37 38.23 33.33
N ARG B 276 30.30 37.37 32.91
CA ARG B 276 31.62 37.32 33.51
C ARG B 276 32.66 37.76 32.49
N GLY B 277 32.64 39.04 32.17
CA GLY B 277 33.49 39.61 31.14
C GLY B 277 34.90 39.92 31.63
N HIS B 278 35.05 40.16 32.92
CA HIS B 278 36.36 40.45 33.50
C HIS B 278 37.35 39.34 33.16
N GLU B 279 38.49 39.71 32.61
CA GLU B 279 39.46 38.70 32.14
C GLU B 279 40.06 37.87 33.27
N GLU B 280 39.96 38.36 34.50
CA GLU B 280 40.45 37.61 35.65
C GLU B 280 39.64 36.31 35.86
N PHE B 281 38.45 36.23 35.28
CA PHE B 281 37.63 35.02 35.39
C PHE B 281 38.32 33.80 34.77
N GLN B 282 39.20 34.04 33.81
CA GLN B 282 39.97 32.94 33.24
C GLN B 282 40.80 32.27 34.32
N TYR B 283 41.40 33.08 35.18
CA TYR B 283 42.23 32.55 36.25
C TYR B 283 41.37 31.89 37.32
N LEU B 284 40.27 32.53 37.69
CA LEU B 284 39.35 31.98 38.66
C LEU B 284 38.71 30.68 38.15
N ASP B 285 38.29 30.68 36.89
CA ASP B 285 37.71 29.48 36.29
C ASP B 285 38.75 28.37 36.21
N LEU B 286 40.01 28.74 35.97
CA LEU B 286 41.10 27.76 35.89
C LEU B 286 41.27 27.04 37.22
N ILE B 287 41.26 27.80 38.32
CA ILE B 287 41.34 27.22 39.65
C ILE B 287 40.18 26.25 39.89
N ALA B 288 38.97 26.69 39.55
CA ALA B 288 37.78 25.87 39.73
C ALA B 288 37.90 24.59 38.93
N ASP B 289 38.29 24.70 37.66
CA ASP B 289 38.42 23.54 36.79
C ASP B 289 39.46 22.53 37.29
N ILE B 290 40.57 23.01 37.84
CA ILE B 290 41.59 22.09 38.34
C ILE B 290 41.12 21.35 39.58
N ILE B 291 40.51 22.07 40.50
CA ILE B 291 40.01 21.46 41.72
C ILE B 291 38.85 20.52 41.43
N ASN B 292 38.02 20.86 40.45
CA ASN B 292 36.89 20.00 40.10
C ASN B 292 37.25 18.80 39.23
N ASN B 293 38.14 19.00 38.27
CA ASN B 293 38.36 18.00 37.23
C ASN B 293 39.80 17.50 37.13
N GLY B 294 40.70 18.09 37.89
CA GLY B 294 42.08 17.64 37.89
C GLY B 294 42.19 16.29 38.55
N ARG B 295 43.35 15.66 38.44
CA ARG B 295 43.61 14.41 39.11
C ARG B 295 44.62 14.65 40.22
N THR B 296 44.45 13.96 41.34
CA THR B 296 45.37 14.04 42.46
C THR B 296 46.64 13.26 42.18
N MET B 297 47.79 13.94 42.25
CA MET B 297 49.07 13.31 41.90
C MET B 297 50.15 13.64 42.91
N ASP B 298 51.19 12.81 42.92
CA ASP B 298 52.40 13.12 43.66
C ASP B 298 53.23 14.10 42.85
N ASP B 299 54.34 14.55 43.43
CA ASP B 299 55.20 15.55 42.79
C ASP B 299 56.54 15.63 43.51
N ARG B 300 57.51 16.27 42.88
CA ARG B 300 58.88 16.37 43.38
C ARG B 300 58.99 16.86 44.83
N THR B 301 58.15 17.83 45.18
CA THR B 301 58.26 18.51 46.48
C THR B 301 57.76 17.68 47.65
N GLY B 302 56.90 16.69 47.37
CA GLY B 302 56.35 15.85 48.41
C GLY B 302 55.00 16.32 48.91
N VAL B 303 54.63 17.54 48.53
CA VAL B 303 53.40 18.17 49.01
C VAL B 303 52.15 17.55 48.39
N GLY B 304 52.22 17.21 47.11
CA GLY B 304 51.06 16.67 46.41
C GLY B 304 50.27 17.77 45.73
N VAL B 305 49.70 17.44 44.57
CA VAL B 305 48.98 18.43 43.79
C VAL B 305 47.71 17.83 43.20
N ILE B 306 46.86 18.71 42.71
CA ILE B 306 45.79 18.30 41.81
C ILE B 306 46.15 18.95 40.48
N SER B 307 46.17 18.17 39.40
CA SER B 307 46.73 18.70 38.17
C SER B 307 45.95 18.40 36.90
N LYS B 308 46.13 19.29 35.92
CA LYS B 308 45.64 19.10 34.57
C LYS B 308 46.80 19.44 33.66
N PHE B 309 46.63 19.20 32.36
CA PHE B 309 47.70 19.37 31.40
C PHE B 309 47.17 20.10 30.19
N GLY B 310 47.84 21.17 29.79
CA GLY B 310 47.43 21.90 28.61
C GLY B 310 46.30 22.87 28.90
N CYS B 311 46.66 24.03 29.44
CA CYS B 311 45.68 25.04 29.75
C CYS B 311 46.15 26.35 29.12
N THR B 312 45.23 27.30 29.03
CA THR B 312 45.43 28.44 28.16
C THR B 312 44.69 29.65 28.72
N MET B 313 45.38 30.79 28.75
CA MET B 313 44.74 32.05 29.09
C MET B 313 45.26 33.12 28.17
N ARG B 314 44.47 34.18 27.98
CA ARG B 314 45.00 35.34 27.30
C ARG B 314 44.48 36.66 27.85
N TYR B 315 45.39 37.61 27.96
CA TYR B 315 45.09 38.87 28.60
C TYR B 315 45.38 40.04 27.68
N SER B 316 44.38 40.89 27.52
CA SER B 316 44.51 42.06 26.68
C SER B 316 45.33 43.13 27.42
N LEU B 317 46.12 43.89 26.67
CA LEU B 317 47.06 44.84 27.28
C LEU B 317 46.89 46.26 26.75
N ASP B 318 45.88 46.49 25.92
CA ASP B 318 45.73 47.79 25.26
C ASP B 318 45.01 48.81 26.11
N GLN B 319 44.29 48.36 27.13
CA GLN B 319 43.49 49.26 27.94
C GLN B 319 44.02 49.28 29.36
N ALA B 320 44.40 48.10 29.83
CA ALA B 320 44.76 47.94 31.21
C ALA B 320 45.75 46.81 31.34
N PHE B 321 46.11 46.48 32.57
CA PHE B 321 47.21 45.57 32.79
C PHE B 321 46.78 44.48 33.76
N PRO B 322 47.04 43.23 33.40
CA PRO B 322 46.47 42.10 34.14
C PRO B 322 47.23 41.81 35.42
N LEU B 323 47.20 42.76 36.35
CA LEU B 323 47.73 42.52 37.67
C LEU B 323 46.54 42.10 38.52
N LEU B 324 46.58 40.85 38.97
CA LEU B 324 45.39 40.21 39.54
C LEU B 324 44.83 40.95 40.75
N THR B 325 43.52 40.93 40.88
CA THR B 325 42.89 41.73 41.91
C THR B 325 42.24 40.90 43.01
N THR B 326 42.13 39.60 42.84
CA THR B 326 41.47 38.80 43.87
C THR B 326 42.42 38.48 45.03
N LYS B 327 43.68 38.88 44.87
CA LYS B 327 44.64 38.87 45.97
C LYS B 327 45.74 39.82 45.54
N ARG B 328 46.33 40.52 46.49
CA ARG B 328 47.38 41.45 46.14
C ARG B 328 48.57 40.71 45.52
N VAL B 329 48.95 41.12 44.32
CA VAL B 329 50.14 40.56 43.68
C VAL B 329 51.37 41.40 44.04
N PHE B 330 52.48 40.71 44.30
CA PHE B 330 53.75 41.31 44.72
C PHE B 330 54.46 42.01 43.56
N TRP B 331 53.99 43.21 43.22
CA TRP B 331 54.47 43.91 42.04
C TRP B 331 55.96 44.23 42.05
N LYS B 332 56.48 44.69 43.18
CA LYS B 332 57.89 45.02 43.30
C LYS B 332 58.72 43.79 42.93
N GLY B 333 58.26 42.62 43.39
CA GLY B 333 58.93 41.38 43.09
C GLY B 333 58.94 41.06 41.59
N VAL B 334 57.81 41.29 40.93
CA VAL B 334 57.68 41.03 39.50
C VAL B 334 58.67 41.88 38.72
N LEU B 335 58.66 43.16 39.01
CA LEU B 335 59.51 44.12 38.35
C LEU B 335 60.99 43.84 38.59
N GLU B 336 61.37 43.53 39.83
CA GLU B 336 62.78 43.30 40.13
C GLU B 336 63.29 41.99 39.53
N GLU B 337 62.45 40.96 39.55
CA GLU B 337 62.85 39.69 38.96
C GLU B 337 63.10 39.86 37.47
N LEU B 338 62.19 40.58 36.81
CA LEU B 338 62.29 40.79 35.37
C LEU B 338 63.53 41.60 34.98
N LEU B 339 63.84 42.68 35.70
CA LEU B 339 65.04 43.44 35.40
C LEU B 339 66.28 42.59 35.63
N TRP B 340 66.19 41.71 36.62
CA TRP B 340 67.25 40.78 36.97
C TRP B 340 67.48 39.77 35.84
N PHE B 341 66.40 39.24 35.29
CA PHE B 341 66.48 38.38 34.11
C PHE B 341 67.17 39.12 32.97
N ILE B 342 66.70 40.32 32.70
CA ILE B 342 67.16 41.11 31.56
C ILE B 342 68.66 41.41 31.61
N ARG B 343 69.21 41.57 32.81
CA ARG B 343 70.64 41.79 32.97
C ARG B 343 71.44 40.52 32.80
N GLY B 344 70.78 39.38 32.75
CA GLY B 344 71.50 38.12 32.66
C GLY B 344 72.13 37.74 34.00
N ASP B 345 71.58 38.30 35.06
CA ASP B 345 72.07 38.06 36.41
C ASP B 345 71.61 36.70 36.93
N THR B 346 72.52 35.98 37.60
CA THR B 346 72.21 34.67 38.16
C THR B 346 72.50 34.60 39.66
N ASN B 347 72.72 35.76 40.25
CA ASN B 347 72.93 35.87 41.68
C ASN B 347 71.63 36.30 42.34
N ALA B 348 70.99 35.38 43.05
CA ALA B 348 69.73 35.67 43.71
C ALA B 348 69.86 36.56 44.95
N ASN B 349 71.07 36.65 45.50
CA ASN B 349 71.31 37.57 46.61
C ASN B 349 71.07 39.03 46.20
N HIS B 350 71.21 39.34 44.90
CA HIS B 350 70.90 40.67 44.42
C HIS B 350 69.40 40.97 44.54
N LEU B 351 68.56 39.95 44.37
CA LEU B 351 67.12 40.09 44.56
C LEU B 351 66.82 40.19 46.04
N SER B 352 67.39 39.26 46.80
CA SER B 352 67.11 39.15 48.23
C SER B 352 67.53 40.41 48.98
N GLU B 353 68.64 41.00 48.56
N GLU B 353 68.64 41.01 48.54
CA GLU B 353 69.11 42.24 49.17
CA GLU B 353 69.13 42.23 49.14
C GLU B 353 68.05 43.33 49.01
C GLU B 353 68.19 43.42 48.90
N LYS B 354 67.32 43.31 47.90
CA LYS B 354 66.28 44.31 47.63
C LYS B 354 64.95 43.95 48.29
N GLY B 355 64.92 42.90 49.10
CA GLY B 355 63.68 42.49 49.73
C GLY B 355 62.81 41.58 48.86
N VAL B 356 63.39 41.07 47.78
CA VAL B 356 62.68 40.13 46.92
C VAL B 356 63.29 38.74 47.10
N LYS B 357 62.63 37.92 47.92
CA LYS B 357 63.21 36.68 48.40
C LYS B 357 62.70 35.45 47.66
N ILE B 358 62.00 35.68 46.55
CA ILE B 358 61.32 34.63 45.80
C ILE B 358 62.21 33.44 45.42
N TRP B 359 63.52 33.64 45.28
CA TRP B 359 64.40 32.57 44.86
C TRP B 359 65.21 31.92 45.97
N ASP B 360 65.08 32.43 47.19
CA ASP B 360 66.02 32.05 48.25
C ASP B 360 65.98 30.58 48.66
N LYS B 361 64.80 29.98 48.70
CA LYS B 361 64.69 28.60 49.16
C LYS B 361 65.19 27.59 48.12
N ASN B 362 65.32 28.01 46.88
CA ASN B 362 65.84 27.12 45.86
C ASN B 362 67.33 27.35 45.59
N VAL B 363 67.97 28.17 46.42
CA VAL B 363 69.42 28.35 46.31
C VAL B 363 70.14 28.34 47.66
N THR B 364 69.53 27.69 48.65
CA THR B 364 70.20 27.43 49.92
C THR B 364 71.21 26.31 49.72
N ARG B 365 72.17 26.21 50.64
CA ARG B 365 73.18 25.16 50.63
C ARG B 365 72.51 23.79 50.50
N GLU B 366 71.49 23.58 51.33
CA GLU B 366 70.72 22.36 51.32
C GLU B 366 70.04 22.05 49.97
N PHE B 367 69.42 23.03 49.32
CA PHE B 367 68.76 22.72 48.06
C PHE B 367 69.77 22.44 46.95
N LEU B 368 70.84 23.22 46.91
CA LEU B 368 71.85 23.07 45.88
C LEU B 368 72.50 21.68 45.99
N ASP B 369 72.75 21.24 47.22
CA ASP B 369 73.28 19.90 47.45
C ASP B 369 72.31 18.82 46.98
N SER B 370 71.01 19.06 47.18
CA SER B 370 70.01 18.11 46.72
C SER B 370 70.03 18.03 45.19
N ARG B 371 70.47 19.12 44.56
CA ARG B 371 70.60 19.15 43.11
C ARG B 371 71.97 18.65 42.63
N ASN B 372 72.75 18.07 43.56
CA ASN B 372 74.13 17.66 43.27
C ASN B 372 75.01 18.83 42.87
N LEU B 373 74.84 19.96 43.53
CA LEU B 373 75.64 21.12 43.21
C LEU B 373 76.40 21.66 44.41
N PRO B 374 77.27 20.82 45.03
CA PRO B 374 77.91 21.27 46.25
C PRO B 374 78.90 22.42 46.01
N HIS B 375 79.33 22.57 44.76
CA HIS B 375 80.30 23.61 44.40
C HIS B 375 79.66 24.97 44.13
N ARG B 376 78.33 25.04 44.13
CA ARG B 376 77.66 26.33 43.95
C ARG B 376 77.64 27.12 45.23
N GLU B 377 77.87 28.42 45.11
CA GLU B 377 77.76 29.33 46.22
C GLU B 377 76.28 29.59 46.47
N VAL B 378 75.91 29.75 47.75
CA VAL B 378 74.55 30.09 48.13
C VAL B 378 74.05 31.29 47.33
N GLY B 379 72.88 31.15 46.71
CA GLY B 379 72.33 32.24 45.92
C GLY B 379 72.57 32.12 44.42
N ASP B 380 73.39 31.17 44.02
CA ASP B 380 73.72 31.01 42.61
C ASP B 380 72.71 30.09 41.93
N ILE B 381 71.85 30.66 41.08
CA ILE B 381 70.86 29.86 40.36
C ILE B 381 71.45 29.07 39.19
N GLY B 382 72.73 29.24 38.91
CA GLY B 382 73.35 28.54 37.79
C GLY B 382 72.98 29.24 36.49
N PRO B 383 73.26 28.58 35.36
CA PRO B 383 73.00 29.18 34.04
C PRO B 383 71.52 29.13 33.65
N GLY B 384 70.67 29.75 34.45
CA GLY B 384 69.24 29.72 34.21
C GLY B 384 68.70 31.01 33.63
N TYR B 385 67.36 31.09 33.56
CA TYR B 385 66.60 32.16 32.91
C TYR B 385 67.37 33.24 32.13
N GLY B 386 67.72 34.32 32.81
CA GLY B 386 68.36 35.46 32.18
C GLY B 386 69.69 35.14 31.51
N PHE B 387 70.45 34.22 32.09
CA PHE B 387 71.70 33.80 31.48
C PHE B 387 71.47 33.21 30.11
N GLN B 388 70.43 32.39 29.98
CA GLN B 388 70.10 31.78 28.68
C GLN B 388 69.51 32.81 27.71
N TRP B 389 68.71 33.75 28.23
CA TRP B 389 68.16 34.83 27.40
C TRP B 389 69.26 35.63 26.73
N ARG B 390 70.28 35.97 27.50
CA ARG B 390 71.28 36.92 27.05
C ARG B 390 72.55 36.21 26.57
N HIS B 391 72.76 34.97 27.00
CA HIS B 391 73.99 34.26 26.69
C HIS B 391 73.77 32.80 26.41
N PHE B 392 72.76 32.47 25.60
CA PHE B 392 72.42 31.08 25.37
C PHE B 392 73.61 30.26 24.91
N GLY B 393 73.89 29.19 25.65
CA GLY B 393 74.92 28.25 25.25
C GLY B 393 76.31 28.58 25.75
N ALA B 394 76.47 29.71 26.43
CA ALA B 394 77.77 30.08 26.95
C ALA B 394 78.15 29.14 28.09
N ALA B 395 79.45 28.99 28.32
CA ALA B 395 79.93 28.10 29.36
C ALA B 395 79.84 28.80 30.71
N TYR B 396 79.11 28.21 31.65
CA TYR B 396 78.91 28.84 32.95
C TYR B 396 80.08 28.57 33.91
N LYS B 397 80.47 29.62 34.63
CA LYS B 397 81.49 29.51 35.64
C LYS B 397 80.82 29.68 37.00
N ASP B 398 80.55 30.93 37.37
CA ASP B 398 79.74 31.23 38.55
C ASP B 398 78.95 32.51 38.35
N MET B 399 78.29 32.96 39.41
CA MET B 399 77.43 34.13 39.31
C MET B 399 78.19 35.45 39.36
N HIS B 400 79.49 35.40 39.62
CA HIS B 400 80.29 36.63 39.64
C HIS B 400 81.07 36.83 38.35
N THR B 401 80.86 35.94 37.38
CA THR B 401 81.61 36.04 36.13
C THR B 401 80.93 37.03 35.19
N ASP B 402 81.72 37.70 34.36
CA ASP B 402 81.19 38.58 33.34
C ASP B 402 81.12 37.81 32.02
N TYR B 403 79.92 37.67 31.49
CA TYR B 403 79.68 36.83 30.32
C TYR B 403 79.49 37.66 29.07
N THR B 404 79.76 38.95 29.19
CA THR B 404 79.59 39.91 28.11
C THR B 404 80.12 39.37 26.76
N GLY B 405 79.29 39.45 25.73
CA GLY B 405 79.65 38.96 24.42
C GLY B 405 79.55 37.45 24.20
N GLN B 406 79.46 36.68 25.28
CA GLN B 406 79.41 35.22 25.17
C GLN B 406 77.99 34.70 24.94
N GLY B 407 77.88 33.62 24.16
CA GLY B 407 76.59 33.00 23.90
C GLY B 407 75.75 33.82 22.95
N VAL B 408 74.50 33.42 22.75
CA VAL B 408 73.61 34.13 21.86
C VAL B 408 72.71 35.08 22.64
N ASP B 409 72.70 36.35 22.25
CA ASP B 409 71.82 37.31 22.90
C ASP B 409 70.47 37.29 22.20
N GLN B 410 69.63 36.36 22.63
CA GLN B 410 68.34 36.13 22.01
C GLN B 410 67.44 37.35 22.13
N LEU B 411 67.46 37.96 23.31
CA LEU B 411 66.64 39.12 23.57
C LEU B 411 66.98 40.25 22.59
N LYS B 412 68.27 40.49 22.39
CA LYS B 412 68.69 41.49 21.41
C LYS B 412 68.23 41.12 20.01
N ASN B 413 68.42 39.86 19.61
CA ASN B 413 67.96 39.41 18.31
C ASN B 413 66.46 39.58 18.10
N VAL B 414 65.67 39.27 19.12
CA VAL B 414 64.23 39.42 19.04
C VAL B 414 63.88 40.88 18.77
N ILE B 415 64.49 41.77 19.54
CA ILE B 415 64.24 43.20 19.40
C ILE B 415 64.66 43.70 18.02
N GLN B 416 65.83 43.30 17.56
CA GLN B 416 66.32 43.74 16.25
C GLN B 416 65.39 43.27 15.13
N MET B 417 64.88 42.05 15.23
CA MET B 417 63.97 41.56 14.23
C MET B 417 62.62 42.31 14.29
N LEU B 418 62.14 42.60 15.50
CA LEU B 418 60.93 43.37 15.67
C LEU B 418 61.06 44.74 15.03
N ARG B 419 62.24 45.34 15.11
CA ARG B 419 62.43 46.67 14.56
C ARG B 419 62.63 46.70 13.04
N THR B 420 63.14 45.62 12.45
CA THR B 420 63.52 45.64 11.04
C THR B 420 62.65 44.79 10.13
N ASN B 421 62.13 43.68 10.65
CA ASN B 421 61.36 42.76 9.81
C ASN B 421 60.32 42.03 10.64
N PRO B 422 59.24 42.73 11.01
CA PRO B 422 58.37 42.21 12.05
C PRO B 422 57.41 41.11 11.57
N THR B 423 57.46 40.76 10.29
CA THR B 423 56.66 39.66 9.77
C THR B 423 57.41 38.33 9.87
N ASP B 424 58.64 38.39 10.38
CA ASP B 424 59.45 37.19 10.57
C ASP B 424 58.79 36.27 11.61
N ARG B 425 58.89 34.97 11.40
CA ARG B 425 58.15 34.03 12.25
C ARG B 425 59.04 33.29 13.23
N ARG B 426 60.25 33.81 13.43
CA ARG B 426 61.24 33.20 14.29
C ARG B 426 61.59 34.08 15.49
N MET B 427 60.69 34.96 15.87
CA MET B 427 60.94 35.86 17.00
C MET B 427 60.63 35.19 18.33
N LEU B 428 61.58 34.35 18.76
CA LEU B 428 61.44 33.52 19.94
C LEU B 428 62.63 33.66 20.84
N MET B 429 62.40 33.42 22.11
CA MET B 429 63.47 33.40 23.08
C MET B 429 63.22 32.17 23.93
N THR B 430 64.26 31.36 24.17
CA THR B 430 64.09 30.18 24.99
C THR B 430 65.05 30.17 26.18
N ALA B 431 64.62 29.53 27.25
CA ALA B 431 65.48 29.33 28.40
C ALA B 431 65.85 27.87 28.52
N TRP B 432 65.22 27.04 27.68
CA TRP B 432 65.36 25.59 27.80
C TRP B 432 66.57 25.06 27.03
N ASN B 433 67.66 24.85 27.75
CA ASN B 433 68.90 24.35 27.18
C ASN B 433 69.26 23.03 27.85
N PRO B 434 68.97 21.91 27.18
CA PRO B 434 69.20 20.58 27.74
C PRO B 434 70.65 20.31 28.17
N ALA B 435 71.60 20.96 27.52
CA ALA B 435 73.01 20.76 27.86
C ALA B 435 73.34 21.36 29.22
N ALA B 436 72.47 22.24 29.71
CA ALA B 436 72.78 22.99 30.92
C ALA B 436 71.79 22.79 32.07
N LEU B 437 70.78 21.96 31.85
CA LEU B 437 69.73 21.77 32.85
C LEU B 437 70.23 21.32 34.24
N ASP B 438 71.15 20.36 34.25
CA ASP B 438 71.65 19.82 35.50
C ASP B 438 72.48 20.83 36.30
N GLU B 439 72.95 21.88 35.65
CA GLU B 439 73.78 22.90 36.30
C GLU B 439 72.93 23.98 36.96
N MET B 440 71.64 23.98 36.65
CA MET B 440 70.74 24.99 37.19
C MET B 440 70.14 24.53 38.52
N ALA B 441 69.83 25.47 39.38
CA ALA B 441 69.17 25.16 40.64
C ALA B 441 67.80 24.55 40.36
N LEU B 442 67.09 25.15 39.41
CA LEU B 442 65.80 24.65 38.97
C LEU B 442 65.72 24.78 37.47
N PRO B 443 65.30 23.72 36.80
CA PRO B 443 64.92 23.90 35.39
C PRO B 443 63.86 24.98 35.24
N PRO B 444 63.99 25.83 34.21
CA PRO B 444 63.08 26.96 34.01
C PRO B 444 61.65 26.49 33.84
N CYS B 445 60.72 27.22 34.46
CA CYS B 445 59.31 26.93 34.32
C CYS B 445 58.78 27.65 33.10
N HIS B 446 59.00 28.95 33.04
CA HIS B 446 58.66 29.70 31.85
C HIS B 446 59.85 29.63 30.90
N LEU B 447 59.68 28.87 29.83
CA LEU B 447 60.86 28.44 29.08
C LEU B 447 60.90 28.88 27.61
N LEU B 448 59.82 29.49 27.14
CA LEU B 448 59.80 29.99 25.78
C LEU B 448 58.81 31.13 25.67
N CYS B 449 59.17 32.13 24.90
CA CYS B 449 58.23 33.16 24.54
C CYS B 449 58.41 33.54 23.08
N GLN B 450 57.32 33.90 22.43
CA GLN B 450 57.36 34.25 21.01
C GLN B 450 56.56 35.53 20.81
N PHE B 451 57.07 36.39 19.94
CA PHE B 451 56.42 37.66 19.67
C PHE B 451 55.83 37.72 18.28
N TYR B 452 54.86 38.62 18.14
CA TYR B 452 54.10 38.74 16.93
C TYR B 452 53.62 40.18 16.78
N VAL B 453 53.67 40.69 15.56
CA VAL B 453 53.19 42.02 15.25
C VAL B 453 52.14 41.93 14.16
N ASN B 454 51.03 42.63 14.32
CA ASN B 454 50.06 42.65 13.24
C ASN B 454 50.31 43.80 12.26
N ASP B 455 49.26 44.22 11.56
CA ASP B 455 49.42 45.24 10.54
C ASP B 455 49.12 46.64 11.08
N GLN B 456 48.78 46.72 12.37
CA GLN B 456 48.50 47.99 13.03
C GLN B 456 49.60 48.29 14.04
N LYS B 457 50.77 47.71 13.84
CA LYS B 457 51.87 47.84 14.80
C LYS B 457 51.52 47.42 16.22
N GLU B 458 50.71 46.38 16.36
CA GLU B 458 50.39 45.89 17.69
C GLU B 458 51.19 44.64 18.04
N LEU B 459 51.74 44.64 19.24
CA LEU B 459 52.60 43.55 19.69
C LEU B 459 51.86 42.58 20.58
N SER B 460 52.04 41.29 20.31
CA SER B 460 51.53 40.23 21.15
C SER B 460 52.64 39.28 21.52
N CYS B 461 52.49 38.66 22.69
CA CYS B 461 53.49 37.75 23.19
C CYS B 461 52.84 36.48 23.70
N ILE B 462 53.41 35.35 23.31
CA ILE B 462 53.02 34.06 23.85
C ILE B 462 54.14 33.58 24.75
N MET B 463 53.77 33.12 25.94
CA MET B 463 54.75 32.43 26.76
C MET B 463 54.30 30.99 27.03
N TYR B 464 55.24 30.04 26.86
CA TYR B 464 54.97 28.66 27.22
C TYR B 464 55.63 28.31 28.54
N GLN B 465 54.84 27.76 29.45
CA GLN B 465 55.28 27.42 30.78
C GLN B 465 55.06 25.90 31.02
N ARG B 466 56.13 25.17 31.31
CA ARG B 466 56.02 23.71 31.46
C ARG B 466 55.32 23.30 32.74
N SER B 467 55.45 24.13 33.77
CA SER B 467 54.98 23.76 35.08
C SER B 467 54.40 25.00 35.74
N CYS B 468 53.14 24.91 36.15
CA CYS B 468 52.46 26.09 36.64
C CYS B 468 51.83 25.91 38.01
N ASP B 469 52.42 26.55 39.02
CA ASP B 469 51.88 26.59 40.36
C ASP B 469 50.77 27.64 40.35
N VAL B 470 49.54 27.17 40.18
CA VAL B 470 48.39 28.04 39.96
C VAL B 470 48.19 29.06 41.08
N GLY B 471 48.26 28.61 42.32
CA GLY B 471 48.02 29.51 43.43
C GLY B 471 49.13 30.55 43.58
N LEU B 472 50.37 30.10 43.54
CA LEU B 472 51.46 31.01 43.84
C LEU B 472 52.10 31.60 42.58
N GLY B 473 52.55 30.75 41.68
CA GLY B 473 53.35 31.20 40.55
C GLY B 473 52.62 31.95 39.45
N VAL B 474 51.47 31.45 39.04
CA VAL B 474 50.79 31.93 37.85
C VAL B 474 50.47 33.45 37.80
N PRO B 475 49.90 34.00 38.89
CA PRO B 475 49.62 35.44 38.85
C PRO B 475 50.90 36.25 38.64
N PHE B 476 51.99 35.77 39.22
CA PHE B 476 53.29 36.40 39.13
C PHE B 476 53.80 36.33 37.69
N ASN B 477 53.69 35.13 37.11
CA ASN B 477 54.14 34.90 35.74
C ASN B 477 53.33 35.73 34.73
N ILE B 478 52.04 35.85 34.96
CA ILE B 478 51.18 36.66 34.11
C ILE B 478 51.66 38.11 34.08
N ALA B 479 51.86 38.68 35.26
CA ALA B 479 52.32 40.06 35.36
C ALA B 479 53.71 40.24 34.72
N SER B 480 54.58 39.28 34.96
CA SER B 480 55.94 39.29 34.45
C SER B 480 56.03 39.40 32.92
N TYR B 481 55.32 38.53 32.22
CA TYR B 481 55.43 38.53 30.77
C TYR B 481 54.58 39.61 30.11
N SER B 482 53.52 40.02 30.79
CA SER B 482 52.76 41.17 30.35
C SER B 482 53.63 42.42 30.44
N LEU B 483 54.43 42.51 31.50
CA LEU B 483 55.34 43.63 31.66
C LEU B 483 56.47 43.62 30.63
N LEU B 484 57.04 42.44 30.38
CA LEU B 484 58.04 42.28 29.34
C LEU B 484 57.48 42.76 28.00
N THR B 485 56.21 42.47 27.76
CA THR B 485 55.55 42.84 26.52
C THR B 485 55.44 44.35 26.38
N LEU B 486 55.06 45.02 27.47
CA LEU B 486 55.03 46.48 27.49
C LEU B 486 56.42 47.06 27.20
N MET B 487 57.44 46.48 27.82
CA MET B 487 58.81 46.99 27.69
C MET B 487 59.32 46.84 26.26
N VAL B 488 59.06 45.67 25.67
CA VAL B 488 59.52 45.38 24.34
C VAL B 488 58.76 46.19 23.29
N ALA B 489 57.45 46.36 23.50
CA ALA B 489 56.65 47.22 22.64
C ALA B 489 57.23 48.62 22.61
N HIS B 490 57.58 49.14 23.78
CA HIS B 490 58.08 50.50 23.85
C HIS B 490 59.41 50.74 23.11
N VAL B 491 60.41 49.89 23.34
CA VAL B 491 61.69 50.11 22.65
C VAL B 491 61.62 49.76 21.16
N CYS B 492 60.53 49.12 20.73
CA CYS B 492 60.37 48.83 19.32
C CYS B 492 59.38 49.77 18.64
N ASN B 493 58.88 50.75 19.40
CA ASN B 493 57.88 51.69 18.89
C ASN B 493 56.62 50.97 18.41
N LEU B 494 56.20 49.96 19.16
CA LEU B 494 54.96 49.26 18.90
C LEU B 494 53.99 49.54 20.04
N LYS B 495 52.76 49.05 19.91
CA LYS B 495 51.77 49.18 20.97
C LYS B 495 51.43 47.79 21.49
N PRO B 496 51.43 47.62 22.82
CA PRO B 496 51.13 46.32 23.42
C PRO B 496 49.66 45.93 23.20
N LYS B 497 49.41 44.70 22.80
CA LYS B 497 48.04 44.26 22.54
C LYS B 497 47.59 43.10 23.43
N GLU B 498 48.38 42.03 23.48
CA GLU B 498 47.93 40.83 24.13
C GLU B 498 49.06 39.95 24.67
N PHE B 499 48.83 39.38 25.85
CA PHE B 499 49.69 38.35 26.36
C PHE B 499 48.93 37.03 26.32
N ILE B 500 49.55 36.02 25.73
CA ILE B 500 48.93 34.71 25.62
C ILE B 500 49.74 33.70 26.42
N HIS B 501 49.06 33.04 27.35
CA HIS B 501 49.71 32.17 28.31
C HIS B 501 49.39 30.71 28.00
N PHE B 502 50.40 29.97 27.55
CA PHE B 502 50.26 28.55 27.27
C PHE B 502 50.88 27.75 28.42
N MET B 503 50.12 26.81 28.98
CA MET B 503 50.55 26.10 30.19
C MET B 503 50.58 24.59 30.04
N GLY B 504 51.68 23.97 30.46
CA GLY B 504 51.79 22.53 30.44
C GLY B 504 51.15 21.88 31.66
N ASN B 505 51.99 21.39 32.57
CA ASN B 505 51.51 20.81 33.82
C ASN B 505 51.01 21.94 34.71
N THR B 506 49.70 21.98 34.88
CA THR B 506 49.07 23.11 35.53
C THR B 506 48.44 22.57 36.80
N HIS B 507 48.93 23.01 37.94
CA HIS B 507 48.61 22.32 39.17
C HIS B 507 48.35 23.21 40.37
N VAL B 508 47.53 22.68 41.28
CA VAL B 508 47.24 23.33 42.56
C VAL B 508 47.78 22.44 43.68
N TYR B 509 48.71 22.98 44.48
CA TYR B 509 49.25 22.23 45.62
C TYR B 509 48.17 22.00 46.66
N THR B 510 48.21 20.84 47.30
CA THR B 510 47.14 20.42 48.19
C THR B 510 46.98 21.36 49.38
N ASN B 511 48.09 21.94 49.83
CA ASN B 511 48.03 22.90 50.93
C ASN B 511 47.65 24.32 50.51
N HIS B 512 47.22 24.50 49.27
CA HIS B 512 46.72 25.81 48.83
C HIS B 512 45.22 25.80 48.64
N VAL B 513 44.61 24.62 48.66
CA VAL B 513 43.22 24.46 48.26
C VAL B 513 42.23 25.32 49.06
N GLU B 514 42.39 25.35 50.37
CA GLU B 514 41.53 26.14 51.23
C GLU B 514 41.66 27.63 50.95
N ALA B 515 42.89 28.11 50.85
CA ALA B 515 43.16 29.52 50.56
C ALA B 515 42.52 29.92 49.24
N LEU B 516 42.70 29.07 48.23
CA LEU B 516 42.11 29.32 46.92
C LEU B 516 40.60 29.31 46.95
N LYS B 517 40.01 28.55 47.86
CA LYS B 517 38.56 28.55 47.97
C LYS B 517 38.03 29.86 48.54
N GLU B 518 38.80 30.48 49.45
CA GLU B 518 38.49 31.83 49.90
C GLU B 518 38.59 32.82 48.74
N GLN B 519 39.67 32.70 47.96
CA GLN B 519 39.90 33.61 46.86
C GLN B 519 38.77 33.52 45.85
N LEU B 520 38.22 32.32 45.69
CA LEU B 520 37.19 32.12 44.70
C LEU B 520 35.85 32.75 45.11
N ARG B 521 35.79 33.27 46.33
CA ARG B 521 34.59 33.99 46.77
C ARG B 521 34.71 35.49 46.53
N ARG B 522 35.82 35.91 45.94
CA ARG B 522 36.06 37.34 45.74
C ARG B 522 35.72 37.78 44.33
N GLU B 523 34.96 38.87 44.22
CA GLU B 523 34.70 39.47 42.92
C GLU B 523 35.90 40.30 42.52
N PRO B 524 36.34 40.14 41.27
CA PRO B 524 37.46 40.94 40.79
C PRO B 524 37.16 42.42 40.66
N ARG B 525 38.21 43.21 40.85
CA ARG B 525 38.14 44.64 40.74
C ARG B 525 38.72 45.00 39.38
N PRO B 526 38.46 46.23 38.89
CA PRO B 526 39.01 46.63 37.60
C PRO B 526 40.52 46.50 37.62
N PHE B 527 41.12 46.05 36.52
CA PHE B 527 42.57 45.97 36.43
C PHE B 527 43.14 47.39 36.47
N PRO B 528 44.36 47.54 37.00
CA PRO B 528 45.05 48.83 36.99
C PRO B 528 45.67 49.09 35.63
N ILE B 529 46.23 50.28 35.41
CA ILE B 529 47.09 50.42 34.25
C ILE B 529 48.53 50.65 34.69
N VAL B 530 49.45 50.08 33.94
CA VAL B 530 50.85 50.28 34.21
C VAL B 530 51.38 51.27 33.17
N ASN B 531 52.04 52.32 33.65
CA ASN B 531 52.68 53.29 32.77
C ASN B 531 54.17 53.19 32.84
N ILE B 532 54.82 53.37 31.70
CA ILE B 532 56.25 53.52 31.67
C ILE B 532 56.55 55.00 31.85
N LEU B 533 57.36 55.31 32.86
CA LEU B 533 57.82 56.67 33.07
C LEU B 533 59.07 56.93 32.27
N ASN B 534 59.37 58.22 32.05
CA ASN B 534 60.59 58.65 31.39
C ASN B 534 60.80 57.97 30.05
N LYS B 535 59.75 57.91 29.24
CA LYS B 535 59.78 57.17 28.00
C LYS B 535 60.87 57.70 27.09
N GLU B 536 61.07 59.02 27.12
CA GLU B 536 62.05 59.67 26.27
C GLU B 536 63.48 59.21 26.57
N ARG B 537 63.75 58.85 27.81
CA ARG B 537 65.10 58.40 28.15
C ARG B 537 65.34 56.94 27.76
N ILE B 538 64.25 56.18 27.59
CA ILE B 538 64.36 54.74 27.42
C ILE B 538 64.31 54.32 25.96
N LYS B 539 65.43 53.82 25.47
CA LYS B 539 65.59 53.55 24.03
C LYS B 539 65.87 52.09 23.78
N GLU B 540 66.52 51.46 24.74
CA GLU B 540 66.93 50.08 24.59
C GLU B 540 66.46 49.30 25.80
N ILE B 541 66.32 47.99 25.65
CA ILE B 541 65.72 47.18 26.70
C ILE B 541 66.53 47.20 28.00
N ASP B 542 67.83 47.47 27.89
CA ASP B 542 68.69 47.54 29.06
C ASP B 542 68.52 48.84 29.84
N ASP B 543 67.85 49.82 29.23
CA ASP B 543 67.72 51.15 29.84
C ASP B 543 66.68 51.24 30.96
N PHE B 544 65.76 50.28 31.02
CA PHE B 544 64.74 50.30 32.07
C PHE B 544 65.35 50.12 33.46
N THR B 545 64.86 50.88 34.42
CA THR B 545 65.23 50.64 35.81
C THR B 545 63.98 50.42 36.65
N ALA B 546 64.18 50.11 37.92
CA ALA B 546 63.08 49.77 38.82
C ALA B 546 62.25 50.99 39.18
N GLU B 547 62.65 52.15 38.67
CA GLU B 547 61.99 53.40 39.00
C GLU B 547 61.23 53.97 37.81
N ASP B 548 61.20 53.22 36.71
CA ASP B 548 60.59 53.70 35.48
C ASP B 548 59.14 53.24 35.28
N PHE B 549 58.48 52.83 36.34
CA PHE B 549 57.12 52.31 36.21
C PHE B 549 56.18 52.89 37.27
N GLU B 550 54.92 53.09 36.91
CA GLU B 550 53.90 53.39 37.89
C GLU B 550 52.63 52.55 37.69
N VAL B 551 52.19 51.90 38.75
CA VAL B 551 50.94 51.16 38.74
C VAL B 551 49.84 52.08 39.23
N VAL B 552 48.86 52.29 38.37
CA VAL B 552 47.85 53.29 38.60
C VAL B 552 46.49 52.62 38.79
N GLY B 553 45.84 52.89 39.92
CA GLY B 553 44.50 52.40 40.18
C GLY B 553 44.38 50.92 40.56
N TYR B 554 45.38 50.41 41.26
CA TYR B 554 45.36 49.02 41.71
C TYR B 554 44.60 48.93 43.03
N VAL B 555 43.52 48.15 43.04
CA VAL B 555 42.69 48.02 44.23
C VAL B 555 42.31 46.57 44.51
N PRO B 556 43.29 45.76 44.94
CA PRO B 556 43.04 44.33 45.12
C PRO B 556 42.43 44.01 46.47
N HIS B 557 41.93 42.80 46.61
CA HIS B 557 41.59 42.27 47.93
C HIS B 557 42.90 41.95 48.64
N GLY B 558 42.80 41.54 49.90
CA GLY B 558 43.99 41.32 50.71
C GLY B 558 44.89 40.19 50.24
N ARG B 559 46.16 40.23 50.64
CA ARG B 559 47.07 39.13 50.35
C ARG B 559 46.55 37.86 51.00
N ILE B 560 46.82 36.74 50.36
CA ILE B 560 46.51 35.45 50.94
C ILE B 560 47.81 34.65 51.06
N GLN B 561 48.10 34.20 52.26
CA GLN B 561 49.31 33.45 52.52
C GLN B 561 49.24 32.10 51.81
N MET B 562 50.22 31.84 50.94
CA MET B 562 50.35 30.52 50.33
C MET B 562 51.80 30.08 50.39
N GLU B 563 52.03 28.98 51.10
CA GLU B 563 53.37 28.50 51.37
C GLU B 563 54.01 27.84 50.14
N MET B 564 55.25 28.20 49.84
CA MET B 564 55.94 27.65 48.67
C MET B 564 56.42 26.22 48.88
N ALA B 565 56.00 25.31 48.02
CA ALA B 565 56.54 23.96 48.04
C ALA B 565 57.95 23.97 47.43
N VAL B 566 58.94 23.60 48.23
CA VAL B 566 60.33 23.81 47.82
C VAL B 566 60.85 22.69 46.92
N PRO C 4 -75.26 25.18 65.18
CA PRO C 4 -73.95 25.11 64.52
C PRO C 4 -73.81 26.20 63.46
N VAL C 5 -73.01 27.21 63.74
CA VAL C 5 -73.02 28.43 62.95
C VAL C 5 -71.81 28.63 62.02
N CYS C 6 -71.99 29.41 60.96
CA CYS C 6 -70.91 29.82 60.08
C CYS C 6 -70.75 31.34 60.11
N LEU C 7 -69.51 31.80 60.15
CA LEU C 7 -69.21 33.22 60.10
C LEU C 7 -68.84 33.61 58.69
N VAL C 8 -69.30 34.77 58.22
CA VAL C 8 -68.85 35.26 56.94
C VAL C 8 -68.33 36.70 57.05
N VAL C 9 -67.12 36.90 56.54
CA VAL C 9 -66.36 38.15 56.75
C VAL C 9 -65.44 38.47 55.60
N ALA C 10 -65.23 39.77 55.38
CA ALA C 10 -64.12 40.24 54.57
C ALA C 10 -63.21 41.06 55.47
N MET C 11 -61.91 41.03 55.21
CA MET C 11 -60.94 41.36 56.24
C MET C 11 -59.60 41.75 55.62
N THR C 12 -58.96 42.80 56.14
CA THR C 12 -57.61 43.15 55.72
C THR C 12 -56.60 42.20 56.39
N PRO C 13 -55.30 42.27 56.00
CA PRO C 13 -54.34 41.37 56.65
C PRO C 13 -54.17 41.66 58.14
N LYS C 14 -54.58 42.85 58.56
CA LYS C 14 -54.51 43.19 59.98
C LYS C 14 -55.85 43.00 60.68
N ARG C 15 -56.71 42.21 60.05
CA ARG C 15 -58.04 41.87 60.57
C ARG C 15 -59.01 43.04 60.54
N GLY C 16 -58.69 44.07 59.77
CA GLY C 16 -59.55 45.24 59.69
C GLY C 16 -60.81 44.98 58.89
N ILE C 17 -61.97 45.38 59.42
CA ILE C 17 -63.23 45.12 58.73
C ILE C 17 -64.10 46.34 58.46
N GLY C 18 -63.86 47.44 59.15
CA GLY C 18 -64.71 48.60 59.00
C GLY C 18 -64.11 49.93 59.45
N ILE C 19 -64.68 51.02 58.94
CA ILE C 19 -64.34 52.36 59.38
C ILE C 19 -65.53 53.32 59.17
N ASN C 20 -65.84 54.10 60.20
CA ASN C 20 -66.99 55.01 60.19
C ASN C 20 -68.29 54.36 59.80
N ASN C 21 -68.52 53.17 60.34
CA ASN C 21 -69.72 52.41 60.05
C ASN C 21 -69.89 52.11 58.57
N GLY C 22 -68.78 52.05 57.85
CA GLY C 22 -68.79 51.62 56.47
C GLY C 22 -67.67 50.61 56.24
N LEU C 23 -67.52 50.18 55.00
CA LEU C 23 -66.46 49.25 54.62
C LEU C 23 -65.21 50.05 54.30
N PRO C 24 -64.03 49.46 54.53
CA PRO C 24 -62.77 50.20 54.39
C PRO C 24 -62.27 50.37 52.95
N TRP C 25 -62.67 49.48 52.04
CA TRP C 25 -62.15 49.43 50.67
C TRP C 25 -63.19 49.91 49.68
N PRO C 26 -62.79 50.17 48.42
CA PRO C 26 -63.82 50.42 47.42
C PRO C 26 -64.65 49.16 47.18
N HIS C 27 -65.69 49.30 46.35
N HIS C 27 -65.72 49.30 46.41
CA HIS C 27 -66.64 48.21 46.14
CA HIS C 27 -66.65 48.21 46.18
C HIS C 27 -66.02 46.98 45.48
C HIS C 27 -65.95 47.00 45.56
N LEU C 28 -66.22 45.82 46.12
CA LEU C 28 -65.67 44.58 45.62
C LEU C 28 -66.81 43.71 45.15
N THR C 29 -67.18 43.84 43.88
CA THR C 29 -68.40 43.20 43.39
C THR C 29 -68.38 41.67 43.45
N THR C 30 -67.22 41.06 43.23
CA THR C 30 -67.15 39.62 43.35
C THR C 30 -67.36 39.17 44.81
N ASP C 31 -66.82 39.91 45.76
CA ASP C 31 -67.07 39.60 47.17
C ASP C 31 -68.56 39.69 47.48
N PHE C 32 -69.24 40.67 46.90
CA PHE C 32 -70.67 40.80 47.15
C PHE C 32 -71.47 39.65 46.55
N LYS C 33 -71.02 39.18 45.38
CA LYS C 33 -71.64 38.03 44.76
C LYS C 33 -71.45 36.82 45.66
N HIS C 34 -70.24 36.66 46.15
CA HIS C 34 -69.88 35.57 47.04
C HIS C 34 -70.74 35.58 48.31
N PHE C 35 -70.84 36.74 48.95
CA PHE C 35 -71.63 36.89 50.16
C PHE C 35 -73.08 36.48 49.93
N SER C 36 -73.66 36.97 48.85
CA SER C 36 -75.04 36.72 48.52
C SER C 36 -75.24 35.24 48.21
N ARG C 37 -74.35 34.70 47.41
CA ARG C 37 -74.47 33.32 47.02
C ARG C 37 -74.29 32.39 48.21
N VAL C 38 -73.34 32.70 49.10
CA VAL C 38 -73.16 31.86 50.28
C VAL C 38 -74.33 31.97 51.26
N THR C 39 -74.81 33.18 51.50
CA THR C 39 -75.89 33.34 52.50
C THR C 39 -77.26 32.89 52.01
N LYS C 40 -77.51 32.94 50.70
CA LYS C 40 -78.84 32.63 50.18
C LYS C 40 -79.13 31.16 49.89
N THR C 41 -78.16 30.43 49.34
CA THR C 41 -78.45 29.12 48.76
C THR C 41 -78.86 28.01 49.73
N THR C 42 -79.94 27.32 49.36
CA THR C 42 -80.48 26.16 50.08
C THR C 42 -80.69 25.07 49.02
N PRO C 43 -80.86 23.79 49.42
CA PRO C 43 -80.87 22.77 48.37
C PRO C 43 -82.20 22.70 47.61
N ALA C 46 -85.03 24.53 49.18
CA ALA C 46 -86.24 23.82 48.81
C ALA C 46 -87.47 24.50 49.39
N SER C 47 -87.72 24.25 50.67
CA SER C 47 -88.84 24.85 51.38
C SER C 47 -88.33 25.85 52.42
N ARG C 48 -87.12 25.59 52.91
CA ARG C 48 -86.51 26.40 53.98
C ARG C 48 -85.78 27.61 53.44
N PHE C 49 -85.24 28.41 54.36
CA PHE C 49 -84.36 29.51 54.03
C PHE C 49 -83.26 29.57 55.08
N ASN C 50 -82.21 30.34 54.82
CA ASN C 50 -81.18 30.54 55.83
C ASN C 50 -81.42 31.80 56.64
N ALA C 51 -80.73 31.89 57.77
CA ALA C 51 -80.80 33.11 58.56
C ALA C 51 -79.45 33.82 58.60
N VAL C 52 -79.51 35.14 58.57
CA VAL C 52 -78.32 35.95 58.84
C VAL C 52 -78.51 36.75 60.11
N VAL C 53 -77.53 36.65 60.98
CA VAL C 53 -77.55 37.34 62.25
C VAL C 53 -76.46 38.42 62.23
N MET C 54 -76.84 39.65 62.58
CA MET C 54 -75.94 40.78 62.53
C MET C 54 -76.18 41.71 63.71
N GLY C 55 -75.18 42.52 64.04
CA GLY C 55 -75.32 43.52 65.08
C GLY C 55 -75.99 44.77 64.57
N ARG C 56 -76.40 45.64 65.48
CA ARG C 56 -77.17 46.82 65.15
C ARG C 56 -76.46 47.75 64.17
N LYS C 57 -75.19 48.04 64.42
CA LYS C 57 -74.46 48.94 63.55
C LYS C 57 -74.29 48.37 62.15
N THR C 58 -74.08 47.06 62.06
CA THR C 58 -73.98 46.41 60.75
C THR C 58 -75.29 46.58 59.99
N TRP C 59 -76.41 46.45 60.69
CA TRP C 59 -77.71 46.67 60.09
C TRP C 59 -77.81 48.11 59.54
N GLU C 60 -77.34 49.07 60.33
CA GLU C 60 -77.41 50.47 59.96
C GLU C 60 -76.38 50.81 58.88
N SER C 61 -75.32 50.02 58.80
CA SER C 61 -74.28 50.25 57.81
C SER C 61 -74.75 49.88 56.39
N MET C 62 -75.72 48.98 56.31
CA MET C 62 -76.26 48.55 55.02
C MET C 62 -77.18 49.61 54.44
N PRO C 63 -77.18 49.75 53.11
CA PRO C 63 -78.09 50.72 52.50
C PRO C 63 -79.55 50.30 52.60
N ARG C 64 -80.44 51.27 52.79
CA ARG C 64 -81.87 51.05 52.96
C ARG C 64 -82.45 50.08 51.94
N LYS C 65 -82.09 50.26 50.68
CA LYS C 65 -82.75 49.54 49.60
C LYS C 65 -82.39 48.05 49.59
N PHE C 66 -81.35 47.68 50.31
CA PHE C 66 -80.94 46.29 50.38
C PHE C 66 -81.28 45.62 51.71
N ARG C 67 -81.82 46.40 52.65
CA ARG C 67 -82.12 45.85 53.98
C ARG C 67 -83.62 45.83 54.27
N PRO C 68 -84.12 44.70 54.79
CA PRO C 68 -83.43 43.46 55.15
C PRO C 68 -82.88 42.71 53.94
N LEU C 69 -81.86 41.88 54.18
CA LEU C 69 -81.29 41.05 53.13
C LEU C 69 -82.38 40.11 52.61
N VAL C 70 -82.67 40.17 51.32
CA VAL C 70 -83.81 39.44 50.77
C VAL C 70 -83.62 37.93 50.77
N ASP C 71 -84.73 37.22 50.98
CA ASP C 71 -84.78 35.76 50.95
C ASP C 71 -84.01 35.10 52.08
N ARG C 72 -83.64 35.88 53.08
CA ARG C 72 -83.01 35.34 54.26
C ARG C 72 -83.73 35.89 55.48
N LEU C 73 -83.84 35.08 56.52
CA LEU C 73 -84.36 35.58 57.76
C LEU C 73 -83.30 36.45 58.41
N ASN C 74 -83.65 37.70 58.69
CA ASN C 74 -82.71 38.64 59.29
C ASN C 74 -82.96 38.80 60.77
N ILE C 75 -81.91 38.58 61.56
CA ILE C 75 -81.98 38.86 62.98
C ILE C 75 -80.93 39.89 63.36
N VAL C 76 -81.37 40.94 64.05
CA VAL C 76 -80.46 41.96 64.52
C VAL C 76 -80.31 41.86 66.02
N VAL C 77 -79.07 41.78 66.48
CA VAL C 77 -78.79 41.83 67.90
C VAL C 77 -78.61 43.28 68.30
N SER C 78 -79.44 43.74 69.23
CA SER C 78 -79.47 45.12 69.66
C SER C 78 -80.30 45.18 70.93
N SER C 79 -80.03 46.17 71.78
CA SER C 79 -80.90 46.44 72.91
C SER C 79 -81.64 47.75 72.69
N SER C 80 -81.16 48.56 71.76
CA SER C 80 -81.78 49.85 71.52
C SER C 80 -82.79 49.87 70.36
N LEU C 81 -82.58 49.03 69.35
CA LEU C 81 -83.52 48.92 68.24
C LEU C 81 -84.66 47.98 68.57
N LYS C 82 -85.87 48.36 68.19
CA LYS C 82 -87.01 47.47 68.38
C LYS C 82 -87.48 46.93 67.04
N GLU C 83 -88.16 45.79 67.08
CA GLU C 83 -88.75 45.21 65.88
C GLU C 83 -89.64 46.21 65.15
N GLU C 84 -90.38 47.03 65.89
CA GLU C 84 -91.25 48.00 65.25
C GLU C 84 -90.48 49.12 64.55
N ASP C 85 -89.32 49.49 65.09
CA ASP C 85 -88.46 50.48 64.45
C ASP C 85 -88.17 50.03 63.02
N ILE C 86 -87.76 48.77 62.89
CA ILE C 86 -87.35 48.23 61.60
C ILE C 86 -88.54 48.06 60.67
N ALA C 87 -89.67 47.61 61.21
CA ALA C 87 -90.89 47.45 60.43
C ALA C 87 -91.35 48.78 59.85
N ALA C 88 -91.10 49.86 60.58
CA ALA C 88 -91.55 51.19 60.17
C ALA C 88 -90.63 51.81 59.12
N GLU C 89 -89.41 51.30 59.04
CA GLU C 89 -88.39 51.81 58.13
C GLU C 89 -88.80 51.64 56.67
N LYS C 90 -89.47 50.51 56.37
CA LYS C 90 -89.78 50.14 55.00
C LYS C 90 -90.76 48.98 55.01
N PRO C 91 -91.80 49.04 54.15
CA PRO C 91 -92.79 47.96 54.15
C PRO C 91 -92.20 46.57 53.88
N GLN C 92 -92.54 45.63 54.75
CA GLN C 92 -92.26 44.22 54.53
C GLN C 92 -92.90 43.78 53.22
N ALA C 93 -92.11 43.20 52.33
CA ALA C 93 -92.61 42.75 51.03
C ALA C 93 -93.20 41.36 51.16
N GLU C 94 -94.20 41.05 50.34
CA GLU C 94 -94.88 39.75 50.43
C GLU C 94 -93.92 38.60 50.17
N GLY C 95 -94.04 37.56 51.00
CA GLY C 95 -93.20 36.38 50.87
C GLY C 95 -91.94 36.42 51.73
N GLN C 96 -91.69 37.56 52.36
CA GLN C 96 -90.46 37.72 53.14
C GLN C 96 -90.69 37.56 54.63
N GLN C 97 -89.64 37.18 55.34
CA GLN C 97 -89.68 37.02 56.78
C GLN C 97 -89.60 38.38 57.46
N ARG C 98 -90.37 38.56 58.52
CA ARG C 98 -90.28 39.80 59.27
C ARG C 98 -89.01 39.80 60.11
N VAL C 99 -88.40 40.98 60.23
CA VAL C 99 -87.11 41.11 60.87
C VAL C 99 -87.23 41.01 62.38
N ARG C 100 -86.48 40.10 62.99
CA ARG C 100 -86.49 39.92 64.44
C ARG C 100 -85.33 40.64 65.12
N VAL C 101 -85.54 41.01 66.38
CA VAL C 101 -84.50 41.64 67.18
C VAL C 101 -84.30 40.86 68.47
N CYS C 102 -83.04 40.61 68.83
CA CYS C 102 -82.73 39.88 70.05
C CYS C 102 -81.65 40.60 70.85
N ALA C 103 -81.63 40.38 72.16
CA ALA C 103 -80.73 41.11 73.05
C ALA C 103 -79.28 40.61 73.05
N SER C 104 -79.05 39.42 72.52
CA SER C 104 -77.70 38.87 72.54
C SER C 104 -77.59 37.78 71.49
N LEU C 105 -76.38 37.32 71.25
CA LEU C 105 -76.20 36.18 70.37
C LEU C 105 -76.88 34.89 70.89
N PRO C 106 -76.72 34.56 72.18
CA PRO C 106 -77.43 33.37 72.67
C PRO C 106 -78.94 33.48 72.50
N ALA C 107 -79.50 34.66 72.77
CA ALA C 107 -80.92 34.89 72.56
C ALA C 107 -81.31 34.62 71.11
N ALA C 108 -80.47 35.08 70.18
CA ALA C 108 -80.73 34.86 68.76
C ALA C 108 -80.73 33.37 68.41
N LEU C 109 -79.75 32.64 68.92
CA LEU C 109 -79.70 31.21 68.67
C LEU C 109 -80.82 30.44 69.38
N SER C 110 -81.25 30.95 70.54
CA SER C 110 -82.41 30.40 71.25
C SER C 110 -83.66 30.54 70.40
N LEU C 111 -83.89 31.74 69.89
CA LEU C 111 -85.06 32.04 69.07
C LEU C 111 -85.09 31.18 67.82
N LEU C 112 -83.93 31.01 67.18
CA LEU C 112 -83.82 30.18 66.00
C LEU C 112 -84.26 28.74 66.25
N GLU C 113 -83.92 28.21 67.42
CA GLU C 113 -84.34 26.85 67.79
C GLU C 113 -85.83 26.78 68.10
N GLU C 114 -86.32 27.70 68.93
CA GLU C 114 -87.72 27.71 69.33
C GLU C 114 -88.70 27.91 68.17
N GLU C 115 -88.55 29.03 67.47
CA GLU C 115 -89.58 29.44 66.52
C GLU C 115 -89.25 29.15 65.07
N TYR C 116 -88.01 28.71 64.79
CA TYR C 116 -87.63 28.48 63.40
C TYR C 116 -86.96 27.14 63.09
N LYS C 117 -87.10 26.13 63.97
CA LYS C 117 -86.72 24.78 63.57
C LYS C 117 -87.65 24.38 62.42
N ASP C 118 -87.09 23.66 61.45
CA ASP C 118 -87.79 23.28 60.21
C ASP C 118 -87.90 24.38 59.17
N SER C 119 -87.82 25.65 59.58
CA SER C 119 -87.91 26.70 58.60
C SER C 119 -86.55 27.30 58.22
N VAL C 120 -85.58 27.24 59.13
CA VAL C 120 -84.22 27.65 58.75
C VAL C 120 -83.29 26.47 58.49
N ASP C 121 -82.41 26.65 57.51
CA ASP C 121 -81.39 25.66 57.21
C ASP C 121 -80.05 26.03 57.86
N GLN C 122 -79.39 27.04 57.32
CA GLN C 122 -78.10 27.44 57.89
C GLN C 122 -78.17 28.76 58.63
N ILE C 123 -77.32 28.90 59.64
CA ILE C 123 -77.25 30.13 60.39
C ILE C 123 -75.91 30.80 60.10
N PHE C 124 -75.98 32.04 59.62
CA PHE C 124 -74.80 32.80 59.26
C PHE C 124 -74.65 34.03 60.14
N VAL C 125 -73.50 34.16 60.79
CA VAL C 125 -73.18 35.37 61.54
C VAL C 125 -72.38 36.32 60.64
N VAL C 126 -72.89 37.53 60.49
CA VAL C 126 -72.53 38.41 59.38
C VAL C 126 -71.90 39.73 59.87
N GLY C 127 -71.53 39.76 61.15
CA GLY C 127 -70.84 40.92 61.70
C GLY C 127 -71.72 41.74 62.65
N GLY C 128 -71.13 42.72 63.33
CA GLY C 128 -69.73 43.04 63.23
C GLY C 128 -68.87 42.39 64.30
N ALA C 129 -67.85 43.10 64.76
CA ALA C 129 -66.88 42.54 65.70
C ALA C 129 -67.54 42.03 66.97
N GLY C 130 -68.58 42.73 67.42
CA GLY C 130 -69.33 42.30 68.60
C GLY C 130 -69.84 40.88 68.45
N LEU C 131 -70.44 40.57 67.30
CA LEU C 131 -71.02 39.25 67.10
C LEU C 131 -69.99 38.17 66.77
N TYR C 132 -68.99 38.53 65.98
CA TYR C 132 -67.95 37.58 65.61
C TYR C 132 -67.25 37.12 66.89
N GLU C 133 -66.97 38.09 67.75
CA GLU C 133 -66.32 37.83 69.02
C GLU C 133 -67.16 36.91 69.90
N ALA C 134 -68.44 37.23 70.03
CA ALA C 134 -69.35 36.38 70.79
C ALA C 134 -69.37 34.97 70.20
N ALA C 135 -69.56 34.87 68.89
CA ALA C 135 -69.63 33.57 68.22
C ALA C 135 -68.39 32.71 68.48
N LEU C 136 -67.22 33.32 68.46
CA LEU C 136 -65.97 32.60 68.72
C LEU C 136 -65.83 32.18 70.19
N SER C 137 -66.26 33.04 71.11
CA SER C 137 -66.23 32.71 72.54
C SER C 137 -67.16 31.54 72.86
N LEU C 138 -68.36 31.56 72.29
CA LEU C 138 -69.30 30.48 72.49
C LEU C 138 -68.80 29.17 71.91
N GLY C 139 -67.97 29.26 70.88
CA GLY C 139 -67.43 28.09 70.23
C GLY C 139 -68.42 27.44 69.28
N VAL C 140 -69.40 28.21 68.82
CA VAL C 140 -70.46 27.66 68.00
C VAL C 140 -70.18 27.74 66.50
N ALA C 141 -69.05 28.35 66.15
CA ALA C 141 -68.71 28.54 64.74
C ALA C 141 -67.98 27.33 64.16
N SER C 142 -68.62 26.62 63.24
CA SER C 142 -67.98 25.46 62.63
C SER C 142 -67.08 25.86 61.47
N HIS C 143 -67.49 26.87 60.71
CA HIS C 143 -66.71 27.30 59.55
C HIS C 143 -66.57 28.81 59.45
N LEU C 144 -65.43 29.27 58.96
CA LEU C 144 -65.25 30.68 58.67
C LEU C 144 -65.12 30.88 57.17
N TYR C 145 -66.00 31.68 56.59
CA TYR C 145 -65.86 32.10 55.22
C TYR C 145 -65.19 33.46 55.23
N ILE C 146 -63.91 33.50 54.90
CA ILE C 146 -63.16 34.75 54.98
C ILE C 146 -62.74 35.22 53.60
N THR C 147 -63.09 36.46 53.28
CA THR C 147 -62.54 37.08 52.09
C THR C 147 -61.31 37.84 52.54
N ARG C 148 -60.13 37.42 52.08
CA ARG C 148 -58.91 38.11 52.49
C ARG C 148 -58.63 39.25 51.55
N VAL C 149 -58.80 40.46 52.03
CA VAL C 149 -58.42 41.62 51.25
C VAL C 149 -56.94 41.84 51.52
N ALA C 150 -56.16 41.99 50.45
CA ALA C 150 -54.70 41.94 50.55
C ALA C 150 -54.10 43.29 50.86
N ARG C 151 -54.83 44.35 50.54
CA ARG C 151 -54.38 45.70 50.85
C ARG C 151 -54.83 46.11 52.23
N GLU C 152 -54.02 46.94 52.87
CA GLU C 152 -54.40 47.54 54.12
C GLU C 152 -55.15 48.84 53.88
N PHE C 153 -56.14 49.09 54.71
CA PHE C 153 -56.94 50.30 54.63
C PHE C 153 -57.14 50.80 56.04
N PRO C 154 -57.38 52.11 56.19
CA PRO C 154 -57.79 52.67 57.47
C PRO C 154 -58.99 51.89 58.00
N CYS C 155 -58.89 51.36 59.20
CA CYS C 155 -60.00 50.68 59.85
C CYS C 155 -60.10 51.10 61.31
N ASP C 156 -61.31 51.13 61.85
CA ASP C 156 -61.49 51.35 63.28
C ASP C 156 -62.17 50.18 63.96
N VAL C 157 -62.66 49.23 63.17
CA VAL C 157 -63.23 47.99 63.69
C VAL C 157 -62.49 46.77 63.12
N PHE C 158 -62.20 45.80 63.99
CA PHE C 158 -61.36 44.66 63.62
C PHE C 158 -62.02 43.33 64.00
N PHE C 159 -61.82 42.31 63.16
CA PHE C 159 -62.21 40.94 63.49
C PHE C 159 -61.27 40.50 64.60
N PRO C 160 -61.75 39.69 65.55
CA PRO C 160 -60.88 39.35 66.68
C PRO C 160 -59.78 38.36 66.32
N ALA C 161 -58.74 38.37 67.12
CA ALA C 161 -57.66 37.39 67.01
C ALA C 161 -58.26 35.99 67.15
N PHE C 162 -57.76 35.06 66.36
CA PHE C 162 -58.23 33.69 66.44
C PHE C 162 -57.11 32.73 66.07
N PRO C 163 -57.08 31.57 66.73
CA PRO C 163 -56.05 30.57 66.44
C PRO C 163 -56.21 30.09 65.00
N GLY C 164 -55.16 30.29 64.21
CA GLY C 164 -55.25 30.05 62.78
C GLY C 164 -55.25 31.35 62.02
N ASP C 165 -55.13 32.48 62.72
CA ASP C 165 -55.15 33.76 62.02
C ASP C 165 -53.85 34.09 61.29
N ASP C 166 -52.96 33.10 61.21
CA ASP C 166 -51.78 33.25 60.36
C ASP C 166 -52.10 33.18 58.86
N ILE C 167 -53.31 32.78 58.46
CA ILE C 167 -53.66 32.85 57.03
C ILE C 167 -53.80 34.29 56.57
N LEU C 168 -53.82 35.23 57.52
CA LEU C 168 -53.96 36.63 57.18
C LEU C 168 -52.60 37.33 57.08
N SER C 169 -51.75 37.12 58.07
CA SER C 169 -50.44 37.76 58.06
C SER C 169 -49.49 37.08 59.03
N ASN C 170 -48.21 37.41 58.94
CA ASN C 170 -47.19 36.81 59.79
C ASN C 170 -47.37 37.25 61.24
N LYS C 171 -46.89 36.44 62.17
CA LYS C 171 -47.02 36.78 63.58
C LYS C 171 -45.70 37.26 64.18
N ALA C 181 -58.73 24.00 70.19
CA ALA C 181 -59.42 24.15 68.91
C ALA C 181 -58.80 25.24 68.04
N THR C 182 -58.50 24.89 66.79
CA THR C 182 -57.96 25.87 65.86
C THR C 182 -58.78 25.89 64.59
N TYR C 183 -58.66 26.99 63.83
CA TYR C 183 -59.39 27.12 62.58
C TYR C 183 -58.44 26.93 61.41
N ARG C 184 -58.61 25.82 60.70
CA ARG C 184 -57.70 25.50 59.61
C ARG C 184 -58.36 25.60 58.24
N PRO C 185 -57.60 26.08 57.26
CA PRO C 185 -58.10 26.28 55.90
C PRO C 185 -58.24 24.99 55.14
N ILE C 186 -59.37 24.90 54.46
CA ILE C 186 -59.76 23.71 53.76
C ILE C 186 -60.00 24.11 52.31
N PHE C 187 -59.90 25.41 52.05
CA PHE C 187 -60.25 26.02 50.78
C PHE C 187 -59.44 27.29 50.58
N ILE C 188 -58.76 27.42 49.44
CA ILE C 188 -58.09 28.68 49.09
C ILE C 188 -58.25 28.94 47.59
N SER C 189 -58.98 29.99 47.24
CA SER C 189 -59.24 30.28 45.84
C SER C 189 -58.06 30.98 45.16
N LYS C 190 -58.17 31.19 43.85
CA LYS C 190 -57.19 32.04 43.19
C LYS C 190 -57.49 33.49 43.54
N THR C 191 -56.60 34.38 43.13
CA THR C 191 -56.70 35.78 43.49
C THR C 191 -57.63 36.52 42.52
N PHE C 192 -58.52 37.33 43.09
CA PHE C 192 -59.42 38.16 42.32
C PHE C 192 -59.03 39.59 42.55
N SER C 193 -59.57 40.50 41.73
CA SER C 193 -59.46 41.91 42.04
C SER C 193 -60.62 42.73 41.50
N ASP C 194 -60.88 43.83 42.20
CA ASP C 194 -61.84 44.84 41.78
C ASP C 194 -61.31 46.16 42.30
N ASN C 195 -61.36 47.19 41.45
CA ASN C 195 -61.03 48.55 41.86
C ASN C 195 -59.64 48.71 42.45
N GLY C 196 -58.69 47.93 41.94
CA GLY C 196 -57.31 48.04 42.36
C GLY C 196 -57.03 47.30 43.66
N VAL C 197 -57.95 46.42 44.05
CA VAL C 197 -57.82 45.68 45.31
C VAL C 197 -57.72 44.19 45.06
N PRO C 198 -56.59 43.57 45.44
CA PRO C 198 -56.50 42.11 45.30
C PRO C 198 -57.15 41.43 46.50
N TYR C 199 -57.79 40.29 46.24
CA TYR C 199 -58.37 39.52 47.33
C TYR C 199 -58.69 38.11 46.90
N ASP C 200 -58.82 37.22 47.88
CA ASP C 200 -59.25 35.87 47.61
C ASP C 200 -60.22 35.33 48.66
N PHE C 201 -60.69 34.12 48.45
CA PHE C 201 -61.64 33.52 49.35
C PHE C 201 -61.05 32.29 50.01
N VAL C 202 -61.16 32.21 51.32
CA VAL C 202 -60.79 30.99 52.01
C VAL C 202 -61.92 30.53 52.92
N VAL C 203 -61.97 29.23 53.16
CA VAL C 203 -62.90 28.71 54.14
C VAL C 203 -62.08 28.00 55.19
N LEU C 204 -62.28 28.36 56.45
CA LEU C 204 -61.62 27.69 57.55
C LEU C 204 -62.59 26.77 58.25
N GLU C 205 -62.06 25.74 58.90
CA GLU C 205 -62.88 24.78 59.59
C GLU C 205 -62.33 24.60 61.00
N LYS C 206 -63.23 24.63 61.98
CA LYS C 206 -62.86 24.39 63.37
C LYS C 206 -62.39 22.95 63.51
N ARG C 207 -61.19 22.75 64.06
CA ARG C 207 -60.62 21.41 64.08
C ARG C 207 -60.40 20.77 65.45
N ARG C 208 -59.65 21.44 66.32
CA ARG C 208 -59.19 20.88 67.60
C ARG C 208 -58.06 19.85 67.38
N SER C 241 -72.57 -4.42 35.88
CA SER C 241 -71.15 -4.09 35.94
C SER C 241 -70.83 -2.91 35.04
N SER C 242 -71.62 -1.84 35.18
CA SER C 242 -71.50 -0.59 34.43
C SER C 242 -70.07 -0.26 34.00
N ALA C 243 -69.36 0.46 34.86
CA ALA C 243 -67.91 0.58 34.72
C ALA C 243 -67.30 -0.08 35.92
N ALA C 244 -68.10 -0.93 36.56
CA ALA C 244 -67.64 -1.66 37.74
C ALA C 244 -66.65 -2.75 37.35
N ALA C 245 -66.94 -3.45 36.25
CA ALA C 245 -66.12 -4.59 35.84
C ALA C 245 -64.76 -4.22 35.25
N ILE C 246 -64.52 -2.91 35.11
CA ILE C 246 -63.23 -2.44 34.61
C ILE C 246 -62.21 -2.43 35.74
N ALA C 247 -62.70 -2.23 36.95
CA ALA C 247 -61.85 -2.14 38.15
C ALA C 247 -60.74 -3.19 38.32
N PRO C 248 -60.96 -4.44 37.85
CA PRO C 248 -59.84 -5.40 37.88
C PRO C 248 -58.67 -5.05 36.97
N VAL C 249 -58.93 -4.67 35.72
CA VAL C 249 -57.86 -4.27 34.82
C VAL C 249 -57.18 -3.02 35.35
N LEU C 250 -57.96 -2.13 35.94
CA LEU C 250 -57.41 -0.95 36.62
C LEU C 250 -56.67 -1.34 37.89
N ALA C 251 -57.20 -2.32 38.62
CA ALA C 251 -56.59 -2.78 39.87
C ALA C 251 -55.15 -3.23 39.68
N TRP C 252 -54.82 -3.72 38.48
CA TRP C 252 -53.45 -4.17 38.23
C TRP C 252 -52.59 -3.13 37.53
N MET C 253 -53.22 -2.16 36.89
CA MET C 253 -52.47 -1.09 36.23
C MET C 253 -52.10 0.06 37.18
N ASP C 254 -52.75 0.10 38.35
CA ASP C 254 -52.60 1.21 39.31
C ASP C 254 -51.68 0.86 40.49
N GLU C 255 -51.20 1.88 41.22
CA GLU C 255 -50.44 1.69 42.46
C GLU C 255 -51.04 2.47 43.62
N LEU C 266 -46.08 11.31 49.64
CA LEU C 266 -45.46 11.42 50.95
C LEU C 266 -45.28 12.88 51.35
N ILE C 267 -44.46 13.62 50.60
CA ILE C 267 -44.37 15.06 50.84
C ILE C 267 -45.50 15.74 50.08
N ARG C 268 -46.27 16.58 50.78
CA ARG C 268 -47.34 17.35 50.16
C ARG C 268 -47.48 18.72 50.83
N ALA C 269 -47.72 19.76 50.02
CA ALA C 269 -47.98 21.09 50.53
C ALA C 269 -49.31 21.14 51.25
N VAL C 270 -49.30 21.70 52.47
CA VAL C 270 -50.50 21.92 53.30
C VAL C 270 -51.71 21.04 52.94
N PRO C 271 -51.61 19.73 53.23
CA PRO C 271 -52.54 18.73 52.72
C PRO C 271 -53.98 18.90 53.21
N HIS C 272 -54.17 19.61 54.31
CA HIS C 272 -55.51 19.86 54.81
C HIS C 272 -56.29 20.78 53.88
N VAL C 273 -55.59 21.53 53.02
CA VAL C 273 -56.24 22.36 52.01
C VAL C 273 -56.78 21.50 50.85
N HIS C 274 -58.08 21.28 50.83
CA HIS C 274 -58.68 20.37 49.85
C HIS C 274 -58.99 21.03 48.51
N PHE C 275 -59.60 22.20 48.52
CA PHE C 275 -59.70 22.96 47.28
C PHE C 275 -58.51 23.89 47.10
N ARG C 276 -57.66 23.58 46.12
CA ARG C 276 -56.41 24.32 45.93
C ARG C 276 -56.47 25.21 44.71
N GLY C 277 -57.28 26.25 44.76
CA GLY C 277 -57.45 27.13 43.62
C GLY C 277 -56.29 28.08 43.39
N HIS C 278 -55.63 28.49 44.47
CA HIS C 278 -54.52 29.42 44.38
C HIS C 278 -53.44 28.92 43.42
N GLU C 279 -53.05 29.76 42.47
CA GLU C 279 -52.12 29.34 41.42
C GLU C 279 -50.72 29.01 41.97
N GLU C 280 -50.39 29.54 43.15
CA GLU C 280 -49.12 29.23 43.78
C GLU C 280 -49.00 27.74 44.14
N PHE C 281 -50.13 27.05 44.19
CA PHE C 281 -50.09 25.62 44.43
C PHE C 281 -49.35 24.85 43.34
N GLN C 282 -49.25 25.44 42.15
CA GLN C 282 -48.49 24.80 41.09
C GLN C 282 -47.03 24.72 41.48
N TYR C 283 -46.52 25.80 42.08
CA TYR C 283 -45.13 25.84 42.51
C TYR C 283 -44.91 24.93 43.70
N LEU C 284 -45.79 25.01 44.68
CA LEU C 284 -45.68 24.17 45.86
C LEU C 284 -45.78 22.70 45.48
N ASP C 285 -46.73 22.37 44.60
CA ASP C 285 -46.89 20.98 44.17
C ASP C 285 -45.70 20.52 43.34
N LEU C 286 -45.08 21.44 42.61
CA LEU C 286 -43.89 21.11 41.84
C LEU C 286 -42.73 20.80 42.78
N ILE C 287 -42.60 21.55 43.87
CA ILE C 287 -41.58 21.23 44.87
C ILE C 287 -41.79 19.80 45.38
N ALA C 288 -43.00 19.51 45.88
CA ALA C 288 -43.33 18.19 46.39
C ALA C 288 -43.04 17.08 45.38
N ASP C 289 -43.39 17.33 44.12
CA ASP C 289 -43.32 16.32 43.08
C ASP C 289 -41.87 15.92 42.76
N ILE C 290 -40.97 16.90 42.71
CA ILE C 290 -39.56 16.63 42.49
C ILE C 290 -38.94 15.86 43.67
N ILE C 291 -39.23 16.31 44.88
CA ILE C 291 -38.73 15.63 46.07
C ILE C 291 -39.21 14.18 46.13
N ASN C 292 -40.49 13.96 45.83
CA ASN C 292 -41.05 12.62 45.86
C ASN C 292 -40.63 11.76 44.69
N ASN C 293 -40.70 12.31 43.48
CA ASN C 293 -40.62 11.52 42.27
C ASN C 293 -39.37 11.76 41.44
N GLY C 294 -38.59 12.76 41.83
CA GLY C 294 -37.39 13.11 41.09
C GLY C 294 -36.24 12.16 41.39
N ARG C 295 -35.14 12.34 40.67
CA ARG C 295 -34.00 11.44 40.79
C ARG C 295 -32.77 12.19 41.26
N THR C 296 -32.03 11.59 42.17
CA THR C 296 -30.83 12.23 42.67
C THR C 296 -29.69 12.09 41.65
N MET C 297 -29.02 13.21 41.37
CA MET C 297 -27.97 13.24 40.37
C MET C 297 -26.87 14.20 40.76
N ASP C 298 -25.71 14.03 40.12
CA ASP C 298 -24.66 15.03 40.16
C ASP C 298 -24.99 16.20 39.24
N ASP C 299 -24.22 17.27 39.35
CA ASP C 299 -24.40 18.45 38.51
C ASP C 299 -23.11 19.26 38.51
N ARG C 300 -23.08 20.29 37.67
CA ARG C 300 -21.89 21.11 37.48
C ARG C 300 -21.30 21.66 38.77
N THR C 301 -22.16 21.99 39.73
CA THR C 301 -21.74 22.75 40.91
C THR C 301 -21.15 21.90 42.03
N GLY C 302 -21.40 20.60 41.99
CA GLY C 302 -20.87 19.73 43.02
C GLY C 302 -21.83 19.54 44.19
N VAL C 303 -22.79 20.44 44.32
CA VAL C 303 -23.86 20.26 45.30
C VAL C 303 -24.72 19.17 44.69
N GLY C 304 -25.43 18.37 45.48
CA GLY C 304 -26.27 17.36 44.88
C GLY C 304 -27.51 17.97 44.27
N VAL C 305 -28.19 17.25 43.38
CA VAL C 305 -29.47 17.72 42.86
C VAL C 305 -30.49 16.57 42.87
N ILE C 306 -31.76 16.91 43.04
CA ILE C 306 -32.84 15.98 42.74
C ILE C 306 -33.62 16.57 41.59
N SER C 307 -33.79 15.83 40.49
CA SER C 307 -34.32 16.45 39.29
C SER C 307 -35.43 15.71 38.56
N LYS C 308 -36.22 16.48 37.81
CA LYS C 308 -37.20 15.98 36.86
C LYS C 308 -36.97 16.72 35.57
N PHE C 309 -37.61 16.26 34.51
CA PHE C 309 -37.38 16.85 33.20
C PHE C 309 -38.69 17.11 32.50
N GLY C 310 -38.92 18.37 32.15
CA GLY C 310 -40.11 18.74 31.41
C GLY C 310 -41.25 19.07 32.33
N CYS C 311 -41.28 20.31 32.80
CA CYS C 311 -42.32 20.73 33.72
C CYS C 311 -42.95 22.04 33.27
N THR C 312 -44.11 22.35 33.83
CA THR C 312 -44.97 23.33 33.25
C THR C 312 -45.82 24.02 34.33
N MET C 313 -45.91 25.35 34.26
CA MET C 313 -46.80 26.11 35.13
C MET C 313 -47.41 27.23 34.34
N ARG C 314 -48.55 27.74 34.79
CA ARG C 314 -49.06 28.97 34.20
C ARG C 314 -49.83 29.87 35.16
N TYR C 315 -49.61 31.16 35.00
CA TYR C 315 -50.09 32.16 35.93
C TYR C 315 -50.92 33.21 35.22
N SER C 316 -52.13 33.43 35.72
CA SER C 316 -52.99 34.46 35.17
C SER C 316 -52.43 35.82 35.55
N LEU C 317 -52.55 36.78 34.64
CA LEU C 317 -52.02 38.10 34.87
C LEU C 317 -53.11 39.16 34.81
N ASP C 318 -54.35 38.74 34.58
CA ASP C 318 -55.43 39.69 34.38
C ASP C 318 -56.00 40.29 35.67
N GLN C 319 -55.98 39.53 36.77
CA GLN C 319 -56.49 40.05 38.04
C GLN C 319 -55.39 40.49 39.00
N ALA C 320 -54.33 39.69 39.10
CA ALA C 320 -53.22 40.00 40.00
C ALA C 320 -51.89 39.52 39.43
N PHE C 321 -50.83 39.59 40.24
CA PHE C 321 -49.48 39.32 39.75
C PHE C 321 -48.85 38.19 40.58
N PRO C 322 -48.29 37.18 39.90
CA PRO C 322 -47.73 36.01 40.58
C PRO C 322 -46.37 36.28 41.23
N LEU C 323 -46.35 37.18 42.19
CA LEU C 323 -45.22 37.34 43.09
C LEU C 323 -45.48 36.42 44.28
N LEU C 324 -44.72 35.35 44.37
CA LEU C 324 -45.00 34.24 45.28
C LEU C 324 -45.03 34.69 46.74
N THR C 325 -45.91 34.09 47.53
CA THR C 325 -46.21 34.59 48.87
C THR C 325 -45.78 33.63 49.96
N THR C 326 -45.33 32.46 49.55
CA THR C 326 -45.04 31.43 50.51
C THR C 326 -43.59 31.60 51.00
N LYS C 327 -42.88 32.54 50.37
CA LYS C 327 -41.71 33.20 50.95
C LYS C 327 -41.52 34.53 50.23
N ARG C 328 -40.92 35.50 50.90
CA ARG C 328 -40.71 36.82 50.30
C ARG C 328 -39.79 36.72 49.06
N VAL C 329 -40.22 37.32 47.96
CA VAL C 329 -39.44 37.34 46.73
C VAL C 329 -38.78 38.71 46.55
N PHE C 330 -37.54 38.74 46.06
CA PHE C 330 -36.73 39.95 45.96
C PHE C 330 -37.17 40.85 44.80
N TRP C 331 -38.21 41.66 45.00
CA TRP C 331 -38.81 42.44 43.90
C TRP C 331 -37.86 43.44 43.27
N LYS C 332 -37.20 44.23 44.10
CA LYS C 332 -36.24 45.22 43.63
C LYS C 332 -35.26 44.51 42.70
N GLY C 333 -34.85 43.33 43.12
CA GLY C 333 -34.02 42.47 42.30
C GLY C 333 -34.58 42.08 40.95
N VAL C 334 -35.82 41.57 40.89
CA VAL C 334 -36.35 41.19 39.58
C VAL C 334 -36.52 42.41 38.68
N LEU C 335 -37.00 43.51 39.25
CA LEU C 335 -37.21 44.72 38.46
C LEU C 335 -35.89 45.26 37.90
N GLU C 336 -34.87 45.31 38.73
CA GLU C 336 -33.63 45.93 38.34
C GLU C 336 -32.93 45.07 37.29
N GLU C 337 -32.97 43.74 37.46
CA GLU C 337 -32.35 42.86 36.49
C GLU C 337 -33.04 42.94 35.12
N LEU C 338 -34.36 43.06 35.12
CA LEU C 338 -35.10 43.09 33.87
C LEU C 338 -34.84 44.37 33.07
N LEU C 339 -34.89 45.52 33.73
CA LEU C 339 -34.49 46.78 33.12
C LEU C 339 -33.07 46.70 32.56
N TRP C 340 -32.19 46.05 33.32
CA TRP C 340 -30.81 45.81 32.95
C TRP C 340 -30.73 44.98 31.66
N PHE C 341 -31.49 43.89 31.58
CA PHE C 341 -31.61 43.10 30.36
C PHE C 341 -32.08 43.93 29.18
N ILE C 342 -33.12 44.72 29.42
CA ILE C 342 -33.73 45.50 28.36
C ILE C 342 -32.73 46.48 27.77
N ARG C 343 -31.91 47.06 28.64
CA ARG C 343 -30.82 47.95 28.24
C ARG C 343 -29.75 47.28 27.38
N GLY C 344 -29.73 45.95 27.37
CA GLY C 344 -28.66 45.22 26.71
C GLY C 344 -27.36 45.32 27.50
N ASP C 345 -27.47 45.55 28.79
CA ASP C 345 -26.32 45.76 29.66
C ASP C 345 -25.70 44.44 30.13
N THR C 346 -24.37 44.37 30.08
CA THR C 346 -23.65 43.16 30.44
C THR C 346 -22.65 43.38 31.57
N ASN C 347 -22.76 44.53 32.22
CA ASN C 347 -21.91 44.87 33.35
C ASN C 347 -22.69 44.64 34.63
N ALA C 348 -22.39 43.55 35.33
CA ALA C 348 -23.12 43.20 36.55
C ALA C 348 -22.82 44.14 37.72
N ASN C 349 -21.78 44.96 37.60
CA ASN C 349 -21.47 45.92 38.64
C ASN C 349 -22.56 46.98 38.73
N HIS C 350 -23.22 47.25 37.62
CA HIS C 350 -24.33 48.17 37.59
C HIS C 350 -25.51 47.63 38.40
N LEU C 351 -25.63 46.32 38.48
CA LEU C 351 -26.61 45.73 39.38
C LEU C 351 -26.12 45.79 40.82
N SER C 352 -24.89 45.30 41.03
CA SER C 352 -24.31 45.21 42.36
C SER C 352 -24.33 46.56 43.08
N GLU C 353 -24.06 47.63 42.34
CA GLU C 353 -24.01 48.98 42.88
C GLU C 353 -25.39 49.46 43.39
N LYS C 354 -26.44 48.80 42.94
CA LYS C 354 -27.79 49.14 43.37
C LYS C 354 -28.30 48.20 44.45
N GLY C 355 -27.41 47.38 45.00
CA GLY C 355 -27.80 46.43 46.02
C GLY C 355 -28.38 45.13 45.48
N VAL C 356 -28.16 44.87 44.21
CA VAL C 356 -28.67 43.65 43.59
C VAL C 356 -27.51 42.74 43.19
N LYS C 357 -27.21 41.77 44.05
CA LYS C 357 -25.95 41.04 43.95
C LYS C 357 -26.06 39.66 43.31
N ILE C 358 -27.20 39.41 42.66
CA ILE C 358 -27.50 38.11 42.09
C ILE C 358 -26.47 37.55 41.11
N TRP C 359 -25.73 38.42 40.43
CA TRP C 359 -24.78 37.94 39.44
C TRP C 359 -23.34 37.94 39.89
N ASP C 360 -23.08 38.50 41.07
CA ASP C 360 -21.71 38.69 41.54
C ASP C 360 -20.86 37.41 41.59
N LYS C 361 -21.43 36.32 42.09
CA LYS C 361 -20.65 35.09 42.27
C LYS C 361 -20.26 34.43 40.95
N ASN C 362 -20.93 34.81 39.87
CA ASN C 362 -20.64 34.20 38.57
C ASN C 362 -19.85 35.12 37.66
N VAL C 363 -19.33 36.20 38.23
CA VAL C 363 -18.47 37.12 37.47
C VAL C 363 -17.23 37.53 38.26
N THR C 364 -16.90 36.75 39.29
CA THR C 364 -15.66 36.98 40.02
C THR C 364 -14.48 36.58 39.14
N ARG C 365 -13.29 37.02 39.55
CA ARG C 365 -12.06 36.63 38.86
C ARG C 365 -11.99 35.12 38.75
N GLU C 366 -12.23 34.44 39.87
CA GLU C 366 -12.18 33.00 39.93
C GLU C 366 -13.18 32.32 39.01
N PHE C 367 -14.41 32.81 38.98
CA PHE C 367 -15.38 32.11 38.16
C PHE C 367 -15.12 32.33 36.68
N LEU C 368 -14.72 33.54 36.33
CA LEU C 368 -14.43 33.82 34.93
C LEU C 368 -13.27 32.97 34.44
N ASP C 369 -12.26 32.76 35.28
CA ASP C 369 -11.14 31.91 34.92
C ASP C 369 -11.53 30.42 34.85
N SER C 370 -12.42 29.99 35.74
CA SER C 370 -12.92 28.62 35.71
C SER C 370 -13.55 28.35 34.35
N ARG C 371 -13.90 29.44 33.68
CA ARG C 371 -14.61 29.42 32.42
C ARG C 371 -13.67 29.76 31.25
N ASN C 372 -12.38 29.80 31.55
CA ASN C 372 -11.37 30.18 30.56
C ASN C 372 -11.66 31.54 29.95
N LEU C 373 -12.10 32.48 30.77
CA LEU C 373 -12.18 33.86 30.32
C LEU C 373 -11.29 34.82 31.13
N PRO C 374 -9.97 34.61 31.12
CA PRO C 374 -9.09 35.54 31.83
C PRO C 374 -9.12 36.96 31.27
N HIS C 375 -9.53 37.13 30.01
CA HIS C 375 -9.57 38.44 29.39
C HIS C 375 -10.75 39.32 29.85
N ARG C 376 -11.64 38.75 30.66
CA ARG C 376 -12.81 39.46 31.15
C ARG C 376 -12.56 40.19 32.46
N GLU C 377 -12.90 41.48 32.46
CA GLU C 377 -12.93 42.30 33.65
C GLU C 377 -13.94 41.73 34.63
N VAL C 378 -13.72 41.92 35.92
CA VAL C 378 -14.65 41.47 36.94
C VAL C 378 -16.00 42.18 36.74
N GLY C 379 -17.07 41.41 36.69
CA GLY C 379 -18.40 41.96 36.45
C GLY C 379 -18.97 41.74 35.05
N ASP C 380 -18.11 41.38 34.09
CA ASP C 380 -18.53 41.26 32.69
C ASP C 380 -19.17 39.90 32.38
N ILE C 381 -20.48 39.85 32.23
CA ILE C 381 -21.16 38.57 31.98
C ILE C 381 -20.95 38.06 30.56
N GLY C 382 -20.32 38.86 29.71
CA GLY C 382 -20.12 38.48 28.33
C GLY C 382 -21.34 38.79 27.50
N PRO C 383 -21.42 38.23 26.28
CA PRO C 383 -22.56 38.53 25.42
C PRO C 383 -23.78 37.67 25.74
N GLY C 384 -24.27 37.75 26.97
CA GLY C 384 -25.43 36.98 27.37
C GLY C 384 -26.70 37.80 27.46
N TYR C 385 -27.79 37.11 27.81
CA TYR C 385 -29.13 37.68 27.99
C TYR C 385 -29.49 38.94 27.20
N GLY C 386 -29.49 40.08 27.87
CA GLY C 386 -29.89 41.33 27.24
C GLY C 386 -29.09 41.70 26.00
N PHE C 387 -27.82 41.30 25.97
CA PHE C 387 -27.00 41.54 24.80
C PHE C 387 -27.58 40.81 23.59
N GLN C 388 -27.99 39.57 23.78
CA GLN C 388 -28.58 38.81 22.68
C GLN C 388 -29.99 39.31 22.33
N TRP C 389 -30.72 39.77 23.35
CA TRP C 389 -32.05 40.35 23.12
C TRP C 389 -31.97 41.55 22.20
N ARG C 390 -31.05 42.45 22.50
CA ARG C 390 -30.98 43.73 21.82
C ARG C 390 -30.01 43.67 20.65
N HIS C 391 -29.04 42.76 20.70
CA HIS C 391 -27.99 42.75 19.71
C HIS C 391 -27.58 41.37 19.25
N PHE C 392 -28.56 40.51 18.96
CA PHE C 392 -28.26 39.13 18.65
C PHE C 392 -27.19 38.97 17.57
N GLY C 393 -26.15 38.22 17.88
CA GLY C 393 -25.14 37.89 16.90
C GLY C 393 -24.05 38.94 16.71
N ALA C 394 -24.19 40.09 17.37
CA ALA C 394 -23.15 41.11 17.27
C ALA C 394 -21.84 40.58 17.84
N ALA C 395 -20.73 41.16 17.40
CA ALA C 395 -19.43 40.73 17.86
C ALA C 395 -19.10 41.42 19.17
N TYR C 396 -19.04 40.66 20.26
CA TYR C 396 -18.77 41.22 21.58
C TYR C 396 -17.31 41.65 21.73
N LYS C 397 -17.11 42.70 22.52
CA LYS C 397 -15.76 43.07 22.92
C LYS C 397 -15.69 43.08 24.45
N ASP C 398 -16.26 44.09 25.07
CA ASP C 398 -16.44 44.09 26.52
C ASP C 398 -17.69 44.88 26.95
N MET C 399 -17.93 44.90 28.26
CA MET C 399 -19.14 45.50 28.80
C MET C 399 -19.18 47.03 28.68
N HIS C 400 -18.05 47.62 28.29
CA HIS C 400 -17.95 49.07 28.20
C HIS C 400 -18.25 49.59 26.79
N THR C 401 -18.50 48.67 25.88
CA THR C 401 -18.61 49.03 24.47
C THR C 401 -20.05 49.40 24.09
N ASP C 402 -20.19 50.35 23.16
CA ASP C 402 -21.50 50.76 22.67
C ASP C 402 -21.85 49.97 21.42
N TYR C 403 -22.87 49.13 21.52
CA TYR C 403 -23.24 48.23 20.43
C TYR C 403 -24.44 48.71 19.64
N THR C 404 -24.82 49.97 19.84
CA THR C 404 -26.00 50.53 19.19
C THR C 404 -26.02 50.20 17.69
N GLY C 405 -27.10 49.56 17.25
CA GLY C 405 -27.27 49.23 15.85
C GLY C 405 -26.56 47.98 15.36
N GLN C 406 -25.89 47.26 16.24
CA GLN C 406 -25.25 46.00 15.85
C GLN C 406 -26.16 44.82 16.16
N GLY C 407 -26.12 43.81 15.30
CA GLY C 407 -26.88 42.59 15.52
C GLY C 407 -28.38 42.84 15.44
N VAL C 408 -29.15 41.84 15.84
CA VAL C 408 -30.60 41.90 15.72
C VAL C 408 -31.25 42.36 17.01
N ASP C 409 -32.07 43.41 16.92
CA ASP C 409 -32.85 43.85 18.06
C ASP C 409 -34.14 43.04 18.10
N GLN C 410 -34.10 41.92 18.81
CA GLN C 410 -35.23 40.99 18.84
C GLN C 410 -36.40 41.61 19.58
N LEU C 411 -36.09 42.37 20.63
CA LEU C 411 -37.15 42.97 21.43
C LEU C 411 -37.92 44.00 20.62
N LYS C 412 -37.21 44.83 19.87
CA LYS C 412 -37.84 45.79 18.98
C LYS C 412 -38.75 45.06 17.99
N ASN C 413 -38.24 44.00 17.37
CA ASN C 413 -39.01 43.24 16.39
C ASN C 413 -40.29 42.62 16.96
N VAL C 414 -40.20 42.08 18.17
CA VAL C 414 -41.37 41.51 18.81
C VAL C 414 -42.43 42.58 19.02
N ILE C 415 -42.03 43.72 19.56
CA ILE C 415 -42.96 44.79 19.86
C ILE C 415 -43.57 45.36 18.60
N GLN C 416 -42.74 45.56 17.57
CA GLN C 416 -43.25 46.04 16.29
C GLN C 416 -44.23 45.04 15.66
N MET C 417 -43.97 43.75 15.80
CA MET C 417 -44.89 42.77 15.25
C MET C 417 -46.20 42.72 16.04
N LEU C 418 -46.12 42.92 17.36
CA LEU C 418 -47.32 42.93 18.18
C LEU C 418 -48.25 44.10 17.83
N ARG C 419 -47.66 45.24 17.49
CA ARG C 419 -48.45 46.44 17.21
C ARG C 419 -49.06 46.45 15.81
N THR C 420 -48.49 45.67 14.89
CA THR C 420 -48.88 45.74 13.49
C THR C 420 -49.52 44.47 12.94
N ASN C 421 -49.06 43.31 13.41
CA ASN C 421 -49.58 42.05 12.91
C ASN C 421 -49.59 41.00 14.01
N PRO C 422 -50.47 41.15 15.00
CA PRO C 422 -50.45 40.30 16.19
C PRO C 422 -50.87 38.84 15.98
N THR C 423 -51.31 38.45 14.78
CA THR C 423 -51.63 37.05 14.53
C THR C 423 -50.43 36.28 13.97
N ASP C 424 -49.32 37.00 13.77
CA ASP C 424 -48.06 36.41 13.34
C ASP C 424 -47.60 35.39 14.37
N ARG C 425 -46.96 34.32 13.91
CA ARG C 425 -46.57 33.24 14.82
C ARG C 425 -45.06 33.11 14.99
N ARG C 426 -44.35 34.21 14.74
CA ARG C 426 -42.91 34.22 14.87
C ARG C 426 -42.44 35.24 15.91
N MET C 427 -43.33 35.58 16.84
CA MET C 427 -43.03 36.60 17.82
C MET C 427 -42.21 36.04 18.97
N LEU C 428 -40.92 35.83 18.69
CA LEU C 428 -40.03 35.19 19.64
C LEU C 428 -38.79 35.98 19.90
N MET C 429 -38.23 35.77 21.09
CA MET C 429 -36.96 36.33 21.45
C MET C 429 -36.14 35.19 22.03
N THR C 430 -34.87 35.09 21.66
CA THR C 430 -33.99 34.07 22.20
C THR C 430 -32.65 34.63 22.67
N ALA C 431 -32.09 34.01 23.71
CA ALA C 431 -30.78 34.38 24.19
C ALA C 431 -29.79 33.25 23.91
N TRP C 432 -30.30 32.16 23.35
CA TRP C 432 -29.45 31.02 23.07
C TRP C 432 -28.72 31.16 21.75
N ASN C 433 -27.47 31.58 21.81
CA ASN C 433 -26.63 31.72 20.64
C ASN C 433 -25.45 30.77 20.77
N PRO C 434 -25.54 29.58 20.17
CA PRO C 434 -24.49 28.55 20.18
C PRO C 434 -23.11 29.06 19.79
N ALA C 435 -23.03 30.12 19.00
CA ALA C 435 -21.73 30.62 18.59
C ALA C 435 -21.07 31.51 19.65
N ALA C 436 -21.85 31.94 20.64
CA ALA C 436 -21.34 32.87 21.64
C ALA C 436 -21.30 32.29 23.04
N LEU C 437 -21.80 31.06 23.20
CA LEU C 437 -21.93 30.44 24.52
C LEU C 437 -20.64 30.43 25.34
N ASP C 438 -19.51 30.19 24.68
CA ASP C 438 -18.25 30.07 25.40
C ASP C 438 -17.73 31.42 25.88
N GLU C 439 -18.26 32.49 25.29
CA GLU C 439 -17.86 33.84 25.69
C GLU C 439 -18.66 34.34 26.89
N MET C 440 -19.72 33.62 27.24
CA MET C 440 -20.59 34.04 28.34
C MET C 440 -20.13 33.47 29.67
N ALA C 441 -20.28 34.25 30.73
CA ALA C 441 -19.96 33.77 32.06
C ALA C 441 -20.81 32.54 32.37
N LEU C 442 -22.08 32.59 32.01
CA LEU C 442 -22.95 31.45 32.22
C LEU C 442 -23.94 31.39 31.07
N PRO C 443 -24.10 30.20 30.47
CA PRO C 443 -25.03 30.17 29.36
C PRO C 443 -26.43 30.44 29.90
N PRO C 444 -27.26 31.13 29.13
CA PRO C 444 -28.56 31.53 29.65
C PRO C 444 -29.43 30.35 30.11
N CYS C 445 -30.16 30.56 31.19
CA CYS C 445 -31.11 29.57 31.67
C CYS C 445 -32.50 29.78 31.07
N HIS C 446 -33.03 31.00 31.22
CA HIS C 446 -34.25 31.35 30.51
C HIS C 446 -33.84 31.80 29.11
N LEU C 447 -34.14 30.99 28.11
CA LEU C 447 -33.47 31.16 26.83
C LEU C 447 -34.36 31.52 25.65
N LEU C 448 -35.66 31.43 25.83
CA LEU C 448 -36.56 31.75 24.75
C LEU C 448 -37.85 32.20 25.36
N CYS C 449 -38.50 33.19 24.73
CA CYS C 449 -39.87 33.50 25.08
C CYS C 449 -40.68 33.79 23.82
N GLN C 450 -41.96 33.48 23.86
CA GLN C 450 -42.81 33.69 22.71
C GLN C 450 -44.10 34.42 23.12
N PHE C 451 -44.56 35.30 22.25
CA PHE C 451 -45.74 36.09 22.56
C PHE C 451 -46.93 35.70 21.69
N TYR C 452 -48.12 35.98 22.19
CA TYR C 452 -49.36 35.57 21.55
C TYR C 452 -50.46 36.54 21.94
N VAL C 453 -51.27 36.92 20.96
CA VAL C 453 -52.36 37.84 21.21
C VAL C 453 -53.63 37.15 20.76
N ASN C 454 -54.64 37.15 21.60
CA ASN C 454 -55.88 36.55 21.17
C ASN C 454 -56.86 37.51 20.49
N ASP C 455 -58.10 37.05 20.51
CA ASP C 455 -59.29 37.71 20.05
C ASP C 455 -59.56 39.10 20.63
N GLN C 456 -59.11 39.32 21.86
CA GLN C 456 -59.59 40.43 22.66
C GLN C 456 -58.47 41.34 23.07
N LYS C 457 -57.43 41.43 22.24
CA LYS C 457 -56.26 42.22 22.58
C LYS C 457 -55.61 41.79 23.91
N GLU C 458 -55.71 40.50 24.23
CA GLU C 458 -55.09 39.94 25.42
C GLU C 458 -53.74 39.29 25.09
N LEU C 459 -52.70 39.67 25.83
CA LEU C 459 -51.35 39.20 25.55
C LEU C 459 -50.92 38.06 26.47
N SER C 460 -50.38 37.00 25.88
CA SER C 460 -49.83 35.89 26.64
C SER C 460 -48.36 35.68 26.31
N CYS C 461 -47.61 35.10 27.24
CA CYS C 461 -46.19 34.88 27.04
C CYS C 461 -45.76 33.51 27.54
N ILE C 462 -44.99 32.81 26.71
CA ILE C 462 -44.38 31.55 27.10
C ILE C 462 -42.90 31.81 27.26
N MET C 463 -42.30 31.32 28.34
CA MET C 463 -40.86 31.32 28.43
C MET C 463 -40.33 29.91 28.58
N TYR C 464 -39.28 29.57 27.83
CA TYR C 464 -38.65 28.27 27.96
C TYR C 464 -37.37 28.39 28.76
N GLN C 465 -37.25 27.57 29.81
CA GLN C 465 -36.08 27.63 30.66
C GLN C 465 -35.40 26.26 30.67
N ARG C 466 -34.14 26.21 30.23
CA ARG C 466 -33.42 24.94 30.10
C ARG C 466 -33.09 24.32 31.46
N SER C 467 -32.91 25.17 32.46
CA SER C 467 -32.41 24.75 33.75
C SER C 467 -33.07 25.58 34.83
N CYS C 468 -33.70 24.90 35.78
CA CYS C 468 -34.51 25.61 36.76
C CYS C 468 -34.17 25.21 38.19
N ASP C 469 -33.52 26.12 38.90
CA ASP C 469 -33.29 25.97 40.32
C ASP C 469 -34.62 26.31 41.01
N VAL C 470 -35.36 25.26 41.34
CA VAL C 470 -36.72 25.43 41.85
C VAL C 470 -36.80 26.28 43.11
N GLY C 471 -35.91 26.04 44.05
CA GLY C 471 -35.92 26.80 45.29
C GLY C 471 -35.60 28.27 45.11
N LEU C 472 -34.50 28.55 44.43
CA LEU C 472 -33.96 29.91 44.40
C LEU C 472 -34.40 30.72 43.18
N GLY C 473 -34.19 30.19 41.99
CA GLY C 473 -34.41 30.94 40.78
C GLY C 473 -35.84 31.02 40.25
N VAL C 474 -36.58 29.92 40.36
CA VAL C 474 -37.91 29.82 39.76
C VAL C 474 -38.91 30.94 40.13
N PRO C 475 -39.10 31.23 41.44
CA PRO C 475 -39.98 32.33 41.82
C PRO C 475 -39.57 33.64 41.17
N PHE C 476 -38.26 33.85 41.15
CA PHE C 476 -37.65 35.02 40.57
C PHE C 476 -37.92 35.05 39.06
N ASN C 477 -37.72 33.92 38.39
CA ASN C 477 -38.02 33.83 36.97
C ASN C 477 -39.51 34.05 36.63
N ILE C 478 -40.40 33.51 37.45
CA ILE C 478 -41.83 33.72 37.28
C ILE C 478 -42.17 35.22 37.31
N ALA C 479 -41.67 35.90 38.34
CA ALA C 479 -41.92 37.33 38.51
C ALA C 479 -41.36 38.15 37.35
N SER C 480 -40.16 37.79 36.90
CA SER C 480 -39.45 38.50 35.85
C SER C 480 -40.19 38.49 34.50
N TYR C 481 -40.58 37.31 34.03
CA TYR C 481 -41.23 37.25 32.73
C TYR C 481 -42.69 37.70 32.79
N SER C 482 -43.29 37.61 33.97
CA SER C 482 -44.63 38.14 34.15
C SER C 482 -44.57 39.66 34.07
N LEU C 483 -43.54 40.25 34.67
CA LEU C 483 -43.31 41.68 34.60
C LEU C 483 -43.07 42.11 33.14
N LEU C 484 -42.21 41.37 32.45
CA LEU C 484 -41.98 41.61 31.02
C LEU C 484 -43.29 41.60 30.23
N THR C 485 -44.19 40.69 30.59
CA THR C 485 -45.47 40.62 29.90
C THR C 485 -46.31 41.88 30.16
N LEU C 486 -46.29 42.36 31.41
CA LEU C 486 -46.97 43.61 31.74
C LEU C 486 -46.41 44.77 30.93
N MET C 487 -45.08 44.85 30.86
CA MET C 487 -44.41 45.94 30.17
C MET C 487 -44.69 45.96 28.68
N VAL C 488 -44.59 44.79 28.06
CA VAL C 488 -44.85 44.67 26.64
C VAL C 488 -46.31 44.96 26.31
N ALA C 489 -47.22 44.46 27.15
CA ALA C 489 -48.65 44.70 26.96
C ALA C 489 -48.95 46.20 26.93
N HIS C 490 -48.50 46.91 27.96
CA HIS C 490 -48.75 48.34 28.05
C HIS C 490 -48.27 49.11 26.83
N VAL C 491 -47.10 48.73 26.34
CA VAL C 491 -46.43 49.45 25.28
C VAL C 491 -47.05 49.12 23.90
N CYS C 492 -47.76 48.01 23.84
CA CYS C 492 -48.43 47.61 22.61
C CYS C 492 -49.94 47.79 22.70
N ASN C 493 -50.39 48.43 23.78
CA ASN C 493 -51.82 48.63 24.00
C ASN C 493 -52.64 47.36 24.06
N LEU C 494 -52.16 46.41 24.85
CA LEU C 494 -52.83 45.13 25.02
C LEU C 494 -53.11 44.92 26.50
N LYS C 495 -53.92 43.92 26.82
CA LYS C 495 -54.18 43.54 28.19
C LYS C 495 -53.33 42.33 28.55
N PRO C 496 -52.62 42.37 29.68
CA PRO C 496 -51.86 41.15 30.03
C PRO C 496 -52.81 40.05 30.47
N LYS C 497 -52.62 38.84 29.93
CA LYS C 497 -53.52 37.74 30.24
C LYS C 497 -52.83 36.60 30.98
N GLU C 498 -51.70 36.13 30.43
CA GLU C 498 -51.14 34.90 30.94
C GLU C 498 -49.64 34.75 30.74
N PHE C 499 -48.97 34.28 31.78
CA PHE C 499 -47.60 33.84 31.64
C PHE C 499 -47.49 32.33 31.80
N ILE C 500 -46.85 31.70 30.82
CA ILE C 500 -46.74 30.26 30.77
C ILE C 500 -45.27 29.86 30.84
N HIS C 501 -44.93 29.05 31.84
CA HIS C 501 -43.55 28.68 32.12
C HIS C 501 -43.29 27.25 31.67
N PHE C 502 -42.46 27.08 30.65
CA PHE C 502 -42.02 25.75 30.21
C PHE C 502 -40.62 25.48 30.75
N MET C 503 -40.45 24.34 31.42
CA MET C 503 -39.21 24.07 32.15
C MET C 503 -38.55 22.78 31.68
N GLY C 504 -37.24 22.83 31.46
CA GLY C 504 -36.50 21.64 31.07
C GLY C 504 -35.97 20.88 32.26
N ASN C 505 -34.67 21.01 32.52
CA ASN C 505 -34.08 20.38 33.70
C ASN C 505 -34.49 21.12 34.96
N THR C 506 -35.38 20.50 35.72
CA THR C 506 -36.05 21.16 36.81
C THR C 506 -35.61 20.52 38.12
N HIS C 507 -34.86 21.25 38.93
CA HIS C 507 -34.17 20.63 40.05
C HIS C 507 -34.26 21.37 41.38
N VAL C 508 -34.21 20.63 42.48
CA VAL C 508 -33.94 21.22 43.78
C VAL C 508 -32.61 20.73 44.33
N TYR C 509 -31.75 21.68 44.71
CA TYR C 509 -30.44 21.37 45.24
C TYR C 509 -30.62 20.67 46.58
N THR C 510 -29.72 19.73 46.88
CA THR C 510 -29.85 18.90 48.07
C THR C 510 -29.90 19.71 49.33
N ASN C 511 -29.19 20.83 49.34
CA ASN C 511 -29.11 21.68 50.51
C ASN C 511 -30.24 22.70 50.60
N HIS C 512 -31.30 22.49 49.82
CA HIS C 512 -32.46 23.36 49.90
C HIS C 512 -33.66 22.58 50.43
N VAL C 513 -33.54 21.26 50.43
CA VAL C 513 -34.67 20.37 50.71
C VAL C 513 -35.34 20.66 52.04
N GLU C 514 -34.52 20.98 53.04
N GLU C 514 -34.52 20.95 53.06
CA GLU C 514 -35.01 21.21 54.38
CA GLU C 514 -35.00 21.22 54.39
C GLU C 514 -35.74 22.55 54.46
C GLU C 514 -35.77 22.54 54.42
N ALA C 515 -35.18 23.56 53.79
CA ALA C 515 -35.79 24.87 53.71
C ALA C 515 -37.11 24.79 52.94
N LEU C 516 -37.11 23.99 51.88
CA LEU C 516 -38.29 23.84 51.04
C LEU C 516 -39.41 23.09 51.75
N LYS C 517 -39.03 22.13 52.60
CA LYS C 517 -40.03 21.36 53.34
C LYS C 517 -40.77 22.24 54.34
N GLU C 518 -40.08 23.21 54.92
CA GLU C 518 -40.70 24.17 55.80
C GLU C 518 -41.64 25.07 55.01
N GLN C 519 -41.20 25.45 53.82
CA GLN C 519 -42.00 26.31 52.96
C GLN C 519 -43.33 25.66 52.61
N LEU C 520 -43.33 24.34 52.49
CA LEU C 520 -44.53 23.58 52.15
C LEU C 520 -45.55 23.52 53.27
N ARG C 521 -45.21 24.02 54.45
CA ARG C 521 -46.14 24.03 55.57
C ARG C 521 -46.95 25.32 55.60
N ARG C 522 -46.63 26.23 54.70
CA ARG C 522 -47.21 27.56 54.69
C ARG C 522 -48.32 27.63 53.66
N GLU C 523 -49.48 28.15 54.05
CA GLU C 523 -50.48 28.36 53.02
C GLU C 523 -50.26 29.71 52.33
N PRO C 524 -50.54 29.76 51.02
CA PRO C 524 -50.39 30.98 50.24
C PRO C 524 -51.38 32.06 50.64
N ARG C 525 -50.94 33.30 50.43
CA ARG C 525 -51.71 34.50 50.67
C ARG C 525 -52.14 35.01 49.30
N PRO C 526 -53.13 35.91 49.24
CA PRO C 526 -53.52 36.48 47.95
C PRO C 526 -52.31 37.11 47.25
N PHE C 527 -52.23 36.95 45.94
CA PHE C 527 -51.23 37.61 45.14
C PHE C 527 -51.42 39.10 45.18
N PRO C 528 -50.32 39.85 45.05
CA PRO C 528 -50.39 41.31 44.99
C PRO C 528 -50.79 41.78 43.61
N ILE C 529 -51.00 43.08 43.46
CA ILE C 529 -51.16 43.69 42.16
C ILE C 529 -49.90 44.52 41.86
N VAL C 530 -49.45 44.49 40.62
CA VAL C 530 -48.40 45.38 40.19
C VAL C 530 -48.97 46.42 39.23
N ASN C 531 -48.85 47.69 39.60
CA ASN C 531 -49.27 48.78 38.73
C ASN C 531 -48.07 49.45 38.07
N ILE C 532 -48.23 49.79 36.81
CA ILE C 532 -47.28 50.65 36.15
C ILE C 532 -47.71 52.08 36.43
N LEU C 533 -46.79 52.89 36.93
CA LEU C 533 -47.10 54.29 37.19
C LEU C 533 -46.65 55.10 35.99
N ASN C 534 -47.20 56.30 35.84
CA ASN C 534 -46.76 57.23 34.81
C ASN C 534 -46.91 56.64 33.43
N LYS C 535 -48.04 55.98 33.22
CA LYS C 535 -48.35 55.34 31.95
C LYS C 535 -48.29 56.28 30.76
N GLU C 536 -48.78 57.51 30.95
CA GLU C 536 -48.80 58.52 29.88
C GLU C 536 -47.41 58.84 29.34
N ARG C 537 -46.41 58.76 30.21
CA ARG C 537 -45.06 59.10 29.81
C ARG C 537 -44.43 57.92 29.07
N ILE C 538 -44.96 56.73 29.33
CA ILE C 538 -44.29 55.51 28.90
C ILE C 538 -44.86 54.96 27.60
N LYS C 539 -44.13 55.16 26.52
CA LYS C 539 -44.62 54.82 25.19
C LYS C 539 -43.81 53.73 24.49
N GLU C 540 -42.58 53.52 24.93
CA GLU C 540 -41.73 52.49 24.34
C GLU C 540 -41.07 51.67 25.46
N ILE C 541 -40.62 50.47 25.11
CA ILE C 541 -40.05 49.54 26.06
C ILE C 541 -38.86 50.11 26.85
N ASP C 542 -38.07 50.94 26.19
CA ASP C 542 -36.90 51.56 26.82
C ASP C 542 -37.28 52.74 27.72
N ASP C 543 -38.56 53.11 27.76
CA ASP C 543 -39.01 54.26 28.57
C ASP C 543 -39.14 53.95 30.06
N PHE C 544 -39.36 52.69 30.42
CA PHE C 544 -39.54 52.32 31.82
C PHE C 544 -38.31 52.61 32.67
N THR C 545 -38.54 53.09 33.88
CA THR C 545 -37.46 53.24 34.85
C THR C 545 -37.75 52.44 36.09
N ALA C 546 -36.78 52.41 36.99
CA ALA C 546 -36.93 51.67 38.24
C ALA C 546 -38.01 52.26 39.15
N GLU C 547 -38.50 53.46 38.81
CA GLU C 547 -39.52 54.11 39.63
C GLU C 547 -40.93 54.00 39.07
N ASP C 548 -41.10 53.29 37.97
CA ASP C 548 -42.39 53.31 37.30
C ASP C 548 -43.28 52.15 37.71
N PHE C 549 -43.00 51.59 38.88
CA PHE C 549 -43.74 50.42 39.33
C PHE C 549 -44.16 50.50 40.78
N GLU C 550 -45.26 49.84 41.07
CA GLU C 550 -45.82 49.83 42.40
C GLU C 550 -46.37 48.44 42.66
N VAL C 551 -45.91 47.79 43.72
CA VAL C 551 -46.43 46.51 44.13
C VAL C 551 -47.44 46.77 45.22
N VAL C 552 -48.64 46.22 45.06
CA VAL C 552 -49.73 46.54 45.95
C VAL C 552 -50.32 45.29 46.58
N GLY C 553 -50.33 45.25 47.91
CA GLY C 553 -50.99 44.17 48.63
C GLY C 553 -50.16 42.92 48.80
N TYR C 554 -48.84 43.07 48.85
CA TYR C 554 -47.94 41.94 48.97
C TYR C 554 -47.78 41.57 50.44
N VAL C 555 -48.23 40.38 50.81
CA VAL C 555 -48.22 39.95 52.21
C VAL C 555 -47.61 38.55 52.34
N PRO C 556 -46.32 38.42 52.04
CA PRO C 556 -45.74 37.09 51.97
C PRO C 556 -45.31 36.60 53.34
N HIS C 557 -45.10 35.29 53.47
CA HIS C 557 -44.41 34.75 54.62
C HIS C 557 -42.96 35.22 54.59
N GLY C 558 -42.24 35.02 55.68
CA GLY C 558 -40.86 35.50 55.78
C GLY C 558 -39.90 34.94 54.76
N ARG C 559 -38.74 35.59 54.61
CA ARG C 559 -37.66 35.07 53.77
C ARG C 559 -37.20 33.72 54.27
N ILE C 560 -36.82 32.86 53.34
CA ILE C 560 -36.14 31.63 53.70
C ILE C 560 -34.75 31.65 53.07
N GLN C 561 -33.72 31.52 53.90
CA GLN C 561 -32.35 31.48 53.41
C GLN C 561 -32.11 30.24 52.57
N MET C 562 -31.53 30.43 51.40
CA MET C 562 -31.11 29.33 50.54
C MET C 562 -29.87 29.77 49.79
N GLU C 563 -28.78 29.03 49.97
CA GLU C 563 -27.52 29.40 49.35
C GLU C 563 -27.50 29.06 47.86
N MET C 564 -26.89 29.93 47.07
CA MET C 564 -26.76 29.70 45.65
C MET C 564 -25.63 28.72 45.34
N ALA C 565 -25.95 27.67 44.60
CA ALA C 565 -24.95 26.72 44.15
C ALA C 565 -24.12 27.38 43.06
N VAL C 566 -22.84 27.56 43.35
CA VAL C 566 -22.02 28.59 42.72
C VAL C 566 -21.44 28.27 41.34
N LYS D 3 -76.18 -13.71 36.08
CA LYS D 3 -75.55 -14.81 35.35
C LYS D 3 -74.68 -14.33 34.17
N PRO D 4 -73.95 -13.22 34.34
CA PRO D 4 -73.37 -12.64 33.13
C PRO D 4 -71.97 -13.16 32.79
N VAL D 5 -71.73 -13.49 31.53
CA VAL D 5 -70.43 -13.99 31.10
C VAL D 5 -69.50 -12.89 30.58
N CYS D 6 -68.19 -13.09 30.79
CA CYS D 6 -67.17 -12.23 30.20
C CYS D 6 -66.18 -13.09 29.42
N LEU D 7 -65.76 -12.62 28.25
CA LEU D 7 -64.79 -13.34 27.45
C LEU D 7 -63.39 -12.74 27.62
N VAL D 8 -62.41 -13.61 27.80
CA VAL D 8 -61.02 -13.20 27.90
C VAL D 8 -60.22 -13.79 26.74
N VAL D 9 -59.56 -12.93 25.98
CA VAL D 9 -58.81 -13.33 24.78
C VAL D 9 -57.63 -12.44 24.47
N ALA D 10 -56.67 -13.01 23.76
CA ALA D 10 -55.65 -12.23 23.07
C ALA D 10 -55.73 -12.57 21.59
N MET D 11 -55.69 -11.56 20.74
CA MET D 11 -55.75 -11.82 19.31
C MET D 11 -54.97 -10.83 18.45
N THR D 12 -54.54 -11.31 17.29
CA THR D 12 -53.87 -10.49 16.30
C THR D 12 -54.91 -9.60 15.63
N PRO D 13 -54.47 -8.66 14.78
CA PRO D 13 -55.47 -7.81 14.13
C PRO D 13 -56.42 -8.58 13.21
N LYS D 14 -56.02 -9.77 12.79
CA LYS D 14 -56.88 -10.60 11.94
C LYS D 14 -57.66 -11.62 12.75
N ARG D 15 -57.77 -11.36 14.05
CA ARG D 15 -58.50 -12.22 14.98
C ARG D 15 -57.81 -13.56 15.25
N GLY D 16 -56.52 -13.65 14.95
CA GLY D 16 -55.81 -14.90 15.16
C GLY D 16 -55.57 -15.15 16.64
N ILE D 17 -55.78 -16.38 17.11
CA ILE D 17 -55.59 -16.67 18.52
C ILE D 17 -54.71 -17.89 18.80
N GLY D 18 -54.45 -18.72 17.80
CA GLY D 18 -53.62 -19.89 18.02
C GLY D 18 -53.14 -20.61 16.79
N ILE D 19 -52.17 -21.50 16.99
CA ILE D 19 -51.67 -22.36 15.91
C ILE D 19 -51.02 -23.60 16.51
N ASN D 20 -51.24 -24.74 15.87
CA ASN D 20 -50.77 -26.03 16.37
C ASN D 20 -51.03 -26.20 17.85
N ASN D 21 -52.26 -25.85 18.24
CA ASN D 21 -52.71 -25.96 19.61
C ASN D 21 -51.83 -25.26 20.64
N GLY D 22 -51.19 -24.18 20.20
CA GLY D 22 -50.46 -23.30 21.10
C GLY D 22 -50.75 -21.86 20.73
N LEU D 23 -50.02 -20.95 21.36
CA LEU D 23 -50.17 -19.52 21.08
C LEU D 23 -49.30 -19.12 19.89
N PRO D 24 -49.73 -18.11 19.13
CA PRO D 24 -49.08 -17.68 17.90
C PRO D 24 -47.82 -16.87 18.15
N TRP D 25 -47.72 -16.23 19.31
CA TRP D 25 -46.66 -15.25 19.54
C TRP D 25 -45.66 -15.69 20.62
N PRO D 26 -44.50 -15.03 20.69
CA PRO D 26 -43.65 -15.35 21.86
C PRO D 26 -44.29 -14.86 23.15
N HIS D 27 -43.71 -15.22 24.28
CA HIS D 27 -44.35 -15.04 25.57
C HIS D 27 -44.66 -13.59 25.91
N LEU D 28 -45.92 -13.31 26.23
CA LEU D 28 -46.32 -11.96 26.61
C LEU D 28 -46.53 -11.89 28.11
N THR D 29 -45.48 -11.43 28.80
CA THR D 29 -45.43 -11.43 30.26
C THR D 29 -46.57 -10.63 30.86
N THR D 30 -46.67 -9.37 30.46
CA THR D 30 -47.69 -8.48 30.99
C THR D 30 -49.11 -8.94 30.67
N ASP D 31 -49.31 -9.52 29.49
CA ASP D 31 -50.62 -10.06 29.16
C ASP D 31 -51.01 -11.12 30.17
N PHE D 32 -50.05 -11.98 30.52
CA PHE D 32 -50.33 -13.04 31.47
C PHE D 32 -50.71 -12.49 32.85
N LYS D 33 -50.03 -11.44 33.29
CA LYS D 33 -50.37 -10.79 34.55
C LYS D 33 -51.79 -10.25 34.50
N HIS D 34 -52.09 -9.56 33.40
CA HIS D 34 -53.44 -9.08 33.14
C HIS D 34 -54.45 -10.21 33.25
N PHE D 35 -54.17 -11.32 32.58
CA PHE D 35 -55.07 -12.47 32.57
C PHE D 35 -55.30 -13.01 33.97
N SER D 36 -54.22 -13.05 34.75
CA SER D 36 -54.25 -13.61 36.09
C SER D 36 -55.20 -12.78 36.94
N ARG D 37 -54.83 -11.52 37.10
CA ARG D 37 -55.59 -10.53 37.85
C ARG D 37 -57.08 -10.52 37.52
N VAL D 38 -57.39 -10.25 36.27
CA VAL D 38 -58.79 -10.15 35.83
C VAL D 38 -59.59 -11.36 36.27
N THR D 39 -59.03 -12.54 36.09
CA THR D 39 -59.76 -13.77 36.36
C THR D 39 -59.89 -14.14 37.83
N LYS D 40 -59.34 -13.33 38.73
CA LYS D 40 -59.53 -13.56 40.16
C LYS D 40 -59.75 -12.28 40.99
N THR D 41 -60.88 -12.25 41.71
CA THR D 41 -61.23 -11.18 42.66
C THR D 41 -62.54 -11.48 43.38
N PHE D 49 -64.99 -17.05 45.06
CA PHE D 49 -64.05 -17.27 43.97
C PHE D 49 -64.71 -17.16 42.58
N ASN D 50 -63.89 -16.94 41.56
CA ASN D 50 -64.35 -16.81 40.18
C ASN D 50 -64.30 -18.12 39.40
N ALA D 51 -64.98 -18.16 38.26
CA ALA D 51 -64.99 -19.35 37.43
C ALA D 51 -64.39 -19.12 36.04
N VAL D 52 -63.41 -19.93 35.67
CA VAL D 52 -62.91 -19.94 34.30
C VAL D 52 -63.44 -21.17 33.57
N VAL D 53 -63.75 -21.01 32.29
CA VAL D 53 -64.38 -22.06 31.51
C VAL D 53 -63.69 -22.20 30.15
N MET D 54 -63.16 -23.40 29.87
CA MET D 54 -62.32 -23.59 28.69
C MET D 54 -62.63 -24.87 27.90
N GLY D 55 -62.52 -24.80 26.58
CA GLY D 55 -62.73 -25.96 25.73
C GLY D 55 -61.67 -27.02 25.91
N ARG D 56 -61.88 -28.21 25.33
CA ARG D 56 -60.96 -29.31 25.52
C ARG D 56 -59.56 -28.99 25.04
N LYS D 57 -59.44 -28.67 23.75
CA LYS D 57 -58.14 -28.40 23.16
C LYS D 57 -57.41 -27.33 23.96
N THR D 58 -58.13 -26.31 24.41
CA THR D 58 -57.55 -25.30 25.30
C THR D 58 -57.04 -25.91 26.61
N TRP D 59 -57.74 -26.90 27.15
CA TRP D 59 -57.25 -27.56 28.36
C TRP D 59 -55.88 -28.17 28.12
N GLU D 60 -55.77 -28.91 27.02
CA GLU D 60 -54.52 -29.57 26.67
C GLU D 60 -53.37 -28.60 26.39
N SER D 61 -53.67 -27.47 25.75
CA SER D 61 -52.66 -26.46 25.43
C SER D 61 -51.88 -25.97 26.65
N MET D 62 -52.53 -25.98 27.81
CA MET D 62 -51.89 -25.49 29.01
C MET D 62 -50.90 -26.49 29.54
N PRO D 63 -49.69 -26.03 29.88
CA PRO D 63 -48.74 -26.84 30.65
C PRO D 63 -49.37 -27.36 31.93
N ARG D 64 -48.95 -28.55 32.37
CA ARG D 64 -49.55 -29.18 33.54
C ARG D 64 -49.29 -28.41 34.84
N LYS D 65 -48.14 -27.78 34.95
CA LYS D 65 -47.78 -27.09 36.20
C LYS D 65 -48.70 -25.92 36.49
N PHE D 66 -49.36 -25.42 35.45
CA PHE D 66 -50.36 -24.37 35.59
C PHE D 66 -51.79 -24.90 35.40
N ARG D 67 -51.92 -26.13 34.88
CA ARG D 67 -53.22 -26.65 34.42
C ARG D 67 -54.36 -26.52 35.43
N PRO D 68 -54.12 -26.92 36.69
CA PRO D 68 -55.13 -26.43 37.63
C PRO D 68 -54.99 -24.92 37.76
N LEU D 69 -55.83 -24.17 37.05
CA LEU D 69 -55.83 -22.72 37.19
C LEU D 69 -56.25 -22.38 38.61
N VAL D 70 -55.23 -22.25 39.45
CA VAL D 70 -55.42 -22.15 40.89
C VAL D 70 -56.26 -20.93 41.28
N ASP D 71 -57.00 -21.08 42.39
CA ASP D 71 -57.83 -20.01 42.97
C ASP D 71 -59.07 -19.66 42.15
N ARG D 72 -59.47 -20.57 41.27
CA ARG D 72 -60.60 -20.34 40.38
C ARG D 72 -61.25 -21.66 40.00
N LEU D 73 -62.58 -21.69 39.99
CA LEU D 73 -63.30 -22.88 39.57
C LEU D 73 -63.05 -23.12 38.09
N ASN D 74 -62.30 -24.16 37.77
CA ASN D 74 -62.06 -24.54 36.39
C ASN D 74 -63.23 -25.37 35.89
N ILE D 75 -63.53 -25.27 34.60
CA ILE D 75 -64.52 -26.13 33.98
C ILE D 75 -64.11 -26.44 32.54
N VAL D 76 -63.55 -27.63 32.32
CA VAL D 76 -63.27 -28.04 30.96
C VAL D 76 -64.58 -28.49 30.34
N VAL D 77 -64.81 -28.15 29.08
CA VAL D 77 -65.99 -28.66 28.39
C VAL D 77 -65.58 -29.55 27.23
N SER D 78 -66.22 -30.71 27.16
CA SER D 78 -65.85 -31.71 26.19
C SER D 78 -66.88 -32.82 26.25
N SER D 79 -66.69 -33.83 25.40
CA SER D 79 -67.55 -34.99 25.42
C SER D 79 -66.66 -36.22 25.53
N SER D 80 -65.46 -36.02 26.09
CA SER D 80 -64.41 -37.03 25.98
C SER D 80 -63.67 -37.43 27.25
N LEU D 81 -63.44 -36.51 28.17
CA LEU D 81 -62.55 -36.81 29.31
C LEU D 81 -63.23 -36.96 30.68
N LYS D 82 -62.45 -36.66 31.72
CA LYS D 82 -62.81 -37.00 33.10
C LYS D 82 -63.88 -36.09 33.68
N VAL D 101 -67.01 -29.78 34.84
CA VAL D 101 -66.36 -30.54 33.80
C VAL D 101 -67.41 -31.13 32.85
N CYS D 102 -67.95 -30.29 31.98
CA CYS D 102 -69.24 -30.57 31.36
C CYS D 102 -69.23 -30.90 29.88
N ALA D 103 -70.42 -30.99 29.31
CA ALA D 103 -70.59 -31.42 27.93
C ALA D 103 -70.67 -30.25 26.97
N SER D 104 -71.36 -29.18 27.38
CA SER D 104 -71.60 -28.04 26.51
C SER D 104 -71.33 -26.76 27.28
N LEU D 105 -71.46 -25.63 26.60
CA LEU D 105 -71.41 -24.34 27.28
C LEU D 105 -72.68 -24.05 28.08
N PRO D 106 -73.87 -24.26 27.48
CA PRO D 106 -75.08 -24.12 28.29
C PRO D 106 -75.03 -24.98 29.55
N ALA D 107 -74.53 -26.21 29.39
CA ALA D 107 -74.40 -27.14 30.51
C ALA D 107 -73.50 -26.61 31.61
N ALA D 108 -72.35 -26.07 31.22
CA ALA D 108 -71.40 -25.55 32.20
C ALA D 108 -72.02 -24.39 32.98
N LEU D 109 -72.94 -23.69 32.34
CA LEU D 109 -73.60 -22.55 32.94
C LEU D 109 -74.65 -22.98 33.96
N SER D 110 -75.45 -23.98 33.58
CA SER D 110 -76.44 -24.55 34.48
C SER D 110 -75.73 -25.06 35.72
N LEU D 111 -74.64 -25.79 35.50
CA LEU D 111 -73.81 -26.31 36.58
C LEU D 111 -73.45 -25.22 37.59
N LEU D 112 -73.18 -24.02 37.11
CA LEU D 112 -72.81 -22.92 37.98
C LEU D 112 -74.04 -22.34 38.67
N GLU D 113 -75.22 -22.59 38.10
CA GLU D 113 -76.47 -22.18 38.72
C GLU D 113 -76.72 -23.04 39.95
N GLU D 114 -77.04 -24.32 39.73
CA GLU D 114 -77.33 -25.25 40.82
C GLU D 114 -76.29 -25.17 41.94
N GLU D 115 -75.13 -25.78 41.75
CA GLU D 115 -74.07 -25.64 42.74
C GLU D 115 -73.24 -24.40 42.46
N TYR D 116 -72.30 -24.09 43.36
CA TYR D 116 -71.45 -22.90 43.31
C TYR D 116 -72.20 -21.57 43.28
N LYS D 117 -73.53 -21.60 43.26
CA LYS D 117 -74.37 -20.41 43.38
C LYS D 117 -73.81 -19.44 44.42
N ASP D 118 -73.22 -20.00 45.47
CA ASP D 118 -72.49 -19.23 46.48
C ASP D 118 -70.99 -19.28 46.19
N SER D 119 -70.29 -18.24 46.64
CA SER D 119 -68.86 -18.02 46.33
C SER D 119 -68.60 -17.58 44.90
N VAL D 120 -69.15 -18.30 43.92
CA VAL D 120 -68.90 -17.98 42.50
C VAL D 120 -69.31 -16.55 42.15
N ASP D 121 -68.32 -15.66 42.12
CA ASP D 121 -68.58 -14.27 41.83
C ASP D 121 -69.05 -14.12 40.39
N GLN D 122 -68.10 -13.97 39.47
CA GLN D 122 -68.41 -13.85 38.06
C GLN D 122 -67.62 -14.88 37.29
N ILE D 123 -68.01 -15.09 36.03
CA ILE D 123 -67.42 -16.17 35.26
C ILE D 123 -66.67 -15.63 34.03
N PHE D 124 -65.65 -16.38 33.59
CA PHE D 124 -64.90 -16.01 32.39
C PHE D 124 -64.70 -17.20 31.47
N VAL D 125 -64.94 -17.00 30.17
CA VAL D 125 -64.59 -17.99 29.17
C VAL D 125 -63.21 -17.66 28.59
N VAL D 126 -62.31 -18.63 28.59
CA VAL D 126 -60.91 -18.37 28.23
C VAL D 126 -60.37 -19.25 27.10
N GLY D 128 -61.54 -21.73 24.33
CA GLY D 128 -61.01 -21.64 22.98
C GLY D 128 -62.05 -21.10 22.02
N ALA D 129 -61.77 -21.15 20.73
CA ALA D 129 -62.78 -20.81 19.74
C ALA D 129 -63.82 -21.91 19.82
N GLY D 130 -64.99 -21.71 19.26
CA GLY D 130 -66.03 -22.69 19.51
C GLY D 130 -66.65 -22.36 20.84
N LEU D 131 -65.86 -22.44 21.90
CA LEU D 131 -66.30 -21.90 23.17
C LEU D 131 -66.61 -20.41 23.02
N TYR D 132 -65.73 -19.66 22.37
CA TYR D 132 -65.98 -18.25 22.11
C TYR D 132 -67.19 -18.07 21.21
N GLU D 133 -67.28 -18.86 20.14
CA GLU D 133 -68.37 -18.69 19.20
C GLU D 133 -69.70 -19.17 19.78
N ALA D 134 -69.64 -20.18 20.65
CA ALA D 134 -70.82 -20.61 21.38
C ALA D 134 -71.32 -19.46 22.23
N ALA D 135 -70.41 -18.89 23.04
CA ALA D 135 -70.75 -17.82 23.95
C ALA D 135 -71.34 -16.60 23.23
N LEU D 136 -70.90 -16.36 22.01
CA LEU D 136 -71.37 -15.20 21.25
C LEU D 136 -72.73 -15.47 20.62
N SER D 137 -72.88 -16.67 20.06
CA SER D 137 -74.12 -17.10 19.41
C SER D 137 -75.28 -17.22 20.39
N LEU D 138 -74.97 -17.59 21.63
CA LEU D 138 -75.99 -17.75 22.66
C LEU D 138 -76.23 -16.42 23.38
N GLY D 139 -75.53 -15.38 22.93
CA GLY D 139 -75.74 -14.03 23.41
C GLY D 139 -75.50 -13.79 24.89
N VAL D 140 -74.62 -14.58 25.50
CA VAL D 140 -74.45 -14.51 26.95
C VAL D 140 -73.30 -13.63 27.43
N ALA D 141 -72.38 -13.28 26.54
CA ALA D 141 -71.22 -12.49 26.95
C ALA D 141 -71.52 -11.00 26.95
N SER D 142 -71.39 -10.38 28.11
CA SER D 142 -71.69 -8.96 28.26
C SER D 142 -70.45 -8.10 28.05
N HIS D 143 -69.27 -8.68 28.26
CA HIS D 143 -68.04 -7.93 28.07
C HIS D 143 -66.93 -8.75 27.44
N LEU D 144 -66.19 -8.12 26.53
CA LEU D 144 -65.02 -8.76 25.95
C LEU D 144 -63.77 -8.11 26.53
N TYR D 145 -62.91 -8.91 27.15
CA TYR D 145 -61.60 -8.44 27.58
C TYR D 145 -60.60 -8.89 26.54
N ILE D 146 -60.14 -7.95 25.72
CA ILE D 146 -59.30 -8.30 24.59
C ILE D 146 -57.90 -7.71 24.70
N THR D 147 -56.90 -8.56 24.58
CA THR D 147 -55.55 -8.10 24.38
C THR D 147 -55.35 -8.02 22.87
N ARG D 148 -55.08 -6.82 22.36
CA ARG D 148 -54.80 -6.67 20.94
C ARG D 148 -53.31 -6.82 20.70
N VAL D 149 -52.92 -7.95 20.13
CA VAL D 149 -51.56 -8.13 19.65
C VAL D 149 -51.45 -7.35 18.35
N ALA D 150 -50.50 -6.42 18.28
CA ALA D 150 -50.40 -5.52 17.14
C ALA D 150 -49.76 -6.16 15.91
N ARG D 151 -48.99 -7.21 16.10
CA ARG D 151 -48.37 -7.92 14.99
C ARG D 151 -49.22 -9.07 14.51
N GLU D 152 -49.12 -9.36 13.22
CA GLU D 152 -49.73 -10.55 12.68
C GLU D 152 -48.79 -11.72 12.87
N PHE D 153 -49.36 -12.90 13.11
CA PHE D 153 -48.60 -14.13 13.26
C PHE D 153 -49.37 -15.21 12.54
N PRO D 154 -48.66 -16.21 12.03
CA PRO D 154 -49.34 -17.38 11.46
C PRO D 154 -50.31 -17.95 12.49
N CYS D 155 -51.55 -18.16 12.08
CA CYS D 155 -52.55 -18.74 12.97
C CYS D 155 -53.42 -19.69 12.18
N ASP D 156 -54.02 -20.66 12.86
CA ASP D 156 -54.97 -21.56 12.23
C ASP D 156 -56.30 -21.59 12.99
N VAL D 157 -56.35 -20.89 14.11
CA VAL D 157 -57.57 -20.75 14.89
C VAL D 157 -57.85 -19.27 15.10
N PHE D 158 -59.07 -18.85 14.79
CA PHE D 158 -59.40 -17.44 14.80
C PHE D 158 -60.56 -17.14 15.73
N PHE D 159 -60.52 -15.99 16.37
CA PHE D 159 -61.65 -15.52 17.16
C PHE D 159 -62.75 -15.14 16.18
N PRO D 160 -64.01 -15.44 16.54
CA PRO D 160 -65.12 -15.16 15.62
C PRO D 160 -65.30 -13.68 15.32
N ALA D 161 -65.69 -13.38 14.10
CA ALA D 161 -66.05 -12.02 13.72
C ALA D 161 -67.21 -11.56 14.58
N PHE D 162 -67.28 -10.27 14.84
CA PHE D 162 -68.29 -9.74 15.74
C PHE D 162 -68.49 -8.26 15.49
N PRO D 163 -69.72 -7.76 15.69
CA PRO D 163 -69.93 -6.32 15.48
C PRO D 163 -69.18 -5.54 16.55
N GLY D 164 -68.31 -4.64 16.12
CA GLY D 164 -67.35 -4.02 17.01
C GLY D 164 -65.95 -4.35 16.54
N ASP D 165 -65.87 -5.30 15.61
CA ASP D 165 -64.66 -5.74 14.90
C ASP D 165 -63.64 -4.67 14.54
N ASP D 166 -64.13 -3.51 14.15
CA ASP D 166 -63.33 -2.34 13.80
C ASP D 166 -62.23 -2.02 14.80
N ILE D 167 -62.39 -2.50 16.03
CA ILE D 167 -61.43 -2.21 17.07
C ILE D 167 -60.07 -2.83 16.75
N LEU D 168 -60.09 -3.89 15.95
CA LEU D 168 -58.89 -4.67 15.65
C LEU D 168 -58.22 -4.19 14.39
N SER D 169 -59.01 -3.95 13.36
CA SER D 169 -58.47 -3.51 12.08
C SER D 169 -59.54 -2.89 11.21
N ASN D 170 -59.12 -2.37 10.07
CA ASN D 170 -60.01 -1.66 9.16
C ASN D 170 -60.94 -2.59 8.38
N LYS D 171 -60.59 -3.87 8.35
CA LYS D 171 -61.46 -4.86 7.74
C LYS D 171 -62.75 -5.04 8.56
N GLU D 180 -80.16 -3.92 16.57
CA GLU D 180 -78.86 -4.46 16.22
C GLU D 180 -77.87 -4.30 17.37
N ALA D 181 -77.39 -5.43 17.90
CA ALA D 181 -76.44 -5.43 19.01
C ALA D 181 -75.02 -5.16 18.52
N THR D 182 -74.18 -4.59 19.38
CA THR D 182 -72.77 -4.37 19.04
C THR D 182 -71.89 -4.22 20.28
N TYR D 183 -70.60 -4.49 20.11
CA TYR D 183 -69.65 -4.34 21.22
C TYR D 183 -68.87 -3.03 21.08
N ARG D 184 -68.94 -2.22 22.12
CA ARG D 184 -68.40 -0.87 22.10
C ARG D 184 -67.30 -0.80 23.16
N PRO D 185 -66.14 -0.23 22.80
CA PRO D 185 -65.06 -0.17 23.78
C PRO D 185 -65.30 0.86 24.87
N ILE D 186 -64.86 0.50 26.06
CA ILE D 186 -65.17 1.23 27.27
C ILE D 186 -63.86 1.57 27.97
N PHE D 187 -62.79 0.92 27.52
CA PHE D 187 -61.49 0.99 28.16
C PHE D 187 -60.45 0.69 27.09
N ILE D 188 -59.40 1.50 27.02
CA ILE D 188 -58.30 1.29 26.07
C ILE D 188 -57.00 1.71 26.74
N SER D 189 -56.14 0.73 27.03
CA SER D 189 -54.93 0.99 27.77
C SER D 189 -53.85 1.62 26.92
N LYS D 190 -52.76 2.01 27.58
CA LYS D 190 -51.55 2.43 26.92
C LYS D 190 -50.93 1.18 26.27
N THR D 191 -49.98 1.38 25.35
CA THR D 191 -49.35 0.27 24.65
C THR D 191 -48.23 -0.36 25.48
N PHE D 192 -48.21 -1.69 25.54
CA PHE D 192 -47.10 -2.41 26.15
C PHE D 192 -46.32 -3.18 25.10
N SER D 193 -45.25 -3.84 25.51
CA SER D 193 -44.57 -4.80 24.66
C SER D 193 -43.73 -5.80 25.43
N ASP D 194 -43.45 -6.93 24.79
CA ASP D 194 -42.57 -7.95 25.32
C ASP D 194 -42.05 -8.73 24.13
N ASN D 195 -40.77 -9.09 24.16
CA ASN D 195 -40.20 -9.92 23.11
C ASN D 195 -40.50 -9.38 21.73
N GLY D 196 -40.44 -8.06 21.59
CA GLY D 196 -40.66 -7.39 20.32
C GLY D 196 -42.10 -7.35 19.83
N VAL D 197 -43.04 -7.59 20.73
CA VAL D 197 -44.45 -7.61 20.37
C VAL D 197 -45.24 -6.51 21.07
N PRO D 198 -45.72 -5.52 20.31
CA PRO D 198 -46.56 -4.48 20.91
C PRO D 198 -48.00 -4.96 21.14
N TYR D 199 -48.59 -4.59 22.27
CA TYR D 199 -49.99 -4.91 22.55
C TYR D 199 -50.71 -3.99 23.54
N ASP D 200 -52.04 -4.04 23.48
CA ASP D 200 -52.96 -3.14 24.16
C ASP D 200 -53.95 -3.98 24.95
N PHE D 201 -54.65 -3.35 25.90
CA PHE D 201 -55.78 -4.01 26.55
C PHE D 201 -57.04 -3.20 26.39
N VAL D 202 -58.09 -3.80 25.85
CA VAL D 202 -59.37 -3.12 25.76
C VAL D 202 -60.47 -3.92 26.40
N VAL D 203 -61.52 -3.23 26.82
CA VAL D 203 -62.73 -3.88 27.30
C VAL D 203 -63.92 -3.37 26.49
N LEU D 204 -64.67 -4.28 25.91
CA LEU D 204 -65.85 -3.91 25.13
C LEU D 204 -67.11 -4.34 25.86
N GLU D 205 -68.17 -3.55 25.77
CA GLU D 205 -69.45 -3.98 26.33
C GLU D 205 -70.53 -4.09 25.26
N LYS D 206 -71.34 -5.13 25.36
CA LYS D 206 -72.54 -5.27 24.55
C LYS D 206 -73.47 -4.11 24.91
N ARG D 207 -74.02 -3.42 23.92
CA ARG D 207 -74.90 -2.29 24.19
C ARG D 207 -75.96 -2.18 23.11
N SER D 241 -69.45 17.18 55.31
CA SER D 241 -69.56 18.44 56.04
C SER D 241 -68.68 19.48 55.38
N SER D 242 -67.39 19.17 55.23
CA SER D 242 -66.48 20.13 54.64
C SER D 242 -66.68 20.25 53.13
N ALA D 243 -67.23 19.21 52.52
CA ALA D 243 -67.64 19.32 51.13
C ALA D 243 -68.92 20.14 51.02
N ALA D 244 -69.72 20.14 52.08
CA ALA D 244 -70.94 20.95 52.08
C ALA D 244 -70.62 22.42 52.32
N ALA D 245 -69.67 22.69 53.23
CA ALA D 245 -69.22 24.05 53.48
C ALA D 245 -68.68 24.68 52.20
N ILE D 246 -67.92 23.89 51.46
CA ILE D 246 -67.24 24.36 50.27
C ILE D 246 -68.17 24.56 49.06
N ALA D 247 -69.23 23.77 49.00
CA ALA D 247 -70.07 23.70 47.80
C ALA D 247 -70.61 25.03 47.23
N PRO D 248 -71.26 25.85 48.07
CA PRO D 248 -71.84 27.07 47.52
C PRO D 248 -70.79 28.00 46.94
N VAL D 249 -69.56 27.91 47.44
CA VAL D 249 -68.47 28.72 46.92
C VAL D 249 -68.01 28.20 45.55
N LEU D 250 -67.78 26.90 45.44
CA LEU D 250 -67.40 26.29 44.17
C LEU D 250 -68.47 26.53 43.12
N ALA D 251 -69.73 26.51 43.55
CA ALA D 251 -70.85 26.67 42.63
C ALA D 251 -70.89 28.04 41.96
N TRP D 252 -70.65 29.12 42.71
CA TRP D 252 -70.68 30.43 42.07
C TRP D 252 -69.44 30.68 41.23
N MET D 253 -68.32 30.06 41.61
CA MET D 253 -67.08 30.24 40.88
C MET D 253 -67.14 29.60 39.51
N ASP D 254 -67.95 28.55 39.40
CA ASP D 254 -68.10 27.81 38.16
C ASP D 254 -69.27 28.31 37.32
N GLU D 255 -70.19 29.07 37.94
CA GLU D 255 -71.40 29.55 37.27
C GLU D 255 -71.13 30.07 35.86
N GLU D 256 -70.57 31.27 35.75
CA GLU D 256 -69.95 31.63 34.49
C GLU D 256 -68.61 30.90 34.48
N ASP D 257 -68.38 30.05 33.48
CA ASP D 257 -69.30 29.84 32.38
C ASP D 257 -69.40 28.35 32.08
N LYS D 264 -70.83 25.33 22.22
CA LYS D 264 -72.12 25.09 22.88
C LYS D 264 -72.37 23.61 23.06
N GLU D 265 -72.34 22.87 21.96
CA GLU D 265 -72.19 21.43 22.08
C GLU D 265 -70.71 21.11 21.91
N LEU D 266 -70.10 20.69 23.00
CA LEU D 266 -68.68 20.35 23.02
C LEU D 266 -68.51 19.12 22.17
N ILE D 267 -67.39 19.02 21.48
CA ILE D 267 -67.05 17.73 20.92
C ILE D 267 -66.06 17.04 21.84
N ARG D 268 -65.98 15.72 21.71
CA ARG D 268 -65.07 14.92 22.53
C ARG D 268 -64.75 13.65 21.76
N ALA D 269 -63.48 13.27 21.76
CA ALA D 269 -63.04 12.06 21.09
C ALA D 269 -63.70 10.84 21.74
N VAL D 270 -64.19 9.94 20.90
CA VAL D 270 -64.87 8.68 21.30
C VAL D 270 -65.39 8.65 22.74
N PRO D 271 -66.47 9.42 23.00
CA PRO D 271 -66.97 9.66 24.36
C PRO D 271 -67.32 8.40 25.18
N HIS D 272 -67.67 7.32 24.50
CA HIS D 272 -68.01 6.07 25.18
C HIS D 272 -66.81 5.40 25.86
N VAL D 273 -65.59 5.80 25.50
CA VAL D 273 -64.42 5.26 26.17
C VAL D 273 -64.19 6.04 27.46
N HIS D 274 -64.40 5.40 28.60
CA HIS D 274 -64.26 6.09 29.87
C HIS D 274 -62.84 6.06 30.40
N PHE D 275 -62.21 4.89 30.34
CA PHE D 275 -60.85 4.76 30.78
C PHE D 275 -59.93 4.90 29.58
N ARG D 276 -59.25 6.03 29.52
CA ARG D 276 -58.57 6.47 28.32
C ARG D 276 -57.06 6.50 28.54
N GLY D 277 -56.48 5.32 28.73
CA GLY D 277 -55.07 5.19 29.02
C GLY D 277 -54.14 5.35 27.84
N HIS D 278 -54.64 5.05 26.64
CA HIS D 278 -53.84 5.17 25.41
C HIS D 278 -53.30 6.59 25.26
N GLU D 279 -52.00 6.72 25.04
CA GLU D 279 -51.36 8.04 24.98
C GLU D 279 -51.80 8.89 23.79
N GLU D 280 -52.43 8.27 22.79
CA GLU D 280 -52.93 9.01 21.64
C GLU D 280 -54.12 9.92 22.03
N PHE D 281 -54.71 9.67 23.19
CA PHE D 281 -55.80 10.52 23.65
C PHE D 281 -55.33 11.93 23.95
N GLN D 282 -54.05 12.11 24.23
CA GLN D 282 -53.54 13.47 24.41
C GLN D 282 -53.74 14.26 23.14
N TYR D 283 -53.49 13.61 22.00
CA TYR D 283 -53.61 14.29 20.73
C TYR D 283 -55.09 14.49 20.38
N LEU D 284 -55.91 13.48 20.64
CA LEU D 284 -57.34 13.58 20.39
C LEU D 284 -57.97 14.63 21.30
N ASP D 285 -57.65 14.58 22.59
CA ASP D 285 -58.15 15.56 23.53
C ASP D 285 -57.70 16.97 23.13
N LEU D 286 -56.48 17.08 22.65
CA LEU D 286 -55.96 18.38 22.19
C LEU D 286 -56.80 18.98 21.06
N ILE D 287 -57.16 18.16 20.08
CA ILE D 287 -58.01 18.62 18.99
C ILE D 287 -59.36 19.12 19.50
N ALA D 288 -59.92 18.38 20.44
CA ALA D 288 -61.21 18.73 21.01
C ALA D 288 -61.14 20.04 21.77
N ASP D 289 -60.12 20.15 22.62
CA ASP D 289 -59.89 21.37 23.40
C ASP D 289 -59.69 22.60 22.50
N ILE D 290 -58.99 22.44 21.37
CA ILE D 290 -58.79 23.57 20.47
C ILE D 290 -60.10 23.95 19.79
N ILE D 291 -60.85 22.96 19.34
CA ILE D 291 -62.11 23.22 18.68
C ILE D 291 -63.14 23.81 19.66
N ASN D 292 -63.15 23.32 20.89
CA ASN D 292 -64.12 23.82 21.87
C ASN D 292 -63.74 25.13 22.53
N ASN D 293 -62.46 25.33 22.80
CA ASN D 293 -62.04 26.42 23.66
C ASN D 293 -61.09 27.41 23.00
N GLY D 294 -60.69 27.11 21.78
CA GLY D 294 -59.80 28.01 21.06
C GLY D 294 -60.56 29.21 20.55
N ARG D 295 -59.83 30.21 20.09
CA ARG D 295 -60.42 31.40 19.52
C ARG D 295 -60.16 31.40 18.03
N THR D 296 -61.14 31.86 17.25
CA THR D 296 -60.97 31.98 15.81
C THR D 296 -60.12 33.19 15.45
N MET D 297 -59.06 32.95 14.68
CA MET D 297 -58.12 34.00 14.34
C MET D 297 -57.76 33.97 12.86
N ASP D 298 -57.26 35.08 12.38
CA ASP D 298 -56.65 35.13 11.06
C ASP D 298 -55.23 34.61 11.18
N ASP D 299 -54.57 34.42 10.04
CA ASP D 299 -53.23 33.89 10.03
C ASP D 299 -52.57 34.19 8.68
N ARG D 300 -51.25 34.02 8.64
CA ARG D 300 -50.43 34.31 7.46
C ARG D 300 -50.99 33.75 6.14
N THR D 301 -51.59 32.57 6.21
CA THR D 301 -51.96 31.81 5.02
C THR D 301 -53.30 32.24 4.38
N GLY D 302 -54.13 32.93 5.15
CA GLY D 302 -55.42 33.38 4.66
C GLY D 302 -56.53 32.37 4.92
N VAL D 303 -56.15 31.18 5.36
CA VAL D 303 -57.10 30.08 5.55
C VAL D 303 -57.94 30.27 6.81
N GLY D 304 -57.33 30.80 7.86
CA GLY D 304 -58.01 30.99 9.12
C GLY D 304 -57.85 29.80 10.04
N VAL D 305 -57.75 30.06 11.34
CA VAL D 305 -57.52 28.99 12.30
C VAL D 305 -58.35 29.18 13.54
N ILE D 306 -58.39 28.12 14.34
CA ILE D 306 -58.84 28.20 15.72
C ILE D 306 -57.61 27.85 16.54
N SER D 307 -57.30 28.67 17.52
CA SER D 307 -55.99 28.54 18.15
C SER D 307 -56.00 28.67 19.66
N LYS D 308 -55.02 28.01 20.29
CA LYS D 308 -54.68 28.20 21.69
C LYS D 308 -53.19 28.38 21.77
N PHE D 309 -52.69 28.72 22.96
CA PHE D 309 -51.28 29.02 23.13
C PHE D 309 -50.79 28.30 24.38
N GLY D 310 -49.78 27.45 24.22
CA GLY D 310 -49.20 26.77 25.36
C GLY D 310 -49.86 25.44 25.64
N CYS D 311 -49.50 24.44 24.86
CA CYS D 311 -50.04 23.11 25.04
C CYS D 311 -48.89 22.13 25.18
N THR D 312 -49.22 20.95 25.69
CA THR D 312 -48.19 20.04 26.15
C THR D 312 -48.63 18.59 25.90
N MET D 313 -47.73 17.78 25.37
CA MET D 313 -47.96 16.35 25.26
C MET D 313 -46.66 15.64 25.63
N ARG D 314 -46.78 14.40 26.07
CA ARG D 314 -45.58 13.58 26.25
C ARG D 314 -45.83 12.12 25.93
N TYR D 315 -44.86 11.52 25.25
CA TYR D 315 -44.99 10.16 24.78
C TYR D 315 -43.86 9.29 25.27
N SER D 316 -44.21 8.18 25.92
CA SER D 316 -43.22 7.24 26.40
C SER D 316 -42.66 6.46 25.20
N LEU D 317 -41.39 6.10 25.26
CA LEU D 317 -40.71 5.49 24.12
C LEU D 317 -40.05 4.16 24.49
N ASP D 318 -40.27 3.71 25.73
CA ASP D 318 -39.59 2.53 26.24
C ASP D 318 -40.25 1.22 25.82
N GLN D 319 -41.53 1.25 25.49
CA GLN D 319 -42.25 0.04 25.11
C GLN D 319 -42.60 0.07 23.62
N ALA D 320 -43.10 1.21 23.18
CA ALA D 320 -43.56 1.32 21.81
C ALA D 320 -43.29 2.72 21.31
N PHE D 321 -43.78 3.00 20.12
CA PHE D 321 -43.41 4.22 19.43
C PHE D 321 -44.68 4.96 19.03
N PRO D 322 -44.73 6.26 19.29
CA PRO D 322 -45.99 6.99 19.09
C PRO D 322 -46.21 7.40 17.63
N LEU D 323 -46.43 6.41 16.79
CA LEU D 323 -46.85 6.68 15.42
C LEU D 323 -48.36 6.60 15.40
N LEU D 324 -49.02 7.75 15.24
CA LEU D 324 -50.46 7.82 15.49
C LEU D 324 -51.28 6.84 14.66
N THR D 325 -52.34 6.34 15.29
CA THR D 325 -53.12 5.27 14.71
C THR D 325 -54.52 5.69 14.26
N THR D 326 -54.95 6.89 14.64
CA THR D 326 -56.29 7.33 14.22
C THR D 326 -56.31 7.82 12.77
N LYS D 327 -55.13 7.94 12.17
CA LYS D 327 -55.00 8.09 10.73
C LYS D 327 -53.58 7.69 10.37
N ARG D 328 -53.41 7.13 9.18
CA ARG D 328 -52.09 6.69 8.76
C ARG D 328 -51.14 7.88 8.69
N VAL D 329 -50.00 7.78 9.37
CA VAL D 329 -48.96 8.78 9.28
C VAL D 329 -47.91 8.37 8.24
N PHE D 330 -47.46 9.34 7.46
CA PHE D 330 -46.49 9.14 6.38
C PHE D 330 -45.09 8.85 6.93
N TRP D 331 -44.86 7.62 7.37
CA TRP D 331 -43.61 7.23 8.00
C TRP D 331 -42.37 7.50 7.16
N LYS D 332 -42.42 7.10 5.88
CA LYS D 332 -41.31 7.31 4.95
C LYS D 332 -40.91 8.78 4.92
N GLY D 333 -41.90 9.66 4.93
CA GLY D 333 -41.63 11.09 4.93
C GLY D 333 -40.92 11.53 6.18
N VAL D 334 -41.35 11.02 7.33
CA VAL D 334 -40.74 11.34 8.61
C VAL D 334 -39.26 10.98 8.59
N LEU D 335 -39.00 9.72 8.27
CA LEU D 335 -37.64 9.19 8.21
C LEU D 335 -36.76 9.96 7.22
N GLU D 336 -37.24 10.19 6.00
CA GLU D 336 -36.44 10.89 5.01
C GLU D 336 -36.15 12.32 5.40
N GLU D 337 -37.13 13.02 5.96
CA GLU D 337 -36.93 14.40 6.36
C GLU D 337 -35.86 14.50 7.43
N LEU D 338 -35.95 13.61 8.42
CA LEU D 338 -35.00 13.61 9.53
C LEU D 338 -33.56 13.33 9.10
N LEU D 339 -33.36 12.35 8.21
CA LEU D 339 -32.01 12.07 7.70
C LEU D 339 -31.49 13.27 6.91
N TRP D 340 -32.42 13.94 6.24
CA TRP D 340 -32.15 15.13 5.48
C TRP D 340 -31.72 16.29 6.39
N PHE D 341 -32.42 16.46 7.51
CA PHE D 341 -31.99 17.43 8.53
C PHE D 341 -30.58 17.11 9.01
N ILE D 342 -30.37 15.85 9.36
CA ILE D 342 -29.12 15.42 9.98
C ILE D 342 -27.92 15.66 9.08
N ARG D 343 -28.10 15.50 7.77
CA ARG D 343 -27.06 15.79 6.80
C ARG D 343 -26.78 17.28 6.66
N GLY D 344 -27.65 18.12 7.22
CA GLY D 344 -27.51 19.55 7.03
C GLY D 344 -27.90 19.98 5.62
N ASP D 345 -28.68 19.12 4.95
CA ASP D 345 -29.12 19.37 3.60
C ASP D 345 -30.24 20.42 3.57
N THR D 346 -30.15 21.34 2.61
CA THR D 346 -31.16 22.39 2.45
C THR D 346 -31.80 22.37 1.06
N ASN D 347 -31.52 21.32 0.30
CA ASN D 347 -32.10 21.16 -1.02
C ASN D 347 -33.32 20.26 -0.94
N ALA D 348 -34.51 20.84 -1.07
CA ALA D 348 -35.76 20.08 -0.95
C ALA D 348 -36.02 19.14 -2.12
N ASN D 349 -35.35 19.39 -3.25
CA ASN D 349 -35.43 18.49 -4.39
C ASN D 349 -34.94 17.08 -4.05
N HIS D 350 -34.00 16.98 -3.11
CA HIS D 350 -33.54 15.67 -2.66
C HIS D 350 -34.65 14.88 -1.96
N LEU D 351 -35.56 15.58 -1.32
CA LEU D 351 -36.73 14.94 -0.72
C LEU D 351 -37.76 14.60 -1.80
N SER D 352 -38.00 15.56 -2.68
CA SER D 352 -39.04 15.43 -3.68
C SER D 352 -38.70 14.27 -4.63
N GLU D 353 -37.43 14.17 -4.95
N GLU D 353 -37.42 14.13 -4.95
CA GLU D 353 -36.91 13.08 -5.76
CA GLU D 353 -36.95 13.06 -5.80
C GLU D 353 -37.33 11.72 -5.19
C GLU D 353 -37.18 11.67 -5.19
N LYS D 354 -37.31 11.59 -3.87
CA LYS D 354 -37.64 10.32 -3.20
C LYS D 354 -39.13 10.11 -2.98
N GLY D 355 -39.96 10.99 -3.54
CA GLY D 355 -41.39 10.87 -3.33
C GLY D 355 -41.86 11.54 -2.05
N VAL D 356 -41.00 12.34 -1.44
CA VAL D 356 -41.38 13.08 -0.25
C VAL D 356 -41.51 14.56 -0.58
N LYS D 357 -42.74 15.01 -0.74
CA LYS D 357 -42.99 16.32 -1.34
C LYS D 357 -43.39 17.38 -0.33
N ILE D 358 -43.12 17.09 0.95
CA ILE D 358 -43.61 17.91 2.05
C ILE D 358 -43.17 19.37 2.02
N TRP D 359 -42.04 19.66 1.38
CA TRP D 359 -41.50 21.01 1.39
C TRP D 359 -41.69 21.77 0.09
N ASP D 360 -42.24 21.10 -0.92
CA ASP D 360 -42.25 21.66 -2.26
C ASP D 360 -43.03 22.96 -2.42
N LYS D 361 -44.16 23.09 -1.72
CA LYS D 361 -44.97 24.30 -1.87
C LYS D 361 -44.36 25.53 -1.22
N ASN D 362 -43.46 25.33 -0.26
CA ASN D 362 -42.84 26.47 0.39
C ASN D 362 -41.48 26.82 -0.23
N VAL D 363 -41.16 26.17 -1.35
CA VAL D 363 -39.93 26.49 -2.08
C VAL D 363 -40.12 26.58 -3.59
N THR D 364 -41.35 26.86 -4.01
CA THR D 364 -41.61 27.20 -5.41
C THR D 364 -41.10 28.62 -5.68
N ARG D 365 -40.96 28.96 -6.96
CA ARG D 365 -40.56 30.28 -7.40
C ARG D 365 -41.46 31.35 -6.78
N GLU D 366 -42.77 31.11 -6.88
CA GLU D 366 -43.78 32.01 -6.32
C GLU D 366 -43.62 32.23 -4.81
N PHE D 367 -43.47 31.17 -4.04
CA PHE D 367 -43.36 31.35 -2.60
C PHE D 367 -42.07 32.06 -2.21
N LEU D 368 -40.96 31.69 -2.85
CA LEU D 368 -39.68 32.31 -2.58
C LEU D 368 -39.71 33.80 -2.91
N ASP D 369 -40.40 34.17 -3.98
CA ASP D 369 -40.57 35.57 -4.33
C ASP D 369 -41.40 36.30 -3.28
N SER D 370 -42.39 35.62 -2.72
CA SER D 370 -43.21 36.23 -1.67
C SER D 370 -42.38 36.47 -0.41
N ARG D 371 -41.34 35.66 -0.22
CA ARG D 371 -40.40 35.83 0.88
C ARG D 371 -39.26 36.81 0.58
N ASN D 372 -39.32 37.45 -0.58
CA ASN D 372 -38.25 38.34 -1.04
C ASN D 372 -36.94 37.64 -1.31
N LEU D 373 -37.03 36.44 -1.88
CA LEU D 373 -35.84 35.69 -2.25
C LEU D 373 -35.86 35.33 -3.73
N PRO D 374 -35.84 36.35 -4.61
CA PRO D 374 -35.83 36.00 -6.04
C PRO D 374 -34.54 35.29 -6.46
N HIS D 375 -33.47 35.49 -5.70
CA HIS D 375 -32.19 34.88 -6.01
C HIS D 375 -32.10 33.42 -5.56
N ARG D 376 -33.11 32.93 -4.86
CA ARG D 376 -33.10 31.53 -4.47
C ARG D 376 -33.61 30.64 -5.58
N GLU D 377 -32.86 29.57 -5.81
CA GLU D 377 -33.24 28.55 -6.78
C GLU D 377 -34.39 27.74 -6.20
N VAL D 378 -35.34 27.37 -7.06
CA VAL D 378 -36.46 26.53 -6.66
C VAL D 378 -35.97 25.31 -5.88
N GLY D 379 -36.53 25.11 -4.69
CA GLY D 379 -36.13 24.00 -3.86
C GLY D 379 -35.21 24.35 -2.70
N ASP D 380 -34.55 25.50 -2.78
CA ASP D 380 -33.61 25.91 -1.74
C ASP D 380 -34.36 26.48 -0.52
N ILE D 381 -34.36 25.74 0.59
CA ILE D 381 -35.02 26.23 1.79
C ILE D 381 -34.20 27.29 2.54
N GLY D 382 -33.01 27.62 2.05
CA GLY D 382 -32.17 28.57 2.73
C GLY D 382 -31.51 27.90 3.93
N PRO D 383 -30.88 28.70 4.80
CA PRO D 383 -30.16 28.18 5.97
C PRO D 383 -31.09 27.82 7.13
N GLY D 384 -32.00 26.87 6.90
CA GLY D 384 -32.95 26.48 7.92
C GLY D 384 -32.63 25.11 8.50
N TYR D 385 -33.53 24.64 9.37
CA TYR D 385 -33.40 23.38 10.13
C TYR D 385 -32.00 22.75 10.21
N GLY D 386 -31.75 21.76 9.37
CA GLY D 386 -30.52 20.98 9.45
C GLY D 386 -29.24 21.78 9.27
N PHE D 387 -29.31 22.86 8.51
CA PHE D 387 -28.16 23.73 8.33
C PHE D 387 -27.79 24.38 9.66
N GLN D 388 -28.80 24.80 10.42
CA GLN D 388 -28.56 25.41 11.71
C GLN D 388 -28.12 24.36 12.73
N TRP D 389 -28.66 23.15 12.64
CA TRP D 389 -28.26 22.07 13.52
C TRP D 389 -26.78 21.76 13.40
N ARG D 390 -26.28 21.72 12.16
CA ARG D 390 -24.93 21.23 11.92
C ARG D 390 -23.94 22.37 11.69
N HIS D 391 -24.45 23.55 11.34
CA HIS D 391 -23.59 24.68 11.01
C HIS D 391 -24.14 25.99 11.52
N PHE D 392 -24.61 26.03 12.77
CA PHE D 392 -25.19 27.25 13.31
C PHE D 392 -24.29 28.45 13.09
N GLY D 393 -24.86 29.50 12.50
CA GLY D 393 -24.15 30.75 12.36
C GLY D 393 -23.27 30.87 11.13
N ALA D 394 -23.10 29.77 10.39
CA ALA D 394 -22.32 29.82 9.16
C ALA D 394 -23.00 30.71 8.13
N ALA D 395 -22.20 31.29 7.24
CA ALA D 395 -22.69 32.16 6.19
C ALA D 395 -23.22 31.31 5.05
N TYR D 396 -24.49 31.48 4.73
CA TYR D 396 -25.14 30.68 3.69
C TYR D 396 -24.88 31.25 2.31
N LYS D 397 -24.65 30.36 1.36
CA LYS D 397 -24.53 30.76 -0.03
C LYS D 397 -25.69 30.20 -0.84
N ASP D 398 -25.62 28.92 -1.17
CA ASP D 398 -26.78 28.24 -1.73
C ASP D 398 -26.83 26.79 -1.26
N MET D 399 -27.78 26.03 -1.81
CA MET D 399 -27.99 24.66 -1.39
C MET D 399 -27.02 23.66 -2.03
N HIS D 400 -26.14 24.12 -2.91
CA HIS D 400 -25.16 23.23 -3.53
C HIS D 400 -23.80 23.43 -2.90
N THR D 401 -23.73 24.29 -1.90
CA THR D 401 -22.45 24.62 -1.30
C THR D 401 -22.09 23.58 -0.23
N ASP D 402 -20.80 23.28 -0.12
CA ASP D 402 -20.32 22.44 0.97
C ASP D 402 -19.88 23.31 2.15
N TYR D 403 -20.52 23.09 3.30
CA TYR D 403 -20.29 23.90 4.49
C TYR D 403 -19.49 23.17 5.54
N THR D 404 -18.92 22.04 5.15
CA THR D 404 -18.12 21.20 6.04
C THR D 404 -17.14 22.01 6.91
N GLY D 405 -17.23 21.83 8.23
CA GLY D 405 -16.39 22.54 9.17
C GLY D 405 -16.87 23.93 9.58
N GLN D 406 -17.84 24.49 8.87
CA GLN D 406 -18.30 25.85 9.16
C GLN D 406 -19.40 25.88 10.21
N GLY D 407 -19.39 26.93 11.04
CA GLY D 407 -20.43 27.14 12.05
C GLY D 407 -20.34 26.13 13.17
N VAL D 408 -21.31 26.16 14.09
CA VAL D 408 -21.30 25.25 15.23
C VAL D 408 -22.11 24.00 14.94
N ASP D 409 -21.48 22.84 15.12
CA ASP D 409 -22.16 21.56 14.94
C ASP D 409 -22.81 21.18 16.25
N GLN D 410 -24.02 21.68 16.47
CA GLN D 410 -24.74 21.49 17.71
C GLN D 410 -25.05 20.02 17.99
N LEU D 411 -25.42 19.30 16.94
CA LEU D 411 -25.77 17.90 17.06
C LEU D 411 -24.58 17.07 17.54
N LYS D 412 -23.40 17.34 17.00
CA LYS D 412 -22.20 16.66 17.46
C LYS D 412 -21.93 17.00 18.93
N ASN D 413 -22.12 18.25 19.31
CA ASN D 413 -21.87 18.69 20.68
C ASN D 413 -22.82 18.06 21.67
N VAL D 414 -24.10 17.97 21.29
CA VAL D 414 -25.08 17.29 22.13
C VAL D 414 -24.64 15.88 22.39
N ILE D 415 -24.30 15.17 21.31
CA ILE D 415 -23.92 13.78 21.39
C ILE D 415 -22.64 13.58 22.21
N GLN D 416 -21.63 14.40 21.97
CA GLN D 416 -20.40 14.31 22.73
C GLN D 416 -20.65 14.56 24.23
N MET D 417 -21.51 15.51 24.54
CA MET D 417 -21.83 15.77 25.93
C MET D 417 -22.61 14.60 26.57
N LEU D 418 -23.53 14.02 25.83
CA LEU D 418 -24.28 12.86 26.33
C LEU D 418 -23.37 11.71 26.65
N ARG D 419 -22.31 11.55 25.87
CA ARG D 419 -21.42 10.40 26.04
C ARG D 419 -20.43 10.60 27.18
N THR D 420 -20.12 11.85 27.50
CA THR D 420 -19.03 12.13 28.44
C THR D 420 -19.47 12.74 29.75
N ASN D 421 -20.51 13.56 29.72
CA ASN D 421 -20.98 14.24 30.92
C ASN D 421 -22.49 14.45 30.89
N PRO D 422 -23.26 13.37 31.05
CA PRO D 422 -24.70 13.47 30.80
C PRO D 422 -25.54 14.16 31.88
N THR D 423 -24.93 14.71 32.93
CA THR D 423 -25.68 15.46 33.93
C THR D 423 -25.60 16.95 33.62
N ASP D 424 -24.94 17.26 32.51
CA ASP D 424 -24.82 18.62 32.02
C ASP D 424 -26.21 19.15 31.65
N ARG D 425 -26.45 20.43 31.87
CA ARG D 425 -27.79 20.98 31.67
C ARG D 425 -27.87 21.91 30.45
N ARG D 426 -26.90 21.78 29.55
CA ARG D 426 -26.82 22.62 28.37
C ARG D 426 -26.93 21.81 27.08
N MET D 427 -27.47 20.61 27.17
CA MET D 427 -27.56 19.75 26.00
C MET D 427 -28.76 20.12 25.13
N LEU D 428 -28.61 21.20 24.38
CA LEU D 428 -29.65 21.76 23.54
C LEU D 428 -29.20 21.94 22.11
N MET D 429 -30.18 21.90 21.22
CA MET D 429 -29.95 22.21 19.82
C MET D 429 -31.05 23.19 19.41
N THR D 430 -30.67 24.25 18.71
CA THR D 430 -31.65 25.23 18.26
C THR D 430 -31.54 25.48 16.76
N ALA D 431 -32.67 25.83 16.14
CA ALA D 431 -32.66 26.20 14.75
C ALA D 431 -33.03 27.67 14.61
N TRP D 432 -33.42 28.28 15.72
CA TRP D 432 -33.84 29.66 15.70
C TRP D 432 -32.63 30.60 15.69
N ASN D 433 -32.37 31.19 14.54
CA ASN D 433 -31.25 32.10 14.38
C ASN D 433 -31.75 33.40 13.78
N PRO D 434 -32.03 34.40 14.62
CA PRO D 434 -32.60 35.68 14.19
C PRO D 434 -31.81 36.39 13.10
N ALA D 435 -30.51 36.14 13.01
CA ALA D 435 -29.69 36.77 12.01
C ALA D 435 -29.91 36.13 10.64
N ALA D 436 -30.53 34.96 10.61
CA ALA D 436 -30.71 34.24 9.35
C ALA D 436 -32.18 34.04 8.96
N LEU D 437 -33.11 34.49 9.80
CA LEU D 437 -34.53 34.25 9.58
C LEU D 437 -35.03 34.65 8.20
N ASP D 438 -34.65 35.84 7.78
CA ASP D 438 -35.15 36.36 6.51
C ASP D 438 -34.57 35.64 5.29
N GLU D 439 -33.52 34.84 5.48
CA GLU D 439 -32.90 34.08 4.38
C GLU D 439 -33.57 32.72 4.16
N MET D 440 -34.39 32.30 5.11
CA MET D 440 -35.04 30.99 5.03
C MET D 440 -36.36 31.09 4.30
N ALA D 441 -36.75 30.00 3.63
CA ALA D 441 -38.05 29.94 2.98
C ALA D 441 -39.14 30.07 4.04
N LEU D 442 -38.98 29.31 5.12
CA LEU D 442 -39.91 29.37 6.25
C LEU D 442 -39.13 29.34 7.54
N PRO D 443 -39.42 30.29 8.44
CA PRO D 443 -38.86 30.17 9.79
C PRO D 443 -39.25 28.83 10.40
N PRO D 444 -38.29 28.14 11.05
CA PRO D 444 -38.51 26.83 11.65
C PRO D 444 -39.63 26.86 12.67
N CYS D 445 -40.44 25.81 12.62
CA CYS D 445 -41.53 25.66 13.56
C CYS D 445 -41.04 24.92 14.78
N HIS D 446 -40.41 23.77 14.55
CA HIS D 446 -39.75 23.07 15.64
C HIS D 446 -38.35 23.66 15.78
N LEU D 447 -38.14 24.44 16.82
CA LEU D 447 -36.97 25.31 16.83
C LEU D 447 -35.98 25.07 17.97
N LEU D 448 -36.33 24.23 18.92
CA LEU D 448 -35.40 23.90 19.97
C LEU D 448 -35.66 22.51 20.49
N CYS D 449 -34.59 21.83 20.85
CA CYS D 449 -34.75 20.59 21.57
C CYS D 449 -33.68 20.43 22.64
N GLN D 450 -34.03 19.76 23.72
CA GLN D 450 -33.10 19.59 24.82
C GLN D 450 -33.13 18.14 25.26
N PHE D 451 -31.97 17.57 25.56
CA PHE D 451 -31.97 16.19 26.04
C PHE D 451 -31.60 16.09 27.52
N TYR D 452 -31.88 14.93 28.09
CA TYR D 452 -31.77 14.70 29.51
C TYR D 452 -31.58 13.21 29.76
N VAL D 453 -30.70 12.90 30.71
CA VAL D 453 -30.43 11.52 31.06
C VAL D 453 -30.68 11.35 32.55
N ASN D 454 -31.41 10.32 32.93
CA ASN D 454 -31.60 10.07 34.35
C ASN D 454 -30.47 9.20 34.93
N ASP D 455 -30.77 8.50 36.02
CA ASP D 455 -29.74 7.71 36.68
C ASP D 455 -29.74 6.24 36.26
N GLN D 456 -30.66 5.88 35.36
CA GLN D 456 -30.75 4.53 34.82
C GLN D 456 -30.39 4.53 33.35
N LYS D 457 -29.57 5.50 32.93
CA LYS D 457 -29.15 5.60 31.54
C LYS D 457 -30.31 5.79 30.56
N GLU D 458 -31.38 6.45 31.01
CA GLU D 458 -32.53 6.66 30.13
C GLU D 458 -32.59 8.06 29.57
N LEU D 459 -32.78 8.14 28.26
CA LEU D 459 -32.76 9.41 27.55
C LEU D 459 -34.16 9.95 27.34
N SER D 460 -34.32 11.24 27.63
CA SER D 460 -35.55 11.94 27.31
C SER D 460 -35.25 13.17 26.47
N CYS D 461 -36.25 13.58 25.71
CA CYS D 461 -36.10 14.70 24.80
C CYS D 461 -37.28 15.64 24.88
N ILE D 462 -37.00 16.93 25.01
CA ILE D 462 -38.05 17.93 24.89
C ILE D 462 -37.88 18.67 23.56
N MET D 463 -38.97 18.84 22.82
CA MET D 463 -38.94 19.74 21.69
C MET D 463 -39.92 20.91 21.88
N TYR D 464 -39.45 22.12 21.63
CA TYR D 464 -40.31 23.29 21.63
C TYR D 464 -40.65 23.69 20.22
N GLN D 465 -41.94 23.82 19.96
CA GLN D 465 -42.45 24.15 18.63
C GLN D 465 -43.30 25.43 18.71
N ARG D 466 -42.88 26.47 18.00
CA ARG D 466 -43.53 27.78 18.06
C ARG D 466 -44.91 27.80 17.43
N SER D 467 -45.13 26.90 16.49
CA SER D 467 -46.32 26.94 15.66
C SER D 467 -46.68 25.53 15.23
N CYS D 468 -47.87 25.09 15.60
CA CYS D 468 -48.24 23.70 15.43
C CYS D 468 -49.55 23.53 14.68
N ASP D 469 -49.45 23.06 13.44
CA ASP D 469 -50.60 22.70 12.63
C ASP D 469 -51.07 21.34 13.14
N VAL D 470 -52.05 21.38 14.03
CA VAL D 470 -52.53 20.19 14.72
C VAL D 470 -53.00 19.07 13.80
N GLY D 471 -53.72 19.41 12.75
CA GLY D 471 -54.24 18.41 11.84
C GLY D 471 -53.16 17.75 11.02
N LEU D 472 -52.30 18.55 10.40
CA LEU D 472 -51.32 18.01 9.48
C LEU D 472 -49.94 17.83 10.12
N GLY D 473 -49.39 18.91 10.68
CA GLY D 473 -48.01 18.92 11.14
C GLY D 473 -47.70 18.09 12.38
N VAL D 474 -48.50 18.25 13.41
CA VAL D 474 -48.23 17.65 14.72
C VAL D 474 -47.93 16.14 14.75
N PRO D 475 -48.77 15.30 14.11
CA PRO D 475 -48.47 13.86 14.14
C PRO D 475 -47.10 13.56 13.54
N PHE D 476 -46.75 14.31 12.50
CA PHE D 476 -45.47 14.19 11.83
C PHE D 476 -44.33 14.61 12.76
N ASN D 477 -44.50 15.75 13.42
CA ASN D 477 -43.50 16.25 14.35
C ASN D 477 -43.27 15.30 15.53
N ILE D 478 -44.34 14.71 16.06
CA ILE D 478 -44.25 13.76 17.14
C ILE D 478 -43.34 12.58 16.75
N ALA D 479 -43.59 12.03 15.57
CA ALA D 479 -42.82 10.90 15.06
C ALA D 479 -41.36 11.28 14.78
N SER D 480 -41.17 12.45 14.20
CA SER D 480 -39.85 12.96 13.87
C SER D 480 -38.91 13.00 15.08
N TYR D 481 -39.35 13.65 16.14
CA TYR D 481 -38.47 13.85 17.28
C TYR D 481 -38.39 12.63 18.19
N SER D 482 -39.44 11.82 18.18
CA SER D 482 -39.38 10.55 18.88
C SER D 482 -38.35 9.67 18.18
N LEU D 483 -38.33 9.73 16.85
CA LEU D 483 -37.34 8.98 16.08
C LEU D 483 -35.93 9.50 16.33
N LEU D 484 -35.77 10.81 16.43
CA LEU D 484 -34.46 11.40 16.72
C LEU D 484 -33.99 10.89 18.07
N THR D 485 -34.91 10.74 19.01
CA THR D 485 -34.58 10.30 20.35
C THR D 485 -34.07 8.87 20.35
N LEU D 486 -34.75 7.99 19.62
CA LEU D 486 -34.26 6.63 19.43
C LEU D 486 -32.86 6.62 18.80
N MET D 487 -32.64 7.45 17.79
CA MET D 487 -31.34 7.50 17.12
C MET D 487 -30.25 7.96 18.07
N VAL D 488 -30.51 9.05 18.80
CA VAL D 488 -29.54 9.58 19.75
C VAL D 488 -29.29 8.63 20.92
N ALA D 489 -30.35 7.99 21.41
CA ALA D 489 -30.23 6.97 22.45
C ALA D 489 -29.27 5.90 22.01
N HIS D 490 -29.42 5.44 20.77
CA HIS D 490 -28.60 4.34 20.29
C HIS D 490 -27.10 4.63 20.18
N VAL D 491 -26.71 5.74 19.54
CA VAL D 491 -25.29 6.01 19.39
C VAL D 491 -24.66 6.53 20.68
N CYS D 492 -25.48 6.78 21.70
CA CYS D 492 -24.96 7.21 22.99
C CYS D 492 -25.01 6.09 24.01
N ASN D 493 -25.45 4.92 23.57
CA ASN D 493 -25.54 3.76 24.45
C ASN D 493 -26.47 4.03 25.64
N LEU D 494 -27.58 4.70 25.35
CA LEU D 494 -28.62 4.97 26.33
C LEU D 494 -29.89 4.28 25.88
N LYS D 495 -30.90 4.27 26.74
CA LYS D 495 -32.20 3.75 26.35
C LYS D 495 -33.22 4.88 26.25
N PRO D 496 -34.02 4.88 25.17
CA PRO D 496 -34.99 5.95 24.96
C PRO D 496 -36.14 5.85 25.95
N LYS D 497 -36.50 6.96 26.60
CA LYS D 497 -37.55 6.93 27.59
C LYS D 497 -38.78 7.74 27.20
N GLU D 498 -38.58 8.99 26.83
CA GLU D 498 -39.71 9.89 26.67
C GLU D 498 -39.44 11.02 25.70
N PHE D 499 -40.42 11.33 24.88
CA PHE D 499 -40.42 12.54 24.10
C PHE D 499 -41.43 13.49 24.72
N ILE D 500 -40.99 14.71 25.02
CA ILE D 500 -41.87 15.72 25.58
C ILE D 500 -42.08 16.86 24.56
N HIS D 501 -43.35 17.12 24.26
CA HIS D 501 -43.71 18.07 23.22
C HIS D 501 -44.30 19.35 23.80
N PHE D 502 -43.55 20.43 23.68
CA PHE D 502 -43.99 21.74 24.16
C PHE D 502 -44.40 22.59 22.96
N MET D 503 -45.59 23.17 23.03
CA MET D 503 -46.16 23.84 21.86
C MET D 503 -46.63 25.26 22.15
N GLY D 504 -46.27 26.18 21.28
CA GLY D 504 -46.69 27.56 21.41
C GLY D 504 -48.06 27.77 20.77
N ASN D 505 -48.07 28.43 19.61
CA ASN D 505 -49.31 28.66 18.89
C ASN D 505 -49.79 27.35 18.30
N THR D 506 -50.84 26.82 18.89
CA THR D 506 -51.31 25.49 18.58
C THR D 506 -52.67 25.65 17.94
N HIS D 507 -52.80 25.17 16.72
CA HIS D 507 -53.95 25.58 15.94
C HIS D 507 -54.50 24.55 14.96
N VAL D 508 -55.80 24.65 14.75
CA VAL D 508 -56.51 23.83 13.79
C VAL D 508 -56.97 24.75 12.66
N TYR D 509 -56.53 24.47 11.43
CA TYR D 509 -56.99 25.26 10.28
C TYR D 509 -58.48 24.99 10.02
N THR D 510 -59.20 26.03 9.62
CA THR D 510 -60.65 25.92 9.49
C THR D 510 -61.09 24.87 8.46
N ASN D 511 -60.30 24.67 7.42
CA ASN D 511 -60.60 23.65 6.43
C ASN D 511 -60.17 22.24 6.84
N HIS D 512 -59.74 22.05 8.08
CA HIS D 512 -59.44 20.72 8.58
C HIS D 512 -60.49 20.23 9.55
N VAL D 513 -61.33 21.13 10.03
CA VAL D 513 -62.24 20.83 11.14
C VAL D 513 -63.11 19.63 10.83
N GLU D 514 -63.64 19.59 9.62
CA GLU D 514 -64.48 18.48 9.21
C GLU D 514 -63.77 17.13 9.27
N ALA D 515 -62.59 17.06 8.67
CA ALA D 515 -61.81 15.83 8.67
C ALA D 515 -61.44 15.42 10.09
N LEU D 516 -61.14 16.40 10.93
CA LEU D 516 -60.78 16.10 12.30
C LEU D 516 -61.94 15.59 13.14
N LYS D 517 -63.17 15.97 12.79
CA LYS D 517 -64.30 15.42 13.54
C LYS D 517 -64.55 13.95 13.17
N GLU D 518 -64.25 13.59 11.93
CA GLU D 518 -64.23 12.18 11.56
C GLU D 518 -63.17 11.44 12.39
N GLN D 519 -61.97 12.00 12.44
CA GLN D 519 -60.87 11.36 13.13
C GLN D 519 -61.19 11.15 14.60
N LEU D 520 -61.89 12.11 15.19
CA LEU D 520 -62.22 12.03 16.60
C LEU D 520 -63.26 10.93 16.90
N ARG D 521 -63.81 10.30 15.85
CA ARG D 521 -64.70 9.16 16.05
C ARG D 521 -63.98 7.82 15.99
N ARG D 522 -62.67 7.85 15.85
CA ARG D 522 -61.92 6.61 15.72
C ARG D 522 -61.26 6.24 17.03
N GLU D 523 -61.47 5.02 17.49
CA GLU D 523 -60.71 4.55 18.65
C GLU D 523 -59.29 4.21 18.21
N PRO D 524 -58.31 4.65 19.00
CA PRO D 524 -56.92 4.36 18.65
C PRO D 524 -56.57 2.89 18.74
N ARG D 525 -55.59 2.49 17.95
CA ARG D 525 -55.06 1.13 17.96
C ARG D 525 -53.73 1.16 18.70
N PRO D 526 -53.24 -0.01 19.15
CA PRO D 526 -51.95 -0.03 19.85
C PRO D 526 -50.85 0.55 18.99
N PHE D 527 -49.97 1.34 19.61
CA PHE D 527 -48.81 1.89 18.93
C PHE D 527 -47.94 0.73 18.45
N PRO D 528 -47.25 0.93 17.31
CA PRO D 528 -46.29 -0.04 16.79
C PRO D 528 -44.97 0.08 17.54
N ILE D 529 -44.04 -0.82 17.28
CA ILE D 529 -42.69 -0.52 17.71
C ILE D 529 -41.76 -0.28 16.53
N VAL D 530 -40.79 0.60 16.74
CA VAL D 530 -39.79 0.92 15.74
C VAL D 530 -38.46 0.34 16.18
N ASN D 531 -37.88 -0.52 15.35
CA ASN D 531 -36.59 -1.10 15.62
C ASN D 531 -35.52 -0.47 14.76
N ILE D 532 -34.33 -0.31 15.33
CA ILE D 532 -33.19 0.08 14.54
C ILE D 532 -32.55 -1.21 14.05
N LEU D 533 -32.37 -1.32 12.74
CA LEU D 533 -31.75 -2.49 12.16
C LEU D 533 -30.25 -2.25 12.04
N ASN D 534 -29.48 -3.34 11.98
CA ASN D 534 -28.04 -3.25 11.83
C ASN D 534 -27.38 -2.40 12.90
N LYS D 535 -27.74 -2.62 14.16
CA LYS D 535 -27.27 -1.72 15.22
C LYS D 535 -25.75 -1.76 15.35
N GLU D 536 -25.17 -2.93 15.14
CA GLU D 536 -23.73 -3.11 15.24
C GLU D 536 -22.94 -2.26 14.23
N ARG D 537 -23.56 -1.92 13.10
CA ARG D 537 -22.88 -1.07 12.14
C ARG D 537 -22.99 0.40 12.46
N ILE D 538 -23.97 0.77 13.29
CA ILE D 538 -24.28 2.18 13.48
C ILE D 538 -23.67 2.72 14.77
N LYS D 539 -22.69 3.60 14.62
CA LYS D 539 -21.90 4.06 15.74
C LYS D 539 -22.04 5.55 15.94
N GLU D 540 -22.29 6.25 14.84
CA GLU D 540 -22.39 7.70 14.87
C GLU D 540 -23.69 8.14 14.20
N ILE D 541 -24.14 9.35 14.53
CA ILE D 541 -25.45 9.83 14.10
C ILE D 541 -25.55 9.90 12.58
N ASP D 542 -24.41 10.08 11.90
CA ASP D 542 -24.40 10.19 10.46
C ASP D 542 -24.51 8.85 9.75
N ASP D 543 -24.42 7.76 10.52
CA ASP D 543 -24.38 6.42 9.95
C ASP D 543 -25.75 5.84 9.63
N PHE D 544 -26.80 6.40 10.21
CA PHE D 544 -28.14 5.91 9.92
C PHE D 544 -28.49 6.14 8.46
N THR D 545 -29.15 5.17 7.85
CA THR D 545 -29.66 5.36 6.51
C THR D 545 -31.14 5.04 6.48
N ALA D 546 -31.76 5.27 5.32
CA ALA D 546 -33.20 5.10 5.17
C ALA D 546 -33.63 3.63 5.25
N GLU D 547 -32.65 2.74 5.32
CA GLU D 547 -32.94 1.31 5.31
C GLU D 547 -32.69 0.66 6.66
N ASP D 548 -32.32 1.45 7.66
CA ASP D 548 -31.95 0.91 8.96
C ASP D 548 -33.09 0.89 9.98
N PHE D 549 -34.33 0.99 9.52
CA PHE D 549 -35.46 0.98 10.44
C PHE D 549 -36.54 0.01 10.01
N GLU D 550 -37.23 -0.55 10.99
CA GLU D 550 -38.44 -1.33 10.70
C GLU D 550 -39.57 -0.95 11.65
N VAL D 551 -40.72 -0.62 11.08
CA VAL D 551 -41.92 -0.35 11.84
C VAL D 551 -42.68 -1.66 11.96
N VAL D 552 -42.98 -2.03 13.19
CA VAL D 552 -43.51 -3.34 13.46
C VAL D 552 -44.89 -3.22 14.11
N GLY D 553 -45.90 -3.84 13.50
CA GLY D 553 -47.23 -3.87 14.06
C GLY D 553 -47.97 -2.55 14.01
N TYR D 554 -47.82 -1.82 12.91
CA TYR D 554 -48.54 -0.58 12.70
C TYR D 554 -49.88 -0.91 12.04
N VAL D 555 -50.97 -0.59 12.72
CA VAL D 555 -52.31 -0.90 12.19
C VAL D 555 -53.23 0.33 12.33
N PRO D 556 -53.00 1.35 11.50
CA PRO D 556 -53.73 2.61 11.57
C PRO D 556 -55.09 2.54 10.90
N HIS D 557 -55.95 3.49 11.21
CA HIS D 557 -57.13 3.74 10.40
C HIS D 557 -56.67 4.39 9.10
N GLY D 558 -57.58 4.56 8.15
CA GLY D 558 -57.24 5.08 6.85
C GLY D 558 -56.69 6.50 6.84
N ARG D 559 -55.94 6.84 5.79
CA ARG D 559 -55.45 8.19 5.62
C ARG D 559 -56.61 9.16 5.57
N ILE D 560 -56.42 10.33 6.16
CA ILE D 560 -57.39 11.40 6.01
C ILE D 560 -56.75 12.56 5.27
N GLN D 561 -57.39 13.00 4.20
CA GLN D 561 -56.85 14.08 3.39
C GLN D 561 -56.99 15.42 4.10
N MET D 562 -55.87 16.10 4.30
CA MET D 562 -55.90 17.46 4.82
C MET D 562 -54.98 18.36 4.02
N GLU D 563 -55.57 19.38 3.39
CA GLU D 563 -54.86 20.29 2.52
C GLU D 563 -53.89 21.20 3.30
N MET D 564 -52.68 21.35 2.79
CA MET D 564 -51.66 22.18 3.41
C MET D 564 -51.89 23.66 3.11
N ALA D 565 -52.04 24.46 4.15
CA ALA D 565 -52.12 25.90 3.96
C ALA D 565 -50.71 26.44 3.68
N VAL D 566 -50.53 27.05 2.51
CA VAL D 566 -49.19 27.37 2.05
C VAL D 566 -48.65 28.67 2.67
N PRO E 4 83.65 -41.76 -49.72
CA PRO E 4 82.47 -41.74 -48.85
C PRO E 4 81.28 -41.00 -49.51
N VAL E 5 80.32 -41.75 -50.05
CA VAL E 5 79.37 -41.20 -51.02
C VAL E 5 77.92 -40.98 -50.52
N CYS E 6 77.23 -40.04 -51.16
CA CYS E 6 75.82 -39.77 -50.88
C CYS E 6 74.96 -39.97 -52.13
N LEU E 7 73.76 -40.52 -51.95
CA LEU E 7 72.83 -40.68 -53.05
C LEU E 7 71.77 -39.61 -53.00
N VAL E 8 71.35 -39.12 -54.16
CA VAL E 8 70.24 -38.18 -54.20
C VAL E 8 69.24 -38.57 -55.29
N VAL E 9 67.99 -38.71 -54.86
CA VAL E 9 66.93 -39.29 -55.68
C VAL E 9 65.58 -38.72 -55.33
N ALA E 10 64.70 -38.70 -56.32
CA ALA E 10 63.29 -38.51 -56.07
C ALA E 10 62.57 -39.74 -56.61
N MET E 11 61.59 -40.24 -55.87
CA MET E 11 60.93 -41.49 -56.28
C MET E 11 59.48 -41.59 -55.82
N THR E 12 58.68 -42.31 -56.59
CA THR E 12 57.29 -42.62 -56.22
C THR E 12 57.26 -43.64 -55.09
N PRO E 13 56.07 -43.88 -54.50
CA PRO E 13 56.05 -44.86 -53.40
C PRO E 13 56.44 -46.27 -53.87
N LYS E 14 56.37 -46.51 -55.17
CA LYS E 14 56.77 -47.80 -55.72
C LYS E 14 58.20 -47.77 -56.25
N ARG E 15 58.97 -46.78 -55.82
CA ARG E 15 60.38 -46.62 -56.17
C ARG E 15 60.58 -46.21 -57.62
N GLY E 16 59.53 -45.70 -58.26
CA GLY E 16 59.63 -45.30 -59.64
C GLY E 16 60.39 -43.99 -59.78
N ILE E 17 61.32 -43.94 -60.74
CA ILE E 17 62.13 -42.73 -60.89
C ILE E 17 62.15 -42.15 -62.30
N GLY E 18 61.74 -42.93 -63.30
CA GLY E 18 61.79 -42.44 -64.67
C GLY E 18 60.91 -43.17 -65.68
N ILE E 19 60.57 -42.47 -66.77
CA ILE E 19 59.88 -43.06 -67.92
C ILE E 19 60.35 -42.38 -69.21
N ASN E 20 60.60 -43.18 -70.25
CA ASN E 20 61.07 -42.66 -71.52
C ASN E 20 62.25 -41.71 -71.41
N ASN E 21 63.17 -42.06 -70.53
CA ASN E 21 64.34 -41.22 -70.30
C ASN E 21 63.99 -39.81 -69.87
N GLY E 22 62.83 -39.68 -69.23
CA GLY E 22 62.43 -38.44 -68.60
C GLY E 22 61.97 -38.71 -67.18
N LEU E 23 61.51 -37.66 -66.50
CA LEU E 23 60.96 -37.78 -65.17
C LEU E 23 59.48 -38.17 -65.26
N PRO E 24 58.98 -38.89 -64.26
CA PRO E 24 57.63 -39.43 -64.32
C PRO E 24 56.54 -38.37 -64.11
N TRP E 25 56.85 -37.32 -63.35
CA TRP E 25 55.87 -36.36 -62.86
C TRP E 25 56.07 -35.01 -63.53
N PRO E 26 55.10 -34.09 -63.36
CA PRO E 26 55.35 -32.71 -63.81
C PRO E 26 56.43 -32.04 -62.96
N HIS E 27 56.81 -30.82 -63.33
N HIS E 27 56.83 -30.84 -63.35
CA HIS E 27 57.97 -30.17 -62.72
CA HIS E 27 57.97 -30.18 -62.73
C HIS E 27 57.78 -29.82 -61.25
C HIS E 27 57.74 -29.89 -61.25
N LEU E 28 58.68 -30.32 -60.41
CA LEU E 28 58.62 -30.05 -58.99
C LEU E 28 59.68 -29.02 -58.64
N THR E 29 59.31 -27.75 -58.69
CA THR E 29 60.26 -26.66 -58.53
C THR E 29 61.02 -26.70 -57.19
N THR E 30 60.34 -27.03 -56.10
CA THR E 30 61.05 -27.13 -54.83
C THR E 30 62.05 -28.29 -54.81
N ASP E 31 61.70 -29.43 -55.40
CA ASP E 31 62.66 -30.52 -55.49
C ASP E 31 63.93 -30.14 -56.28
N PHE E 32 63.79 -29.32 -57.33
CA PHE E 32 64.96 -28.91 -58.10
C PHE E 32 65.86 -27.97 -57.30
N LYS E 33 65.24 -27.10 -56.52
CA LYS E 33 65.97 -26.21 -55.63
C LYS E 33 66.78 -27.04 -54.65
N HIS E 34 66.12 -28.04 -54.08
CA HIS E 34 66.74 -28.94 -53.13
C HIS E 34 67.90 -29.69 -53.77
N PHE E 35 67.68 -30.24 -54.95
CA PHE E 35 68.73 -30.96 -55.65
C PHE E 35 69.95 -30.08 -55.85
N SER E 36 69.71 -28.85 -56.31
CA SER E 36 70.76 -27.91 -56.60
C SER E 36 71.49 -27.49 -55.34
N ARG E 37 70.72 -27.23 -54.29
CA ARG E 37 71.32 -26.74 -53.06
C ARG E 37 72.15 -27.82 -52.38
N VAL E 38 71.71 -29.07 -52.45
CA VAL E 38 72.46 -30.15 -51.82
C VAL E 38 73.72 -30.52 -52.60
N THR E 39 73.65 -30.51 -53.93
CA THR E 39 74.79 -30.95 -54.73
C THR E 39 75.87 -29.89 -54.90
N LYS E 40 75.50 -28.62 -54.77
CA LYS E 40 76.45 -27.54 -55.00
C LYS E 40 77.17 -27.06 -53.75
N THR E 41 76.43 -26.89 -52.66
CA THR E 41 76.96 -26.13 -51.54
C THR E 41 78.16 -26.77 -50.85
N THR E 42 79.17 -25.94 -50.66
CA THR E 42 80.37 -26.28 -49.92
C THR E 42 80.58 -25.11 -48.98
N PRO E 43 81.22 -25.35 -47.83
CA PRO E 43 81.52 -24.22 -46.95
C PRO E 43 82.71 -23.39 -47.40
N ALA E 46 84.49 -22.76 -51.13
CA ALA E 46 85.71 -21.97 -51.05
C ALA E 46 86.76 -22.49 -52.03
N SER E 47 87.59 -23.41 -51.56
CA SER E 47 88.62 -24.00 -52.39
C SER E 47 88.09 -25.08 -53.34
N ARG E 48 87.22 -25.94 -52.81
CA ARG E 48 86.83 -27.17 -53.47
C ARG E 48 85.46 -27.09 -54.13
N PHE E 49 85.09 -28.16 -54.82
CA PHE E 49 83.74 -28.31 -55.35
C PHE E 49 83.28 -29.73 -55.12
N ASN E 50 81.98 -29.98 -55.21
CA ASN E 50 81.50 -31.35 -55.13
C ASN E 50 81.47 -31.98 -56.50
N ALA E 51 81.42 -33.30 -56.54
CA ALA E 51 81.25 -34.00 -57.80
C ALA E 51 79.89 -34.68 -57.85
N VAL E 52 79.28 -34.66 -59.02
CA VAL E 52 78.09 -35.46 -59.25
C VAL E 52 78.42 -36.57 -60.23
N VAL E 53 78.06 -37.79 -59.87
CA VAL E 53 78.30 -38.92 -60.74
C VAL E 53 76.97 -39.47 -61.24
N MET E 54 76.89 -39.71 -62.54
CA MET E 54 75.65 -40.11 -63.19
C MET E 54 75.91 -41.07 -64.34
N GLY E 55 74.88 -41.84 -64.70
CA GLY E 55 74.95 -42.75 -65.83
C GLY E 55 74.67 -42.03 -67.14
N ARG E 56 74.90 -42.71 -68.25
CA ARG E 56 74.82 -42.09 -69.57
C ARG E 56 73.42 -41.60 -69.91
N LYS E 57 72.41 -42.38 -69.59
CA LYS E 57 71.05 -42.02 -69.98
C LYS E 57 70.54 -40.84 -69.13
N THR E 58 70.97 -40.81 -67.87
CA THR E 58 70.72 -39.66 -67.01
C THR E 58 71.35 -38.41 -67.61
N TRP E 59 72.57 -38.51 -68.10
CA TRP E 59 73.22 -37.39 -68.78
C TRP E 59 72.38 -36.94 -69.99
N GLU E 60 71.92 -37.89 -70.80
CA GLU E 60 71.11 -37.58 -71.97
C GLU E 60 69.71 -37.06 -71.62
N SER E 61 69.21 -37.42 -70.44
CA SER E 61 67.89 -36.98 -70.01
C SER E 61 67.84 -35.51 -69.63
N MET E 62 69.00 -34.95 -69.27
CA MET E 62 69.08 -33.56 -68.87
C MET E 62 69.07 -32.64 -70.08
N PRO E 63 68.38 -31.49 -69.98
CA PRO E 63 68.31 -30.54 -71.08
C PRO E 63 69.70 -30.01 -71.41
N ARG E 64 70.01 -29.88 -72.71
CA ARG E 64 71.32 -29.41 -73.17
C ARG E 64 71.80 -28.20 -72.38
N LYS E 65 70.91 -27.24 -72.18
CA LYS E 65 71.27 -25.95 -71.59
C LYS E 65 71.75 -26.03 -70.14
N PHE E 66 71.40 -27.09 -69.43
CA PHE E 66 71.80 -27.21 -68.04
C PHE E 66 72.92 -28.21 -67.83
N ARG E 67 73.32 -28.89 -68.89
CA ARG E 67 74.38 -29.89 -68.77
C ARG E 67 75.68 -29.46 -69.46
N PRO E 68 76.82 -29.62 -68.77
CA PRO E 68 77.04 -30.20 -67.45
C PRO E 68 76.45 -29.34 -66.34
N LEU E 69 76.18 -29.95 -65.20
CA LEU E 69 75.65 -29.22 -64.05
C LEU E 69 76.69 -28.23 -63.56
N VAL E 70 76.34 -26.95 -63.49
CA VAL E 70 77.31 -25.90 -63.21
C VAL E 70 77.90 -25.98 -61.81
N ASP E 71 79.19 -25.66 -61.74
CA ASP E 71 79.91 -25.52 -60.47
C ASP E 71 80.06 -26.84 -59.71
N ARG E 72 79.79 -27.93 -60.41
CA ARG E 72 80.02 -29.25 -59.88
C ARG E 72 80.84 -30.01 -60.90
N LEU E 73 81.71 -30.89 -60.43
CA LEU E 73 82.44 -31.75 -61.33
C LEU E 73 81.52 -32.87 -61.79
N ASN E 74 81.34 -32.99 -63.10
CA ASN E 74 80.45 -34.01 -63.64
C ASN E 74 81.22 -35.22 -64.14
N ILE E 75 80.88 -36.39 -63.61
CA ILE E 75 81.40 -37.62 -64.15
C ILE E 75 80.26 -38.45 -64.71
N VAL E 76 80.41 -38.89 -65.94
CA VAL E 76 79.44 -39.76 -66.56
C VAL E 76 80.02 -41.16 -66.69
N VAL E 77 79.26 -42.14 -66.23
CA VAL E 77 79.63 -43.53 -66.40
C VAL E 77 79.00 -44.05 -67.68
N SER E 78 79.86 -44.45 -68.61
CA SER E 78 79.43 -44.94 -69.91
C SER E 78 80.57 -45.73 -70.52
N SER E 79 80.23 -46.68 -71.39
CA SER E 79 81.26 -47.34 -72.18
C SER E 79 81.14 -46.91 -73.64
N SER E 80 80.10 -46.16 -73.96
CA SER E 80 79.86 -45.74 -75.33
C SER E 80 80.13 -44.25 -75.58
N LEU E 81 79.82 -43.41 -74.59
CA LEU E 81 80.14 -41.99 -74.69
C LEU E 81 81.61 -41.76 -74.41
N LYS E 82 82.19 -40.77 -75.06
CA LYS E 82 83.56 -40.41 -74.79
C LYS E 82 83.62 -38.95 -74.38
N GLU E 83 84.67 -38.59 -73.65
CA GLU E 83 84.86 -37.21 -73.22
C GLU E 83 84.78 -36.27 -74.41
N GLU E 84 85.38 -36.67 -75.53
CA GLU E 84 85.36 -35.83 -76.72
C GLU E 84 83.95 -35.61 -77.27
N ASP E 85 83.09 -36.63 -77.19
CA ASP E 85 81.68 -36.49 -77.56
C ASP E 85 81.03 -35.36 -76.77
N ILE E 86 81.23 -35.37 -75.46
CA ILE E 86 80.62 -34.39 -74.57
C ILE E 86 81.23 -33.01 -74.77
N ALA E 87 82.54 -32.98 -75.03
CA ALA E 87 83.23 -31.71 -75.29
C ALA E 87 82.69 -31.02 -76.55
N ALA E 88 82.36 -31.81 -77.56
CA ALA E 88 81.88 -31.27 -78.83
C ALA E 88 80.41 -30.85 -78.77
N GLU E 89 79.70 -31.34 -77.76
CA GLU E 89 78.28 -31.04 -77.57
C GLU E 89 78.04 -29.55 -77.31
N LYS E 90 78.94 -28.95 -76.54
CA LYS E 90 78.77 -27.57 -76.11
C LYS E 90 80.13 -27.06 -75.61
N PRO E 91 80.50 -25.82 -75.97
CA PRO E 91 81.77 -25.32 -75.46
C PRO E 91 81.80 -25.18 -73.94
N GLN E 92 82.85 -25.74 -73.33
CA GLN E 92 83.11 -25.57 -71.91
C GLN E 92 83.31 -24.10 -71.57
N ALA E 93 82.67 -23.64 -70.49
CA ALA E 93 82.77 -22.25 -70.05
C ALA E 93 83.94 -22.09 -69.10
N GLU E 94 84.59 -20.93 -69.14
CA GLU E 94 85.76 -20.67 -68.29
C GLU E 94 85.42 -20.83 -66.81
N GLY E 95 86.33 -21.48 -66.08
CA GLY E 95 86.18 -21.66 -64.66
C GLY E 95 85.49 -22.96 -64.27
N GLN E 96 84.95 -23.67 -65.25
CA GLN E 96 84.24 -24.91 -65.00
C GLN E 96 85.11 -26.13 -65.25
N GLN E 97 84.79 -27.23 -64.58
CA GLN E 97 85.52 -28.47 -64.71
C GLN E 97 85.18 -29.16 -66.02
N ARG E 98 86.16 -29.75 -66.68
CA ARG E 98 85.86 -30.53 -67.86
C ARG E 98 85.19 -31.84 -67.46
N VAL E 99 84.29 -32.31 -68.29
CA VAL E 99 83.46 -33.46 -67.96
C VAL E 99 84.22 -34.76 -68.21
N ARG E 100 84.32 -35.60 -67.19
CA ARG E 100 85.04 -36.86 -67.31
C ARG E 100 84.09 -38.03 -67.58
N VAL E 101 84.58 -39.02 -68.31
CA VAL E 101 83.83 -40.25 -68.55
C VAL E 101 84.60 -41.44 -67.97
N CYS E 102 83.90 -42.32 -67.25
CA CYS E 102 84.50 -43.51 -66.67
C CYS E 102 83.66 -44.74 -66.98
N ALA E 103 84.28 -45.91 -67.00
CA ALA E 103 83.62 -47.14 -67.42
C ALA E 103 82.73 -47.78 -66.36
N SER E 104 82.90 -47.38 -65.11
CA SER E 104 82.19 -48.03 -64.02
C SER E 104 82.14 -47.08 -62.84
N LEU E 105 81.34 -47.42 -61.84
CA LEU E 105 81.37 -46.65 -60.61
C LEU E 105 82.74 -46.76 -59.91
N PRO E 106 83.28 -47.99 -59.72
CA PRO E 106 84.62 -48.12 -59.13
C PRO E 106 85.66 -47.24 -59.80
N ALA E 107 85.66 -47.22 -61.14
CA ALA E 107 86.61 -46.40 -61.87
C ALA E 107 86.42 -44.93 -61.56
N ALA E 108 85.15 -44.50 -61.47
CA ALA E 108 84.87 -43.11 -61.20
C ALA E 108 85.29 -42.74 -59.78
N LEU E 109 85.12 -43.66 -58.82
CA LEU E 109 85.60 -43.41 -57.47
C LEU E 109 87.14 -43.42 -57.39
N SER E 110 87.79 -44.21 -58.25
CA SER E 110 89.25 -44.20 -58.35
C SER E 110 89.74 -42.88 -58.90
N LEU E 111 89.11 -42.43 -59.97
CA LEU E 111 89.48 -41.19 -60.62
C LEU E 111 89.39 -40.03 -59.63
N LEU E 112 88.31 -40.02 -58.85
CA LEU E 112 88.12 -39.02 -57.82
C LEU E 112 89.26 -39.03 -56.80
N GLU E 113 89.70 -40.22 -56.42
CA GLU E 113 90.82 -40.38 -55.50
C GLU E 113 92.13 -39.88 -56.10
N GLU E 114 92.45 -40.40 -57.28
CA GLU E 114 93.77 -40.16 -57.88
C GLU E 114 93.96 -38.74 -58.42
N GLU E 115 92.95 -38.19 -59.07
CA GLU E 115 93.13 -36.92 -59.77
C GLU E 115 92.37 -35.74 -59.16
N TYR E 116 91.58 -35.98 -58.12
CA TYR E 116 90.83 -34.89 -57.51
C TYR E 116 90.79 -34.96 -55.99
N LYS E 117 91.67 -35.75 -55.38
CA LYS E 117 91.87 -35.62 -53.94
C LYS E 117 92.27 -34.18 -53.79
N ASP E 118 91.90 -33.57 -52.68
CA ASP E 118 92.11 -32.12 -52.43
C ASP E 118 91.32 -31.15 -53.32
N SER E 119 90.73 -31.64 -54.40
CA SER E 119 89.91 -30.79 -55.26
C SER E 119 88.42 -30.95 -54.99
N VAL E 120 87.98 -32.19 -54.75
CA VAL E 120 86.56 -32.42 -54.45
C VAL E 120 86.30 -32.53 -52.97
N ASP E 121 85.16 -31.99 -52.54
CA ASP E 121 84.70 -32.23 -51.19
C ASP E 121 83.77 -33.44 -51.17
N GLN E 122 82.50 -33.24 -51.52
CA GLN E 122 81.56 -34.35 -51.45
C GLN E 122 81.32 -35.02 -52.78
N ILE E 123 80.96 -36.30 -52.72
CA ILE E 123 80.64 -37.06 -53.91
C ILE E 123 79.17 -37.50 -53.90
N PHE E 124 78.44 -37.10 -54.93
CA PHE E 124 77.02 -37.39 -55.03
C PHE E 124 76.73 -38.30 -56.21
N VAL E 125 76.07 -39.41 -55.96
CA VAL E 125 75.57 -40.26 -57.04
C VAL E 125 74.12 -39.86 -57.34
N VAL E 126 73.87 -39.57 -58.61
CA VAL E 126 72.75 -38.76 -59.04
C VAL E 126 71.83 -39.53 -60.02
N GLY E 127 72.07 -40.83 -60.16
CA GLY E 127 71.23 -41.66 -61.01
C GLY E 127 71.98 -42.15 -62.24
N GLY E 128 71.39 -43.05 -63.01
CA GLY E 128 70.10 -43.64 -62.72
C GLY E 128 70.18 -44.95 -61.96
N ALA E 129 69.25 -45.85 -62.24
CA ALA E 129 69.13 -47.09 -61.48
C ALA E 129 70.41 -47.93 -61.50
N GLY E 130 71.10 -47.90 -62.65
CA GLY E 130 72.37 -48.60 -62.78
C GLY E 130 73.37 -48.17 -61.72
N LEU E 131 73.50 -46.87 -61.52
CA LEU E 131 74.45 -46.36 -60.53
C LEU E 131 73.97 -46.50 -59.10
N TYR E 132 72.69 -46.27 -58.86
CA TYR E 132 72.14 -46.41 -57.51
C TYR E 132 72.37 -47.84 -57.04
N GLU E 133 72.15 -48.76 -57.97
CA GLU E 133 72.32 -50.18 -57.70
C GLU E 133 73.78 -50.51 -57.36
N ALA E 134 74.71 -50.05 -58.21
CA ALA E 134 76.13 -50.27 -57.96
C ALA E 134 76.56 -49.69 -56.62
N ALA E 135 76.19 -48.44 -56.38
CA ALA E 135 76.56 -47.75 -55.13
C ALA E 135 76.06 -48.48 -53.89
N LEU E 136 74.86 -49.05 -53.96
CA LEU E 136 74.31 -49.79 -52.84
C LEU E 136 75.03 -51.14 -52.65
N SER E 137 75.32 -51.80 -53.76
CA SER E 137 76.09 -53.05 -53.75
C SER E 137 77.48 -52.84 -53.19
N LEU E 138 78.14 -51.78 -53.60
CA LEU E 138 79.48 -51.47 -53.11
C LEU E 138 79.48 -51.15 -51.64
N GLY E 139 78.35 -50.67 -51.15
CA GLY E 139 78.22 -50.29 -49.76
C GLY E 139 78.87 -48.97 -49.44
N VAL E 140 79.09 -48.14 -50.45
CA VAL E 140 79.82 -46.88 -50.24
C VAL E 140 78.92 -45.69 -49.92
N ALA E 141 77.59 -45.89 -49.94
CA ALA E 141 76.68 -44.79 -49.68
C ALA E 141 76.41 -44.61 -48.20
N SER E 142 76.86 -43.52 -47.62
CA SER E 142 76.60 -43.26 -46.21
C SER E 142 75.22 -42.66 -45.97
N HIS E 143 74.73 -41.88 -46.93
CA HIS E 143 73.45 -41.20 -46.76
C HIS E 143 72.60 -41.23 -48.03
N LEU E 144 71.29 -41.31 -47.85
CA LEU E 144 70.39 -41.20 -48.99
C LEU E 144 69.50 -39.96 -48.82
N TYR E 145 69.57 -39.06 -49.78
CA TYR E 145 68.67 -37.91 -49.85
C TYR E 145 67.51 -38.28 -50.76
N ILE E 146 66.39 -38.64 -50.16
CA ILE E 146 65.25 -39.11 -50.92
C ILE E 146 64.12 -38.10 -50.89
N THR E 147 63.72 -37.63 -52.07
CA THR E 147 62.51 -36.85 -52.21
C THR E 147 61.39 -37.86 -52.45
N ARG E 148 60.48 -37.99 -51.50
CA ARG E 148 59.38 -38.94 -51.68
C ARG E 148 58.23 -38.29 -52.39
N VAL E 149 57.98 -38.71 -53.61
CA VAL E 149 56.81 -38.26 -54.33
C VAL E 149 55.66 -39.17 -53.91
N ALA E 150 54.56 -38.58 -53.43
CA ALA E 150 53.47 -39.33 -52.83
C ALA E 150 52.53 -39.96 -53.86
N ARG E 151 52.52 -39.41 -55.07
CA ARG E 151 51.71 -39.97 -56.13
C ARG E 151 52.44 -41.00 -56.95
N GLU E 152 51.67 -41.95 -57.48
CA GLU E 152 52.21 -42.91 -58.41
C GLU E 152 52.10 -42.35 -59.82
N PHE E 153 53.09 -42.67 -60.64
CA PHE E 153 53.12 -42.23 -62.02
C PHE E 153 53.63 -43.41 -62.84
N PRO E 154 53.26 -43.46 -64.11
CA PRO E 154 53.85 -44.49 -64.97
C PRO E 154 55.37 -44.38 -64.94
N CYS E 155 56.06 -45.47 -64.67
CA CYS E 155 57.53 -45.49 -64.66
C CYS E 155 58.06 -46.76 -65.32
N ASP E 156 59.19 -46.64 -66.01
CA ASP E 156 59.86 -47.82 -66.57
C ASP E 156 61.22 -48.05 -65.91
N VAL E 157 61.60 -47.17 -65.00
CA VAL E 157 62.87 -47.32 -64.29
C VAL E 157 62.66 -47.10 -62.79
N PHE E 158 63.32 -47.92 -61.98
CA PHE E 158 63.05 -47.96 -60.55
C PHE E 158 64.30 -47.89 -59.70
N PHE E 159 64.22 -47.21 -58.55
CA PHE E 159 65.27 -47.26 -57.55
C PHE E 159 65.24 -48.67 -56.99
N PRO E 160 66.41 -49.25 -56.70
CA PRO E 160 66.42 -50.65 -56.24
C PRO E 160 65.84 -50.80 -54.84
N ALA E 161 65.36 -52.00 -54.54
CA ALA E 161 64.92 -52.32 -53.19
C ALA E 161 66.10 -52.17 -52.26
N PHE E 162 65.82 -51.75 -51.03
CA PHE E 162 66.87 -51.55 -50.05
C PHE E 162 66.31 -51.69 -48.64
N PRO E 163 67.11 -52.22 -47.72
CA PRO E 163 66.64 -52.35 -46.34
C PRO E 163 66.33 -50.99 -45.74
N GLY E 164 65.08 -50.81 -45.36
CA GLY E 164 64.61 -49.50 -44.93
C GLY E 164 63.67 -48.88 -45.94
N ASP E 165 63.42 -49.56 -47.05
CA ASP E 165 62.54 -48.99 -48.08
C ASP E 165 61.08 -48.92 -47.65
N ASP E 166 60.81 -49.30 -46.40
CA ASP E 166 59.51 -49.10 -45.79
C ASP E 166 59.11 -47.63 -45.56
N ILE E 167 60.05 -46.68 -45.63
CA ILE E 167 59.66 -45.27 -45.57
C ILE E 167 58.97 -44.83 -46.84
N LEU E 168 58.88 -45.72 -47.82
CA LEU E 168 58.21 -45.39 -49.07
C LEU E 168 56.80 -45.95 -49.12
N SER E 169 56.64 -47.20 -48.70
CA SER E 169 55.34 -47.84 -48.78
C SER E 169 55.34 -49.11 -47.95
N ASN E 170 54.16 -49.66 -47.71
CA ASN E 170 54.04 -50.85 -46.90
C ASN E 170 54.60 -52.08 -47.63
N LYS E 171 55.19 -52.98 -46.85
CA LYS E 171 55.75 -54.21 -47.43
C LYS E 171 54.76 -55.36 -47.32
N ALA E 181 73.41 -54.21 -43.00
CA ALA E 181 73.27 -52.76 -42.94
C ALA E 181 71.84 -52.33 -43.22
N THR E 182 71.43 -51.21 -42.64
CA THR E 182 70.12 -50.66 -42.95
C THR E 182 70.15 -49.14 -43.00
N TYR E 183 69.20 -48.58 -43.73
CA TYR E 183 69.16 -47.14 -43.96
C TYR E 183 67.99 -46.55 -43.18
N ARG E 184 68.32 -45.86 -42.09
CA ARG E 184 67.31 -45.30 -41.22
C ARG E 184 67.21 -43.80 -41.38
N PRO E 185 65.97 -43.28 -41.37
CA PRO E 185 65.73 -41.85 -41.53
C PRO E 185 66.13 -41.07 -40.30
N ILE E 186 66.85 -39.98 -40.52
CA ILE E 186 67.24 -39.09 -39.45
C ILE E 186 66.51 -37.76 -39.64
N PHE E 187 65.82 -37.65 -40.77
CA PHE E 187 65.25 -36.38 -41.22
C PHE E 187 63.97 -36.64 -42.00
N ILE E 188 62.90 -35.96 -41.62
CA ILE E 188 61.63 -36.01 -42.35
C ILE E 188 61.00 -34.62 -42.35
N SER E 189 60.90 -34.00 -43.51
CA SER E 189 60.37 -32.65 -43.63
C SER E 189 58.83 -32.64 -43.59
N LYS E 190 58.24 -31.46 -43.57
CA LYS E 190 56.81 -31.38 -43.79
C LYS E 190 56.52 -31.55 -45.28
N THR E 191 55.25 -31.62 -45.64
CA THR E 191 54.86 -31.91 -47.01
C THR E 191 54.86 -30.64 -47.87
N PHE E 192 55.41 -30.77 -49.07
CA PHE E 192 55.37 -29.71 -50.05
C PHE E 192 54.51 -30.17 -51.20
N SER E 193 54.18 -29.27 -52.12
CA SER E 193 53.55 -29.66 -53.36
C SER E 193 53.84 -28.67 -54.47
N ASP E 194 53.80 -29.17 -55.69
CA ASP E 194 53.89 -28.37 -56.90
C ASP E 194 53.08 -29.11 -57.93
N ASN E 195 52.34 -28.38 -58.75
CA ASN E 195 51.57 -28.95 -59.84
C ASN E 195 50.71 -30.15 -59.49
N GLY E 196 50.08 -30.10 -58.32
CA GLY E 196 49.16 -31.14 -57.90
C GLY E 196 49.85 -32.38 -57.38
N VAL E 197 51.15 -32.28 -57.11
CA VAL E 197 51.91 -33.41 -56.61
C VAL E 197 52.43 -33.15 -55.20
N PRO E 198 52.02 -33.98 -54.23
CA PRO E 198 52.57 -33.84 -52.88
C PRO E 198 53.90 -34.59 -52.76
N TYR E 199 54.85 -34.01 -52.04
CA TYR E 199 56.08 -34.71 -51.77
C TYR E 199 56.79 -34.16 -50.55
N ASP E 200 57.70 -34.95 -50.01
CA ASP E 200 58.52 -34.44 -48.91
C ASP E 200 59.98 -34.88 -49.04
N PHE E 201 60.79 -34.48 -48.08
CA PHE E 201 62.21 -34.78 -48.12
C PHE E 201 62.62 -35.58 -46.91
N VAL E 202 63.32 -36.68 -47.17
CA VAL E 202 63.92 -37.44 -46.08
C VAL E 202 65.41 -37.67 -46.31
N VAL E 203 66.14 -37.84 -45.22
CA VAL E 203 67.53 -38.24 -45.32
C VAL E 203 67.70 -39.50 -44.51
N LEU E 204 68.26 -40.52 -45.15
CA LEU E 204 68.52 -41.78 -44.48
C LEU E 204 70.01 -41.89 -44.23
N GLU E 205 70.38 -42.68 -43.24
CA GLU E 205 71.77 -42.85 -42.89
C GLU E 205 72.02 -44.34 -42.76
N LYS E 206 73.14 -44.81 -43.28
CA LYS E 206 73.51 -46.21 -43.19
C LYS E 206 73.85 -46.51 -41.72
N ARG E 207 73.19 -47.49 -41.13
CA ARG E 207 73.39 -47.72 -39.69
C ARG E 207 74.02 -49.05 -39.30
N ARG E 208 73.51 -50.14 -39.84
CA ARG E 208 73.83 -51.50 -39.34
C ARG E 208 73.33 -51.70 -37.91
N SER E 241 82.74 -17.32 -16.75
CA SER E 241 81.47 -17.25 -16.03
C SER E 241 80.36 -16.57 -16.84
N SER E 242 80.61 -16.37 -18.14
CA SER E 242 79.65 -15.75 -19.06
C SER E 242 78.19 -16.07 -18.72
N ALA E 243 77.74 -17.25 -19.12
CA ALA E 243 76.48 -17.78 -18.65
C ALA E 243 76.74 -19.18 -18.14
N ALA E 244 77.98 -19.60 -18.23
CA ALA E 244 78.41 -20.86 -17.65
C ALA E 244 78.16 -20.82 -16.15
N ALA E 245 78.29 -19.63 -15.56
CA ALA E 245 78.14 -19.44 -14.12
C ALA E 245 76.71 -19.64 -13.62
N ILE E 246 75.75 -19.67 -14.52
CA ILE E 246 74.35 -19.69 -14.16
C ILE E 246 73.79 -21.11 -14.11
N ALA E 247 74.51 -22.05 -14.71
CA ALA E 247 74.12 -23.46 -14.67
C ALA E 247 73.79 -24.08 -13.30
N PRO E 248 74.44 -23.62 -12.21
CA PRO E 248 74.09 -24.14 -10.88
C PRO E 248 72.65 -23.88 -10.44
N VAL E 249 72.10 -22.72 -10.76
CA VAL E 249 70.71 -22.43 -10.43
C VAL E 249 69.79 -23.23 -11.37
N LEU E 250 70.23 -23.38 -12.61
CA LEU E 250 69.56 -24.27 -13.54
C LEU E 250 69.69 -25.72 -13.06
N ALA E 251 70.89 -26.07 -12.58
CA ALA E 251 71.19 -27.42 -12.12
C ALA E 251 70.17 -27.98 -11.11
N TRP E 252 69.63 -27.12 -10.27
CA TRP E 252 68.72 -27.59 -9.25
C TRP E 252 67.24 -27.36 -9.56
N MET E 253 66.96 -26.50 -10.53
CA MET E 253 65.60 -26.32 -10.98
C MET E 253 65.26 -27.39 -12.01
N ASP E 254 66.28 -28.14 -12.42
CA ASP E 254 66.17 -29.11 -13.51
C ASP E 254 65.85 -30.53 -13.01
N GLU E 255 65.40 -31.37 -13.94
CA GLU E 255 65.04 -32.75 -13.66
C GLU E 255 66.11 -33.75 -14.13
N LEU E 266 60.74 -41.32 -21.79
CA LEU E 266 60.78 -42.77 -21.92
C LEU E 266 60.16 -43.24 -23.23
N ILE E 267 58.84 -43.12 -23.38
CA ILE E 267 58.22 -43.43 -24.66
C ILE E 267 58.43 -42.27 -25.64
N ARG E 268 58.85 -42.59 -26.85
CA ARG E 268 59.05 -41.57 -27.89
C ARG E 268 58.84 -42.14 -29.29
N ALA E 269 58.19 -41.35 -30.15
CA ALA E 269 57.97 -41.76 -31.53
C ALA E 269 59.27 -41.76 -32.31
N VAL E 270 59.52 -42.85 -33.06
CA VAL E 270 60.69 -43.01 -33.94
C VAL E 270 61.88 -42.11 -33.59
N PRO E 271 62.55 -42.38 -32.45
CA PRO E 271 63.48 -41.42 -31.88
C PRO E 271 64.74 -41.18 -32.71
N HIS E 272 65.08 -42.09 -33.61
CA HIS E 272 66.21 -41.90 -34.51
C HIS E 272 66.00 -40.72 -35.48
N VAL E 273 64.75 -40.29 -35.65
CA VAL E 273 64.46 -39.12 -36.47
C VAL E 273 64.73 -37.83 -35.71
N HIS E 274 65.82 -37.15 -36.07
CA HIS E 274 66.27 -35.96 -35.35
C HIS E 274 65.61 -34.69 -35.82
N PHE E 275 65.57 -34.46 -37.12
CA PHE E 275 64.73 -33.38 -37.63
C PHE E 275 63.32 -33.86 -37.91
N ARG E 276 62.38 -33.34 -37.12
CA ARG E 276 61.02 -33.83 -37.13
C ARG E 276 60.09 -32.77 -37.71
N GLY E 277 60.27 -32.48 -38.99
CA GLY E 277 59.50 -31.45 -39.65
C GLY E 277 58.07 -31.84 -39.96
N HIS E 278 57.85 -33.11 -40.27
CA HIS E 278 56.51 -33.60 -40.59
C HIS E 278 55.53 -33.23 -39.49
N GLU E 279 54.45 -32.58 -39.87
CA GLU E 279 53.47 -32.06 -38.93
C GLU E 279 52.76 -33.17 -38.13
N GLU E 280 52.81 -34.40 -38.64
CA GLU E 280 52.22 -35.54 -37.95
C GLU E 280 52.97 -35.87 -36.66
N PHE E 281 54.17 -35.32 -36.52
CA PHE E 281 54.93 -35.49 -35.30
C PHE E 281 54.25 -34.83 -34.11
N GLN E 282 53.41 -33.84 -34.37
CA GLN E 282 52.62 -33.24 -33.30
C GLN E 282 51.72 -34.30 -32.69
N TYR E 283 51.05 -35.08 -33.53
CA TYR E 283 50.13 -36.10 -33.06
C TYR E 283 50.87 -37.21 -32.33
N LEU E 284 51.99 -37.64 -32.90
CA LEU E 284 52.77 -38.74 -32.33
C LEU E 284 53.40 -38.32 -31.01
N ASP E 285 53.90 -37.09 -30.95
CA ASP E 285 54.46 -36.56 -29.71
C ASP E 285 53.38 -36.37 -28.65
N LEU E 286 52.15 -36.07 -29.08
CA LEU E 286 51.04 -35.92 -28.14
C LEU E 286 50.70 -37.27 -27.53
N ILE E 287 50.74 -38.33 -28.33
CA ILE E 287 50.54 -39.67 -27.80
C ILE E 287 51.59 -39.99 -26.74
N ALA E 288 52.86 -39.80 -27.09
CA ALA E 288 53.96 -40.02 -26.15
C ALA E 288 53.80 -39.23 -24.85
N ASP E 289 53.42 -37.96 -24.97
CA ASP E 289 53.33 -37.07 -23.83
C ASP E 289 52.24 -37.49 -22.84
N ILE E 290 51.07 -37.87 -23.34
CA ILE E 290 50.00 -38.38 -22.48
C ILE E 290 50.43 -39.66 -21.76
N ILE E 291 51.00 -40.61 -22.50
CA ILE E 291 51.49 -41.83 -21.90
C ILE E 291 52.58 -41.59 -20.85
N ASN E 292 53.56 -40.76 -21.18
CA ASN E 292 54.62 -40.44 -20.24
C ASN E 292 54.16 -39.60 -19.05
N ASN E 293 53.35 -38.58 -19.33
CA ASN E 293 53.07 -37.55 -18.35
C ASN E 293 51.62 -37.43 -17.92
N GLY E 294 50.75 -38.23 -18.52
CA GLY E 294 49.33 -38.16 -18.20
C GLY E 294 49.00 -38.90 -16.92
N ARG E 295 47.83 -38.64 -16.38
CA ARG E 295 47.41 -39.26 -15.15
C ARG E 295 46.31 -40.28 -15.40
N THR E 296 46.39 -41.39 -14.69
CA THR E 296 45.40 -42.43 -14.84
C THR E 296 44.14 -42.06 -14.05
N MET E 297 43.01 -42.07 -14.73
CA MET E 297 41.75 -41.62 -14.13
C MET E 297 40.64 -42.55 -14.50
N ASP E 298 39.58 -42.53 -13.69
CA ASP E 298 38.32 -43.15 -14.09
C ASP E 298 37.65 -42.29 -15.13
N ASP E 299 36.53 -42.77 -15.64
CA ASP E 299 35.96 -42.20 -16.84
C ASP E 299 34.55 -42.74 -17.00
N ARG E 300 33.70 -41.98 -17.68
CA ARG E 300 32.29 -42.32 -17.84
C ARG E 300 32.05 -43.74 -18.36
N THR E 301 32.93 -44.23 -19.23
CA THR E 301 32.66 -45.48 -19.94
C THR E 301 33.06 -46.73 -19.17
N GLY E 302 33.80 -46.58 -18.08
CA GLY E 302 34.27 -47.74 -17.35
C GLY E 302 35.62 -48.23 -17.80
N VAL E 303 36.01 -47.89 -19.02
CA VAL E 303 37.35 -48.23 -19.48
C VAL E 303 38.27 -47.21 -18.83
N GLY E 304 39.47 -47.60 -18.45
CA GLY E 304 40.36 -46.62 -17.84
C GLY E 304 40.85 -45.60 -18.85
N VAL E 305 41.39 -44.49 -18.36
CA VAL E 305 41.92 -43.46 -19.23
C VAL E 305 43.21 -42.91 -18.63
N ILE E 306 44.17 -42.56 -19.49
CA ILE E 306 45.30 -41.73 -19.07
C ILE E 306 45.09 -40.37 -19.71
N SER E 307 45.08 -39.31 -18.91
CA SER E 307 44.65 -38.01 -19.42
C SER E 307 45.56 -36.81 -19.15
N LYS E 308 45.46 -35.81 -20.02
CA LYS E 308 46.08 -34.51 -19.83
C LYS E 308 45.05 -33.45 -20.18
N PHE E 309 45.31 -32.20 -19.81
CA PHE E 309 44.33 -31.14 -19.99
C PHE E 309 44.96 -29.91 -20.63
N GLY E 310 44.40 -29.50 -21.77
CA GLY E 310 44.87 -28.31 -22.47
C GLY E 310 45.96 -28.65 -23.46
N CYS E 311 45.56 -29.12 -24.63
CA CYS E 311 46.53 -29.50 -25.64
C CYS E 311 46.20 -28.84 -26.97
N THR E 312 47.19 -28.85 -27.85
CA THR E 312 47.21 -27.95 -28.98
C THR E 312 48.00 -28.54 -30.15
N MET E 313 47.44 -28.45 -31.37
CA MET E 313 48.16 -28.83 -32.58
C MET E 313 47.76 -27.90 -33.70
N ARG E 314 48.62 -27.73 -34.70
CA ARG E 314 48.18 -27.04 -35.91
C ARG E 314 48.74 -27.58 -37.23
N TYR E 315 47.89 -27.55 -38.25
CA TYR E 315 48.18 -28.20 -39.51
C TYR E 315 47.99 -27.27 -40.70
N SER E 316 49.03 -27.15 -41.51
CA SER E 316 48.98 -26.35 -42.73
C SER E 316 48.05 -26.98 -43.75
N LEU E 317 47.34 -26.15 -44.50
CA LEU E 317 46.40 -26.66 -45.49
C LEU E 317 46.69 -26.14 -46.91
N ASP E 318 47.76 -25.36 -47.04
CA ASP E 318 48.06 -24.72 -48.33
C ASP E 318 48.87 -25.60 -49.29
N GLN E 319 49.67 -26.52 -48.77
CA GLN E 319 50.47 -27.41 -49.60
C GLN E 319 49.80 -28.78 -49.74
N ALA E 320 49.30 -29.30 -48.62
CA ALA E 320 48.73 -30.63 -48.56
C ALA E 320 47.74 -30.74 -47.41
N PHE E 321 47.15 -31.92 -47.23
CA PHE E 321 46.03 -32.11 -46.30
C PHE E 321 46.42 -33.10 -45.21
N PRO E 322 46.17 -32.76 -43.94
CA PRO E 322 46.61 -33.59 -42.81
C PRO E 322 45.71 -34.80 -42.56
N LEU E 323 45.65 -35.71 -43.53
CA LEU E 323 45.06 -37.02 -43.30
C LEU E 323 46.22 -37.90 -42.83
N LEU E 324 46.20 -38.29 -41.55
CA LEU E 324 47.35 -38.98 -40.96
C LEU E 324 47.74 -40.26 -41.69
N THR E 325 49.02 -40.57 -41.65
CA THR E 325 49.59 -41.62 -42.48
C THR E 325 50.23 -42.68 -41.63
N THR E 326 50.21 -42.46 -40.32
CA THR E 326 50.85 -43.41 -39.45
C THR E 326 49.86 -44.53 -39.07
N LYS E 327 48.60 -44.34 -39.49
CA LYS E 327 47.64 -45.42 -39.67
C LYS E 327 46.55 -44.94 -40.62
N ARG E 328 45.87 -45.86 -41.30
CA ARG E 328 44.88 -45.47 -42.28
C ARG E 328 43.69 -44.81 -41.60
N VAL E 329 43.34 -43.61 -42.07
CA VAL E 329 42.17 -42.91 -41.56
C VAL E 329 40.98 -43.17 -42.49
N PHE E 330 39.78 -43.26 -41.91
CA PHE E 330 38.56 -43.62 -42.61
C PHE E 330 37.97 -42.41 -43.35
N TRP E 331 38.53 -42.09 -44.53
CA TRP E 331 38.14 -40.87 -45.24
C TRP E 331 36.67 -40.83 -45.64
N LYS E 332 36.15 -41.96 -46.10
CA LYS E 332 34.75 -42.04 -46.49
C LYS E 332 33.92 -41.64 -45.27
N GLY E 333 34.35 -42.15 -44.12
CA GLY E 333 33.74 -41.78 -42.86
C GLY E 333 33.77 -40.29 -42.57
N VAL E 334 34.95 -39.65 -42.68
CA VAL E 334 34.99 -38.23 -42.34
C VAL E 334 34.17 -37.38 -43.30
N LEU E 335 34.25 -37.69 -44.59
CA LEU E 335 33.49 -36.93 -45.58
C LEU E 335 31.98 -37.07 -45.41
N GLU E 336 31.53 -38.28 -45.14
CA GLU E 336 30.10 -38.55 -45.10
C GLU E 336 29.45 -37.94 -43.85
N GLU E 337 30.15 -38.02 -42.73
CA GLU E 337 29.70 -37.37 -41.49
C GLU E 337 29.63 -35.85 -41.64
N LEU E 338 30.65 -35.26 -42.24
CA LEU E 338 30.69 -33.80 -42.40
C LEU E 338 29.54 -33.31 -43.27
N LEU E 339 29.32 -33.96 -44.41
CA LEU E 339 28.17 -33.67 -45.25
C LEU E 339 26.85 -33.79 -44.49
N TRP E 340 26.77 -34.83 -43.67
CA TRP E 340 25.64 -35.11 -42.80
C TRP E 340 25.41 -33.96 -41.80
N PHE E 341 26.49 -33.49 -41.18
CA PHE E 341 26.47 -32.32 -40.30
C PHE E 341 25.94 -31.08 -41.01
N ILE E 342 26.42 -30.86 -42.22
CA ILE E 342 26.05 -29.67 -42.98
C ILE E 342 24.56 -29.66 -43.27
N ARG E 343 24.02 -30.83 -43.59
CA ARG E 343 22.59 -31.00 -43.85
C ARG E 343 21.72 -30.65 -42.65
N GLY E 344 22.32 -30.67 -41.46
CA GLY E 344 21.56 -30.55 -40.22
C GLY E 344 20.86 -31.85 -39.90
N ASP E 345 21.37 -32.95 -40.45
CA ASP E 345 20.77 -34.27 -40.29
C ASP E 345 21.07 -34.86 -38.92
N THR E 346 20.08 -35.49 -38.30
CA THR E 346 20.26 -36.09 -36.98
C THR E 346 19.90 -37.56 -36.96
N ASN E 347 19.75 -38.15 -38.14
CA ASN E 347 19.41 -39.55 -38.28
C ASN E 347 20.66 -40.35 -38.64
N ALA E 348 21.20 -41.06 -37.66
CA ALA E 348 22.43 -41.80 -37.86
C ALA E 348 22.28 -43.02 -38.78
N ASN E 349 21.04 -43.44 -39.04
CA ASN E 349 20.83 -44.55 -39.96
C ASN E 349 21.23 -44.15 -41.37
N HIS E 350 21.10 -42.86 -41.67
CA HIS E 350 21.51 -42.32 -42.97
C HIS E 350 23.00 -42.49 -43.19
N LEU E 351 23.77 -42.50 -42.11
CA LEU E 351 25.20 -42.78 -42.18
C LEU E 351 25.43 -44.27 -42.24
N SER E 352 24.75 -44.99 -41.36
CA SER E 352 24.90 -46.44 -41.25
C SER E 352 24.64 -47.11 -42.59
N GLU E 353 23.68 -46.57 -43.33
CA GLU E 353 23.25 -47.15 -44.59
C GLU E 353 24.30 -46.97 -45.69
N LYS E 354 25.22 -46.03 -45.51
CA LYS E 354 26.30 -45.84 -46.47
C LYS E 354 27.58 -46.53 -46.01
N GLY E 355 27.46 -47.41 -45.02
CA GLY E 355 28.62 -48.10 -44.50
C GLY E 355 29.42 -47.28 -43.50
N VAL E 356 28.82 -46.22 -42.97
CA VAL E 356 29.47 -45.41 -41.95
C VAL E 356 28.77 -45.56 -40.60
N LYS E 357 29.32 -46.44 -39.76
CA LYS E 357 28.63 -46.87 -38.55
C LYS E 357 29.18 -46.24 -37.28
N ILE E 358 29.89 -45.13 -37.44
CA ILE E 358 30.55 -44.45 -36.33
C ILE E 358 29.60 -43.99 -35.22
N TRP E 359 28.33 -43.80 -35.54
CA TRP E 359 27.39 -43.35 -34.51
C TRP E 359 26.48 -44.45 -33.96
N ASP E 360 26.53 -45.64 -34.57
CA ASP E 360 25.61 -46.72 -34.25
C ASP E 360 25.52 -47.11 -32.77
N LYS E 361 26.66 -47.22 -32.10
CA LYS E 361 26.69 -47.66 -30.71
C LYS E 361 26.18 -46.63 -29.71
N ASN E 362 26.06 -45.38 -30.14
CA ASN E 362 25.60 -44.33 -29.24
C ASN E 362 24.15 -43.95 -29.51
N VAL E 363 23.52 -44.70 -30.40
CA VAL E 363 22.11 -44.49 -30.69
C VAL E 363 21.31 -45.78 -30.66
N THR E 364 21.86 -46.80 -30.02
CA THR E 364 21.11 -48.04 -29.84
C THR E 364 20.00 -47.80 -28.84
N ARG E 365 19.03 -48.70 -28.81
CA ARG E 365 17.93 -48.60 -27.86
C ARG E 365 18.48 -48.53 -26.46
N GLU E 366 19.44 -49.40 -26.19
CA GLU E 366 20.08 -49.51 -24.90
C GLU E 366 20.76 -48.21 -24.47
N PHE E 367 21.56 -47.61 -25.36
CA PHE E 367 22.28 -46.40 -24.96
C PHE E 367 21.34 -45.22 -24.78
N LEU E 368 20.34 -45.10 -25.64
CA LEU E 368 19.38 -44.01 -25.51
C LEU E 368 18.62 -44.08 -24.18
N ASP E 369 18.31 -45.29 -23.73
CA ASP E 369 17.64 -45.44 -22.45
C ASP E 369 18.62 -45.18 -21.31
N SER E 370 19.87 -45.55 -21.51
CA SER E 370 20.91 -45.27 -20.53
C SER E 370 21.01 -43.76 -20.31
N ARG E 371 20.45 -43.01 -21.24
CA ARG E 371 20.44 -41.57 -21.12
C ARG E 371 19.04 -41.01 -20.87
N ASN E 372 18.14 -41.90 -20.47
CA ASN E 372 16.77 -41.53 -20.16
C ASN E 372 16.11 -40.84 -21.33
N LEU E 373 16.34 -41.37 -22.53
CA LEU E 373 15.59 -40.94 -23.70
C LEU E 373 14.83 -42.11 -24.32
N PRO E 374 13.89 -42.70 -23.56
CA PRO E 374 13.16 -43.86 -24.08
C PRO E 374 12.35 -43.51 -25.32
N HIS E 375 11.97 -42.25 -25.44
CA HIS E 375 11.11 -41.78 -26.52
C HIS E 375 11.83 -41.59 -27.87
N ARG E 376 13.15 -41.72 -27.87
CA ARG E 376 13.93 -41.63 -29.10
C ARG E 376 13.92 -42.93 -29.87
N GLU E 377 13.64 -42.82 -31.16
CA GLU E 377 13.79 -43.92 -32.12
C GLU E 377 15.27 -44.30 -32.22
N VAL E 378 15.55 -45.52 -32.64
CA VAL E 378 16.94 -45.95 -32.80
C VAL E 378 17.58 -45.18 -33.95
N GLY E 379 18.73 -44.58 -33.70
CA GLY E 379 19.41 -43.77 -34.69
C GLY E 379 19.33 -42.26 -34.49
N ASP E 380 18.41 -41.81 -33.65
CA ASP E 380 18.18 -40.37 -33.44
C ASP E 380 19.15 -39.79 -32.41
N ILE E 381 20.14 -39.02 -32.89
CA ILE E 381 21.14 -38.45 -32.00
C ILE E 381 20.61 -37.26 -31.20
N GLY E 382 19.41 -36.81 -31.50
CA GLY E 382 18.84 -35.68 -30.83
C GLY E 382 19.26 -34.37 -31.48
N PRO E 383 19.13 -33.25 -30.76
CA PRO E 383 19.51 -31.98 -31.36
C PRO E 383 21.01 -31.68 -31.25
N GLY E 384 21.83 -32.60 -31.73
CA GLY E 384 23.27 -32.42 -31.66
C GLY E 384 23.90 -31.86 -32.94
N TYR E 385 25.23 -31.76 -32.90
CA TYR E 385 26.08 -31.24 -33.99
C TYR E 385 25.42 -30.44 -35.10
N GLY E 386 25.16 -31.09 -36.23
CA GLY E 386 24.58 -30.42 -37.39
C GLY E 386 23.28 -29.65 -37.14
N PHE E 387 22.48 -30.15 -36.21
CA PHE E 387 21.23 -29.49 -35.87
C PHE E 387 21.49 -28.12 -35.23
N GLN E 388 22.45 -28.06 -34.33
CA GLN E 388 22.79 -26.79 -33.70
C GLN E 388 23.50 -25.86 -34.69
N TRP E 389 24.29 -26.42 -35.60
CA TRP E 389 24.94 -25.63 -36.64
C TRP E 389 23.92 -24.88 -37.49
N ARG E 390 22.92 -25.60 -37.96
CA ARG E 390 21.98 -25.06 -38.93
C ARG E 390 20.70 -24.52 -38.29
N HIS E 391 20.44 -24.93 -37.05
CA HIS E 391 19.20 -24.54 -36.40
C HIS E 391 19.34 -24.30 -34.92
N PHE E 392 20.41 -23.60 -34.53
CA PHE E 392 20.68 -23.42 -33.11
C PHE E 392 19.46 -22.92 -32.35
N GLY E 393 19.11 -23.64 -31.30
CA GLY E 393 18.05 -23.19 -30.40
C GLY E 393 16.65 -23.61 -30.79
N ALA E 394 16.48 -24.18 -31.98
CA ALA E 394 15.15 -24.62 -32.40
C ALA E 394 14.65 -25.73 -31.50
N ALA E 395 13.33 -25.86 -31.41
CA ALA E 395 12.72 -26.88 -30.59
C ALA E 395 12.74 -28.19 -31.34
N TYR E 396 13.48 -29.16 -30.83
CA TYR E 396 13.60 -30.45 -31.50
C TYR E 396 12.34 -31.27 -31.31
N LYS E 397 11.97 -32.03 -32.32
CA LYS E 397 10.92 -33.02 -32.18
C LYS E 397 11.52 -34.40 -32.37
N ASP E 398 11.76 -34.80 -33.61
CA ASP E 398 12.56 -35.99 -33.88
C ASP E 398 13.39 -35.82 -35.16
N MET E 399 14.06 -36.88 -35.58
CA MET E 399 14.96 -36.81 -36.73
C MET E 399 14.22 -36.79 -38.07
N HIS E 400 12.90 -36.89 -38.05
CA HIS E 400 12.13 -36.93 -39.29
C HIS E 400 11.50 -35.58 -39.61
N THR E 401 11.69 -34.60 -38.74
CA THR E 401 11.01 -33.33 -38.89
C THR E 401 11.78 -32.37 -39.81
N ASP E 402 11.05 -31.45 -40.43
CA ASP E 402 11.64 -30.43 -41.28
C ASP E 402 11.81 -29.13 -40.50
N TYR E 403 13.05 -28.82 -40.17
CA TYR E 403 13.35 -27.66 -39.35
C TYR E 403 13.75 -26.45 -40.16
N THR E 404 13.53 -26.53 -41.47
CA THR E 404 13.92 -25.47 -42.39
C THR E 404 13.45 -24.10 -41.87
N GLY E 405 14.40 -23.20 -41.68
CA GLY E 405 14.10 -21.86 -41.23
C GLY E 405 13.88 -21.69 -39.74
N GLN E 406 14.07 -22.76 -38.97
CA GLN E 406 13.93 -22.65 -37.52
C GLN E 406 15.30 -22.49 -36.88
N GLY E 407 15.37 -21.68 -35.83
CA GLY E 407 16.62 -21.48 -35.12
C GLY E 407 17.63 -20.69 -35.93
N VAL E 408 18.86 -20.61 -35.43
CA VAL E 408 19.89 -19.80 -36.07
C VAL E 408 20.78 -20.65 -36.98
N ASP E 409 20.87 -20.25 -38.24
CA ASP E 409 21.77 -20.92 -39.17
C ASP E 409 23.17 -20.31 -39.03
N GLN E 410 23.98 -20.89 -38.16
CA GLN E 410 25.30 -20.37 -37.84
C GLN E 410 26.25 -20.51 -39.00
N LEU E 411 26.14 -21.62 -39.71
CA LEU E 411 27.02 -21.88 -40.85
C LEU E 411 26.76 -20.84 -41.94
N LYS E 412 25.50 -20.57 -42.21
CA LYS E 412 25.14 -19.51 -43.16
C LYS E 412 25.76 -18.19 -42.74
N ASN E 413 25.57 -17.80 -41.47
CA ASN E 413 26.12 -16.55 -40.94
C ASN E 413 27.64 -16.43 -41.08
N VAL E 414 28.33 -17.51 -40.75
CA VAL E 414 29.77 -17.54 -40.88
C VAL E 414 30.21 -17.31 -42.34
N ILE E 415 29.58 -18.00 -43.27
CA ILE E 415 29.92 -17.86 -44.68
C ILE E 415 29.64 -16.43 -45.18
N GLN E 416 28.46 -15.91 -44.89
CA GLN E 416 28.12 -14.54 -45.28
C GLN E 416 29.06 -13.50 -44.66
N MET E 417 29.47 -13.70 -43.42
CA MET E 417 30.43 -12.77 -42.84
C MET E 417 31.81 -12.89 -43.54
N LEU E 418 32.19 -14.10 -43.92
CA LEU E 418 33.47 -14.28 -44.60
C LEU E 418 33.48 -13.63 -45.98
N ARG E 419 32.35 -13.68 -46.68
CA ARG E 419 32.29 -13.13 -48.03
C ARG E 419 32.21 -11.59 -48.01
N THR E 420 31.63 -11.02 -46.95
CA THR E 420 31.35 -9.58 -46.91
C THR E 420 32.21 -8.76 -45.96
N ASN E 421 32.68 -9.36 -44.88
CA ASN E 421 33.41 -8.61 -43.87
C ASN E 421 34.40 -9.51 -43.13
N PRO E 422 35.43 -9.97 -43.84
CA PRO E 422 36.33 -11.00 -43.29
C PRO E 422 37.21 -10.54 -42.12
N THR E 423 37.17 -9.26 -41.73
CA THR E 423 37.94 -8.84 -40.55
C THR E 423 37.12 -8.89 -39.26
N ASP E 424 35.84 -9.26 -39.38
CA ASP E 424 34.96 -9.46 -38.24
C ASP E 424 35.56 -10.49 -37.29
N ARG E 425 35.37 -10.33 -35.99
CA ARG E 425 35.96 -11.29 -35.05
C ARG E 425 34.92 -12.16 -34.37
N ARG E 426 33.74 -12.25 -34.97
CA ARG E 426 32.67 -13.02 -34.38
C ARG E 426 32.30 -14.22 -35.24
N MET E 427 33.21 -14.63 -36.12
CA MET E 427 32.92 -15.69 -37.07
C MET E 427 33.02 -17.08 -36.45
N LEU E 428 31.98 -17.44 -35.70
CA LEU E 428 31.98 -18.65 -34.91
C LEU E 428 30.74 -19.48 -35.10
N MET E 429 30.87 -20.76 -34.79
CA MET E 429 29.79 -21.71 -34.87
C MET E 429 29.93 -22.59 -33.65
N THR E 430 28.84 -22.80 -32.92
CA THR E 430 28.90 -23.69 -31.75
C THR E 430 27.80 -24.75 -31.76
N ALA E 431 28.13 -25.89 -31.16
CA ALA E 431 27.16 -26.97 -31.00
C ALA E 431 26.79 -27.13 -29.53
N TRP E 432 27.42 -26.33 -28.67
CA TRP E 432 27.17 -26.45 -27.24
C TRP E 432 26.00 -25.56 -26.82
N ASN E 433 24.87 -26.22 -26.60
CA ASN E 433 23.65 -25.57 -26.19
C ASN E 433 23.21 -26.23 -24.89
N PRO E 434 23.59 -25.64 -23.74
CA PRO E 434 23.26 -26.16 -22.41
C PRO E 434 21.79 -26.50 -22.21
N ALA E 435 20.90 -25.84 -22.94
CA ALA E 435 19.47 -26.09 -22.80
C ALA E 435 19.05 -27.39 -23.47
N ALA E 436 19.86 -27.88 -24.40
CA ALA E 436 19.48 -29.05 -25.17
C ALA E 436 20.37 -30.28 -24.93
N LEU E 437 21.36 -30.14 -24.07
CA LEU E 437 22.31 -31.22 -23.82
C LEU E 437 21.64 -32.54 -23.43
N ASP E 438 20.61 -32.44 -22.59
CA ASP E 438 19.96 -33.65 -22.08
C ASP E 438 19.10 -34.35 -23.14
N GLU E 439 18.82 -33.67 -24.24
CA GLU E 439 18.08 -34.28 -25.34
C GLU E 439 18.99 -34.98 -26.35
N MET E 440 20.31 -34.80 -26.21
CA MET E 440 21.26 -35.38 -27.15
C MET E 440 21.73 -36.75 -26.68
N ALA E 441 21.93 -37.66 -27.62
CA ALA E 441 22.52 -38.95 -27.32
C ALA E 441 23.88 -38.74 -26.69
N LEU E 442 24.66 -37.82 -27.24
CA LEU E 442 25.95 -37.49 -26.68
C LEU E 442 26.14 -35.98 -26.77
N PRO E 443 26.57 -35.35 -25.68
CA PRO E 443 26.92 -33.94 -25.79
C PRO E 443 28.07 -33.81 -26.77
N PRO E 444 28.05 -32.77 -27.61
CA PRO E 444 29.08 -32.65 -28.64
C PRO E 444 30.49 -32.63 -28.08
N CYS E 445 31.40 -33.23 -28.84
CA CYS E 445 32.79 -33.32 -28.42
C CYS E 445 33.60 -32.18 -29.02
N HIS E 446 33.47 -32.01 -30.33
CA HIS E 446 34.01 -30.82 -30.99
C HIS E 446 32.89 -29.81 -30.98
N LEU E 447 33.05 -28.76 -30.21
CA LEU E 447 31.90 -27.96 -29.86
C LEU E 447 31.92 -26.52 -30.37
N LEU E 448 33.07 -26.08 -30.88
CA LEU E 448 33.20 -24.71 -31.28
C LEU E 448 34.22 -24.56 -32.37
N CYS E 449 33.93 -23.72 -33.35
CA CYS E 449 34.96 -23.38 -34.33
C CYS E 449 34.90 -21.91 -34.74
N GLN E 450 36.06 -21.35 -35.01
CA GLN E 450 36.15 -19.93 -35.33
C GLN E 450 37.01 -19.75 -36.58
N PHE E 451 36.64 -18.78 -37.40
CA PHE E 451 37.36 -18.54 -38.64
C PHE E 451 38.09 -17.22 -38.64
N TYR E 452 39.09 -17.12 -39.51
CA TYR E 452 39.96 -15.96 -39.57
C TYR E 452 40.54 -15.83 -40.96
N VAL E 453 40.63 -14.60 -41.44
CA VAL E 453 41.17 -14.32 -42.75
C VAL E 453 42.24 -13.27 -42.60
N ASN E 454 43.38 -13.49 -43.22
CA ASN E 454 44.47 -12.53 -43.14
C ASN E 454 44.51 -11.54 -44.31
N ASP E 455 45.60 -10.80 -44.35
CA ASP E 455 46.15 -10.07 -45.50
C ASP E 455 45.80 -10.54 -46.91
N GLN E 456 46.02 -11.83 -47.15
CA GLN E 456 46.14 -12.36 -48.50
C GLN E 456 45.03 -13.32 -48.84
N LYS E 457 43.83 -13.06 -48.32
CA LYS E 457 42.69 -13.94 -48.58
C LYS E 457 42.93 -15.39 -48.15
N GLU E 458 43.67 -15.59 -47.06
CA GLU E 458 43.93 -16.93 -46.56
C GLU E 458 43.07 -17.25 -45.35
N LEU E 459 42.37 -18.39 -45.41
CA LEU E 459 41.43 -18.77 -44.36
C LEU E 459 42.02 -19.75 -43.35
N SER E 460 41.87 -19.44 -42.07
CA SER E 460 42.28 -20.35 -41.02
C SER E 460 41.10 -20.72 -40.13
N CYS E 461 41.23 -21.83 -39.43
CA CYS E 461 40.13 -22.31 -38.60
C CYS E 461 40.64 -22.92 -37.30
N ILE E 462 40.04 -22.50 -36.19
CA ILE E 462 40.29 -23.10 -34.89
C ILE E 462 39.07 -23.94 -34.55
N MET E 463 39.28 -25.16 -34.05
CA MET E 463 38.19 -25.91 -33.45
C MET E 463 38.54 -26.24 -32.02
N TYR E 464 37.59 -26.03 -31.11
CA TYR E 464 37.78 -26.40 -29.71
C TYR E 464 37.06 -27.71 -29.41
N GLN E 465 37.81 -28.65 -28.87
CA GLN E 465 37.25 -29.96 -28.54
C GLN E 465 37.37 -30.20 -27.05
N ARG E 466 36.23 -30.38 -26.38
CA ARG E 466 36.20 -30.56 -24.92
C ARG E 466 36.82 -31.89 -24.49
N SER E 467 36.73 -32.88 -25.38
CA SER E 467 37.05 -34.24 -25.02
C SER E 467 37.66 -34.94 -26.20
N CYS E 468 38.84 -35.52 -26.01
CA CYS E 468 39.58 -36.03 -27.15
C CYS E 468 40.12 -37.43 -26.93
N ASP E 469 39.50 -38.38 -27.61
CA ASP E 469 39.99 -39.75 -27.65
C ASP E 469 41.14 -39.75 -28.65
N VAL E 470 42.36 -39.70 -28.12
CA VAL E 470 43.53 -39.50 -28.94
C VAL E 470 43.78 -40.63 -29.94
N GLY E 471 43.48 -41.86 -29.53
CA GLY E 471 43.67 -42.99 -30.41
C GLY E 471 42.67 -43.07 -31.54
N LEU E 472 41.39 -43.01 -31.20
CA LEU E 472 40.33 -43.24 -32.17
C LEU E 472 39.80 -41.96 -32.83
N GLY E 473 39.36 -41.01 -32.01
CA GLY E 473 38.67 -39.84 -32.53
C GLY E 473 39.51 -38.76 -33.18
N VAL E 474 40.62 -38.41 -32.53
CA VAL E 474 41.43 -37.26 -32.92
C VAL E 474 41.85 -37.19 -34.41
N PRO E 475 42.44 -38.26 -34.95
CA PRO E 475 42.81 -38.25 -36.38
C PRO E 475 41.63 -37.90 -37.27
N PHE E 476 40.47 -38.39 -36.87
CA PHE E 476 39.23 -38.22 -37.60
C PHE E 476 38.75 -36.77 -37.48
N ASN E 477 38.84 -36.21 -36.27
CA ASN E 477 38.46 -34.81 -36.05
C ASN E 477 39.38 -33.83 -36.80
N ILE E 478 40.66 -34.14 -36.84
CA ILE E 478 41.62 -33.33 -37.61
C ILE E 478 41.21 -33.26 -39.08
N ALA E 479 40.90 -34.41 -39.65
CA ALA E 479 40.52 -34.50 -41.06
C ALA E 479 39.20 -33.77 -41.33
N SER E 480 38.27 -33.92 -40.40
CA SER E 480 36.93 -33.36 -40.53
C SER E 480 36.96 -31.83 -40.62
N TYR E 481 37.65 -31.19 -39.68
CA TYR E 481 37.66 -29.74 -39.69
C TYR E 481 38.62 -29.14 -40.71
N SER E 482 39.63 -29.92 -41.10
CA SER E 482 40.49 -29.50 -42.19
C SER E 482 39.69 -29.51 -43.49
N LEU E 483 38.82 -30.50 -43.63
CA LEU E 483 37.96 -30.60 -44.80
C LEU E 483 36.95 -29.45 -44.82
N LEU E 484 36.38 -29.15 -43.65
CA LEU E 484 35.46 -28.03 -43.53
C LEU E 484 36.10 -26.72 -43.97
N THR E 485 37.36 -26.53 -43.59
CA THR E 485 38.08 -25.32 -43.95
C THR E 485 38.22 -25.23 -45.47
N LEU E 486 38.59 -26.34 -46.10
CA LEU E 486 38.66 -26.41 -47.56
C LEU E 486 37.33 -26.00 -48.20
N MET E 487 36.24 -26.55 -47.67
CA MET E 487 34.92 -26.31 -48.23
C MET E 487 34.52 -24.86 -48.07
N VAL E 488 34.73 -24.33 -46.89
CA VAL E 488 34.39 -22.96 -46.60
C VAL E 488 35.24 -21.99 -47.44
N ALA E 489 36.53 -22.29 -47.56
CA ALA E 489 37.42 -21.47 -48.38
C ALA E 489 36.97 -21.37 -49.84
N HIS E 490 36.58 -22.49 -50.44
CA HIS E 490 36.18 -22.50 -51.84
C HIS E 490 34.92 -21.67 -52.05
N VAL E 491 33.95 -21.83 -51.16
CA VAL E 491 32.67 -21.17 -51.28
C VAL E 491 32.79 -19.66 -51.03
N CYS E 492 33.86 -19.27 -50.34
CA CYS E 492 34.09 -17.85 -50.04
C CYS E 492 35.22 -17.24 -50.85
N ASN E 493 35.67 -17.94 -51.89
CA ASN E 493 36.77 -17.45 -52.72
C ASN E 493 38.03 -17.12 -51.92
N LEU E 494 38.38 -18.04 -51.02
CA LEU E 494 39.57 -17.88 -50.19
C LEU E 494 40.50 -19.07 -50.40
N LYS E 495 41.72 -18.94 -49.90
CA LYS E 495 42.70 -20.01 -49.94
C LYS E 495 42.84 -20.64 -48.55
N PRO E 496 42.79 -21.97 -48.46
CA PRO E 496 42.93 -22.57 -47.12
C PRO E 496 44.36 -22.48 -46.61
N LYS E 497 44.53 -22.00 -45.38
CA LYS E 497 45.87 -21.81 -44.84
C LYS E 497 46.13 -22.72 -43.66
N GLU E 498 45.26 -22.69 -42.66
CA GLU E 498 45.60 -23.40 -41.44
C GLU E 498 44.43 -23.97 -40.63
N PHE E 499 44.61 -25.17 -40.12
CA PHE E 499 43.69 -25.70 -39.12
C PHE E 499 44.37 -25.83 -37.77
N ILE E 500 43.77 -25.22 -36.76
CA ILE E 500 44.32 -25.18 -35.42
C ILE E 500 43.40 -25.94 -34.46
N HIS E 501 43.95 -26.94 -33.78
CA HIS E 501 43.18 -27.83 -32.92
C HIS E 501 43.44 -27.50 -31.45
N PHE E 502 42.44 -26.96 -30.77
CA PHE E 502 42.52 -26.74 -29.32
C PHE E 502 41.77 -27.86 -28.61
N MET E 503 42.42 -28.47 -27.62
CA MET E 503 41.88 -29.68 -26.99
C MET E 503 41.74 -29.53 -25.48
N GLY E 504 40.59 -29.94 -24.95
CA GLY E 504 40.36 -29.92 -23.51
C GLY E 504 40.88 -31.16 -22.81
N ASN E 505 39.96 -32.04 -22.41
CA ASN E 505 40.35 -33.31 -21.82
C ASN E 505 40.90 -34.25 -22.90
N THR E 506 42.21 -34.48 -22.85
CA THR E 506 42.92 -35.17 -23.92
C THR E 506 43.42 -36.51 -23.40
N HIS E 507 42.79 -37.59 -23.84
CA HIS E 507 43.02 -38.88 -23.21
C HIS E 507 43.32 -40.01 -24.19
N VAL E 508 44.10 -40.98 -23.73
CA VAL E 508 44.15 -42.27 -24.42
C VAL E 508 43.51 -43.32 -23.52
N TYR E 509 42.58 -44.10 -24.08
CA TYR E 509 41.95 -45.18 -23.31
C TYR E 509 42.99 -46.25 -23.01
N THR E 510 42.84 -46.94 -21.88
CA THR E 510 43.86 -47.88 -21.44
C THR E 510 44.03 -49.04 -22.38
N ASN E 511 42.95 -49.42 -23.06
CA ASN E 511 42.98 -50.55 -23.96
C ASN E 511 43.43 -50.15 -25.37
N HIS E 512 43.96 -48.93 -25.51
CA HIS E 512 44.54 -48.48 -26.76
C HIS E 512 46.05 -48.34 -26.63
N VAL E 513 46.55 -48.31 -25.40
CA VAL E 513 47.97 -48.01 -25.15
C VAL E 513 48.93 -48.91 -25.93
N GLU E 514 48.60 -50.18 -26.03
N GLU E 514 48.62 -50.20 -26.00
CA GLU E 514 49.45 -51.15 -26.66
CA GLU E 514 49.48 -51.16 -26.69
C GLU E 514 49.54 -50.92 -28.17
C GLU E 514 49.55 -50.83 -28.17
N ALA E 515 48.39 -50.66 -28.79
CA ALA E 515 48.31 -50.36 -30.21
C ALA E 515 48.97 -49.02 -30.55
N LEU E 516 48.80 -48.03 -29.68
CA LEU E 516 49.40 -46.73 -29.92
C LEU E 516 50.92 -46.82 -29.86
N LYS E 517 51.44 -47.68 -28.98
CA LYS E 517 52.88 -47.90 -28.91
C LYS E 517 53.46 -48.48 -30.22
N GLU E 518 52.74 -49.40 -30.86
CA GLU E 518 53.16 -49.91 -32.15
C GLU E 518 53.13 -48.79 -33.19
N GLN E 519 52.10 -47.95 -33.11
CA GLN E 519 51.96 -46.84 -34.06
C GLN E 519 53.14 -45.87 -33.96
N LEU E 520 53.72 -45.73 -32.77
CA LEU E 520 54.84 -44.83 -32.56
C LEU E 520 56.14 -45.34 -33.18
N ARG E 521 56.13 -46.59 -33.66
CA ARG E 521 57.31 -47.16 -34.29
C ARG E 521 57.30 -46.87 -35.79
N ARG E 522 56.30 -46.14 -36.24
CA ARG E 522 56.12 -45.89 -37.65
C ARG E 522 56.50 -44.47 -38.00
N GLU E 523 57.34 -44.32 -39.00
CA GLU E 523 57.61 -43.00 -39.52
C GLU E 523 56.50 -42.61 -40.50
N PRO E 524 56.03 -41.36 -40.40
CA PRO E 524 54.99 -40.85 -41.27
C PRO E 524 55.46 -40.69 -42.71
N ARG E 525 54.48 -40.69 -43.61
CA ARG E 525 54.70 -40.60 -45.04
C ARG E 525 54.20 -39.21 -45.44
N PRO E 526 54.54 -38.75 -46.65
CA PRO E 526 54.01 -37.45 -47.06
C PRO E 526 52.48 -37.40 -47.02
N PHE E 527 51.95 -36.25 -46.60
CA PHE E 527 50.52 -36.04 -46.59
C PHE E 527 49.99 -36.05 -48.01
N PRO E 528 48.72 -36.42 -48.18
CA PRO E 528 48.07 -36.39 -49.48
C PRO E 528 47.54 -35.00 -49.81
N ILE E 529 47.08 -34.84 -51.04
CA ILE E 529 46.36 -33.64 -51.40
C ILE E 529 44.88 -34.01 -51.54
N VAL E 530 44.02 -33.11 -51.08
CA VAL E 530 42.60 -33.23 -51.32
C VAL E 530 42.18 -32.18 -52.34
N ASN E 531 41.65 -32.65 -53.47
CA ASN E 531 41.10 -31.74 -54.45
C ASN E 531 39.58 -31.73 -54.40
N ILE E 532 39.01 -30.54 -54.49
CA ILE E 532 37.58 -30.42 -54.72
C ILE E 532 37.38 -30.53 -56.21
N LEU E 533 36.52 -31.46 -56.62
CA LEU E 533 36.18 -31.62 -58.03
C LEU E 533 34.95 -30.80 -58.35
N ASN E 534 34.78 -30.46 -59.63
CA ASN E 534 33.57 -29.78 -60.08
C ASN E 534 33.37 -28.43 -59.41
N LYS E 535 34.46 -27.69 -59.27
CA LYS E 535 34.47 -26.39 -58.63
C LYS E 535 33.43 -25.44 -59.18
N GLU E 536 33.28 -25.41 -60.51
CA GLU E 536 32.31 -24.53 -61.15
C GLU E 536 30.87 -24.79 -60.72
N ARG E 537 30.55 -26.03 -60.43
CA ARG E 537 29.18 -26.35 -60.05
C ARG E 537 28.93 -25.87 -58.62
N ILE E 538 29.97 -25.90 -57.81
CA ILE E 538 29.83 -25.71 -56.38
C ILE E 538 29.97 -24.24 -55.97
N LYS E 539 28.83 -23.64 -55.63
CA LYS E 539 28.79 -22.22 -55.29
C LYS E 539 28.45 -21.98 -53.84
N GLU E 540 27.69 -22.89 -53.25
CA GLU E 540 27.30 -22.72 -51.85
C GLU E 540 27.69 -23.96 -51.05
N ILE E 541 27.78 -23.81 -49.74
CA ILE E 541 28.19 -24.90 -48.86
C ILE E 541 27.31 -26.14 -48.99
N ASP E 542 26.03 -25.93 -49.25
CA ASP E 542 25.10 -27.04 -49.37
C ASP E 542 25.21 -27.73 -50.74
N ASP E 543 26.02 -27.19 -51.65
CA ASP E 543 26.15 -27.76 -52.99
C ASP E 543 27.07 -28.99 -53.06
N PHE E 544 27.94 -29.18 -52.09
CA PHE E 544 28.88 -30.32 -52.12
C PHE E 544 28.17 -31.64 -52.00
N THR E 545 28.64 -32.64 -52.75
CA THR E 545 28.13 -34.00 -52.59
C THR E 545 29.28 -34.91 -52.22
N ALA E 546 28.96 -36.16 -51.92
CA ALA E 546 29.97 -37.13 -51.59
C ALA E 546 30.97 -37.36 -52.74
N GLU E 547 30.58 -37.03 -53.97
CA GLU E 547 31.44 -37.25 -55.13
C GLU E 547 32.38 -36.12 -55.50
N ASP E 548 32.36 -35.03 -54.76
CA ASP E 548 33.07 -33.85 -55.21
C ASP E 548 34.48 -33.73 -54.65
N PHE E 549 35.03 -34.86 -54.21
CA PHE E 549 36.36 -34.85 -53.63
C PHE E 549 37.24 -35.97 -54.15
N GLU E 550 38.53 -35.69 -54.14
CA GLU E 550 39.52 -36.60 -54.64
C GLU E 550 40.69 -36.51 -53.67
N VAL E 551 41.11 -37.65 -53.13
CA VAL E 551 42.25 -37.70 -52.25
C VAL E 551 43.41 -38.26 -53.05
N VAL E 552 44.48 -37.48 -53.16
CA VAL E 552 45.58 -37.83 -54.04
C VAL E 552 46.89 -38.10 -53.29
N GLY E 553 47.49 -39.27 -53.54
CA GLY E 553 48.79 -39.59 -52.98
C GLY E 553 48.78 -40.00 -51.52
N TYR E 554 47.72 -40.69 -51.12
CA TYR E 554 47.58 -41.14 -49.75
C TYR E 554 48.22 -42.52 -49.62
N VAL E 555 49.26 -42.60 -48.79
CA VAL E 555 50.03 -43.82 -48.67
C VAL E 555 50.26 -44.13 -47.18
N PRO E 556 49.18 -44.46 -46.47
CA PRO E 556 49.32 -44.61 -45.03
C PRO E 556 49.87 -45.98 -44.67
N HIS E 557 50.25 -46.15 -43.42
CA HIS E 557 50.49 -47.47 -42.87
C HIS E 557 49.15 -48.16 -42.68
N GLY E 558 49.18 -49.44 -42.34
CA GLY E 558 47.96 -50.21 -42.19
C GLY E 558 47.06 -49.76 -41.07
N ARG E 559 45.79 -50.15 -41.15
CA ARG E 559 44.83 -49.92 -40.07
C ARG E 559 45.32 -50.55 -38.77
N ILE E 560 44.98 -49.91 -37.65
CA ILE E 560 45.16 -50.53 -36.36
C ILE E 560 43.84 -50.60 -35.61
N GLN E 561 43.48 -51.81 -35.17
CA GLN E 561 42.24 -52.01 -34.45
C GLN E 561 42.25 -51.32 -33.10
N MET E 562 41.26 -50.45 -32.88
CA MET E 562 41.07 -49.83 -31.58
C MET E 562 39.58 -49.79 -31.28
N GLU E 563 39.18 -50.41 -30.17
CA GLU E 563 37.77 -50.51 -29.82
C GLU E 563 37.23 -49.20 -29.26
N MET E 564 35.99 -48.88 -29.63
CA MET E 564 35.36 -47.67 -29.12
C MET E 564 34.89 -47.88 -27.67
N ALA E 565 35.36 -47.02 -26.77
CA ALA E 565 34.89 -47.06 -25.40
C ALA E 565 33.48 -46.50 -25.40
N VAL E 566 32.53 -47.36 -25.09
CA VAL E 566 31.18 -47.23 -25.60
C VAL E 566 30.27 -46.23 -24.90
N LYS F 3 90.16 -13.70 -9.67
CA LYS F 3 89.63 -13.48 -8.33
C LYS F 3 88.11 -13.20 -8.33
N PRO F 4 87.35 -13.90 -9.18
CA PRO F 4 85.99 -13.38 -9.35
C PRO F 4 85.03 -13.67 -8.19
N VAL F 5 84.22 -12.70 -7.78
CA VAL F 5 83.34 -12.87 -6.61
C VAL F 5 81.85 -12.71 -6.91
N CYS F 6 81.02 -13.47 -6.19
CA CYS F 6 79.57 -13.42 -6.34
C CYS F 6 78.85 -13.19 -5.01
N LEU F 7 77.84 -12.35 -5.01
CA LEU F 7 77.03 -12.14 -3.81
C LEU F 7 75.76 -12.99 -3.85
N VAL F 8 75.46 -13.66 -2.75
CA VAL F 8 74.21 -14.40 -2.60
C VAL F 8 73.37 -13.77 -1.48
N VAL F 9 72.15 -13.38 -1.82
CA VAL F 9 71.26 -12.65 -0.90
C VAL F 9 69.78 -12.89 -1.12
N ALA F 10 69.01 -12.78 -0.06
CA ALA F 10 67.56 -12.69 -0.16
C ALA F 10 67.17 -11.31 0.34
N MET F 11 66.30 -10.62 -0.39
CA MET F 11 65.89 -9.30 0.04
C MET F 11 64.46 -8.91 -0.35
N THR F 12 63.84 -8.13 0.52
CA THR F 12 62.54 -7.53 0.27
C THR F 12 62.66 -6.48 -0.83
N PRO F 13 61.53 -5.94 -1.32
CA PRO F 13 61.66 -4.93 -2.37
C PRO F 13 62.35 -3.66 -1.88
N LYS F 14 62.28 -3.38 -0.58
CA LYS F 14 62.99 -2.24 0.00
C LYS F 14 64.43 -2.57 0.39
N ARG F 15 64.94 -3.68 -0.12
CA ARG F 15 66.31 -4.15 0.12
C ARG F 15 66.53 -4.61 1.57
N GLY F 16 65.45 -4.92 2.26
CA GLY F 16 65.58 -5.41 3.62
C GLY F 16 66.09 -6.83 3.68
N ILE F 17 67.07 -7.09 4.54
CA ILE F 17 67.63 -8.43 4.63
C ILE F 17 67.62 -9.03 6.02
N GLY F 18 67.42 -8.20 7.04
CA GLY F 18 67.50 -8.70 8.39
C GLY F 18 66.89 -7.84 9.47
N ILE F 19 66.63 -8.45 10.61
CA ILE F 19 66.14 -7.74 11.77
C ILE F 19 66.52 -8.51 13.05
N ASN F 20 66.98 -7.79 14.07
CA ASN F 20 67.44 -8.40 15.31
C ASN F 20 68.35 -9.60 15.10
N ASN F 21 69.31 -9.43 14.19
CA ASN F 21 70.25 -10.48 13.86
C ASN F 21 69.63 -11.80 13.44
N GLY F 22 68.47 -11.71 12.80
CA GLY F 22 67.84 -12.87 12.19
C GLY F 22 67.30 -12.49 10.83
N LEU F 23 66.44 -13.34 10.29
CA LEU F 23 65.83 -13.09 9.00
C LEU F 23 64.46 -12.43 9.20
N PRO F 24 64.04 -11.59 8.25
CA PRO F 24 62.80 -10.83 8.41
C PRO F 24 61.54 -11.67 8.20
N TRP F 25 61.63 -12.71 7.39
CA TRP F 25 60.45 -13.45 6.94
C TRP F 25 60.43 -14.87 7.52
N PRO F 26 59.26 -15.53 7.49
CA PRO F 26 59.28 -16.94 7.90
C PRO F 26 60.10 -17.79 6.95
N HIS F 27 60.30 -19.05 7.33
CA HIS F 27 61.25 -19.91 6.66
C HIS F 27 60.92 -20.16 5.19
N LEU F 28 61.91 -19.92 4.33
CA LEU F 28 61.74 -20.14 2.89
C LEU F 28 62.52 -21.36 2.44
N THR F 29 61.83 -22.50 2.42
CA THR F 29 62.44 -23.79 2.12
C THR F 29 63.19 -23.80 0.80
N THR F 30 62.50 -23.45 -0.29
CA THR F 30 63.12 -23.47 -1.60
C THR F 30 64.32 -22.53 -1.70
N ASP F 31 64.23 -21.36 -1.06
CA ASP F 31 65.36 -20.45 -1.03
C ASP F 31 66.59 -21.09 -0.38
N PHE F 32 66.39 -21.80 0.72
CA PHE F 32 67.51 -22.45 1.40
C PHE F 32 68.14 -23.52 0.52
N LYS F 33 67.31 -24.30 -0.17
CA LYS F 33 67.80 -25.26 -1.15
C LYS F 33 68.61 -24.56 -2.20
N HIS F 34 68.01 -23.54 -2.82
CA HIS F 34 68.70 -22.72 -3.79
C HIS F 34 70.06 -22.26 -3.27
N PHE F 35 70.09 -21.75 -2.06
CA PHE F 35 71.32 -21.27 -1.46
C PHE F 35 72.36 -22.39 -1.38
N SER F 36 71.89 -23.60 -1.13
CA SER F 36 72.77 -24.74 -0.91
C SER F 36 73.38 -25.17 -2.23
N ARG F 37 72.52 -25.33 -3.23
CA ARG F 37 72.95 -25.80 -4.55
C ARG F 37 73.95 -24.86 -5.18
N VAL F 38 73.65 -23.57 -5.15
CA VAL F 38 74.51 -22.57 -5.75
C VAL F 38 75.88 -22.66 -5.09
N THR F 39 75.90 -22.45 -3.79
CA THR F 39 77.15 -22.35 -3.03
C THR F 39 78.06 -23.58 -3.06
N LYS F 40 77.64 -24.68 -3.68
CA LYS F 40 78.54 -25.83 -3.81
C LYS F 40 78.42 -26.60 -5.13
N THR F 41 79.58 -26.94 -5.71
CA THR F 41 79.67 -27.68 -6.96
C THR F 41 81.10 -28.20 -7.19
N PHE F 49 86.35 -27.36 -3.92
CA PHE F 49 85.31 -26.77 -3.08
C PHE F 49 85.23 -25.25 -3.23
N ASN F 50 84.14 -24.66 -2.74
CA ASN F 50 83.94 -23.22 -2.79
C ASN F 50 84.23 -22.55 -1.46
N ALA F 51 84.41 -21.23 -1.50
CA ALA F 51 84.54 -20.47 -0.28
C ALA F 51 83.31 -19.60 -0.06
N VAL F 52 82.68 -19.76 1.09
CA VAL F 52 81.66 -18.80 1.51
C VAL F 52 82.28 -17.86 2.54
N VAL F 53 82.05 -16.57 2.37
CA VAL F 53 82.65 -15.55 3.20
C VAL F 53 81.55 -14.74 3.89
N MET F 54 81.67 -14.52 5.19
CA MET F 54 80.58 -13.90 5.95
C MET F 54 81.01 -13.05 7.15
N GLY F 55 80.33 -11.94 7.37
CA GLY F 55 80.60 -11.06 8.48
C GLY F 55 80.29 -11.69 9.84
N ARG F 56 80.76 -11.05 10.92
CA ARG F 56 80.66 -11.63 12.26
C ARG F 56 79.24 -11.98 12.66
N LYS F 57 78.39 -10.96 12.68
CA LYS F 57 76.99 -11.11 13.03
C LYS F 57 76.35 -12.26 12.25
N THR F 58 76.58 -12.30 10.93
CA THR F 58 76.01 -13.35 10.10
C THR F 58 76.34 -14.77 10.58
N TRP F 59 77.57 -14.99 11.04
CA TRP F 59 77.95 -16.32 11.54
C TRP F 59 77.22 -16.65 12.83
N GLU F 60 76.98 -15.65 13.67
CA GLU F 60 76.20 -15.85 14.88
C GLU F 60 74.76 -16.22 14.55
N SER F 61 74.19 -15.54 13.56
CA SER F 61 72.80 -15.72 13.14
C SER F 61 72.47 -17.17 12.91
N MET F 62 73.45 -17.90 12.41
CA MET F 62 73.25 -19.28 12.04
C MET F 62 73.20 -20.13 13.29
N PRO F 63 72.20 -21.00 13.36
CA PRO F 63 72.11 -21.96 14.46
C PRO F 63 73.32 -22.88 14.38
N ARG F 64 73.99 -23.05 15.52
CA ARG F 64 75.25 -23.80 15.62
C ARG F 64 75.25 -25.13 14.87
N LYS F 65 74.11 -25.79 14.80
CA LYS F 65 74.05 -27.10 14.17
C LYS F 65 74.31 -27.05 12.66
N PHE F 66 74.19 -25.86 12.09
CA PHE F 66 74.48 -25.62 10.68
C PHE F 66 75.75 -24.79 10.52
N ARG F 67 76.27 -24.25 11.62
CA ARG F 67 77.24 -23.16 11.60
C ARG F 67 78.47 -23.36 10.71
N PRO F 68 79.24 -24.43 10.94
CA PRO F 68 80.21 -24.66 9.87
C PRO F 68 79.41 -25.08 8.65
N LEU F 69 79.27 -24.17 7.70
CA LEU F 69 78.57 -24.49 6.46
C LEU F 69 79.32 -25.60 5.75
N VAL F 70 78.72 -26.78 5.76
CA VAL F 70 79.41 -28.00 5.40
C VAL F 70 79.67 -28.13 3.90
N ASP F 71 80.86 -28.65 3.58
CA ASP F 71 81.28 -28.96 2.21
C ASP F 71 81.67 -27.74 1.38
N ARG F 72 82.02 -26.67 2.09
CA ARG F 72 82.51 -25.45 1.48
C ARG F 72 83.47 -24.85 2.47
N LEU F 73 84.49 -24.18 1.95
CA LEU F 73 85.42 -23.47 2.80
C LEU F 73 84.66 -22.31 3.41
N ASN F 74 84.64 -22.25 4.73
CA ASN F 74 84.01 -21.13 5.42
C ASN F 74 85.03 -20.08 5.80
N ILE F 75 84.65 -18.83 5.66
CA ILE F 75 85.47 -17.74 6.18
C ILE F 75 84.58 -16.73 6.88
N VAL F 76 84.88 -16.47 8.15
CA VAL F 76 84.23 -15.39 8.87
C VAL F 76 85.19 -14.21 8.82
N VAL F 77 84.66 -12.99 8.78
CA VAL F 77 85.51 -11.82 8.95
C VAL F 77 85.04 -11.03 10.18
N SER F 78 86.01 -10.63 11.00
CA SER F 78 85.71 -9.90 12.21
C SER F 78 86.99 -9.23 12.67
N SER F 79 86.97 -8.67 13.87
CA SER F 79 88.21 -8.24 14.50
C SER F 79 88.21 -8.70 15.95
N SER F 80 87.31 -9.62 16.28
CA SER F 80 87.11 -10.05 17.66
C SER F 80 87.02 -11.57 17.90
N LEU F 81 87.15 -12.38 16.85
CA LEU F 81 86.96 -13.82 17.01
C LEU F 81 88.20 -14.69 16.75
N LYS F 82 88.04 -16.01 16.95
CA LYS F 82 89.14 -16.98 16.85
C LYS F 82 89.65 -17.15 15.42
N VAL F 101 89.44 -17.10 9.07
CA VAL F 101 89.03 -16.01 9.96
C VAL F 101 89.94 -14.78 9.83
N CYS F 102 89.43 -13.73 9.16
CA CYS F 102 90.28 -12.61 8.76
C CYS F 102 89.78 -11.23 9.20
N ALA F 103 90.64 -10.23 9.08
CA ALA F 103 90.34 -8.89 9.59
C ALA F 103 89.55 -8.00 8.63
N SER F 104 89.50 -8.38 7.36
CA SER F 104 88.75 -7.60 6.37
C SER F 104 88.39 -8.47 5.16
N LEU F 105 87.63 -7.90 4.23
CA LEU F 105 87.30 -8.63 3.01
C LEU F 105 88.52 -8.82 2.11
N PRO F 106 89.31 -7.75 1.87
CA PRO F 106 90.53 -7.99 1.10
C PRO F 106 91.40 -9.09 1.70
N ALA F 107 91.54 -9.10 3.03
CA ALA F 107 92.30 -10.13 3.72
C ALA F 107 91.83 -11.54 3.38
N ALA F 108 90.51 -11.72 3.25
CA ALA F 108 89.98 -13.04 2.95
C ALA F 108 90.17 -13.41 1.48
N LEU F 109 90.25 -12.40 0.62
CA LEU F 109 90.49 -12.65 -0.78
C LEU F 109 91.95 -13.04 -1.00
N SER F 110 92.83 -12.45 -0.18
CA SER F 110 94.24 -12.80 -0.20
C SER F 110 94.45 -14.18 0.39
N LEU F 111 93.80 -14.44 1.52
CA LEU F 111 93.80 -15.75 2.15
C LEU F 111 93.45 -16.81 1.12
N LEU F 112 92.45 -16.51 0.29
CA LEU F 112 92.06 -17.43 -0.77
C LEU F 112 93.09 -17.46 -1.90
N GLU F 113 93.93 -16.42 -1.97
CA GLU F 113 94.97 -16.40 -2.99
C GLU F 113 96.18 -17.23 -2.60
N GLU F 114 96.80 -16.90 -1.46
CA GLU F 114 97.99 -17.62 -1.00
C GLU F 114 97.72 -19.11 -0.86
N GLU F 115 97.06 -19.50 0.22
CA GLU F 115 96.62 -20.88 0.32
C GLU F 115 95.36 -21.06 -0.52
N TYR F 116 94.86 -22.29 -0.57
CA TYR F 116 93.61 -22.63 -1.24
C TYR F 116 93.52 -22.43 -2.77
N LYS F 117 94.49 -21.76 -3.40
CA LYS F 117 94.44 -21.50 -4.85
C LYS F 117 94.05 -22.73 -5.67
N ASP F 118 94.47 -23.89 -5.21
CA ASP F 118 94.04 -25.14 -5.78
C ASP F 118 92.89 -25.69 -4.95
N SER F 119 91.87 -26.21 -5.64
CA SER F 119 90.66 -26.80 -5.04
C SER F 119 89.58 -25.77 -4.65
N VAL F 120 89.95 -24.51 -4.48
CA VAL F 120 88.93 -23.46 -4.32
C VAL F 120 88.46 -22.98 -5.69
N ASP F 121 87.18 -23.15 -5.97
CA ASP F 121 86.67 -22.76 -7.28
C ASP F 121 86.18 -21.33 -7.22
N GLN F 122 84.88 -21.15 -7.00
CA GLN F 122 84.35 -19.82 -6.88
C GLN F 122 84.17 -19.46 -5.43
N ILE F 123 84.10 -18.17 -5.18
CA ILE F 123 83.84 -17.71 -3.84
C ILE F 123 82.51 -16.96 -3.81
N PHE F 124 81.77 -17.16 -2.72
CA PHE F 124 80.52 -16.45 -2.54
C PHE F 124 80.59 -15.67 -1.24
N VAL F 125 80.09 -14.44 -1.28
CA VAL F 125 79.92 -13.63 -0.09
C VAL F 125 78.45 -13.70 0.33
N VAL F 126 78.18 -14.02 1.60
CA VAL F 126 76.83 -14.39 2.01
C VAL F 126 76.31 -13.68 3.27
N GLY F 128 77.06 -10.66 5.51
CA GLY F 128 76.06 -9.69 5.91
C GLY F 128 76.20 -8.36 5.17
N ALA F 129 75.47 -7.35 5.62
CA ALA F 129 75.58 -6.02 5.05
C ALA F 129 76.95 -5.46 5.40
N GLY F 130 77.39 -4.45 4.69
CA GLY F 130 78.73 -3.95 4.94
C GLY F 130 79.76 -4.93 4.41
N LEU F 131 79.54 -6.22 4.60
CA LEU F 131 80.28 -7.20 3.84
C LEU F 131 79.84 -7.09 2.38
N TYR F 132 78.53 -7.01 2.16
CA TYR F 132 78.02 -6.75 0.81
C TYR F 132 78.49 -5.39 0.33
N GLU F 133 78.45 -4.41 1.22
CA GLU F 133 78.83 -3.06 0.84
C GLU F 133 80.34 -2.92 0.64
N ALA F 134 81.10 -3.69 1.41
CA ALA F 134 82.54 -3.75 1.20
C ALA F 134 82.78 -4.30 -0.19
N ALA F 135 82.11 -5.40 -0.50
CA ALA F 135 82.33 -6.10 -1.76
C ALA F 135 81.91 -5.27 -2.98
N LEU F 136 80.95 -4.38 -2.79
CA LEU F 136 80.48 -3.55 -3.88
C LEU F 136 81.38 -2.34 -4.10
N SER F 137 81.83 -1.73 -3.01
CA SER F 137 82.71 -0.56 -3.10
C SER F 137 84.12 -0.92 -3.57
N LEU F 138 84.57 -2.14 -3.28
CA LEU F 138 85.84 -2.64 -3.82
C LEU F 138 85.67 -3.12 -5.25
N GLY F 139 84.45 -3.01 -5.77
CA GLY F 139 84.13 -3.40 -7.12
C GLY F 139 84.47 -4.81 -7.53
N VAL F 140 84.50 -5.74 -6.57
CA VAL F 140 84.95 -7.09 -6.89
C VAL F 140 83.86 -8.10 -7.25
N ALA F 141 82.59 -7.70 -7.17
CA ALA F 141 81.49 -8.64 -7.42
C ALA F 141 81.09 -8.71 -8.89
N SER F 142 81.22 -9.87 -9.51
CA SER F 142 80.84 -10.00 -10.91
C SER F 142 79.36 -10.34 -11.09
N HIS F 143 78.79 -11.06 -10.13
CA HIS F 143 77.38 -11.43 -10.24
C HIS F 143 76.64 -11.29 -8.92
N LEU F 144 75.35 -11.03 -9.01
CA LEU F 144 74.51 -11.02 -7.84
C LEU F 144 73.46 -12.12 -7.97
N TYR F 145 73.40 -13.01 -6.98
CA TYR F 145 72.34 -14.01 -6.93
C TYR F 145 71.30 -13.55 -5.92
N ILE F 146 70.18 -13.01 -6.40
CA ILE F 146 69.20 -12.41 -5.52
C ILE F 146 67.87 -13.19 -5.46
N THR F 147 67.48 -13.54 -4.25
CA THR F 147 66.13 -14.01 -4.00
C THR F 147 65.28 -12.78 -3.69
N ARG F 148 64.40 -12.41 -4.60
CA ARG F 148 63.51 -11.29 -4.33
C ARG F 148 62.33 -11.75 -3.51
N VAL F 149 62.31 -11.39 -2.23
CA VAL F 149 61.14 -11.65 -1.43
C VAL F 149 60.09 -10.59 -1.79
N ALA F 150 58.94 -11.02 -2.29
CA ALA F 150 57.99 -10.08 -2.86
C ALA F 150 57.26 -9.24 -1.80
N ARG F 151 57.22 -9.74 -0.56
CA ARG F 151 56.58 -9.05 0.55
C ARG F 151 57.56 -8.21 1.34
N GLU F 152 57.10 -7.08 1.86
CA GLU F 152 57.90 -6.31 2.80
C GLU F 152 57.72 -6.84 4.20
N PHE F 153 58.78 -6.74 4.99
CA PHE F 153 58.79 -7.17 6.38
C PHE F 153 59.59 -6.14 7.13
N PRO F 154 59.28 -5.95 8.42
CA PRO F 154 60.11 -5.07 9.25
C PRO F 154 61.56 -5.52 9.16
N CYS F 155 62.46 -4.57 8.92
CA CYS F 155 63.88 -4.86 8.77
C CYS F 155 64.70 -3.75 9.41
N ASP F 156 65.86 -4.10 9.94
CA ASP F 156 66.76 -3.07 10.46
C ASP F 156 68.12 -3.12 9.78
N VAL F 157 68.30 -4.06 8.88
CA VAL F 157 69.51 -4.15 8.09
C VAL F 157 69.12 -4.26 6.62
N PHE F 158 69.80 -3.51 5.76
CA PHE F 158 69.41 -3.41 4.36
C PHE F 158 70.59 -3.65 3.43
N PHE F 159 70.31 -4.28 2.29
CA PHE F 159 71.30 -4.44 1.23
C PHE F 159 71.53 -3.06 0.59
N PRO F 160 72.78 -2.75 0.22
CA PRO F 160 73.11 -1.43 -0.31
C PRO F 160 72.38 -1.13 -1.59
N ALA F 161 72.05 0.13 -1.81
CA ALA F 161 71.57 0.55 -3.12
C ALA F 161 72.65 0.25 -4.16
N PHE F 162 72.21 -0.09 -5.36
CA PHE F 162 73.14 -0.46 -6.41
C PHE F 162 72.50 -0.14 -7.74
N PRO F 163 73.30 0.25 -8.74
CA PRO F 163 72.66 0.56 -10.02
C PRO F 163 72.18 -0.74 -10.66
N GLY F 164 70.90 -0.80 -10.96
CA GLY F 164 70.26 -2.05 -11.33
C GLY F 164 69.15 -2.32 -10.34
N ASP F 165 69.15 -1.54 -9.27
CA ASP F 165 68.09 -1.48 -8.27
C ASP F 165 66.65 -1.66 -8.75
N ASP F 166 66.37 -1.18 -9.96
CA ASP F 166 65.10 -1.36 -10.65
C ASP F 166 64.45 -2.71 -10.46
N ILE F 167 65.28 -3.75 -10.39
CA ILE F 167 64.80 -5.13 -10.43
C ILE F 167 64.03 -5.49 -9.18
N LEU F 168 64.18 -4.67 -8.14
CA LEU F 168 63.49 -4.91 -6.88
C LEU F 168 62.19 -4.12 -6.78
N SER F 169 62.26 -2.83 -7.10
CA SER F 169 61.08 -1.97 -7.06
C SER F 169 61.28 -0.70 -7.88
N ASN F 170 60.26 0.17 -7.86
CA ASN F 170 60.19 1.30 -8.78
C ASN F 170 61.04 2.54 -8.46
N LYS F 171 61.59 2.61 -7.25
CA LYS F 171 62.62 3.62 -6.96
C LYS F 171 62.11 5.07 -7.05
N GLU F 180 80.32 4.38 -16.04
CA GLU F 180 79.33 3.98 -15.05
C GLU F 180 78.89 2.55 -15.32
N ALA F 181 79.25 1.63 -14.42
CA ALA F 181 78.86 0.23 -14.57
C ALA F 181 77.56 -0.05 -13.83
N THR F 182 77.00 -1.23 -14.09
CA THR F 182 75.64 -1.52 -13.63
C THR F 182 75.33 -3.01 -13.71
N TYR F 183 74.42 -3.46 -12.86
CA TYR F 183 74.06 -4.88 -12.78
C TYR F 183 72.78 -5.17 -13.55
N ARG F 184 72.89 -6.06 -14.51
CA ARG F 184 71.79 -6.33 -15.42
C ARG F 184 71.36 -7.78 -15.26
N PRO F 185 70.05 -8.02 -15.16
CA PRO F 185 69.58 -9.40 -14.98
C PRO F 185 69.80 -10.25 -16.21
N ILE F 186 70.09 -11.52 -15.96
CA ILE F 186 70.58 -12.43 -16.94
C ILE F 186 69.69 -13.66 -16.85
N PHE F 187 68.94 -13.72 -15.75
CA PHE F 187 68.20 -14.91 -15.33
C PHE F 187 67.08 -14.42 -14.41
N ILE F 188 65.85 -14.88 -14.66
CA ILE F 188 64.71 -14.55 -13.81
C ILE F 188 63.82 -15.79 -13.73
N SER F 189 63.73 -16.39 -12.56
CA SER F 189 62.99 -17.63 -12.40
C SER F 189 61.49 -17.41 -12.38
N LYS F 190 60.77 -18.52 -12.34
CA LYS F 190 59.34 -18.53 -12.09
C LYS F 190 59.14 -18.18 -10.61
N THR F 191 57.91 -17.86 -10.22
CA THR F 191 57.62 -17.46 -8.85
C THR F 191 57.40 -18.68 -7.96
N PHE F 192 58.00 -18.67 -6.78
CA PHE F 192 57.76 -19.71 -5.78
C PHE F 192 57.05 -19.08 -4.59
N SER F 193 56.68 -19.93 -3.62
CA SER F 193 56.17 -19.44 -2.35
C SER F 193 56.35 -20.47 -1.26
N ASP F 194 56.44 -19.98 -0.03
CA ASP F 194 56.58 -20.81 1.14
C ASP F 194 56.04 -19.98 2.29
N ASN F 195 55.24 -20.61 3.14
CA ASN F 195 54.68 -19.94 4.32
C ASN F 195 54.04 -18.60 3.98
N GLY F 196 53.32 -18.57 2.86
CA GLY F 196 52.60 -17.39 2.42
C GLY F 196 53.47 -16.25 1.88
N VAL F 197 54.70 -16.57 1.50
CA VAL F 197 55.62 -15.56 0.99
C VAL F 197 56.03 -15.89 -0.44
N PRO F 198 55.63 -15.04 -1.40
CA PRO F 198 56.06 -15.27 -2.78
C PRO F 198 57.47 -14.74 -3.00
N TYR F 199 58.24 -15.46 -3.81
CA TYR F 199 59.59 -15.04 -4.17
C TYR F 199 60.11 -15.61 -5.50
N ASP F 200 61.19 -14.99 -5.98
CA ASP F 200 61.77 -15.18 -7.30
C ASP F 200 63.26 -15.40 -7.11
N PHE F 201 63.93 -15.96 -8.10
CA PHE F 201 65.39 -15.94 -8.11
C PHE F 201 65.89 -15.21 -9.34
N VAL F 202 66.79 -14.25 -9.15
CA VAL F 202 67.41 -13.60 -10.29
C VAL F 202 68.92 -13.60 -10.19
N VAL F 203 69.58 -13.58 -11.35
CA VAL F 203 71.02 -13.37 -11.38
C VAL F 203 71.34 -12.16 -12.24
N LEU F 204 72.09 -11.24 -11.65
CA LEU F 204 72.47 -10.02 -12.33
C LEU F 204 73.95 -10.08 -12.58
N GLU F 205 74.39 -9.64 -13.75
CA GLU F 205 75.82 -9.54 -13.99
C GLU F 205 76.28 -8.09 -14.18
N LYS F 206 77.45 -7.78 -13.64
CA LYS F 206 78.09 -6.49 -13.83
C LYS F 206 78.43 -6.32 -15.29
N ARG F 207 78.12 -5.15 -15.83
CA ARG F 207 78.39 -4.87 -17.24
C ARG F 207 78.96 -3.47 -17.38
N SER F 241 78.50 -35.80 -38.36
CA SER F 241 78.21 -36.36 -39.68
C SER F 241 76.74 -36.21 -40.00
N SER F 242 75.89 -36.68 -39.09
CA SER F 242 74.46 -36.64 -39.34
C SER F 242 73.93 -35.22 -39.25
N ALA F 243 74.63 -34.38 -38.48
CA ALA F 243 74.31 -32.96 -38.46
C ALA F 243 74.82 -32.34 -39.75
N ALA F 244 75.92 -32.88 -40.27
CA ALA F 244 76.50 -32.38 -41.51
C ALA F 244 75.67 -32.80 -42.73
N ALA F 245 75.13 -34.02 -42.69
CA ALA F 245 74.31 -34.50 -43.81
C ALA F 245 73.03 -33.68 -43.92
N ILE F 246 72.49 -33.29 -42.77
CA ILE F 246 71.23 -32.58 -42.68
C ILE F 246 71.37 -31.10 -42.99
N ALA F 247 72.53 -30.54 -42.65
CA ALA F 247 72.75 -29.10 -42.73
C ALA F 247 72.29 -28.41 -44.03
N PRO F 248 72.77 -28.91 -45.20
CA PRO F 248 72.40 -28.16 -46.40
C PRO F 248 70.91 -28.21 -46.71
N VAL F 249 70.19 -29.20 -46.19
CA VAL F 249 68.76 -29.23 -46.39
C VAL F 249 68.04 -28.25 -45.47
N LEU F 250 68.47 -28.19 -44.21
CA LEU F 250 67.94 -27.20 -43.29
C LEU F 250 68.17 -25.80 -43.83
N ALA F 251 69.36 -25.58 -44.38
CA ALA F 251 69.73 -24.26 -44.89
C ALA F 251 68.79 -23.73 -45.96
N TRP F 252 68.53 -24.52 -47.00
CA TRP F 252 67.64 -24.01 -48.06
C TRP F 252 66.20 -23.84 -47.58
N MET F 253 65.77 -24.69 -46.65
CA MET F 253 64.43 -24.61 -46.11
C MET F 253 64.27 -23.39 -45.22
N ASP F 254 65.38 -22.91 -44.65
CA ASP F 254 65.33 -21.72 -43.82
C ASP F 254 65.43 -20.43 -44.64
N GLU F 255 66.11 -20.51 -45.79
CA GLU F 255 66.42 -19.33 -46.61
C GLU F 255 65.35 -18.24 -46.64
N GLU F 256 64.22 -18.51 -47.27
CA GLU F 256 63.14 -17.54 -47.30
C GLU F 256 62.10 -17.92 -46.22
N ASP F 257 62.09 -17.22 -45.08
CA ASP F 257 62.97 -16.09 -44.80
C ASP F 257 64.10 -16.47 -43.84
N LYS F 264 61.80 -6.41 -40.12
CA LYS F 264 63.23 -6.29 -40.33
C LYS F 264 64.00 -6.29 -39.01
N GLU F 265 63.79 -5.27 -38.18
CA GLU F 265 64.37 -5.29 -36.84
C GLU F 265 63.36 -5.90 -35.89
N LEU F 266 63.68 -7.10 -35.42
CA LEU F 266 62.81 -7.86 -34.55
C LEU F 266 62.80 -7.21 -33.18
N ILE F 267 61.63 -6.94 -32.64
CA ILE F 267 61.63 -6.57 -31.23
C ILE F 267 61.60 -7.84 -30.38
N ARG F 268 62.04 -7.70 -29.14
CA ARG F 268 62.07 -8.81 -28.20
C ARG F 268 62.03 -8.25 -26.79
N ALA F 269 61.32 -8.92 -25.90
CA ALA F 269 61.26 -8.47 -24.52
C ALA F 269 62.60 -8.70 -23.85
N VAL F 270 63.07 -7.65 -23.16
CA VAL F 270 64.30 -7.66 -22.36
C VAL F 270 65.37 -8.68 -22.79
N PRO F 271 65.94 -8.47 -23.99
CA PRO F 271 66.81 -9.46 -24.63
C PRO F 271 68.01 -9.91 -23.80
N HIS F 272 68.45 -9.09 -22.86
CA HIS F 272 69.60 -9.46 -22.02
C HIS F 272 69.29 -10.62 -21.07
N VAL F 273 68.01 -10.88 -20.83
CA VAL F 273 67.62 -12.00 -19.98
C VAL F 273 67.66 -13.30 -20.78
N HIS F 274 68.62 -14.16 -20.47
CA HIS F 274 68.81 -15.42 -21.19
C HIS F 274 67.87 -16.50 -20.69
N PHE F 275 67.86 -16.68 -19.39
CA PHE F 275 67.04 -17.73 -18.80
C PHE F 275 65.73 -17.14 -18.29
N ARG F 276 64.68 -17.40 -19.05
CA ARG F 276 63.43 -16.68 -18.92
C ARG F 276 62.34 -17.59 -18.33
N GLY F 277 62.50 -17.90 -17.05
CA GLY F 277 61.61 -18.82 -16.36
C GLY F 277 60.29 -18.18 -15.93
N HIS F 278 60.31 -16.89 -15.63
CA HIS F 278 59.10 -16.18 -15.19
C HIS F 278 57.98 -16.36 -16.20
N GLU F 279 56.84 -16.83 -15.72
CA GLU F 279 55.70 -17.11 -16.59
C GLU F 279 55.17 -15.88 -17.33
N GLU F 280 55.52 -14.69 -16.84
CA GLU F 280 55.08 -13.47 -17.51
C GLU F 280 55.70 -13.32 -18.90
N PHE F 281 56.79 -14.04 -19.15
CA PHE F 281 57.43 -13.98 -20.45
C PHE F 281 56.54 -14.53 -21.56
N GLN F 282 55.59 -15.39 -21.22
CA GLN F 282 54.64 -15.86 -22.21
C GLN F 282 53.86 -14.68 -22.79
N TYR F 283 53.50 -13.75 -21.93
CA TYR F 283 52.74 -12.59 -22.37
C TYR F 283 53.63 -11.59 -23.10
N LEU F 284 54.85 -11.39 -22.61
CA LEU F 284 55.79 -10.47 -23.24
C LEU F 284 56.22 -11.00 -24.60
N ASP F 285 56.53 -12.30 -24.66
CA ASP F 285 56.87 -12.94 -25.92
C ASP F 285 55.70 -12.87 -26.89
N LEU F 286 54.48 -12.96 -26.37
CA LEU F 286 53.29 -12.90 -27.21
C LEU F 286 53.17 -11.55 -27.91
N ILE F 287 53.45 -10.49 -27.18
CA ILE F 287 53.44 -9.15 -27.74
C ILE F 287 54.48 -8.99 -28.85
N ALA F 288 55.66 -9.54 -28.60
CA ALA F 288 56.75 -9.47 -29.56
C ALA F 288 56.39 -10.22 -30.82
N ASP F 289 55.89 -11.43 -30.63
CA ASP F 289 55.45 -12.29 -31.71
C ASP F 289 54.40 -11.59 -32.59
N ILE F 290 53.42 -10.93 -31.98
CA ILE F 290 52.38 -10.25 -32.75
C ILE F 290 52.94 -9.05 -33.52
N ILE F 291 53.74 -8.24 -32.85
CA ILE F 291 54.34 -7.10 -33.50
C ILE F 291 55.30 -7.52 -34.63
N ASN F 292 56.07 -8.57 -34.42
CA ASN F 292 57.01 -9.03 -35.43
C ASN F 292 56.40 -9.82 -36.58
N ASN F 293 55.41 -10.66 -36.28
CA ASN F 293 54.91 -11.64 -37.24
C ASN F 293 53.43 -11.52 -37.57
N GLY F 294 52.73 -10.63 -36.89
CA GLY F 294 51.32 -10.45 -37.16
C GLY F 294 51.12 -9.76 -38.50
N ARG F 295 49.88 -9.66 -38.92
CA ARG F 295 49.54 -8.94 -40.14
C ARG F 295 48.70 -7.72 -39.78
N THR F 296 48.99 -6.60 -40.42
CA THR F 296 48.20 -5.39 -40.19
C THR F 296 46.83 -5.51 -40.85
N MET F 297 45.77 -5.28 -40.08
CA MET F 297 44.41 -5.45 -40.57
C MET F 297 43.49 -4.33 -40.12
N ASP F 298 42.37 -4.20 -40.81
CA ASP F 298 41.27 -3.36 -40.37
C ASP F 298 40.51 -4.10 -39.29
N ASP F 299 39.61 -3.39 -38.62
CA ASP F 299 38.79 -3.97 -37.56
C ASP F 299 37.58 -3.07 -37.35
N ARG F 300 36.58 -3.54 -36.63
CA ARG F 300 35.32 -2.80 -36.57
C ARG F 300 35.44 -1.44 -35.86
N THR F 301 36.43 -1.30 -34.99
CA THR F 301 36.60 -0.06 -34.23
C THR F 301 37.17 1.07 -35.09
N GLY F 302 37.83 0.72 -36.18
CA GLY F 302 38.40 1.72 -37.05
C GLY F 302 39.84 2.11 -36.72
N VAL F 303 40.31 1.65 -35.56
CA VAL F 303 41.65 1.98 -35.08
C VAL F 303 42.73 1.25 -35.85
N GLY F 304 42.47 -0.01 -36.20
CA GLY F 304 43.46 -0.84 -36.87
C GLY F 304 44.26 -1.67 -35.88
N VAL F 305 44.61 -2.89 -36.30
CA VAL F 305 45.32 -3.81 -35.44
C VAL F 305 46.43 -4.50 -36.19
N ILE F 306 47.29 -5.17 -35.45
CA ILE F 306 48.19 -6.18 -35.98
C ILE F 306 47.75 -7.47 -35.31
N SER F 307 47.53 -8.53 -36.08
CA SER F 307 46.90 -9.71 -35.50
C SER F 307 47.52 -11.04 -35.88
N LYS F 308 47.37 -12.00 -34.97
CA LYS F 308 47.64 -13.41 -35.24
C LYS F 308 46.40 -14.19 -34.81
N PHE F 309 46.31 -15.44 -35.23
CA PHE F 309 45.16 -16.27 -34.92
C PHE F 309 45.62 -17.57 -34.27
N GLY F 310 45.08 -17.88 -33.10
CA GLY F 310 45.41 -19.12 -32.42
C GLY F 310 46.66 -19.04 -31.57
N CYS F 311 46.54 -18.46 -30.38
CA CYS F 311 47.68 -18.34 -29.49
C CYS F 311 47.34 -18.94 -28.12
N THR F 312 48.38 -19.23 -27.36
CA THR F 312 48.23 -20.09 -26.20
C THR F 312 49.12 -19.62 -25.04
N MET F 313 48.56 -19.58 -23.85
CA MET F 313 49.35 -19.32 -22.65
C MET F 313 48.86 -20.19 -21.51
N ARG F 314 49.76 -20.51 -20.58
CA ARG F 314 49.29 -21.15 -19.36
C ARG F 314 50.02 -20.70 -18.10
N TYR F 315 49.25 -20.54 -17.04
CA TYR F 315 49.73 -19.96 -15.81
C TYR F 315 49.48 -20.87 -14.61
N SER F 316 50.55 -21.21 -13.91
CA SER F 316 50.44 -22.06 -12.75
C SER F 316 49.85 -21.26 -11.58
N LEU F 317 49.06 -21.91 -10.73
CA LEU F 317 48.32 -21.21 -9.70
C LEU F 317 48.57 -21.78 -8.31
N ASP F 318 49.50 -22.72 -8.20
CA ASP F 318 49.72 -23.41 -6.93
C ASP F 318 50.69 -22.68 -6.01
N GLN F 319 51.51 -21.80 -6.56
CA GLN F 319 52.53 -21.10 -5.78
C GLN F 319 52.15 -19.65 -5.62
N ALA F 320 51.76 -19.04 -6.74
CA ALA F 320 51.48 -17.63 -6.79
C ALA F 320 50.40 -17.38 -7.83
N PHE F 321 50.12 -16.12 -8.07
CA PHE F 321 48.96 -15.74 -8.86
C PHE F 321 49.41 -14.78 -9.95
N PRO F 322 49.02 -15.07 -11.21
CA PRO F 322 49.54 -14.33 -12.35
C PRO F 322 48.89 -12.96 -12.52
N LEU F 323 49.12 -12.07 -11.57
CA LEU F 323 48.75 -10.68 -11.73
C LEU F 323 49.96 -9.97 -12.30
N LEU F 324 49.85 -9.50 -13.54
CA LEU F 324 51.02 -9.09 -14.32
C LEU F 324 51.80 -7.96 -13.65
N THR F 325 53.13 -8.03 -13.75
CA THR F 325 53.98 -7.10 -13.03
C THR F 325 54.67 -6.08 -13.91
N THR F 326 54.61 -6.26 -15.23
CA THR F 326 55.27 -5.29 -16.10
C THR F 326 54.41 -4.04 -16.27
N LYS F 327 53.20 -4.09 -15.74
CA LYS F 327 52.40 -2.90 -15.57
C LYS F 327 51.33 -3.20 -14.52
N ARG F 328 50.93 -2.17 -13.79
CA ARG F 328 49.94 -2.36 -12.76
C ARG F 328 48.61 -2.79 -13.38
N VAL F 329 48.11 -3.93 -12.94
CA VAL F 329 46.82 -4.42 -13.37
C VAL F 329 45.74 -3.98 -12.37
N PHE F 330 44.60 -3.55 -12.90
CA PHE F 330 43.49 -3.01 -12.12
C PHE F 330 42.76 -4.11 -11.35
N TRP F 331 43.36 -4.55 -10.24
CA TRP F 331 42.83 -5.63 -9.45
C TRP F 331 41.37 -5.46 -9.00
N LYS F 332 41.05 -4.28 -8.47
CA LYS F 332 39.70 -3.99 -7.99
C LYS F 332 38.66 -4.21 -9.09
N GLY F 333 38.98 -3.80 -10.32
CA GLY F 333 38.09 -3.99 -11.44
C GLY F 333 37.88 -5.45 -11.80
N VAL F 334 38.93 -6.25 -11.71
CA VAL F 334 38.87 -7.68 -12.01
C VAL F 334 37.90 -8.37 -11.07
N LEU F 335 38.10 -8.11 -9.78
CA LEU F 335 37.29 -8.68 -8.73
C LEU F 335 35.83 -8.25 -8.81
N GLU F 336 35.59 -6.96 -9.03
CA GLU F 336 34.21 -6.48 -9.09
C GLU F 336 33.49 -7.00 -10.31
N GLU F 337 34.16 -7.05 -11.45
CA GLU F 337 33.54 -7.56 -12.67
C GLU F 337 33.16 -9.03 -12.49
N LEU F 338 34.09 -9.81 -11.96
CA LEU F 338 33.86 -11.24 -11.75
C LEU F 338 32.69 -11.51 -10.78
N LEU F 339 32.61 -10.76 -9.69
CA LEU F 339 31.50 -10.92 -8.77
C LEU F 339 30.19 -10.51 -9.45
N TRP F 340 30.30 -9.50 -10.31
CA TRP F 340 29.18 -9.02 -11.09
C TRP F 340 28.68 -10.12 -12.05
N PHE F 341 29.61 -10.73 -12.78
CA PHE F 341 29.29 -11.86 -13.66
C PHE F 341 28.57 -12.95 -12.88
N ILE F 342 29.10 -13.28 -11.70
CA ILE F 342 28.64 -14.42 -10.93
C ILE F 342 27.20 -14.22 -10.45
N ARG F 343 26.85 -12.96 -10.20
CA ARG F 343 25.48 -12.59 -9.82
C ARG F 343 24.52 -12.63 -11.00
N GLY F 344 25.04 -12.80 -12.21
CA GLY F 344 24.18 -12.74 -13.38
C GLY F 344 23.67 -11.34 -13.63
N ASP F 345 24.41 -10.35 -13.13
CA ASP F 345 24.06 -8.95 -13.27
C ASP F 345 24.40 -8.44 -14.67
N THR F 346 23.52 -7.63 -15.24
CA THR F 346 23.73 -7.09 -16.58
C THR F 346 23.63 -5.57 -16.60
N ASN F 347 23.69 -4.98 -15.41
CA ASN F 347 23.62 -3.54 -15.25
C ASN F 347 25.01 -2.97 -14.96
N ALA F 348 25.60 -2.34 -15.96
CA ALA F 348 26.96 -1.83 -15.82
C ALA F 348 27.06 -0.62 -14.89
N ASN F 349 25.93 0.03 -14.62
CA ASN F 349 25.91 1.11 -13.64
C ASN F 349 26.34 0.63 -12.25
N HIS F 350 26.10 -0.64 -11.95
CA HIS F 350 26.56 -1.19 -10.68
C HIS F 350 28.07 -1.29 -10.59
N LEU F 351 28.73 -1.51 -11.73
CA LEU F 351 30.18 -1.46 -11.80
C LEU F 351 30.66 -0.02 -11.69
N SER F 352 30.09 0.84 -12.54
CA SER F 352 30.49 2.23 -12.66
C SER F 352 30.36 2.94 -11.32
N GLU F 353 29.30 2.61 -10.61
N GLU F 353 29.30 2.61 -10.58
CA GLU F 353 29.04 3.07 -9.25
CA GLU F 353 29.07 3.16 -9.26
C GLU F 353 30.22 2.84 -8.34
C GLU F 353 30.12 2.76 -8.22
N LYS F 354 30.89 1.70 -8.49
CA LYS F 354 31.97 1.31 -7.59
C LYS F 354 33.33 1.78 -8.09
N GLY F 355 33.33 2.68 -9.07
CA GLY F 355 34.58 3.16 -9.63
C GLY F 355 35.14 2.25 -10.72
N VAL F 356 34.34 1.29 -11.17
CA VAL F 356 34.79 0.38 -12.21
C VAL F 356 34.03 0.67 -13.51
N LYS F 357 34.68 1.42 -14.39
CA LYS F 357 33.99 1.99 -15.55
C LYS F 357 34.32 1.25 -16.84
N ILE F 358 34.81 0.02 -16.70
CA ILE F 358 35.30 -0.76 -17.84
C ILE F 358 34.26 -1.02 -18.92
N TRP F 359 32.98 -1.00 -18.57
CA TRP F 359 31.94 -1.31 -19.54
C TRP F 359 31.19 -0.09 -20.07
N ASP F 360 31.53 1.08 -19.55
CA ASP F 360 30.72 2.26 -19.81
C ASP F 360 30.64 2.70 -21.27
N LYS F 361 31.75 2.67 -21.98
CA LYS F 361 31.77 3.10 -23.37
C LYS F 361 31.02 2.17 -24.31
N ASN F 362 30.86 0.91 -23.92
CA ASN F 362 30.11 -0.01 -24.76
C ASN F 362 28.64 -0.08 -24.37
N VAL F 363 28.21 0.78 -23.45
CA VAL F 363 26.78 0.87 -23.10
C VAL F 363 26.23 2.29 -23.04
N THR F 364 26.83 3.21 -23.80
CA THR F 364 26.25 4.54 -23.97
C THR F 364 25.06 4.44 -24.92
N ARG F 365 24.24 5.49 -24.92
CA ARG F 365 23.14 5.64 -25.87
C ARG F 365 23.63 5.45 -27.30
N GLU F 366 24.71 6.15 -27.63
CA GLU F 366 25.31 6.09 -28.95
C GLU F 366 25.80 4.69 -29.35
N PHE F 367 26.44 3.96 -28.44
CA PHE F 367 26.94 2.65 -28.83
C PHE F 367 25.78 1.67 -28.97
N LEU F 368 24.82 1.75 -28.05
CA LEU F 368 23.67 0.88 -28.09
C LEU F 368 22.84 1.11 -29.36
N ASP F 369 22.72 2.36 -29.78
CA ASP F 369 22.04 2.65 -31.04
C ASP F 369 22.79 2.06 -32.23
N SER F 370 24.12 2.15 -32.21
CA SER F 370 24.94 1.56 -33.27
C SER F 370 24.75 0.04 -33.33
N ARG F 371 24.33 -0.55 -32.21
CA ARG F 371 24.04 -1.97 -32.15
C ARG F 371 22.59 -2.27 -32.51
N ASN F 372 21.83 -1.24 -32.88
CA ASN F 372 20.39 -1.34 -33.13
C ASN F 372 19.60 -1.71 -31.87
N LEU F 373 19.99 -1.13 -30.76
CA LEU F 373 19.29 -1.36 -29.50
C LEU F 373 18.75 -0.07 -28.89
N PRO F 374 17.91 0.67 -29.64
CA PRO F 374 17.44 1.94 -29.13
C PRO F 374 16.59 1.77 -27.88
N HIS F 375 16.01 0.59 -27.71
CA HIS F 375 15.15 0.32 -26.57
C HIS F 375 15.92 -0.05 -25.31
N ARG F 376 17.24 -0.16 -25.39
CA ARG F 376 18.05 -0.45 -24.21
C ARG F 376 18.40 0.80 -23.43
N GLU F 377 18.22 0.71 -22.11
CA GLU F 377 18.60 1.77 -21.19
C GLU F 377 20.12 1.85 -21.10
N VAL F 378 20.65 3.05 -20.90
CA VAL F 378 22.08 3.25 -20.70
C VAL F 378 22.60 2.35 -19.59
N GLY F 379 23.64 1.57 -19.89
CA GLY F 379 24.23 0.68 -18.92
C GLY F 379 23.82 -0.77 -19.03
N ASP F 380 22.79 -1.06 -19.82
CA ASP F 380 22.31 -2.43 -19.95
C ASP F 380 23.09 -3.20 -21.02
N ILE F 381 23.89 -4.18 -20.59
CA ILE F 381 24.69 -4.95 -21.53
C ILE F 381 23.88 -6.06 -22.22
N GLY F 382 22.60 -6.15 -21.89
CA GLY F 382 21.76 -7.19 -22.47
C GLY F 382 22.08 -8.54 -21.85
N PRO F 383 21.55 -9.62 -22.46
CA PRO F 383 21.76 -10.98 -21.93
C PRO F 383 23.16 -11.52 -22.22
N GLY F 384 24.19 -10.87 -21.67
CA GLY F 384 25.56 -11.26 -21.90
C GLY F 384 26.23 -11.83 -20.67
N TYR F 385 27.48 -12.23 -20.83
CA TYR F 385 28.31 -12.91 -19.81
C TYR F 385 27.56 -13.61 -18.66
N GLY F 386 27.45 -12.93 -17.53
CA GLY F 386 26.87 -13.51 -16.33
C GLY F 386 25.44 -14.01 -16.46
N PHE F 387 24.65 -13.34 -17.29
CA PHE F 387 23.29 -13.78 -17.55
C PHE F 387 23.30 -15.16 -18.20
N GLN F 388 24.16 -15.36 -19.20
CA GLN F 388 24.27 -16.67 -19.81
C GLN F 388 24.89 -17.72 -18.86
N TRP F 389 25.86 -17.31 -18.04
CA TRP F 389 26.43 -18.20 -17.02
C TRP F 389 25.37 -18.76 -16.09
N ARG F 390 24.44 -17.91 -15.65
CA ARG F 390 23.50 -18.29 -14.61
C ARG F 390 22.11 -18.60 -15.16
N HIS F 391 21.83 -18.13 -16.36
CA HIS F 391 20.49 -18.27 -16.93
C HIS F 391 20.50 -18.54 -18.42
N PHE F 392 21.38 -19.43 -18.88
CA PHE F 392 21.51 -19.68 -20.31
C PHE F 392 20.17 -19.96 -20.96
N GLY F 393 19.86 -19.17 -22.00
CA GLY F 393 18.68 -19.43 -22.80
C GLY F 393 17.43 -18.73 -22.31
N ALA F 394 17.49 -18.11 -21.14
CA ALA F 394 16.32 -17.40 -20.61
C ALA F 394 15.96 -16.23 -21.49
N ALA F 395 14.68 -15.85 -21.45
CA ALA F 395 14.22 -14.71 -22.21
C ALA F 395 14.58 -13.44 -21.46
N TYR F 396 15.35 -12.57 -22.10
CA TYR F 396 15.79 -11.32 -21.48
C TYR F 396 14.74 -10.23 -21.64
N LYS F 397 14.49 -9.51 -20.55
CA LYS F 397 13.61 -8.36 -20.57
C LYS F 397 14.46 -7.11 -20.50
N ASP F 398 14.92 -6.79 -19.29
CA ASP F 398 15.89 -5.72 -19.10
C ASP F 398 16.81 -6.01 -17.91
N MET F 399 17.66 -5.06 -17.58
CA MET F 399 18.66 -5.29 -16.54
C MET F 399 18.09 -5.21 -15.12
N HIS F 400 16.85 -4.76 -14.99
CA HIS F 400 16.25 -4.64 -13.66
C HIS F 400 15.43 -5.86 -13.31
N THR F 401 15.24 -6.75 -14.27
CA THR F 401 14.37 -7.90 -14.09
C THR F 401 15.07 -8.98 -13.26
N ASP F 402 14.30 -9.73 -12.50
CA ASP F 402 14.86 -10.84 -11.74
C ASP F 402 14.58 -12.20 -12.42
N TYR F 403 15.65 -12.87 -12.84
CA TYR F 403 15.55 -14.09 -13.62
C TYR F 403 15.77 -15.34 -12.79
N THR F 404 15.68 -15.20 -11.48
CA THR F 404 15.89 -16.32 -10.57
C THR F 404 15.11 -17.57 -10.99
N GLY F 405 15.81 -18.69 -11.13
CA GLY F 405 15.20 -19.93 -11.57
C GLY F 405 14.99 -20.08 -13.07
N GLN F 406 15.29 -19.04 -13.84
CA GLN F 406 15.12 -19.11 -15.29
C GLN F 406 16.39 -19.53 -16.02
N GLY F 407 16.24 -20.36 -17.04
CA GLY F 407 17.38 -20.78 -17.84
C GLY F 407 18.25 -21.80 -17.15
N VAL F 408 19.37 -22.15 -17.78
CA VAL F 408 20.30 -23.12 -17.22
C VAL F 408 21.37 -22.43 -16.39
N ASP F 409 21.49 -22.85 -15.13
CA ASP F 409 22.55 -22.34 -14.27
C ASP F 409 23.81 -23.19 -14.44
N GLN F 410 24.61 -22.83 -15.45
CA GLN F 410 25.79 -23.60 -15.82
C GLN F 410 26.83 -23.61 -14.71
N LEU F 411 26.96 -22.50 -14.00
CA LEU F 411 27.96 -22.39 -12.96
C LEU F 411 27.62 -23.35 -11.82
N LYS F 412 26.35 -23.40 -11.46
CA LYS F 412 25.90 -24.36 -10.46
C LYS F 412 26.12 -25.81 -10.92
N ASN F 413 25.79 -26.12 -12.16
CA ASN F 413 26.01 -27.48 -12.65
C ASN F 413 27.48 -27.85 -12.67
N VAL F 414 28.33 -26.92 -13.09
CA VAL F 414 29.76 -27.15 -13.08
C VAL F 414 30.24 -27.47 -11.68
N ILE F 415 29.82 -26.67 -10.71
CA ILE F 415 30.24 -26.90 -9.33
C ILE F 415 29.68 -28.20 -8.74
N GLN F 416 28.42 -28.51 -9.04
CA GLN F 416 27.86 -29.78 -8.57
C GLN F 416 28.61 -30.98 -9.16
N MET F 417 28.99 -30.89 -10.43
CA MET F 417 29.73 -31.98 -11.04
C MET F 417 31.16 -32.10 -10.47
N LEU F 418 31.80 -30.96 -10.18
CA LEU F 418 33.12 -31.00 -9.57
C LEU F 418 33.09 -31.67 -8.21
N ARG F 419 32.00 -31.52 -7.47
CA ARG F 419 31.91 -32.11 -6.14
C ARG F 419 31.49 -33.59 -6.11
N THR F 420 30.79 -34.06 -7.14
CA THR F 420 30.23 -35.40 -7.12
C THR F 420 30.90 -36.39 -8.08
N ASN F 421 31.27 -35.91 -9.25
CA ASN F 421 31.83 -36.77 -10.29
C ASN F 421 32.87 -36.03 -11.10
N PRO F 422 34.05 -35.77 -10.51
CA PRO F 422 34.99 -34.83 -11.12
C PRO F 422 35.80 -35.39 -12.28
N THR F 423 35.55 -36.63 -12.69
CA THR F 423 36.20 -37.18 -13.87
C THR F 423 35.32 -36.98 -15.10
N ASP F 424 34.17 -36.34 -14.89
CA ASP F 424 33.25 -36.02 -15.96
C ASP F 424 33.91 -35.07 -16.96
N ARG F 425 33.58 -35.20 -18.24
CA ARG F 425 34.27 -34.44 -19.28
C ARG F 425 33.39 -33.36 -19.90
N ARG F 426 32.33 -32.97 -19.20
CA ARG F 426 31.37 -32.01 -19.70
C ARG F 426 31.26 -30.80 -18.76
N MET F 427 32.30 -30.57 -17.97
CA MET F 427 32.29 -29.47 -17.03
C MET F 427 32.67 -28.15 -17.71
N LEU F 428 31.72 -27.63 -18.47
CA LEU F 428 31.92 -26.44 -19.28
C LEU F 428 30.85 -25.41 -19.00
N MET F 429 31.21 -24.15 -19.19
CA MET F 429 30.29 -23.05 -19.10
C MET F 429 30.48 -22.20 -20.36
N THR F 430 29.39 -21.85 -21.03
CA THR F 430 29.50 -21.02 -22.22
C THR F 430 28.70 -19.73 -22.09
N ALA F 431 29.19 -18.67 -22.72
CA ALA F 431 28.43 -17.45 -22.83
C ALA F 431 27.98 -17.24 -24.28
N TRP F 432 28.39 -18.12 -25.18
CA TRP F 432 28.09 -17.93 -26.60
C TRP F 432 26.74 -18.52 -27.00
N ASN F 433 25.72 -17.67 -26.98
CA ASN F 433 24.38 -18.06 -27.36
C ASN F 433 23.96 -17.34 -28.63
N PRO F 434 24.07 -18.00 -29.78
CA PRO F 434 23.74 -17.38 -31.07
C PRO F 434 22.34 -16.76 -31.14
N ALA F 435 21.39 -17.27 -30.35
CA ALA F 435 20.03 -16.75 -30.40
C ALA F 435 19.91 -15.41 -29.70
N ALA F 436 20.91 -15.06 -28.91
CA ALA F 436 20.82 -13.82 -28.13
C ALA F 436 21.91 -12.81 -28.46
N LEU F 437 22.79 -13.15 -29.39
CA LEU F 437 23.94 -12.30 -29.70
C LEU F 437 23.55 -10.88 -30.06
N ASP F 438 22.51 -10.74 -30.89
CA ASP F 438 22.11 -9.43 -31.35
C ASP F 438 21.49 -8.58 -30.26
N GLU F 439 21.08 -9.21 -29.16
CA GLU F 439 20.46 -8.51 -28.03
C GLU F 439 21.52 -7.95 -27.09
N MET F 440 22.77 -8.34 -27.30
CA MET F 440 23.87 -7.93 -26.42
C MET F 440 24.57 -6.68 -26.95
N ALA F 441 25.06 -5.87 -26.03
CA ALA F 441 25.84 -4.69 -26.41
C ALA F 441 27.08 -5.13 -27.17
N LEU F 442 27.78 -6.11 -26.61
CA LEU F 442 28.96 -6.69 -27.25
C LEU F 442 28.91 -8.20 -27.12
N PRO F 443 29.09 -8.91 -28.24
CA PRO F 443 29.25 -10.36 -28.11
C PRO F 443 30.44 -10.69 -27.21
N PRO F 444 30.28 -11.71 -26.36
CA PRO F 444 31.29 -12.02 -25.35
C PRO F 444 32.62 -12.36 -26.00
N CYS F 445 33.71 -11.89 -25.40
CA CYS F 445 35.04 -12.20 -25.90
C CYS F 445 35.53 -13.48 -25.26
N HIS F 446 35.47 -13.54 -23.94
CA HIS F 446 35.74 -14.79 -23.26
C HIS F 446 34.45 -15.60 -23.22
N LEU F 447 34.38 -16.63 -24.03
CA LEU F 447 33.09 -17.23 -24.32
C LEU F 447 32.87 -18.66 -23.80
N LEU F 448 33.94 -19.30 -23.34
CA LEU F 448 33.85 -20.68 -22.90
C LEU F 448 34.93 -20.98 -21.86
N CYS F 449 34.57 -21.77 -20.86
CA CYS F 449 35.59 -22.26 -19.96
C CYS F 449 35.29 -23.69 -19.54
N GLN F 450 36.34 -24.47 -19.33
CA GLN F 450 36.16 -25.86 -18.96
C GLN F 450 37.08 -26.21 -17.81
N PHE F 451 36.58 -27.05 -16.92
CA PHE F 451 37.36 -27.45 -15.76
C PHE F 451 37.78 -28.90 -15.81
N TYR F 452 38.75 -29.22 -14.97
CA TYR F 452 39.39 -30.52 -15.00
C TYR F 452 40.07 -30.75 -13.67
N VAL F 453 39.91 -31.96 -13.15
CA VAL F 453 40.51 -32.34 -11.89
C VAL F 453 41.40 -33.53 -12.14
N ASN F 454 42.60 -33.53 -11.58
CA ASN F 454 43.45 -34.70 -11.70
C ASN F 454 43.21 -35.66 -10.54
N ASP F 455 44.18 -36.54 -10.29
CA ASP F 455 44.01 -37.53 -9.23
C ASP F 455 44.54 -37.06 -7.88
N GLN F 456 44.94 -35.80 -7.79
CA GLN F 456 45.42 -35.24 -6.54
C GLN F 456 44.57 -34.06 -6.11
N LYS F 457 43.31 -34.09 -6.52
CA LYS F 457 42.36 -33.01 -6.20
C LYS F 457 42.84 -31.65 -6.70
N GLU F 458 43.56 -31.63 -7.82
CA GLU F 458 44.02 -30.36 -8.38
C GLU F 458 43.18 -29.89 -9.56
N LEU F 459 42.69 -28.66 -9.47
CA LEU F 459 41.77 -28.11 -10.44
C LEU F 459 42.47 -27.24 -11.48
N SER F 460 42.18 -27.51 -12.75
CA SER F 460 42.64 -26.66 -13.84
C SER F 460 41.47 -26.09 -14.63
N CYS F 461 41.72 -24.96 -15.27
CA CYS F 461 40.70 -24.28 -16.04
C CYS F 461 41.26 -23.81 -17.38
N ILE F 462 40.50 -24.07 -18.44
CA ILE F 462 40.79 -23.49 -19.73
C ILE F 462 39.73 -22.46 -20.05
N MET F 463 40.14 -21.31 -20.55
CA MET F 463 39.19 -20.38 -21.13
C MET F 463 39.52 -20.15 -22.61
N TYR F 464 38.49 -20.19 -23.44
CA TYR F 464 38.63 -19.84 -24.83
C TYR F 464 38.10 -18.44 -25.06
N GLN F 465 38.95 -17.61 -25.65
CA GLN F 465 38.64 -16.23 -25.93
C GLN F 465 38.68 -15.97 -27.44
N ARG F 466 37.59 -15.52 -28.03
CA ARG F 466 37.51 -15.34 -29.48
C ARG F 466 38.32 -14.14 -29.98
N SER F 467 38.48 -13.15 -29.12
CA SER F 467 39.03 -11.87 -29.53
C SER F 467 39.83 -11.28 -28.37
N CYS F 468 41.10 -11.01 -28.61
CA CYS F 468 41.96 -10.64 -27.50
C CYS F 468 42.74 -9.37 -27.77
N ASP F 469 42.32 -8.30 -27.10
CA ASP F 469 43.05 -7.05 -27.09
C ASP F 469 44.26 -7.27 -26.19
N VAL F 470 45.39 -7.56 -26.79
CA VAL F 470 46.58 -7.93 -26.05
C VAL F 470 47.06 -6.87 -25.07
N GLY F 471 47.01 -5.60 -25.47
CA GLY F 471 47.49 -4.53 -24.62
C GLY F 471 46.61 -4.31 -23.39
N LEU F 472 45.31 -4.26 -23.61
CA LEU F 472 44.42 -3.83 -22.56
C LEU F 472 43.65 -4.99 -21.93
N GLY F 473 42.97 -5.78 -22.76
CA GLY F 473 42.10 -6.82 -22.26
C GLY F 473 42.78 -8.03 -21.63
N VAL F 474 43.80 -8.55 -22.32
CA VAL F 474 44.39 -9.84 -21.96
C VAL F 474 44.92 -9.97 -20.51
N PRO F 475 45.66 -8.97 -20.00
CA PRO F 475 46.09 -9.03 -18.60
C PRO F 475 44.91 -9.15 -17.63
N PHE F 476 43.85 -8.44 -17.94
CA PHE F 476 42.65 -8.41 -17.13
C PHE F 476 41.97 -9.78 -17.16
N ASN F 477 41.80 -10.33 -18.36
CA ASN F 477 41.19 -11.65 -18.53
C ASN F 477 41.99 -12.76 -17.84
N ILE F 478 43.31 -12.67 -17.86
CA ILE F 478 44.13 -13.68 -17.19
C ILE F 478 43.84 -13.69 -15.70
N ALA F 479 43.89 -12.51 -15.08
CA ALA F 479 43.58 -12.37 -13.66
C ALA F 479 42.15 -12.81 -13.35
N SER F 480 41.23 -12.50 -14.26
CA SER F 480 39.83 -12.83 -14.07
C SER F 480 39.59 -14.33 -13.94
N TYR F 481 40.10 -15.10 -14.89
CA TYR F 481 39.83 -16.53 -14.90
C TYR F 481 40.72 -17.30 -13.93
N SER F 482 41.87 -16.75 -13.60
CA SER F 482 42.72 -17.35 -12.57
C SER F 482 42.00 -17.22 -11.21
N LEU F 483 41.37 -16.07 -11.00
CA LEU F 483 40.60 -15.82 -9.79
C LEU F 483 39.35 -16.71 -9.71
N LEU F 484 38.67 -16.89 -10.84
CA LEU F 484 37.52 -17.79 -10.89
C LEU F 484 37.95 -19.20 -10.49
N THR F 485 39.15 -19.59 -10.90
CA THR F 485 39.66 -20.92 -10.60
C THR F 485 39.94 -21.10 -9.10
N LEU F 486 40.56 -20.10 -8.48
CA LEU F 486 40.73 -20.09 -7.03
C LEU F 486 39.37 -20.21 -6.31
N MET F 487 38.39 -19.45 -6.75
CA MET F 487 37.07 -19.42 -6.09
C MET F 487 36.40 -20.78 -6.23
N VAL F 488 36.44 -21.32 -7.44
CA VAL F 488 35.84 -22.61 -7.73
C VAL F 488 36.54 -23.75 -6.98
N ALA F 489 37.87 -23.73 -6.96
CA ALA F 489 38.62 -24.71 -6.19
C ALA F 489 38.23 -24.68 -4.72
N HIS F 490 38.13 -23.49 -4.14
CA HIS F 490 37.75 -23.38 -2.73
C HIS F 490 36.39 -23.98 -2.39
N VAL F 491 35.34 -23.62 -3.12
CA VAL F 491 34.03 -24.18 -2.77
C VAL F 491 33.88 -25.64 -3.14
N CYS F 492 34.83 -26.19 -3.91
CA CYS F 492 34.77 -27.61 -4.22
C CYS F 492 35.81 -28.42 -3.47
N ASN F 493 36.53 -27.77 -2.57
CA ASN F 493 37.50 -28.46 -1.73
C ASN F 493 38.65 -29.07 -2.55
N LEU F 494 39.07 -28.33 -3.57
CA LEU F 494 40.16 -28.74 -4.45
C LEU F 494 41.26 -27.70 -4.35
N LYS F 495 42.42 -28.01 -4.93
CA LYS F 495 43.52 -27.07 -4.93
C LYS F 495 43.72 -26.52 -6.34
N PRO F 496 43.84 -25.20 -6.48
CA PRO F 496 44.02 -24.60 -7.80
C PRO F 496 45.38 -24.97 -8.38
N LYS F 497 45.41 -25.44 -9.63
CA LYS F 497 46.68 -25.82 -10.23
C LYS F 497 47.09 -24.92 -11.40
N GLU F 498 46.21 -24.75 -12.38
CA GLU F 498 46.59 -24.10 -13.62
C GLU F 498 45.45 -23.36 -14.31
N PHE F 499 45.77 -22.19 -14.86
CA PHE F 499 44.89 -21.53 -15.80
C PHE F 499 45.48 -21.64 -17.20
N ILE F 500 44.66 -22.08 -18.14
CA ILE F 500 45.10 -22.26 -19.50
C ILE F 500 44.30 -21.34 -20.43
N HIS F 501 45.02 -20.48 -21.14
CA HIS F 501 44.40 -19.43 -21.94
C HIS F 501 44.50 -19.74 -23.43
N PHE F 502 43.36 -20.03 -24.05
CA PHE F 502 43.30 -20.30 -25.48
C PHE F 502 42.71 -19.10 -26.20
N MET F 503 43.40 -18.62 -27.23
CA MET F 503 43.05 -17.35 -27.86
C MET F 503 42.85 -17.47 -29.36
N GLY F 504 41.79 -16.84 -29.85
CA GLY F 504 41.51 -16.83 -31.27
C GLY F 504 42.18 -15.65 -31.95
N ASN F 505 41.39 -14.64 -32.31
CA ASN F 505 41.93 -13.45 -32.93
C ASN F 505 42.66 -12.66 -31.86
N THR F 506 43.98 -12.70 -31.93
CA THR F 506 44.81 -12.12 -30.91
C THR F 506 45.52 -10.93 -31.53
N HIS F 507 45.23 -9.74 -31.01
CA HIS F 507 45.62 -8.53 -31.72
C HIS F 507 46.19 -7.43 -30.83
N VAL F 508 46.98 -6.56 -31.45
CA VAL F 508 47.52 -5.39 -30.80
C VAL F 508 46.99 -4.19 -31.57
N TYR F 509 46.26 -3.30 -30.89
CA TYR F 509 45.76 -2.09 -31.56
C TYR F 509 46.92 -1.17 -31.90
N THR F 510 46.86 -0.55 -33.07
CA THR F 510 47.99 0.20 -33.58
C THR F 510 48.37 1.35 -32.64
N ASN F 511 47.38 1.95 -32.00
CA ASN F 511 47.64 3.00 -31.01
C ASN F 511 48.13 2.49 -29.65
N HIS F 512 48.52 1.22 -29.57
CA HIS F 512 49.11 0.70 -28.34
C HIS F 512 50.57 0.32 -28.54
N VAL F 513 51.00 0.31 -29.79
CA VAL F 513 52.29 -0.25 -30.15
C VAL F 513 53.46 0.40 -29.39
N GLU F 514 53.45 1.71 -29.31
CA GLU F 514 54.50 2.43 -28.62
C GLU F 514 54.53 2.16 -27.11
N ALA F 515 53.34 2.11 -26.51
CA ALA F 515 53.24 1.83 -25.08
C ALA F 515 53.75 0.43 -24.78
N LEU F 516 53.41 -0.51 -25.65
CA LEU F 516 53.84 -1.89 -25.47
C LEU F 516 55.33 -2.07 -25.68
N LYS F 517 55.93 -1.25 -26.53
CA LYS F 517 57.38 -1.29 -26.69
C LYS F 517 58.10 -0.82 -25.42
N GLU F 518 57.50 0.13 -24.70
CA GLU F 518 58.01 0.52 -23.40
C GLU F 518 57.87 -0.63 -22.39
N GLN F 519 56.72 -1.28 -22.38
CA GLN F 519 56.48 -2.37 -21.43
C GLN F 519 57.48 -3.50 -21.67
N LEU F 520 57.85 -3.71 -22.93
CA LEU F 520 58.73 -4.81 -23.25
C LEU F 520 60.18 -4.57 -22.80
N ARG F 521 60.44 -3.39 -22.24
CA ARG F 521 61.75 -3.12 -21.67
C ARG F 521 61.77 -3.27 -20.16
N ARG F 522 60.67 -3.77 -19.59
CA ARG F 522 60.62 -3.95 -18.15
C ARG F 522 60.80 -5.40 -17.79
N GLU F 523 61.72 -5.67 -16.87
CA GLU F 523 61.86 -7.01 -16.36
C GLU F 523 60.74 -7.29 -15.37
N PRO F 524 60.09 -8.43 -15.50
CA PRO F 524 58.99 -8.74 -14.58
C PRO F 524 59.45 -9.02 -13.15
N ARG F 525 58.56 -8.73 -12.22
CA ARG F 525 58.79 -8.92 -10.79
C ARG F 525 58.08 -10.19 -10.36
N PRO F 526 58.40 -10.70 -9.15
CA PRO F 526 57.71 -11.90 -8.68
C PRO F 526 56.20 -11.70 -8.68
N PHE F 527 55.46 -12.73 -9.08
CA PHE F 527 54.01 -12.72 -8.99
C PHE F 527 53.61 -12.68 -7.52
N PRO F 528 52.50 -12.00 -7.20
CA PRO F 528 52.02 -11.96 -5.82
C PRO F 528 51.27 -13.24 -5.50
N ILE F 529 50.83 -13.41 -4.27
CA ILE F 529 49.83 -14.42 -4.01
C ILE F 529 48.50 -13.77 -3.66
N VAL F 530 47.42 -14.47 -4.00
CA VAL F 530 46.10 -14.00 -3.68
C VAL F 530 45.51 -14.97 -2.67
N ASN F 531 45.13 -14.45 -1.51
CA ASN F 531 44.53 -15.28 -0.49
C ASN F 531 43.05 -15.05 -0.41
N ILE F 532 42.31 -16.13 -0.18
CA ILE F 532 40.90 -16.00 0.11
C ILE F 532 40.79 -15.82 1.61
N LEU F 533 40.09 -14.76 2.02
CA LEU F 533 39.86 -14.50 3.43
C LEU F 533 38.55 -15.13 3.85
N ASN F 534 38.41 -15.37 5.15
CA ASN F 534 37.14 -15.86 5.72
C ASN F 534 36.67 -17.15 5.09
N LYS F 535 37.58 -18.09 4.91
CA LYS F 535 37.31 -19.29 4.14
C LYS F 535 36.24 -20.15 4.81
N GLU F 536 36.25 -20.17 6.14
CA GLU F 536 35.27 -20.92 6.91
C GLU F 536 33.84 -20.42 6.66
N ARG F 537 33.70 -19.16 6.27
CA ARG F 537 32.38 -18.61 6.04
C ARG F 537 31.89 -18.89 4.62
N ILE F 538 32.81 -19.14 3.71
CA ILE F 538 32.49 -19.22 2.30
C ILE F 538 32.30 -20.66 1.83
N LYS F 539 31.07 -21.02 1.52
CA LYS F 539 30.74 -22.40 1.23
C LYS F 539 30.21 -22.57 -0.17
N GLU F 540 29.68 -21.50 -0.73
CA GLU F 540 29.12 -21.56 -2.08
C GLU F 540 29.63 -20.39 -2.91
N ILE F 541 29.56 -20.53 -4.24
CA ILE F 541 30.16 -19.55 -5.12
C ILE F 541 29.53 -18.17 -4.96
N ASP F 542 28.28 -18.12 -4.54
CA ASP F 542 27.60 -16.85 -4.34
C ASP F 542 28.00 -16.15 -3.03
N ASP F 543 28.71 -16.84 -2.16
CA ASP F 543 29.08 -16.30 -0.85
C ASP F 543 30.28 -15.35 -0.88
N PHE F 544 31.06 -15.39 -1.96
CA PHE F 544 32.21 -14.48 -2.05
C PHE F 544 31.73 -13.03 -2.15
N THR F 545 32.39 -12.15 -1.41
CA THR F 545 32.14 -10.73 -1.55
C THR F 545 33.43 -10.05 -1.93
N ALA F 546 33.34 -8.76 -2.22
CA ALA F 546 34.50 -7.98 -2.65
C ALA F 546 35.52 -7.77 -1.55
N GLU F 547 35.21 -8.23 -0.34
CA GLU F 547 36.09 -8.02 0.80
C GLU F 547 36.76 -9.30 1.27
N ASP F 548 36.58 -10.38 0.51
CA ASP F 548 37.09 -11.69 0.91
C ASP F 548 38.43 -12.07 0.30
N PHE F 549 39.13 -11.09 -0.25
CA PHE F 549 40.42 -11.37 -0.88
C PHE F 549 41.52 -10.45 -0.39
N GLU F 550 42.75 -10.96 -0.39
CA GLU F 550 43.91 -10.10 -0.19
C GLU F 550 45.02 -10.44 -1.19
N VAL F 551 45.56 -9.39 -1.82
CA VAL F 551 46.68 -9.54 -2.73
C VAL F 551 47.95 -9.21 -1.97
N VAL F 552 48.86 -10.17 -1.94
CA VAL F 552 49.99 -10.13 -1.06
C VAL F 552 51.28 -10.07 -1.87
N GLY F 553 52.07 -9.02 -1.65
CA GLY F 553 53.35 -8.86 -2.32
C GLY F 553 53.29 -8.54 -3.80
N TYR F 554 52.38 -7.65 -4.17
CA TYR F 554 52.29 -7.21 -5.56
C TYR F 554 53.17 -5.98 -5.70
N VAL F 555 54.16 -6.06 -6.57
CA VAL F 555 55.07 -4.95 -6.77
C VAL F 555 55.27 -4.72 -8.26
N PRO F 556 54.26 -4.12 -8.92
CA PRO F 556 54.31 -3.96 -10.37
C PRO F 556 55.06 -2.69 -10.76
N HIS F 557 55.50 -2.64 -12.01
CA HIS F 557 55.96 -1.39 -12.58
C HIS F 557 54.75 -0.47 -12.75
N GLY F 558 54.98 0.77 -13.17
CA GLY F 558 53.92 1.75 -13.24
C GLY F 558 52.81 1.45 -14.24
N ARG F 559 51.65 2.08 -14.04
CA ARG F 559 50.55 1.94 -14.97
C ARG F 559 50.96 2.50 -16.33
N ILE F 560 50.52 1.85 -17.38
CA ILE F 560 50.72 2.39 -18.72
C ILE F 560 49.39 2.65 -19.39
N GLN F 561 49.19 3.89 -19.80
CA GLN F 561 47.93 4.31 -20.39
C GLN F 561 47.74 3.72 -21.78
N MET F 562 46.65 2.97 -21.95
CA MET F 562 46.28 2.48 -23.27
C MET F 562 44.80 2.74 -23.51
N GLU F 563 44.52 3.48 -24.57
CA GLU F 563 43.17 3.91 -24.87
C GLU F 563 42.33 2.76 -25.42
N MET F 564 41.10 2.63 -24.92
CA MET F 564 40.21 1.58 -25.37
C MET F 564 39.58 1.89 -26.72
N ALA F 565 39.85 1.06 -27.72
CA ALA F 565 39.16 1.17 -28.99
C ALA F 565 37.70 0.77 -28.79
N VAL F 566 36.77 1.70 -29.02
CA VAL F 566 35.38 1.44 -28.69
C VAL F 566 34.65 0.67 -29.78
N PRO G 4 -13.47 6.82 -25.74
CA PRO G 4 -14.82 6.24 -25.71
C PRO G 4 -14.91 5.16 -24.63
N VAL G 5 -15.43 5.52 -23.47
CA VAL G 5 -15.34 4.68 -22.28
C VAL G 5 -16.63 3.92 -21.95
N CYS G 6 -16.50 2.83 -21.21
CA CYS G 6 -17.65 2.11 -20.68
C CYS G 6 -17.67 2.14 -19.15
N LEU G 7 -18.86 2.28 -18.59
CA LEU G 7 -19.03 2.25 -17.14
C LEU G 7 -19.53 0.87 -16.72
N VAL G 8 -18.99 0.35 -15.63
CA VAL G 8 -19.51 -0.90 -15.09
C VAL G 8 -19.79 -0.79 -13.59
N VAL G 9 -21.00 -1.19 -13.21
CA VAL G 9 -21.60 -0.84 -11.93
C VAL G 9 -22.61 -1.87 -11.48
N ALA G 10 -22.69 -2.08 -10.17
CA ALA G 10 -23.83 -2.77 -9.57
C ALA G 10 -24.51 -1.81 -8.62
N MET G 11 -25.83 -1.78 -8.64
CA MET G 11 -26.56 -0.81 -7.83
C MET G 11 -27.96 -1.26 -7.45
N THR G 12 -28.44 -0.77 -6.31
CA THR G 12 -29.80 -0.98 -5.86
C THR G 12 -30.78 -0.13 -6.68
N PRO G 13 -32.09 -0.39 -6.55
CA PRO G 13 -33.07 0.41 -7.30
C PRO G 13 -32.96 1.89 -6.98
N LYS G 14 -32.47 2.21 -5.79
CA LYS G 14 -32.28 3.60 -5.41
C LYS G 14 -30.88 4.11 -5.74
N ARG G 15 -30.18 3.38 -6.61
CA ARG G 15 -28.85 3.74 -7.11
C ARG G 15 -27.75 3.61 -6.05
N GLY G 16 -28.03 2.85 -4.99
CA GLY G 16 -27.06 2.64 -3.94
C GLY G 16 -25.95 1.71 -4.39
N ILE G 17 -24.69 2.06 -4.07
CA ILE G 17 -23.58 1.23 -4.53
C ILE G 17 -22.57 0.85 -3.46
N GLY G 18 -22.60 1.54 -2.33
CA GLY G 18 -21.62 1.27 -1.30
C GLY G 18 -21.98 1.74 0.09
N ILE G 19 -21.31 1.17 1.09
CA ILE G 19 -21.49 1.58 2.46
C ILE G 19 -20.23 1.21 3.27
N ASN G 20 -19.73 2.14 4.08
CA ASN G 20 -18.46 1.98 4.80
C ASN G 20 -17.31 1.51 3.96
N ASN G 21 -17.18 2.07 2.77
CA ASN G 21 -16.17 1.66 1.82
C ASN G 21 -16.22 0.17 1.53
N GLY G 22 -17.41 -0.41 1.62
CA GLY G 22 -17.61 -1.78 1.19
C GLY G 22 -18.85 -1.84 0.32
N LEU G 23 -19.20 -3.04 -0.10
CA LEU G 23 -20.39 -3.25 -0.90
C LEU G 23 -21.59 -3.41 0.02
N PRO G 24 -22.77 -2.98 -0.45
CA PRO G 24 -23.94 -2.96 0.43
C PRO G 24 -24.53 -4.36 0.70
N TRP G 25 -24.33 -5.29 -0.23
CA TRP G 25 -25.00 -6.59 -0.21
C TRP G 25 -24.03 -7.73 0.08
N PRO G 26 -24.56 -8.93 0.36
CA PRO G 26 -23.68 -10.11 0.44
C PRO G 26 -23.13 -10.46 -0.93
N HIS G 27 -22.19 -11.42 -0.94
N HIS G 27 -22.18 -11.39 -0.94
CA HIS G 27 -21.43 -11.74 -2.15
CA HIS G 27 -21.44 -11.71 -2.14
C HIS G 27 -22.26 -12.27 -3.30
C HIS G 27 -22.30 -12.23 -3.28
N LEU G 28 -22.22 -11.57 -4.43
CA LEU G 28 -22.92 -11.99 -5.62
C LEU G 28 -21.90 -12.60 -6.57
N THR G 29 -21.71 -13.91 -6.53
CA THR G 29 -20.64 -14.53 -7.32
C THR G 29 -20.84 -14.41 -8.83
N THR G 30 -22.08 -14.44 -9.31
CA THR G 30 -22.31 -14.26 -10.73
C THR G 30 -21.98 -12.82 -11.19
N ASP G 31 -22.26 -11.84 -10.34
CA ASP G 31 -21.87 -10.47 -10.66
C ASP G 31 -20.35 -10.31 -10.74
N PHE G 32 -19.63 -10.97 -9.84
CA PHE G 32 -18.17 -10.92 -9.89
C PHE G 32 -17.62 -11.58 -11.14
N LYS G 33 -18.26 -12.67 -11.57
CA LYS G 33 -17.85 -13.33 -12.80
C LYS G 33 -18.04 -12.38 -13.97
N HIS G 34 -19.24 -11.82 -14.04
CA HIS G 34 -19.58 -10.83 -15.06
C HIS G 34 -18.60 -9.66 -15.11
N PHE G 35 -18.27 -9.12 -13.93
CA PHE G 35 -17.36 -7.99 -13.86
C PHE G 35 -16.01 -8.35 -14.45
N SER G 36 -15.50 -9.51 -14.03
CA SER G 36 -14.22 -9.99 -14.48
C SER G 36 -14.23 -10.28 -15.97
N ARG G 37 -15.27 -10.96 -16.43
CA ARG G 37 -15.32 -11.34 -17.82
C ARG G 37 -15.46 -10.11 -18.72
N VAL G 38 -16.19 -9.10 -18.28
CA VAL G 38 -16.35 -7.89 -19.10
C VAL G 38 -15.09 -7.03 -19.10
N THR G 39 -14.42 -6.90 -17.96
CA THR G 39 -13.25 -6.02 -17.89
C THR G 39 -11.99 -6.64 -18.49
N LYS G 40 -11.89 -7.98 -18.51
CA LYS G 40 -10.66 -8.65 -18.96
C LYS G 40 -10.60 -8.98 -20.45
N THR G 41 -11.72 -9.41 -21.03
CA THR G 41 -11.67 -10.01 -22.37
C THR G 41 -11.33 -9.05 -23.51
N THR G 42 -10.46 -9.52 -24.40
CA THR G 42 -9.93 -8.78 -25.53
C THR G 42 -9.89 -9.80 -26.66
N PRO G 43 -9.63 -9.38 -27.92
CA PRO G 43 -9.46 -10.41 -28.93
C PRO G 43 -7.98 -10.59 -29.24
N ALA G 46 -4.81 -10.86 -27.24
CA ALA G 46 -3.68 -11.01 -28.16
C ALA G 46 -2.50 -10.16 -27.71
N SER G 47 -2.39 -8.96 -28.27
CA SER G 47 -1.29 -8.06 -27.93
C SER G 47 -1.68 -7.10 -26.80
N ARG G 48 -2.98 -6.86 -26.67
CA ARG G 48 -3.47 -5.75 -25.88
C ARG G 48 -4.16 -6.17 -24.60
N PHE G 49 -4.43 -5.18 -23.76
CA PHE G 49 -5.23 -5.41 -22.56
C PHE G 49 -6.16 -4.24 -22.40
N ASN G 50 -7.18 -4.41 -21.56
CA ASN G 50 -8.05 -3.32 -21.22
C ASN G 50 -7.52 -2.56 -20.03
N ALA G 51 -8.09 -1.40 -19.79
CA ALA G 51 -7.74 -0.62 -18.62
C ALA G 51 -8.96 -0.40 -17.75
N VAL G 52 -8.79 -0.55 -16.45
CA VAL G 52 -9.83 -0.17 -15.51
C VAL G 52 -9.41 1.08 -14.78
N VAL G 53 -10.33 2.03 -14.68
CA VAL G 53 -10.05 3.27 -13.99
C VAL G 53 -10.97 3.38 -12.78
N MET G 54 -10.38 3.72 -11.64
CA MET G 54 -11.11 3.74 -10.38
C MET G 54 -10.62 4.87 -9.46
N GLY G 55 -11.46 5.27 -8.51
CA GLY G 55 -11.09 6.28 -7.55
C GLY G 55 -10.34 5.65 -6.40
N ARG G 56 -9.82 6.49 -5.51
CA ARG G 56 -8.95 6.02 -4.44
C ARG G 56 -9.66 5.11 -3.44
N LYS G 57 -10.87 5.47 -3.04
CA LYS G 57 -11.59 4.68 -2.06
C LYS G 57 -12.04 3.34 -2.62
N THR G 58 -12.38 3.31 -3.92
CA THR G 58 -12.68 2.05 -4.58
C THR G 58 -11.45 1.17 -4.59
N TRP G 59 -10.28 1.78 -4.82
CA TRP G 59 -9.04 1.02 -4.77
C TRP G 59 -8.82 0.44 -3.36
N GLU G 60 -9.09 1.24 -2.33
CA GLU G 60 -8.93 0.81 -0.94
C GLU G 60 -9.96 -0.23 -0.51
N SER G 61 -11.12 -0.24 -1.17
CA SER G 61 -12.19 -1.15 -0.78
C SER G 61 -11.93 -2.58 -1.23
N MET G 62 -11.08 -2.73 -2.25
CA MET G 62 -10.76 -4.04 -2.79
C MET G 62 -9.80 -4.78 -1.87
N PRO G 63 -10.00 -6.10 -1.72
CA PRO G 63 -9.09 -6.90 -0.89
C PRO G 63 -7.67 -6.85 -1.45
N ARG G 64 -6.69 -6.73 -0.55
CA ARG G 64 -5.28 -6.70 -0.89
C ARG G 64 -4.91 -7.74 -1.93
N LYS G 65 -5.39 -8.96 -1.73
CA LYS G 65 -4.97 -10.09 -2.54
C LYS G 65 -5.52 -10.08 -3.96
N PHE G 66 -6.45 -9.16 -4.24
CA PHE G 66 -7.04 -9.08 -5.57
C PHE G 66 -6.68 -7.78 -6.27
N ARG G 67 -5.91 -6.94 -5.59
CA ARG G 67 -5.55 -5.63 -6.14
C ARG G 67 -4.03 -5.50 -6.32
N PRO G 68 -3.59 -5.04 -7.49
CA PRO G 68 -4.37 -4.56 -8.64
C PRO G 68 -5.11 -5.68 -9.36
N LEU G 69 -6.17 -5.33 -10.08
CA LEU G 69 -6.96 -6.30 -10.82
C LEU G 69 -6.08 -6.88 -11.92
N VAL G 70 -5.91 -8.20 -11.92
CA VAL G 70 -4.94 -8.83 -12.81
C VAL G 70 -5.28 -8.80 -14.29
N ASP G 71 -4.23 -8.61 -15.09
CA ASP G 71 -4.31 -8.63 -16.54
C ASP G 71 -5.10 -7.46 -17.11
N ARG G 72 -5.26 -6.44 -16.28
CA ARG G 72 -5.84 -5.19 -16.73
C ARG G 72 -4.92 -4.09 -16.24
N LEU G 73 -4.78 -3.04 -17.04
CA LEU G 73 -4.03 -1.90 -16.59
C LEU G 73 -4.88 -1.14 -15.58
N ASN G 74 -4.34 -0.94 -14.39
CA ASN G 74 -5.08 -0.25 -13.33
C ASN G 74 -4.65 1.20 -13.18
N ILE G 75 -5.61 2.10 -13.29
CA ILE G 75 -5.36 3.50 -13.01
C ILE G 75 -6.21 3.97 -11.84
N VAL G 76 -5.55 4.56 -10.85
CA VAL G 76 -6.27 5.11 -9.70
C VAL G 76 -6.27 6.63 -9.79
N VAL G 77 -7.45 7.22 -9.63
CA VAL G 77 -7.58 8.66 -9.57
C VAL G 77 -7.51 9.10 -8.12
N SER G 78 -6.52 9.94 -7.82
CA SER G 78 -6.26 10.38 -6.45
C SER G 78 -5.29 11.54 -6.45
N SER G 79 -5.36 12.37 -5.41
CA SER G 79 -4.39 13.43 -5.23
C SER G 79 -3.56 13.15 -3.98
N SER G 80 -3.88 12.08 -3.28
CA SER G 80 -3.20 11.75 -2.03
C SER G 80 -2.41 10.44 -2.07
N LEU G 81 -2.79 9.53 -2.96
CA LEU G 81 -2.04 8.30 -3.15
C LEU G 81 -0.96 8.54 -4.18
N LYS G 82 0.20 7.93 -3.98
CA LYS G 82 1.26 8.05 -4.94
C LYS G 82 1.47 6.70 -5.56
N GLU G 83 2.00 6.67 -6.78
CA GLU G 83 2.34 5.41 -7.43
C GLU G 83 3.27 4.60 -6.53
N GLU G 84 4.16 5.31 -5.83
CA GLU G 84 5.07 4.66 -4.89
C GLU G 84 4.31 3.93 -3.79
N ASP G 85 3.34 4.60 -3.17
CA ASP G 85 2.48 3.98 -2.15
C ASP G 85 1.98 2.60 -2.59
N ILE G 86 1.44 2.54 -3.80
CA ILE G 86 0.86 1.31 -4.33
C ILE G 86 1.91 0.24 -4.64
N ALA G 87 3.04 0.66 -5.20
CA ALA G 87 4.14 -0.27 -5.48
C ALA G 87 4.63 -0.92 -4.20
N ALA G 88 4.67 -0.16 -3.11
CA ALA G 88 5.17 -0.65 -1.84
C ALA G 88 4.18 -1.58 -1.14
N GLU G 89 2.92 -1.53 -1.55
CA GLU G 89 1.85 -2.31 -0.96
C GLU G 89 2.08 -3.81 -1.17
N LYS G 90 2.55 -4.17 -2.36
CA LYS G 90 2.67 -5.56 -2.76
C LYS G 90 3.57 -5.62 -4.00
N PRO G 91 4.46 -6.62 -4.06
CA PRO G 91 5.29 -6.75 -5.27
C PRO G 91 4.48 -6.95 -6.55
N GLN G 92 4.77 -6.12 -7.53
CA GLN G 92 4.26 -6.28 -8.88
C GLN G 92 4.70 -7.64 -9.42
N ALA G 93 3.76 -8.40 -9.99
CA ALA G 93 4.04 -9.71 -10.55
C ALA G 93 4.52 -9.59 -11.99
N GLU G 94 5.43 -10.47 -12.41
CA GLU G 94 5.99 -10.42 -13.76
C GLU G 94 4.88 -10.44 -14.81
N GLY G 95 5.04 -9.61 -15.84
CA GLY G 95 4.11 -9.59 -16.96
C GLY G 95 2.94 -8.67 -16.74
N GLN G 96 2.76 -8.23 -15.50
CA GLN G 96 1.65 -7.35 -15.16
C GLN G 96 2.03 -5.88 -15.32
N GLN G 97 1.01 -5.05 -15.46
CA GLN G 97 1.17 -3.63 -15.70
C GLN G 97 1.41 -2.87 -14.40
N ARG G 98 2.31 -1.90 -14.43
CA ARG G 98 2.54 -1.07 -13.26
C ARG G 98 1.33 -0.16 -13.01
N VAL G 99 0.96 -0.01 -11.76
CA VAL G 99 -0.25 0.74 -11.42
C VAL G 99 0.00 2.24 -11.50
N ARG G 100 -0.77 2.93 -12.34
CA ARG G 100 -0.58 4.36 -12.52
C ARG G 100 -1.57 5.17 -11.69
N VAL G 101 -1.16 6.38 -11.32
CA VAL G 101 -2.03 7.29 -10.58
C VAL G 101 -2.17 8.62 -11.30
N CYS G 102 -3.40 9.12 -11.39
CA CYS G 102 -3.66 10.42 -12.02
C CYS G 102 -4.53 11.32 -11.14
N ALA G 103 -4.47 12.62 -11.38
CA ALA G 103 -5.14 13.59 -10.53
C ALA G 103 -6.62 13.78 -10.85
N SER G 104 -7.04 13.30 -12.02
CA SER G 104 -8.41 13.51 -12.43
C SER G 104 -8.76 12.47 -13.46
N LEU G 105 -10.04 12.38 -13.82
CA LEU G 105 -10.42 11.53 -14.94
C LEU G 105 -9.86 12.02 -16.29
N PRO G 106 -9.95 13.34 -16.58
CA PRO G 106 -9.34 13.81 -17.84
C PRO G 106 -7.87 13.46 -17.96
N ALA G 107 -7.14 13.59 -16.86
CA ALA G 107 -5.72 13.23 -16.85
C ALA G 107 -5.53 11.74 -17.13
N ALA G 108 -6.47 10.93 -16.64
CA ALA G 108 -6.40 9.48 -16.87
C ALA G 108 -6.60 9.14 -18.35
N LEU G 109 -7.59 9.77 -18.98
CA LEU G 109 -7.84 9.56 -20.40
C LEU G 109 -6.70 10.14 -21.25
N SER G 110 -6.10 11.23 -20.78
CA SER G 110 -4.93 11.80 -21.46
C SER G 110 -3.79 10.81 -21.42
N LEU G 111 -3.53 10.24 -20.25
CA LEU G 111 -2.45 9.29 -20.08
C LEU G 111 -2.64 8.08 -20.98
N LEU G 112 -3.86 7.54 -21.01
CA LEU G 112 -4.18 6.43 -21.89
C LEU G 112 -3.85 6.74 -23.35
N GLU G 113 -4.22 7.93 -23.78
CA GLU G 113 -3.92 8.38 -25.13
C GLU G 113 -2.41 8.45 -25.36
N GLU G 114 -1.72 9.23 -24.52
CA GLU G 114 -0.30 9.48 -24.68
C GLU G 114 0.54 8.20 -24.59
N GLU G 115 0.50 7.55 -23.43
CA GLU G 115 1.43 6.46 -23.16
C GLU G 115 0.89 5.05 -23.45
N TYR G 116 -0.41 4.92 -23.76
CA TYR G 116 -0.97 3.58 -23.97
C TYR G 116 -1.81 3.36 -25.23
N LYS G 117 -1.75 4.27 -26.21
CA LYS G 117 -2.32 3.95 -27.52
C LYS G 117 -1.54 2.76 -28.01
N ASP G 118 -2.21 1.84 -28.70
CA ASP G 118 -1.63 0.58 -29.20
C ASP G 118 -1.55 -0.51 -28.14
N SER G 119 -1.41 -0.09 -26.89
CA SER G 119 -1.27 -1.00 -25.78
C SER G 119 -2.64 -1.41 -25.22
N VAL G 120 -3.53 -0.43 -25.07
CA VAL G 120 -4.85 -0.69 -24.51
C VAL G 120 -5.96 -0.76 -25.56
N ASP G 121 -6.94 -1.63 -25.31
CA ASP G 121 -8.12 -1.70 -26.16
C ASP G 121 -9.27 -0.90 -25.54
N GLN G 122 -9.98 -1.49 -24.57
CA GLN G 122 -11.15 -0.82 -24.01
C GLN G 122 -10.90 -0.17 -22.66
N ILE G 123 -11.62 0.92 -22.41
CA ILE G 123 -11.47 1.64 -21.16
C ILE G 123 -12.72 1.48 -20.31
N PHE G 124 -12.54 0.98 -19.09
CA PHE G 124 -13.64 0.80 -18.16
C PHE G 124 -13.49 1.69 -16.94
N VAL G 125 -14.51 2.48 -16.67
CA VAL G 125 -14.60 3.23 -15.43
C VAL G 125 -15.42 2.40 -14.45
N VAL G 126 -14.85 2.21 -13.27
CA VAL G 126 -15.17 1.06 -12.44
C VAL G 126 -15.59 1.50 -11.01
N GLY G 127 -15.72 2.81 -10.81
CA GLY G 127 -16.18 3.36 -9.55
C GLY G 127 -15.13 4.24 -8.91
N GLY G 128 -15.49 5.03 -7.90
CA GLY G 128 -16.84 5.08 -7.36
C GLY G 128 -17.64 6.25 -7.88
N ALA G 129 -18.47 6.84 -7.01
CA ALA G 129 -19.40 7.88 -7.44
C ALA G 129 -18.67 9.06 -8.05
N GLY G 130 -17.53 9.42 -7.50
CA GLY G 130 -16.71 10.49 -8.01
C GLY G 130 -16.40 10.34 -9.49
N LEU G 131 -16.01 9.14 -9.88
CA LEU G 131 -15.66 8.88 -11.28
C LEU G 131 -16.84 8.69 -12.20
N TYR G 132 -17.90 8.03 -11.71
CA TYR G 132 -19.09 7.81 -12.54
C TYR G 132 -19.65 9.18 -12.91
N GLU G 133 -19.71 10.04 -11.90
CA GLU G 133 -20.16 11.40 -12.04
C GLU G 133 -19.34 12.16 -13.08
N ALA G 134 -18.03 12.12 -12.93
CA ALA G 134 -17.15 12.80 -13.87
C ALA G 134 -17.32 12.25 -15.29
N ALA G 135 -17.36 10.93 -15.41
CA ALA G 135 -17.49 10.30 -16.72
C ALA G 135 -18.80 10.67 -17.43
N LEU G 136 -19.86 10.86 -16.66
CA LEU G 136 -21.15 11.23 -17.22
C LEU G 136 -21.19 12.71 -17.59
N SER G 137 -20.58 13.54 -16.74
CA SER G 137 -20.44 14.97 -17.00
C SER G 137 -19.64 15.23 -18.27
N LEU G 138 -18.54 14.51 -18.44
CA LEU G 138 -17.71 14.66 -19.63
C LEU G 138 -18.43 14.15 -20.86
N GLY G 139 -19.42 13.31 -20.65
CA GLY G 139 -20.14 12.70 -21.75
C GLY G 139 -19.29 11.72 -22.54
N VAL G 140 -18.37 11.03 -21.88
CA VAL G 140 -17.48 10.11 -22.58
C VAL G 140 -17.88 8.64 -22.49
N ALA G 141 -18.95 8.35 -21.75
CA ALA G 141 -19.41 6.97 -21.62
C ALA G 141 -20.32 6.59 -22.79
N SER G 142 -19.92 5.58 -23.54
CA SER G 142 -20.76 5.10 -24.63
C SER G 142 -21.75 4.05 -24.15
N HIS G 143 -21.34 3.25 -23.17
CA HIS G 143 -22.19 2.19 -22.65
C HIS G 143 -22.13 2.09 -21.13
N LEU G 144 -23.23 1.68 -20.53
CA LEU G 144 -23.26 1.40 -19.11
C LEU G 144 -23.59 -0.07 -18.92
N TYR G 145 -22.70 -0.79 -18.25
CA TYR G 145 -22.97 -2.15 -17.82
C TYR G 145 -23.48 -2.10 -16.40
N ILE G 146 -24.79 -2.26 -16.22
CA ILE G 146 -25.39 -2.12 -14.92
C ILE G 146 -25.91 -3.46 -14.42
N THR G 147 -25.46 -3.85 -13.24
CA THR G 147 -26.04 -5.00 -12.56
C THR G 147 -27.13 -4.42 -11.65
N ARG G 148 -28.39 -4.72 -11.93
CA ARG G 148 -29.47 -4.17 -11.11
C ARG G 148 -29.73 -5.09 -9.95
N VAL G 149 -29.32 -4.68 -8.76
CA VAL G 149 -29.65 -5.44 -7.58
C VAL G 149 -31.07 -5.05 -7.20
N ALA G 150 -31.93 -6.05 -7.04
CA ALA G 150 -33.37 -5.80 -6.87
C ALA G 150 -33.75 -5.42 -5.43
N ARG G 151 -32.92 -5.79 -4.47
CA ARG G 151 -33.18 -5.44 -3.09
C ARG G 151 -32.53 -4.13 -2.71
N GLU G 152 -33.15 -3.45 -1.77
CA GLU G 152 -32.55 -2.27 -1.20
C GLU G 152 -31.64 -2.68 -0.04
N PHE G 153 -30.61 -1.89 0.18
CA PHE G 153 -29.67 -2.12 1.26
C PHE G 153 -29.23 -0.77 1.76
N PRO G 154 -28.83 -0.70 3.03
CA PRO G 154 -28.22 0.53 3.54
C PRO G 154 -27.03 0.92 2.65
N CYS G 155 -27.04 2.14 2.13
CA CYS G 155 -25.94 2.64 1.33
C CYS G 155 -25.62 4.08 1.71
N ASP G 156 -24.35 4.45 1.65
CA ASP G 156 -23.99 5.85 1.87
C ASP G 156 -23.38 6.49 0.62
N VAL G 157 -23.18 5.67 -0.40
CA VAL G 157 -22.68 6.16 -1.68
C VAL G 157 -23.61 5.75 -2.82
N PHE G 158 -23.84 6.66 -3.77
CA PHE G 158 -24.85 6.47 -4.79
C PHE G 158 -24.34 6.75 -6.19
N PHE G 159 -24.82 5.97 -7.15
CA PHE G 159 -24.60 6.27 -8.56
C PHE G 159 -25.40 7.53 -8.84
N PRO G 160 -24.87 8.42 -9.71
CA PRO G 160 -25.59 9.66 -9.94
C PRO G 160 -26.86 9.45 -10.76
N ALA G 161 -27.79 10.37 -10.63
CA ALA G 161 -28.99 10.37 -11.44
C ALA G 161 -28.56 10.56 -12.88
N PHE G 162 -29.21 9.85 -13.80
CA PHE G 162 -28.90 9.96 -15.21
C PHE G 162 -30.17 9.78 -16.02
N PRO G 163 -30.22 10.42 -17.19
CA PRO G 163 -31.39 10.24 -18.07
C PRO G 163 -31.47 8.80 -18.55
N GLY G 164 -32.58 8.15 -18.22
CA GLY G 164 -32.74 6.74 -18.48
C GLY G 164 -32.69 5.91 -17.21
N ASP G 165 -32.61 6.55 -16.05
CA ASP G 165 -32.52 5.79 -14.81
C ASP G 165 -33.86 5.23 -14.34
N ASP G 166 -34.86 5.34 -15.21
CA ASP G 166 -36.11 4.64 -14.99
C ASP G 166 -35.98 3.12 -15.10
N ILE G 167 -34.88 2.59 -15.66
CA ILE G 167 -34.67 1.13 -15.61
C ILE G 167 -34.40 0.64 -14.19
N LEU G 168 -34.15 1.56 -13.27
CA LEU G 168 -33.89 1.17 -11.89
C LEU G 168 -35.14 1.20 -11.03
N SER G 169 -35.92 2.26 -11.15
CA SER G 169 -37.11 2.41 -10.33
C SER G 169 -38.00 3.52 -10.87
N ASN G 170 -39.22 3.58 -10.36
CA ASN G 170 -40.18 4.56 -10.81
C ASN G 170 -39.80 5.98 -10.36
N LYS G 171 -40.16 6.96 -11.17
CA LYS G 171 -39.85 8.34 -10.85
C LYS G 171 -41.03 9.06 -10.19
N ALA G 181 -29.33 13.50 -25.17
CA ALA G 181 -28.47 12.49 -24.56
C ALA G 181 -29.22 11.66 -23.52
N THR G 182 -29.61 10.45 -23.90
CA THR G 182 -30.21 9.54 -22.94
C THR G 182 -29.56 8.15 -23.02
N TYR G 183 -29.66 7.39 -21.95
CA TYR G 183 -29.03 6.09 -21.89
C TYR G 183 -30.10 5.01 -21.98
N ARG G 184 -30.17 4.34 -23.12
CA ARG G 184 -31.26 3.41 -23.38
C ARG G 184 -30.81 1.96 -23.37
N PRO G 185 -31.66 1.08 -22.82
CA PRO G 185 -31.31 -0.33 -22.68
C PRO G 185 -31.41 -1.10 -23.98
N ILE G 186 -30.44 -1.96 -24.18
CA ILE G 186 -30.26 -2.66 -25.43
C ILE G 186 -30.16 -4.14 -25.10
N PHE G 187 -30.00 -4.43 -23.81
CA PHE G 187 -29.75 -5.76 -23.32
C PHE G 187 -30.40 -5.86 -21.95
N ILE G 188 -31.24 -6.88 -21.75
CA ILE G 188 -31.79 -7.17 -20.43
C ILE G 188 -31.80 -8.68 -20.21
N SER G 189 -31.01 -9.15 -19.26
CA SER G 189 -30.89 -10.59 -19.01
C SER G 189 -32.06 -11.13 -18.19
N LYS G 190 -32.10 -12.44 -18.01
CA LYS G 190 -33.03 -12.99 -17.05
C LYS G 190 -32.50 -12.75 -15.64
N THR G 191 -33.27 -13.13 -14.63
CA THR G 191 -32.92 -12.86 -13.26
C THR G 191 -32.03 -13.93 -12.65
N PHE G 192 -31.00 -13.48 -11.94
CA PHE G 192 -30.11 -14.37 -11.23
C PHE G 192 -30.32 -14.11 -9.75
N SER G 193 -29.72 -14.96 -8.93
CA SER G 193 -29.66 -14.67 -7.50
C SER G 193 -28.52 -15.42 -6.85
N ASP G 194 -28.04 -14.85 -5.75
CA ASP G 194 -27.04 -15.46 -4.88
C ASP G 194 -27.35 -14.91 -3.51
N ASN G 195 -27.22 -15.76 -2.48
CA ASN G 195 -27.37 -15.32 -1.10
C ASN G 195 -28.65 -14.54 -0.80
N GLY G 196 -29.75 -14.94 -1.44
CA GLY G 196 -31.04 -14.34 -1.17
C GLY G 196 -31.25 -12.98 -1.82
N VAL G 197 -30.42 -12.68 -2.80
CA VAL G 197 -30.50 -11.41 -3.50
C VAL G 197 -30.76 -11.61 -4.98
N PRO G 198 -31.88 -11.10 -5.49
CA PRO G 198 -32.18 -11.18 -6.92
C PRO G 198 -31.47 -10.05 -7.66
N TYR G 199 -31.08 -10.30 -8.90
CA TYR G 199 -30.46 -9.26 -9.71
C TYR G 199 -30.35 -9.65 -11.17
N ASP G 200 -30.13 -8.66 -12.03
CA ASP G 200 -29.90 -8.97 -13.42
C ASP G 200 -28.90 -8.02 -14.08
N PHE G 201 -28.69 -8.21 -15.37
CA PHE G 201 -27.72 -7.42 -16.08
C PHE G 201 -28.37 -6.67 -17.23
N VAL G 202 -28.11 -5.37 -17.29
CA VAL G 202 -28.52 -4.59 -18.43
C VAL G 202 -27.34 -3.84 -19.01
N VAL G 203 -27.38 -3.59 -20.30
CA VAL G 203 -26.41 -2.73 -20.93
C VAL G 203 -27.18 -1.59 -21.53
N LEU G 204 -26.77 -0.37 -21.20
CA LEU G 204 -27.39 0.80 -21.77
C LEU G 204 -26.43 1.41 -22.77
N GLU G 205 -26.98 2.16 -23.71
CA GLU G 205 -26.19 2.77 -24.77
C GLU G 205 -26.62 4.21 -24.89
N LYS G 206 -25.66 5.11 -25.02
CA LYS G 206 -25.91 6.54 -25.14
C LYS G 206 -26.54 6.80 -26.50
N ARG G 207 -27.67 7.49 -26.54
CA ARG G 207 -28.41 7.62 -27.79
C ARG G 207 -28.64 9.04 -28.31
N ARG G 208 -29.00 9.97 -27.42
CA ARG G 208 -29.46 11.29 -27.84
C ARG G 208 -30.69 11.21 -28.76
N SER G 241 -23.13 -20.01 -55.04
CA SER G 241 -24.39 -20.71 -54.87
C SER G 241 -24.35 -21.74 -53.74
N SER G 242 -23.82 -21.34 -52.59
CA SER G 242 -23.87 -22.16 -51.39
C SER G 242 -25.31 -22.34 -50.98
N ALA G 243 -25.80 -21.41 -50.15
CA ALA G 243 -27.22 -21.34 -49.86
C ALA G 243 -27.78 -20.05 -50.44
N ALA G 244 -26.90 -19.26 -51.04
CA ALA G 244 -27.33 -18.11 -51.82
C ALA G 244 -28.23 -18.63 -52.91
N ALA G 245 -27.86 -19.80 -53.43
CA ALA G 245 -28.62 -20.49 -54.47
C ALA G 245 -30.10 -20.69 -54.16
N ILE G 246 -30.45 -20.62 -52.89
CA ILE G 246 -31.75 -21.09 -52.42
C ILE G 246 -32.71 -19.98 -52.02
N ALA G 247 -32.18 -18.78 -51.86
CA ALA G 247 -33.02 -17.63 -51.52
C ALA G 247 -34.13 -17.22 -52.53
N PRO G 248 -34.10 -17.70 -53.79
CA PRO G 248 -35.26 -17.46 -54.64
C PRO G 248 -36.54 -18.23 -54.27
N VAL G 249 -36.42 -19.48 -53.86
CA VAL G 249 -37.60 -20.24 -53.44
C VAL G 249 -38.04 -19.71 -52.08
N LEU G 250 -37.05 -19.43 -51.23
CA LEU G 250 -37.31 -18.76 -49.96
C LEU G 250 -38.00 -17.42 -50.19
N ALA G 251 -37.49 -16.65 -51.16
CA ALA G 251 -38.05 -15.32 -51.46
C ALA G 251 -39.56 -15.33 -51.66
N TRP G 252 -40.05 -16.25 -52.49
CA TRP G 252 -41.48 -16.28 -52.79
C TRP G 252 -42.32 -16.90 -51.67
N MET G 253 -41.69 -17.66 -50.78
CA MET G 253 -42.40 -18.26 -49.65
C MET G 253 -42.40 -17.35 -48.42
N ASP G 254 -41.67 -16.24 -48.50
CA ASP G 254 -41.40 -15.38 -47.35
C ASP G 254 -42.37 -14.21 -47.26
N GLU G 255 -42.48 -13.61 -46.07
CA GLU G 255 -43.24 -12.38 -45.84
C GLU G 255 -42.36 -11.30 -45.22
N LEU G 266 -45.51 -4.72 -36.34
CA LEU G 266 -46.04 -3.38 -36.09
C LEU G 266 -45.93 -3.01 -34.61
N ILE G 267 -46.80 -3.56 -33.77
CA ILE G 267 -46.66 -3.33 -32.33
C ILE G 267 -45.58 -4.27 -31.78
N ARG G 268 -44.68 -3.72 -30.98
CA ARG G 268 -43.59 -4.50 -30.39
C ARG G 268 -43.18 -3.88 -29.06
N ALA G 269 -42.93 -4.71 -28.06
CA ALA G 269 -42.69 -4.25 -26.68
C ALA G 269 -41.73 -3.04 -26.58
N VAL G 270 -40.46 -3.29 -26.28
CA VAL G 270 -39.52 -2.18 -26.22
C VAL G 270 -38.45 -2.49 -27.23
N PRO G 271 -38.68 -2.12 -28.50
CA PRO G 271 -37.95 -2.72 -29.59
C PRO G 271 -36.48 -2.34 -29.61
N HIS G 272 -36.14 -1.27 -28.91
CA HIS G 272 -34.74 -0.89 -28.78
C HIS G 272 -33.96 -1.90 -27.94
N VAL G 273 -34.66 -2.78 -27.22
CA VAL G 273 -34.02 -3.87 -26.48
C VAL G 273 -33.72 -5.07 -27.39
N HIS G 274 -32.46 -5.27 -27.73
CA HIS G 274 -32.11 -6.29 -28.72
C HIS G 274 -31.89 -7.68 -28.14
N PHE G 275 -31.18 -7.78 -27.03
CA PHE G 275 -31.12 -9.06 -26.33
C PHE G 275 -32.22 -9.14 -25.28
N ARG G 276 -33.21 -9.97 -25.55
CA ARG G 276 -34.41 -10.02 -24.74
C ARG G 276 -34.43 -11.25 -23.84
N GLY G 277 -33.50 -11.27 -22.88
CA GLY G 277 -33.33 -12.42 -22.01
C GLY G 277 -34.36 -12.53 -20.90
N HIS G 278 -34.82 -11.39 -20.38
CA HIS G 278 -35.80 -11.40 -19.31
C HIS G 278 -37.01 -12.24 -19.71
N GLU G 279 -37.39 -13.16 -18.83
CA GLU G 279 -38.46 -14.09 -19.15
C GLU G 279 -39.81 -13.40 -19.30
N GLU G 280 -39.94 -12.19 -18.74
CA GLU G 280 -41.16 -11.41 -18.89
C GLU G 280 -41.39 -10.97 -20.34
N PHE G 281 -40.36 -11.05 -21.17
CA PHE G 281 -40.54 -10.76 -22.59
C PHE G 281 -41.50 -11.74 -23.25
N GLN G 282 -41.66 -12.93 -22.67
CA GLN G 282 -42.63 -13.89 -23.19
C GLN G 282 -44.03 -13.31 -23.11
N TYR G 283 -44.34 -12.65 -21.99
CA TYR G 283 -45.67 -12.08 -21.77
C TYR G 283 -45.89 -10.87 -22.67
N LEU G 284 -44.89 -10.01 -22.73
CA LEU G 284 -44.99 -8.79 -23.52
C LEU G 284 -45.08 -9.11 -25.01
N ASP G 285 -44.30 -10.08 -25.47
CA ASP G 285 -44.37 -10.53 -26.85
C ASP G 285 -45.70 -11.22 -27.16
N LEU G 286 -46.29 -11.86 -26.16
CA LEU G 286 -47.58 -12.49 -26.33
C LEU G 286 -48.64 -11.40 -26.57
N ILE G 287 -48.57 -10.32 -25.79
CA ILE G 287 -49.51 -9.21 -25.98
C ILE G 287 -49.41 -8.64 -27.39
N ALA G 288 -48.20 -8.36 -27.84
CA ALA G 288 -47.97 -7.83 -29.18
C ALA G 288 -48.47 -8.79 -30.26
N ASP G 289 -48.23 -10.09 -30.05
CA ASP G 289 -48.57 -11.11 -31.01
C ASP G 289 -50.10 -11.17 -31.22
N ILE G 290 -50.84 -11.10 -30.12
CA ILE G 290 -52.30 -11.11 -30.18
C ILE G 290 -52.84 -9.86 -30.86
N ILE G 291 -52.26 -8.72 -30.56
CA ILE G 291 -52.69 -7.48 -31.17
C ILE G 291 -52.34 -7.41 -32.66
N ASN G 292 -51.12 -7.82 -33.01
CA ASN G 292 -50.71 -7.83 -34.41
C ASN G 292 -51.44 -8.87 -35.25
N ASN G 293 -51.54 -10.09 -34.71
CA ASN G 293 -51.91 -11.25 -35.49
C ASN G 293 -53.21 -11.92 -35.07
N GLY G 294 -53.82 -11.43 -34.00
CA GLY G 294 -55.03 -12.04 -33.50
C GLY G 294 -56.25 -11.60 -34.26
N ARG G 295 -57.35 -12.33 -34.08
CA ARG G 295 -58.58 -12.02 -34.79
C ARG G 295 -59.58 -11.39 -33.86
N THR G 296 -60.28 -10.38 -34.37
CA THR G 296 -61.32 -9.74 -33.59
C THR G 296 -62.57 -10.61 -33.60
N MET G 297 -63.08 -10.92 -32.41
CA MET G 297 -64.20 -11.84 -32.26
C MET G 297 -65.17 -11.30 -31.23
N ASP G 298 -66.40 -11.81 -31.25
CA ASP G 298 -67.33 -11.58 -30.15
C ASP G 298 -67.03 -12.55 -29.02
N ASP G 299 -67.83 -12.46 -27.96
CA ASP G 299 -67.41 -12.97 -26.68
C ASP G 299 -68.60 -12.99 -25.73
N ARG G 300 -68.58 -13.92 -24.78
CA ARG G 300 -69.67 -14.09 -23.82
C ARG G 300 -70.08 -12.79 -23.14
N THR G 301 -69.10 -11.93 -22.89
CA THR G 301 -69.32 -10.76 -22.03
C THR G 301 -69.85 -9.53 -22.75
N GLY G 302 -69.77 -9.52 -24.07
CA GLY G 302 -70.23 -8.37 -24.82
C GLY G 302 -69.15 -7.35 -25.12
N VAL G 303 -68.06 -7.39 -24.37
CA VAL G 303 -66.91 -6.54 -24.68
C VAL G 303 -66.25 -7.18 -25.89
N GLY G 304 -65.60 -6.39 -26.75
CA GLY G 304 -64.90 -7.00 -27.86
C GLY G 304 -63.72 -7.83 -27.38
N VAL G 305 -63.24 -8.75 -28.22
CA VAL G 305 -62.04 -9.49 -27.92
C VAL G 305 -61.18 -9.59 -29.17
N ILE G 306 -59.87 -9.61 -28.99
CA ILE G 306 -58.97 -10.05 -30.05
C ILE G 306 -58.29 -11.31 -29.55
N SER G 307 -58.37 -12.39 -30.31
CA SER G 307 -57.94 -13.66 -29.77
C SER G 307 -56.98 -14.47 -30.64
N LYS G 308 -56.21 -15.32 -29.98
CA LYS G 308 -55.42 -16.37 -30.63
C LYS G 308 -55.67 -17.67 -29.89
N PHE G 309 -55.25 -18.77 -30.49
CA PHE G 309 -55.54 -20.08 -29.92
C PHE G 309 -54.27 -20.92 -29.85
N GLY G 310 -53.92 -21.33 -28.64
CA GLY G 310 -52.81 -22.24 -28.44
C GLY G 310 -51.53 -21.48 -28.21
N CYS G 311 -51.30 -21.08 -26.96
CA CYS G 311 -50.12 -20.30 -26.63
C CYS G 311 -49.42 -20.87 -25.42
N THR G 312 -48.17 -20.45 -25.23
CA THR G 312 -47.26 -21.13 -24.36
C THR G 312 -46.22 -20.17 -23.76
N MET G 313 -45.99 -20.28 -22.46
CA MET G 313 -44.90 -19.56 -21.81
C MET G 313 -44.29 -20.48 -20.78
N ARG G 314 -43.04 -20.21 -20.40
CA ARG G 314 -42.49 -20.91 -19.26
C ARG G 314 -41.54 -20.07 -18.43
N TYR G 315 -41.60 -20.27 -17.12
CA TYR G 315 -40.87 -19.42 -16.20
C TYR G 315 -40.02 -20.25 -15.23
N SER G 316 -38.74 -19.90 -15.13
CA SER G 316 -37.83 -20.57 -14.21
C SER G 316 -38.18 -20.15 -12.79
N LEU G 317 -38.02 -21.08 -11.85
CA LEU G 317 -38.38 -20.81 -10.46
C LEU G 317 -37.22 -21.06 -9.52
N ASP G 318 -36.05 -21.36 -10.08
CA ASP G 318 -34.90 -21.73 -9.25
C ASP G 318 -34.08 -20.52 -8.75
N GLN G 319 -34.08 -19.43 -9.52
CA GLN G 319 -33.34 -18.23 -9.14
C GLN G 319 -34.24 -17.18 -8.51
N ALA G 320 -35.39 -16.96 -9.13
CA ALA G 320 -36.30 -15.92 -8.69
C ALA G 320 -37.74 -16.29 -9.05
N PHE G 321 -38.67 -15.36 -8.86
CA PHE G 321 -40.09 -15.69 -8.96
C PHE G 321 -40.75 -14.75 -9.96
N PRO G 322 -41.52 -15.32 -10.91
CA PRO G 322 -42.14 -14.55 -11.99
C PRO G 322 -43.38 -13.76 -11.57
N LEU G 323 -43.20 -12.82 -10.66
CA LEU G 323 -44.21 -11.81 -10.38
C LEU G 323 -43.92 -10.64 -11.32
N LEU G 324 -44.74 -10.46 -12.34
CA LEU G 324 -44.41 -9.51 -13.42
C LEU G 324 -44.17 -8.09 -12.92
N THR G 325 -43.29 -7.38 -13.61
CA THR G 325 -42.80 -6.09 -13.12
C THR G 325 -43.20 -4.95 -14.02
N THR G 326 -43.78 -5.26 -15.16
CA THR G 326 -44.16 -4.21 -16.09
C THR G 326 -45.51 -3.58 -15.68
N LYS G 327 -46.14 -4.18 -14.67
CA LYS G 327 -47.15 -3.50 -13.84
C LYS G 327 -47.24 -4.24 -12.51
N ARG G 328 -47.65 -3.55 -11.46
CA ARG G 328 -47.75 -4.18 -10.15
C ARG G 328 -48.84 -5.26 -10.17
N VAL G 329 -48.49 -6.45 -9.68
CA VAL G 329 -49.45 -7.55 -9.57
C VAL G 329 -49.94 -7.64 -8.12
N PHE G 330 -51.22 -8.01 -7.95
CA PHE G 330 -51.87 -8.03 -6.63
C PHE G 330 -51.46 -9.30 -5.85
N TRP G 331 -50.29 -9.26 -5.21
CA TRP G 331 -49.74 -10.46 -4.57
C TRP G 331 -50.62 -10.97 -3.45
N LYS G 332 -51.13 -10.06 -2.64
CA LYS G 332 -52.00 -10.43 -1.54
C LYS G 332 -53.19 -11.21 -2.09
N GLY G 333 -53.70 -10.76 -3.23
CA GLY G 333 -54.76 -11.46 -3.92
C GLY G 333 -54.39 -12.85 -4.40
N VAL G 334 -53.23 -13.02 -5.03
CA VAL G 334 -52.88 -14.36 -5.48
C VAL G 334 -52.64 -15.28 -4.30
N LEU G 335 -51.98 -14.79 -3.26
CA LEU G 335 -51.73 -15.61 -2.09
C LEU G 335 -53.03 -16.04 -1.42
N GLU G 336 -53.91 -15.08 -1.17
CA GLU G 336 -55.14 -15.36 -0.44
C GLU G 336 -56.08 -16.29 -1.23
N GLU G 337 -56.15 -16.10 -2.54
CA GLU G 337 -56.94 -16.99 -3.39
C GLU G 337 -56.39 -18.41 -3.42
N LEU G 338 -55.07 -18.55 -3.48
CA LEU G 338 -54.48 -19.88 -3.53
C LEU G 338 -54.74 -20.66 -2.24
N LEU G 339 -54.60 -19.99 -1.11
CA LEU G 339 -54.87 -20.61 0.19
C LEU G 339 -56.33 -21.03 0.29
N TRP G 340 -57.18 -20.20 -0.29
CA TRP G 340 -58.63 -20.41 -0.34
C TRP G 340 -58.96 -21.67 -1.16
N PHE G 341 -58.36 -21.78 -2.35
CA PHE G 341 -58.44 -23.00 -3.16
C PHE G 341 -58.02 -24.23 -2.37
N ILE G 342 -56.87 -24.14 -1.72
CA ILE G 342 -56.31 -25.26 -1.00
C ILE G 342 -57.25 -25.76 0.10
N ARG G 343 -57.95 -24.84 0.76
CA ARG G 343 -58.93 -25.20 1.80
C ARG G 343 -60.15 -25.92 1.26
N GLY G 344 -60.32 -25.90 -0.06
CA GLY G 344 -61.53 -26.41 -0.68
C GLY G 344 -62.69 -25.46 -0.45
N ASP G 345 -62.37 -24.18 -0.20
CA ASP G 345 -63.38 -23.18 0.14
C ASP G 345 -64.12 -22.62 -1.08
N THR G 346 -65.43 -22.46 -0.95
CA THR G 346 -66.25 -21.98 -2.07
C THR G 346 -67.05 -20.72 -1.74
N ASN G 347 -66.70 -20.09 -0.61
CA ASN G 347 -67.36 -18.86 -0.20
C ASN G 347 -66.47 -17.66 -0.51
N ALA G 348 -66.83 -16.91 -1.56
CA ALA G 348 -66.03 -15.76 -1.94
C ALA G 348 -66.07 -14.60 -0.94
N ASN G 349 -67.02 -14.63 -0.01
CA ASN G 349 -67.08 -13.59 1.02
C ASN G 349 -65.86 -13.68 1.92
N HIS G 350 -65.34 -14.90 2.09
CA HIS G 350 -64.14 -15.12 2.87
C HIS G 350 -62.93 -14.40 2.28
N LEU G 351 -62.93 -14.24 0.96
CA LEU G 351 -61.88 -13.46 0.30
C LEU G 351 -62.20 -11.98 0.37
N SER G 352 -63.45 -11.66 0.08
CA SER G 352 -63.87 -10.28 -0.02
C SER G 352 -63.61 -9.57 1.30
N GLU G 353 -63.82 -10.30 2.39
CA GLU G 353 -63.64 -9.77 3.74
C GLU G 353 -62.17 -9.48 4.07
N LYS G 354 -61.25 -10.01 3.26
CA LYS G 354 -59.82 -9.74 3.46
C LYS G 354 -59.31 -8.71 2.46
N GLY G 355 -60.22 -8.01 1.79
CA GLY G 355 -59.83 -7.02 0.80
C GLY G 355 -59.51 -7.62 -0.55
N VAL G 356 -59.91 -8.87 -0.77
CA VAL G 356 -59.67 -9.53 -2.05
C VAL G 356 -60.99 -9.72 -2.80
N LYS G 357 -61.30 -8.79 -3.70
CA LYS G 357 -62.62 -8.71 -4.27
C LYS G 357 -62.73 -9.34 -5.66
N ILE G 358 -61.71 -10.10 -6.04
CA ILE G 358 -61.61 -10.66 -7.39
C ILE G 358 -62.79 -11.52 -7.86
N TRP G 359 -63.49 -12.15 -6.92
CA TRP G 359 -64.59 -13.03 -7.29
C TRP G 359 -65.99 -12.41 -7.10
N ASP G 360 -66.03 -11.22 -6.51
CA ASP G 360 -67.29 -10.60 -6.12
C ASP G 360 -68.30 -10.37 -7.25
N LYS G 361 -67.81 -9.92 -8.41
CA LYS G 361 -68.70 -9.61 -9.53
C LYS G 361 -69.34 -10.84 -10.16
N ASN G 362 -68.74 -12.01 -9.95
CA ASN G 362 -69.26 -13.22 -10.55
C ASN G 362 -70.07 -14.05 -9.56
N VAL G 363 -70.27 -13.49 -8.37
CA VAL G 363 -71.10 -14.15 -7.38
C VAL G 363 -72.18 -13.23 -6.84
N THR G 364 -72.51 -12.17 -7.58
CA THR G 364 -73.63 -11.32 -7.20
C THR G 364 -74.94 -12.05 -7.44
N ARG G 365 -76.02 -11.51 -6.88
CA ARG G 365 -77.35 -12.10 -7.08
C ARG G 365 -77.66 -12.10 -8.56
N GLU G 366 -77.31 -11.00 -9.21
CA GLU G 366 -77.56 -10.83 -10.62
C GLU G 366 -76.83 -11.87 -11.46
N PHE G 367 -75.53 -12.02 -11.23
CA PHE G 367 -74.75 -12.92 -12.06
C PHE G 367 -75.16 -14.37 -11.82
N LEU G 368 -75.39 -14.71 -10.57
CA LEU G 368 -75.82 -16.06 -10.26
C LEU G 368 -77.13 -16.39 -11.01
N ASP G 369 -78.11 -15.49 -10.98
CA ASP G 369 -79.37 -15.72 -11.69
C ASP G 369 -79.18 -15.80 -13.20
N SER G 370 -78.25 -15.00 -13.71
CA SER G 370 -77.93 -15.02 -15.14
C SER G 370 -77.43 -16.41 -15.53
N ARG G 371 -77.11 -17.23 -14.54
CA ARG G 371 -76.67 -18.58 -14.79
C ARG G 371 -77.62 -19.64 -14.26
N ASN G 372 -78.84 -19.22 -13.95
CA ASN G 372 -79.86 -20.12 -13.43
C ASN G 372 -79.50 -20.78 -12.12
N LEU G 373 -78.86 -20.03 -11.23
CA LEU G 373 -78.65 -20.54 -9.89
C LEU G 373 -79.35 -19.69 -8.85
N PRO G 374 -80.67 -19.47 -8.98
CA PRO G 374 -81.31 -18.56 -8.01
C PRO G 374 -81.18 -19.09 -6.59
N HIS G 375 -81.00 -20.40 -6.46
CA HIS G 375 -80.83 -21.06 -5.16
C HIS G 375 -79.51 -20.73 -4.46
N ARG G 376 -78.58 -20.07 -5.15
CA ARG G 376 -77.28 -19.74 -4.56
C ARG G 376 -77.26 -18.46 -3.76
N GLU G 377 -76.75 -18.57 -2.54
CA GLU G 377 -76.49 -17.44 -1.68
C GLU G 377 -75.41 -16.58 -2.33
N VAL G 378 -75.41 -15.28 -2.06
CA VAL G 378 -74.42 -14.38 -2.61
C VAL G 378 -73.04 -14.76 -2.08
N GLY G 379 -72.07 -14.88 -2.97
CA GLY G 379 -70.74 -15.32 -2.59
C GLY G 379 -70.42 -16.77 -2.92
N ASP G 380 -71.44 -17.57 -3.21
CA ASP G 380 -71.26 -19.01 -3.40
C ASP G 380 -70.85 -19.37 -4.83
N ILE G 381 -69.56 -19.66 -5.05
CA ILE G 381 -69.09 -19.99 -6.39
C ILE G 381 -69.52 -21.37 -6.87
N GLY G 382 -70.13 -22.15 -5.99
CA GLY G 382 -70.55 -23.50 -6.35
C GLY G 382 -69.40 -24.48 -6.21
N PRO G 383 -69.56 -25.67 -6.80
CA PRO G 383 -68.53 -26.70 -6.69
C PRO G 383 -67.38 -26.50 -7.69
N GLY G 384 -66.67 -25.39 -7.57
CA GLY G 384 -65.58 -25.10 -8.48
C GLY G 384 -64.22 -25.04 -7.82
N TYR G 385 -63.19 -24.85 -8.65
CA TYR G 385 -61.78 -24.78 -8.25
C TYR G 385 -61.37 -25.64 -7.05
N GLY G 386 -61.21 -25.03 -5.89
CA GLY G 386 -60.75 -25.74 -4.71
C GLY G 386 -61.62 -26.91 -4.30
N PHE G 387 -62.92 -26.79 -4.52
CA PHE G 387 -63.84 -27.88 -4.23
C PHE G 387 -63.49 -29.12 -5.04
N GLN G 388 -63.30 -28.96 -6.34
CA GLN G 388 -62.90 -30.09 -7.18
C GLN G 388 -61.49 -30.60 -6.86
N TRP G 389 -60.58 -29.69 -6.49
CA TRP G 389 -59.23 -30.08 -6.08
C TRP G 389 -59.26 -31.05 -4.91
N ARG G 390 -60.02 -30.70 -3.88
CA ARG G 390 -59.98 -31.42 -2.63
C ARG G 390 -61.10 -32.45 -2.53
N HIS G 391 -62.14 -32.28 -3.33
CA HIS G 391 -63.31 -33.14 -3.20
C HIS G 391 -63.94 -33.49 -4.53
N PHE G 392 -63.11 -33.86 -5.50
CA PHE G 392 -63.62 -34.09 -6.84
C PHE G 392 -64.81 -35.04 -6.84
N GLY G 393 -65.90 -34.61 -7.48
CA GLY G 393 -67.04 -35.47 -7.67
C GLY G 393 -68.02 -35.54 -6.51
N ALA G 394 -67.71 -34.88 -5.40
CA ALA G 394 -68.61 -34.88 -4.27
C ALA G 394 -69.90 -34.12 -4.62
N ALA G 395 -71.00 -34.48 -3.95
CA ALA G 395 -72.29 -33.84 -4.20
C ALA G 395 -72.34 -32.52 -3.45
N TYR G 396 -72.45 -31.42 -4.18
CA TYR G 396 -72.43 -30.10 -3.56
C TYR G 396 -73.77 -29.72 -2.96
N LYS G 397 -73.73 -29.09 -1.80
CA LYS G 397 -74.93 -28.51 -1.21
C LYS G 397 -74.83 -27.00 -1.24
N ASP G 398 -74.09 -26.43 -0.29
CA ASP G 398 -73.74 -25.02 -0.33
C ASP G 398 -72.37 -24.75 0.29
N MET G 399 -71.97 -23.48 0.30
CA MET G 399 -70.63 -23.12 0.78
C MET G 399 -70.42 -23.32 2.28
N HIS G 400 -71.50 -23.61 3.02
CA HIS G 400 -71.41 -23.72 4.48
C HIS G 400 -71.26 -25.16 4.95
N THR G 401 -71.22 -26.09 4.00
CA THR G 401 -71.23 -27.51 4.33
C THR G 401 -69.82 -28.06 4.53
N ASP G 402 -69.70 -29.04 5.41
CA ASP G 402 -68.44 -29.73 5.64
C ASP G 402 -68.37 -30.93 4.70
N TYR G 403 -67.38 -30.93 3.82
CA TYR G 403 -67.24 -32.00 2.84
C TYR G 403 -66.06 -32.90 3.14
N THR G 404 -65.47 -32.73 4.33
CA THR G 404 -64.29 -33.50 4.70
C THR G 404 -64.50 -34.99 4.42
N GLY G 405 -63.64 -35.53 3.57
CA GLY G 405 -63.70 -36.95 3.25
C GLY G 405 -64.68 -37.32 2.16
N GLN G 406 -65.34 -36.34 1.55
CA GLN G 406 -66.19 -36.61 0.40
C GLN G 406 -65.41 -36.37 -0.89
N GLY G 407 -65.60 -37.25 -1.87
CA GLY G 407 -64.94 -37.10 -3.17
C GLY G 407 -63.46 -37.37 -3.14
N VAL G 408 -62.78 -37.08 -4.25
CA VAL G 408 -61.37 -37.38 -4.38
C VAL G 408 -60.47 -36.20 -4.02
N ASP G 409 -59.59 -36.38 -3.04
CA ASP G 409 -58.64 -35.34 -2.71
C ASP G 409 -57.43 -35.43 -3.63
N GLN G 410 -57.53 -34.74 -4.76
CA GLN G 410 -56.50 -34.81 -5.79
C GLN G 410 -55.19 -34.21 -5.33
N LEU G 411 -55.26 -33.15 -4.55
CA LEU G 411 -54.04 -32.47 -4.13
C LEU G 411 -53.25 -33.39 -3.19
N LYS G 412 -53.96 -34.10 -2.34
CA LYS G 412 -53.32 -35.07 -1.47
C LYS G 412 -52.67 -36.19 -2.27
N ASN G 413 -53.37 -36.72 -3.27
CA ASN G 413 -52.82 -37.78 -4.12
C ASN G 413 -51.56 -37.35 -4.85
N VAL G 414 -51.59 -36.14 -5.38
CA VAL G 414 -50.43 -35.58 -6.05
C VAL G 414 -49.23 -35.49 -5.12
N ILE G 415 -49.45 -34.93 -3.93
CA ILE G 415 -48.36 -34.77 -2.98
C ILE G 415 -47.77 -36.12 -2.56
N GLN G 416 -48.64 -37.07 -2.25
CA GLN G 416 -48.18 -38.41 -1.85
C GLN G 416 -47.45 -39.14 -2.97
N MET G 417 -47.90 -38.97 -4.20
CA MET G 417 -47.19 -39.57 -5.31
C MET G 417 -45.82 -38.91 -5.49
N LEU G 418 -45.75 -37.60 -5.29
CA LEU G 418 -44.49 -36.89 -5.39
C LEU G 418 -43.49 -37.35 -4.33
N ARG G 419 -44.00 -37.66 -3.14
CA ARG G 419 -43.12 -38.04 -2.03
C ARG G 419 -42.62 -39.48 -2.17
N THR G 420 -43.41 -40.33 -2.82
CA THR G 420 -43.14 -41.76 -2.83
C THR G 420 -42.75 -42.35 -4.18
N ASN G 421 -43.23 -41.76 -5.27
CA ASN G 421 -42.98 -42.32 -6.60
C ASN G 421 -42.91 -41.24 -7.65
N PRO G 422 -41.92 -40.35 -7.56
CA PRO G 422 -41.91 -39.12 -8.36
C PRO G 422 -41.74 -39.32 -9.87
N THR G 423 -41.48 -40.55 -10.32
CA THR G 423 -41.38 -40.82 -11.75
C THR G 423 -42.74 -41.20 -12.37
N ASP G 424 -43.77 -41.29 -11.53
CA ASP G 424 -45.13 -41.60 -11.99
C ASP G 424 -45.57 -40.56 -13.03
N ARG G 425 -46.45 -40.96 -13.95
CA ARG G 425 -46.85 -40.05 -15.01
C ARG G 425 -48.32 -39.65 -14.92
N ARG G 426 -48.88 -39.76 -13.72
CA ARG G 426 -50.30 -39.47 -13.50
C ARG G 426 -50.50 -38.40 -12.43
N MET G 427 -49.46 -37.60 -12.19
CA MET G 427 -49.51 -36.60 -11.14
C MET G 427 -50.26 -35.34 -11.59
N LEU G 428 -51.58 -35.47 -11.65
CA LEU G 428 -52.42 -34.41 -12.18
C LEU G 428 -53.53 -34.03 -11.23
N MET G 429 -54.03 -32.82 -11.39
CA MET G 429 -55.14 -32.32 -10.63
C MET G 429 -56.00 -31.55 -11.62
N THR G 430 -57.29 -31.83 -11.65
CA THR G 430 -58.19 -31.12 -12.55
C THR G 430 -59.36 -30.49 -11.80
N ALA G 431 -59.86 -29.37 -12.33
CA ALA G 431 -61.05 -28.75 -11.78
C ALA G 431 -62.19 -28.91 -12.77
N TRP G 432 -61.90 -29.52 -13.91
CA TRP G 432 -62.89 -29.63 -14.97
C TRP G 432 -63.74 -30.88 -14.79
N ASN G 433 -64.93 -30.68 -14.23
CA ASN G 433 -65.86 -31.76 -14.00
C ASN G 433 -67.16 -31.42 -14.73
N PRO G 434 -67.33 -31.97 -15.94
CA PRO G 434 -68.47 -31.69 -16.82
C PRO G 434 -69.81 -31.95 -16.14
N ALA G 435 -69.83 -32.78 -15.12
CA ALA G 435 -71.08 -33.09 -14.44
C ALA G 435 -71.52 -31.98 -13.48
N ALA G 436 -70.59 -31.09 -13.16
CA ALA G 436 -70.87 -30.08 -12.15
C ALA G 436 -70.76 -28.65 -12.70
N LEU G 437 -70.41 -28.52 -13.97
CA LEU G 437 -70.17 -27.21 -14.58
C LEU G 437 -71.36 -26.27 -14.44
N ASP G 438 -72.58 -26.79 -14.59
CA ASP G 438 -73.77 -25.95 -14.52
C ASP G 438 -74.07 -25.47 -13.10
N GLU G 439 -73.44 -26.09 -12.10
CA GLU G 439 -73.62 -25.67 -10.72
C GLU G 439 -72.62 -24.57 -10.33
N MET G 440 -71.64 -24.32 -11.19
CA MET G 440 -70.60 -23.35 -10.86
C MET G 440 -70.97 -21.95 -11.34
N ALA G 441 -70.56 -20.95 -10.57
CA ALA G 441 -70.74 -19.58 -10.97
C ALA G 441 -70.01 -19.33 -12.28
N LEU G 442 -68.80 -19.89 -12.39
CA LEU G 442 -68.05 -19.73 -13.62
C LEU G 442 -67.26 -21.01 -13.82
N PRO G 443 -67.36 -21.61 -15.01
CA PRO G 443 -66.57 -22.81 -15.24
C PRO G 443 -65.11 -22.44 -15.13
N PRO G 444 -64.28 -23.33 -14.57
CA PRO G 444 -62.90 -22.97 -14.29
C PRO G 444 -62.10 -22.56 -15.52
N CYS G 445 -61.24 -21.56 -15.35
CA CYS G 445 -60.37 -21.14 -16.42
C CYS G 445 -59.07 -21.93 -16.41
N HIS G 446 -58.39 -21.94 -15.26
CA HIS G 446 -57.24 -22.81 -15.10
C HIS G 446 -57.77 -24.15 -14.63
N LEU G 447 -57.70 -25.15 -15.50
CA LEU G 447 -58.49 -26.34 -15.26
C LEU G 447 -57.69 -27.60 -14.98
N LEU G 448 -56.39 -27.54 -15.22
CA LEU G 448 -55.58 -28.73 -15.05
C LEU G 448 -54.15 -28.36 -14.80
N CYS G 449 -53.51 -29.07 -13.88
CA CYS G 449 -52.08 -28.95 -13.72
C CYS G 449 -51.41 -30.29 -13.55
N GLN G 450 -50.17 -30.40 -14.03
CA GLN G 450 -49.44 -31.65 -13.96
C GLN G 450 -48.05 -31.40 -13.41
N PHE G 451 -47.58 -32.35 -12.60
CA PHE G 451 -46.28 -32.21 -11.98
C PHE G 451 -45.28 -33.21 -12.53
N TYR G 452 -44.01 -32.87 -12.36
CA TYR G 452 -42.93 -33.64 -12.94
C TYR G 452 -41.70 -33.43 -12.09
N VAL G 453 -40.97 -34.49 -11.84
CA VAL G 453 -39.73 -34.40 -11.10
C VAL G 453 -38.62 -35.01 -11.93
N ASN G 454 -37.50 -34.32 -12.00
CA ASN G 454 -36.41 -34.85 -12.77
C ASN G 454 -35.41 -35.65 -11.95
N ASP G 455 -34.31 -35.94 -12.62
CA ASP G 455 -33.02 -36.35 -12.10
C ASP G 455 -32.62 -35.91 -10.69
N GLN G 456 -32.81 -34.63 -10.41
CA GLN G 456 -32.12 -33.99 -9.30
C GLN G 456 -33.08 -33.42 -8.28
N LYS G 457 -34.18 -34.13 -8.06
CA LYS G 457 -35.21 -33.66 -7.13
C LYS G 457 -35.72 -32.26 -7.48
N GLU G 458 -35.78 -31.94 -8.77
CA GLU G 458 -36.31 -30.64 -9.20
C GLU G 458 -37.73 -30.76 -9.72
N LEU G 459 -38.61 -29.92 -9.21
CA LEU G 459 -40.04 -30.02 -9.52
C LEU G 459 -40.50 -29.01 -10.56
N SER G 460 -41.19 -29.49 -11.58
CA SER G 460 -41.80 -28.62 -12.57
C SER G 460 -43.31 -28.76 -12.59
N CYS G 461 -43.99 -27.76 -13.15
CA CYS G 461 -45.45 -27.77 -13.17
C CYS G 461 -45.98 -27.17 -14.47
N ILE G 462 -46.91 -27.88 -15.08
CA ILE G 462 -47.63 -27.38 -16.24
C ILE G 462 -49.03 -27.05 -15.79
N MET G 463 -49.57 -25.93 -16.24
CA MET G 463 -51.00 -25.66 -16.05
C MET G 463 -51.63 -25.37 -17.39
N TYR G 464 -52.76 -26.01 -17.67
CA TYR G 464 -53.54 -25.73 -18.88
C TYR G 464 -54.68 -24.79 -18.55
N GLN G 465 -54.77 -23.70 -19.28
CA GLN G 465 -55.83 -22.74 -19.06
C GLN G 465 -56.65 -22.59 -20.34
N ARG G 466 -57.94 -22.90 -20.26
CA ARG G 466 -58.83 -22.90 -21.43
C ARG G 466 -59.07 -21.50 -21.98
N SER G 467 -59.01 -20.51 -21.09
CA SER G 467 -59.42 -19.16 -21.43
C SER G 467 -58.54 -18.16 -20.68
N CYS G 468 -57.87 -17.30 -21.42
CA CYS G 468 -56.86 -16.44 -20.81
C CYS G 468 -57.05 -14.98 -21.15
N ASP G 469 -57.49 -14.22 -20.16
CA ASP G 469 -57.56 -12.78 -20.25
C ASP G 469 -56.15 -12.26 -20.03
N VAL G 470 -55.48 -11.94 -21.13
CA VAL G 470 -54.05 -11.64 -21.11
C VAL G 470 -53.72 -10.40 -20.29
N GLY G 471 -54.56 -9.37 -20.40
CA GLY G 471 -54.35 -8.15 -19.65
C GLY G 471 -54.50 -8.35 -18.16
N LEU G 472 -55.64 -8.87 -17.74
CA LEU G 472 -55.99 -8.90 -16.33
C LEU G 472 -55.62 -10.20 -15.62
N GLY G 473 -56.04 -11.34 -16.18
CA GLY G 473 -55.89 -12.60 -15.49
C GLY G 473 -54.52 -13.24 -15.55
N VAL G 474 -53.90 -13.24 -16.72
CA VAL G 474 -52.69 -14.00 -16.96
C VAL G 474 -51.53 -13.76 -15.96
N PRO G 475 -51.17 -12.49 -15.72
CA PRO G 475 -50.12 -12.22 -14.72
C PRO G 475 -50.42 -12.85 -13.36
N PHE G 476 -51.70 -12.81 -12.98
CA PHE G 476 -52.19 -13.35 -11.74
C PHE G 476 -52.08 -14.88 -11.76
N ASN G 477 -52.52 -15.49 -12.85
CA ASN G 477 -52.41 -16.94 -13.03
C ASN G 477 -50.97 -17.46 -13.04
N ILE G 478 -50.06 -16.73 -13.68
CA ILE G 478 -48.64 -17.10 -13.64
C ILE G 478 -48.14 -17.16 -12.20
N ALA G 479 -48.44 -16.13 -11.43
CA ALA G 479 -47.97 -16.03 -10.06
C ALA G 479 -48.57 -17.12 -9.20
N SER G 480 -49.85 -17.40 -9.44
CA SER G 480 -50.59 -18.35 -8.65
C SER G 480 -50.02 -19.76 -8.74
N TYR G 481 -49.82 -20.25 -9.95
CA TYR G 481 -49.35 -21.61 -10.10
C TYR G 481 -47.86 -21.74 -9.83
N SER G 482 -47.13 -20.64 -10.01
CA SER G 482 -45.74 -20.61 -9.60
C SER G 482 -45.65 -20.71 -8.08
N LEU G 483 -46.55 -20.03 -7.38
CA LEU G 483 -46.58 -20.10 -5.94
C LEU G 483 -46.90 -21.52 -5.49
N LEU G 484 -47.91 -22.12 -6.11
CA LEU G 484 -48.30 -23.49 -5.78
C LEU G 484 -47.12 -24.46 -5.94
N THR G 485 -46.31 -24.24 -6.97
CA THR G 485 -45.16 -25.08 -7.22
C THR G 485 -44.17 -24.97 -6.07
N LEU G 486 -43.94 -23.74 -5.60
CA LEU G 486 -43.09 -23.52 -4.44
C LEU G 486 -43.63 -24.27 -3.22
N MET G 487 -44.93 -24.14 -2.97
CA MET G 487 -45.56 -24.77 -1.82
C MET G 487 -45.45 -26.28 -1.89
N VAL G 488 -45.70 -26.84 -3.07
CA VAL G 488 -45.61 -28.27 -3.25
C VAL G 488 -44.16 -28.77 -3.18
N ALA G 489 -43.22 -28.02 -3.74
CA ALA G 489 -41.81 -28.38 -3.63
C ALA G 489 -41.36 -28.49 -2.18
N HIS G 490 -41.74 -27.52 -1.36
CA HIS G 490 -41.28 -27.51 0.03
C HIS G 490 -41.83 -28.69 0.81
N VAL G 491 -43.11 -28.97 0.63
CA VAL G 491 -43.77 -30.00 1.39
C VAL G 491 -43.33 -31.39 0.94
N CYS G 492 -42.80 -31.49 -0.28
CA CYS G 492 -42.33 -32.75 -0.80
C CYS G 492 -40.82 -32.87 -0.76
N ASN G 493 -40.16 -31.90 -0.14
CA ASN G 493 -38.71 -31.86 -0.09
C ASN G 493 -38.06 -31.87 -1.47
N LEU G 494 -38.56 -31.02 -2.34
CA LEU G 494 -38.03 -30.88 -3.69
C LEU G 494 -37.58 -29.45 -3.91
N LYS G 495 -36.91 -29.20 -5.04
CA LYS G 495 -36.49 -27.87 -5.42
C LYS G 495 -37.36 -27.38 -6.57
N PRO G 496 -37.94 -26.17 -6.44
CA PRO G 496 -38.78 -25.67 -7.53
C PRO G 496 -37.96 -25.30 -8.76
N LYS G 497 -38.35 -25.83 -9.92
CA LYS G 497 -37.57 -25.65 -11.14
C LYS G 497 -38.30 -24.81 -12.20
N GLU G 498 -39.50 -25.22 -12.59
CA GLU G 498 -40.15 -24.56 -13.70
C GLU G 498 -41.67 -24.55 -13.67
N PHE G 499 -42.26 -23.41 -14.02
CA PHE G 499 -43.68 -23.36 -14.28
C PHE G 499 -43.92 -23.19 -15.77
N ILE G 500 -44.75 -24.06 -16.32
CA ILE G 500 -45.06 -24.06 -17.74
C ILE G 500 -46.54 -23.76 -17.96
N HIS G 501 -46.81 -22.74 -18.74
CA HIS G 501 -48.16 -22.23 -18.92
C HIS G 501 -48.65 -22.58 -20.32
N PHE G 502 -49.57 -23.53 -20.40
CA PHE G 502 -50.21 -23.84 -21.67
C PHE G 502 -51.54 -23.09 -21.73
N MET G 503 -51.82 -22.42 -22.85
CA MET G 503 -52.99 -21.53 -22.96
C MET G 503 -53.87 -21.88 -24.15
N GLY G 504 -55.18 -21.96 -23.90
CA GLY G 504 -56.12 -22.21 -24.98
C GLY G 504 -56.57 -20.94 -25.67
N ASN G 505 -57.80 -20.52 -25.43
CA ASN G 505 -58.28 -19.26 -25.98
C ASN G 505 -57.59 -18.08 -25.29
N THR G 506 -56.68 -17.46 -26.01
CA THR G 506 -55.80 -16.46 -25.46
C THR G 506 -56.16 -15.11 -26.07
N HIS G 507 -56.67 -14.20 -25.26
CA HIS G 507 -57.30 -13.00 -25.81
C HIS G 507 -57.01 -11.72 -25.03
N VAL G 508 -57.03 -10.59 -25.73
CA VAL G 508 -57.07 -9.30 -25.04
C VAL G 508 -58.41 -8.61 -25.33
N TYR G 509 -59.06 -8.15 -24.27
CA TYR G 509 -60.33 -7.43 -24.42
C TYR G 509 -60.05 -6.08 -25.08
N THR G 510 -60.97 -5.65 -25.92
CA THR G 510 -60.77 -4.45 -26.74
C THR G 510 -60.53 -3.21 -25.90
N ASN G 511 -61.19 -3.16 -24.75
CA ASN G 511 -61.05 -2.01 -23.87
C ASN G 511 -59.81 -2.11 -22.97
N HIS G 512 -58.88 -2.99 -23.33
CA HIS G 512 -57.61 -3.08 -22.63
C HIS G 512 -56.47 -2.70 -23.56
N VAL G 513 -56.74 -2.68 -24.85
CA VAL G 513 -55.71 -2.52 -25.87
C VAL G 513 -54.87 -1.28 -25.61
N GLU G 514 -55.57 -0.22 -25.24
N GLU G 514 -55.52 -0.19 -25.23
CA GLU G 514 -55.00 1.07 -24.93
CA GLU G 514 -54.83 1.07 -24.99
C GLU G 514 -53.95 0.98 -23.82
C GLU G 514 -53.88 0.96 -23.80
N ALA G 515 -54.37 0.43 -22.69
CA ALA G 515 -53.52 0.28 -21.51
C ALA G 515 -52.35 -0.66 -21.76
N LEU G 516 -52.60 -1.72 -22.54
CA LEU G 516 -51.55 -2.69 -22.83
C LEU G 516 -50.46 -2.09 -23.71
N LYS G 517 -50.83 -1.21 -24.62
CA LYS G 517 -49.84 -0.52 -25.46
C LYS G 517 -48.90 0.34 -24.64
N GLU G 518 -49.41 0.97 -23.58
CA GLU G 518 -48.59 1.72 -22.65
C GLU G 518 -47.66 0.76 -21.89
N GLN G 519 -48.19 -0.40 -21.51
CA GLN G 519 -47.42 -1.38 -20.76
C GLN G 519 -46.24 -1.87 -21.61
N LEU G 520 -46.45 -1.92 -22.92
CA LEU G 520 -45.40 -2.36 -23.83
C LEU G 520 -44.25 -1.37 -23.94
N ARG G 521 -44.43 -0.14 -23.48
CA ARG G 521 -43.35 0.83 -23.53
C ARG G 521 -42.41 0.73 -22.32
N ARG G 522 -42.70 -0.21 -21.42
CA ARG G 522 -41.95 -0.34 -20.18
C ARG G 522 -41.00 -1.52 -20.24
N GLU G 523 -39.74 -1.30 -19.92
CA GLU G 523 -38.85 -2.44 -19.79
C GLU G 523 -39.01 -3.09 -18.41
N PRO G 524 -38.93 -4.42 -18.38
CA PRO G 524 -39.03 -5.23 -17.16
C PRO G 524 -37.91 -4.91 -16.17
N ARG G 525 -38.20 -5.15 -14.90
CA ARG G 525 -37.25 -5.02 -13.83
C ARG G 525 -36.90 -6.45 -13.42
N PRO G 526 -35.80 -6.63 -12.68
CA PRO G 526 -35.48 -7.98 -12.21
C PRO G 526 -36.62 -8.56 -11.39
N PHE G 527 -36.86 -9.86 -11.53
CA PHE G 527 -37.90 -10.53 -10.78
C PHE G 527 -37.51 -10.56 -9.30
N PRO G 528 -38.50 -10.61 -8.42
CA PRO G 528 -38.23 -10.72 -6.99
C PRO G 528 -38.00 -12.17 -6.59
N ILE G 529 -37.67 -12.37 -5.33
CA ILE G 529 -37.63 -13.70 -4.76
C ILE G 529 -38.81 -13.85 -3.83
N VAL G 530 -39.45 -15.02 -3.85
CA VAL G 530 -40.41 -15.36 -2.82
C VAL G 530 -39.81 -16.37 -1.85
N ASN G 531 -39.79 -16.03 -0.57
CA ASN G 531 -39.34 -16.94 0.47
C ASN G 531 -40.51 -17.47 1.28
N ILE G 532 -40.51 -18.77 1.52
CA ILE G 532 -41.42 -19.34 2.48
C ILE G 532 -40.80 -19.14 3.86
N LEU G 533 -41.55 -18.51 4.76
CA LEU G 533 -41.10 -18.33 6.13
C LEU G 533 -41.54 -19.52 6.95
N ASN G 534 -40.87 -19.74 8.09
CA ASN G 534 -41.31 -20.73 9.06
C ASN G 534 -41.38 -22.14 8.49
N LYS G 535 -40.37 -22.47 7.68
CA LYS G 535 -40.30 -23.76 7.00
C LYS G 535 -40.37 -24.94 7.94
N GLU G 536 -39.67 -24.84 9.07
CA GLU G 536 -39.66 -25.92 10.07
C GLU G 536 -41.06 -26.29 10.53
N ARG G 537 -41.91 -25.29 10.71
CA ARG G 537 -43.28 -25.51 11.11
C ARG G 537 -44.09 -26.15 9.99
N ILE G 538 -43.76 -25.83 8.74
CA ILE G 538 -44.62 -26.24 7.63
C ILE G 538 -44.26 -27.60 7.03
N LYS G 539 -45.14 -28.56 7.27
CA LYS G 539 -44.89 -29.95 6.90
C LYS G 539 -45.88 -30.50 5.88
N GLU G 540 -47.10 -29.98 5.87
CA GLU G 540 -48.10 -30.40 4.89
C GLU G 540 -48.67 -29.17 4.16
N ILE G 541 -49.27 -29.40 3.01
CA ILE G 541 -49.79 -28.32 2.17
C ILE G 541 -50.80 -27.44 2.92
N ASP G 542 -51.63 -28.05 3.76
CA ASP G 542 -52.62 -27.34 4.54
C ASP G 542 -52.03 -26.54 5.72
N ASP G 543 -50.72 -26.67 5.94
CA ASP G 543 -50.07 -25.95 7.04
C ASP G 543 -49.77 -24.48 6.74
N PHE G 544 -49.65 -24.12 5.47
CA PHE G 544 -49.30 -22.75 5.11
C PHE G 544 -50.38 -21.76 5.54
N THR G 545 -49.96 -20.59 6.00
CA THR G 545 -50.90 -19.51 6.25
C THR G 545 -50.51 -18.28 5.44
N ALA G 546 -51.33 -17.24 5.54
CA ALA G 546 -51.08 -16.01 4.82
C ALA G 546 -49.77 -15.33 5.27
N GLU G 547 -49.31 -15.64 6.48
CA GLU G 547 -48.10 -15.02 7.01
C GLU G 547 -46.82 -15.75 6.69
N ASP G 548 -46.92 -16.84 5.95
CA ASP G 548 -45.75 -17.68 5.77
C ASP G 548 -44.94 -17.35 4.50
N PHE G 549 -45.17 -16.16 3.96
CA PHE G 549 -44.45 -15.77 2.74
C PHE G 549 -43.87 -14.37 2.79
N GLU G 550 -42.76 -14.20 2.09
CA GLU G 550 -42.03 -12.97 2.01
C GLU G 550 -41.74 -12.73 0.53
N VAL G 551 -42.12 -11.57 0.01
CA VAL G 551 -41.71 -11.20 -1.33
C VAL G 551 -40.59 -10.20 -1.22
N VAL G 552 -39.47 -10.51 -1.83
CA VAL G 552 -38.26 -9.73 -1.65
C VAL G 552 -37.77 -9.11 -2.95
N GLY G 553 -37.58 -7.79 -2.96
CA GLY G 553 -37.01 -7.10 -4.11
C GLY G 553 -37.96 -6.88 -5.27
N TYR G 554 -39.23 -6.63 -4.95
CA TYR G 554 -40.23 -6.39 -5.97
C TYR G 554 -40.26 -4.91 -6.29
N VAL G 555 -39.91 -4.57 -7.54
CA VAL G 555 -39.80 -3.19 -7.96
C VAL G 555 -40.56 -2.97 -9.28
N PRO G 556 -41.88 -3.11 -9.26
CA PRO G 556 -42.64 -3.05 -10.51
C PRO G 556 -42.96 -1.63 -10.91
N HIS G 557 -43.32 -1.44 -12.18
CA HIS G 557 -43.91 -0.19 -12.63
C HIS G 557 -45.29 -0.04 -11.99
N GLY G 558 -45.91 1.11 -12.20
CA GLY G 558 -47.18 1.39 -11.55
C GLY G 558 -48.33 0.48 -11.95
N ARG G 559 -49.35 0.43 -11.10
CA ARG G 559 -50.63 -0.20 -11.45
C ARG G 559 -51.16 0.39 -12.75
N ILE G 560 -51.79 -0.44 -13.56
CA ILE G 560 -52.57 0.07 -14.68
C ILE G 560 -54.01 -0.41 -14.58
N GLN G 561 -54.95 0.54 -14.62
CA GLN G 561 -56.37 0.23 -14.55
C GLN G 561 -56.85 -0.53 -15.77
N MET G 562 -57.46 -1.68 -15.53
CA MET G 562 -58.11 -2.45 -16.58
C MET G 562 -59.40 -3.05 -16.02
N GLU G 563 -60.53 -2.76 -16.65
CA GLU G 563 -61.83 -3.19 -16.14
C GLU G 563 -62.12 -4.66 -16.43
N MET G 564 -62.69 -5.36 -15.46
CA MET G 564 -63.03 -6.77 -15.65
C MET G 564 -64.27 -6.93 -16.53
N ALA G 565 -64.12 -7.68 -17.62
CA ALA G 565 -65.25 -8.01 -18.47
C ALA G 565 -66.12 -9.02 -17.74
N VAL G 566 -67.30 -8.56 -17.36
CA VAL G 566 -68.03 -9.08 -16.21
C VAL G 566 -68.87 -10.33 -16.41
N LYS H 3 -20.85 -20.98 -65.68
CA LYS H 3 -21.29 -22.33 -66.05
C LYS H 3 -22.37 -23.04 -65.19
N PRO H 4 -22.68 -22.56 -63.96
CA PRO H 4 -23.73 -23.26 -63.21
C PRO H 4 -25.05 -23.50 -63.94
N VAL H 5 -25.51 -24.74 -63.97
CA VAL H 5 -26.84 -25.09 -64.49
C VAL H 5 -27.72 -25.69 -63.40
N CYS H 6 -29.01 -25.39 -63.45
CA CYS H 6 -29.95 -25.95 -62.50
C CYS H 6 -31.14 -26.55 -63.24
N LEU H 7 -31.65 -27.68 -62.75
CA LEU H 7 -32.85 -28.27 -63.34
C LEU H 7 -34.07 -27.91 -62.53
N VAL H 8 -35.13 -27.49 -63.21
CA VAL H 8 -36.40 -27.21 -62.58
C VAL H 8 -37.44 -28.20 -63.10
N VAL H 9 -38.04 -28.98 -62.19
CA VAL H 9 -38.97 -30.05 -62.56
C VAL H 9 -40.07 -30.29 -61.54
N ALA H 10 -41.16 -30.87 -62.03
CA ALA H 10 -42.19 -31.41 -61.17
C ALA H 10 -42.35 -32.89 -61.51
N MET H 11 -42.32 -33.76 -60.50
CA MET H 11 -42.46 -35.19 -60.78
C MET H 11 -43.25 -35.97 -59.72
N THR H 12 -43.92 -37.02 -60.17
CA THR H 12 -44.60 -37.97 -59.30
C THR H 12 -43.56 -38.81 -58.58
N PRO H 13 -43.99 -39.65 -57.61
CA PRO H 13 -42.97 -40.42 -56.90
C PRO H 13 -42.23 -41.44 -57.79
N LYS H 14 -42.87 -41.85 -58.88
CA LYS H 14 -42.21 -42.75 -59.84
C LYS H 14 -41.45 -41.98 -60.93
N ARG H 15 -41.13 -40.72 -60.64
CA ARG H 15 -40.41 -39.84 -61.57
C ARG H 15 -41.21 -39.47 -62.82
N GLY H 16 -42.52 -39.65 -62.79
CA GLY H 16 -43.35 -39.32 -63.94
C GLY H 16 -43.48 -37.81 -64.14
N ILE H 17 -43.29 -37.34 -65.37
CA ILE H 17 -43.35 -35.91 -65.62
C ILE H 17 -44.33 -35.47 -66.70
N GLY H 18 -44.77 -36.39 -67.55
CA GLY H 18 -45.69 -36.02 -68.60
C GLY H 18 -46.44 -37.18 -69.25
N ILE H 19 -47.47 -36.83 -70.01
CA ILE H 19 -48.21 -37.80 -70.79
C ILE H 19 -48.90 -37.09 -71.95
N ASN H 20 -48.85 -37.70 -73.13
CA ASN H 20 -49.44 -37.12 -74.34
C ASN H 20 -49.02 -35.68 -74.58
N ASN H 21 -47.75 -35.41 -74.32
CA ASN H 21 -47.17 -34.08 -74.45
C ASN H 21 -47.88 -33.00 -73.65
N GLY H 22 -48.39 -33.40 -72.50
CA GLY H 22 -48.94 -32.46 -71.54
C GLY H 22 -48.48 -32.88 -70.16
N LEU H 23 -49.05 -32.26 -69.14
CA LEU H 23 -48.74 -32.61 -67.76
C LEU H 23 -49.70 -33.70 -67.29
N PRO H 24 -49.26 -34.54 -66.36
CA PRO H 24 -50.04 -35.70 -65.90
C PRO H 24 -51.12 -35.34 -64.89
N TRP H 25 -50.95 -34.20 -64.21
CA TRP H 25 -51.81 -33.85 -63.09
C TRP H 25 -52.64 -32.62 -63.40
N PRO H 26 -53.76 -32.43 -62.69
CA PRO H 26 -54.48 -31.17 -62.87
C PRO H 26 -53.63 -29.99 -62.42
N HIS H 27 -54.17 -28.79 -62.63
CA HIS H 27 -53.37 -27.59 -62.52
C HIS H 27 -52.88 -27.32 -61.10
N LEU H 28 -51.59 -27.07 -60.97
CA LEU H 28 -50.99 -26.81 -59.66
C LEU H 28 -50.54 -25.35 -59.60
N THR H 29 -51.43 -24.52 -59.07
CA THR H 29 -51.26 -23.08 -59.04
C THR H 29 -49.97 -22.65 -58.36
N THR H 30 -49.79 -23.08 -57.12
CA THR H 30 -48.60 -22.73 -56.37
C THR H 30 -47.31 -23.20 -57.04
N ASP H 31 -47.35 -24.36 -57.69
CA ASP H 31 -46.16 -24.82 -58.40
C ASP H 31 -45.78 -23.85 -59.53
N PHE H 32 -46.79 -23.33 -60.23
CA PHE H 32 -46.51 -22.38 -61.31
C PHE H 32 -45.93 -21.07 -60.76
N LYS H 33 -46.43 -20.62 -59.62
CA LYS H 33 -45.89 -19.43 -58.95
C LYS H 33 -44.47 -19.67 -58.50
N HIS H 34 -44.22 -20.89 -58.01
CA HIS H 34 -42.89 -21.29 -57.65
C HIS H 34 -42.00 -21.26 -58.88
N PHE H 35 -42.46 -21.90 -59.94
CA PHE H 35 -41.68 -22.00 -61.17
C PHE H 35 -41.36 -20.62 -61.73
N SER H 36 -42.30 -19.71 -61.57
CA SER H 36 -42.16 -18.36 -62.09
C SER H 36 -41.06 -17.63 -61.35
N ARG H 37 -41.23 -17.50 -60.05
CA ARG H 37 -40.29 -16.80 -59.19
C ARG H 37 -38.87 -17.30 -59.31
N VAL H 38 -38.70 -18.62 -59.25
CA VAL H 38 -37.38 -19.23 -59.34
C VAL H 38 -36.66 -18.84 -60.62
N THR H 39 -37.34 -19.03 -61.75
CA THR H 39 -36.71 -18.85 -63.04
C THR H 39 -36.40 -17.39 -63.42
N LYS H 40 -36.71 -16.46 -62.53
CA LYS H 40 -36.36 -15.05 -62.78
C LYS H 40 -36.07 -14.28 -61.49
N THR H 41 -34.82 -13.81 -61.37
CA THR H 41 -34.35 -13.00 -60.24
C THR H 41 -32.89 -12.62 -60.44
N PHE H 49 -31.02 -10.63 -66.78
CA PHE H 49 -32.09 -11.63 -66.89
C PHE H 49 -31.58 -13.07 -66.81
N ASN H 50 -32.50 -14.02 -66.62
CA ASN H 50 -32.16 -15.44 -66.57
C ASN H 50 -32.44 -16.15 -67.90
N ALA H 51 -31.85 -17.33 -68.09
CA ALA H 51 -32.08 -18.10 -69.30
C ALA H 51 -32.76 -19.45 -69.03
N VAL H 52 -33.93 -19.65 -69.64
CA VAL H 52 -34.59 -20.95 -69.58
C VAL H 52 -34.36 -21.71 -70.89
N VAL H 53 -34.08 -23.00 -70.77
CA VAL H 53 -33.72 -23.81 -71.92
C VAL H 53 -34.61 -25.06 -71.97
N MET H 54 -35.27 -25.29 -73.11
CA MET H 54 -36.20 -26.41 -73.22
C MET H 54 -36.10 -27.18 -74.54
N GLY H 55 -36.48 -28.46 -74.50
CA GLY H 55 -36.52 -29.30 -75.68
C GLY H 55 -37.69 -28.92 -76.58
N ARG H 56 -37.70 -29.45 -77.80
CA ARG H 56 -38.72 -29.09 -78.79
C ARG H 56 -40.12 -29.36 -78.28
N LYS H 57 -40.35 -30.59 -77.83
CA LYS H 57 -41.68 -31.01 -77.43
C LYS H 57 -42.20 -30.18 -76.26
N THR H 58 -41.31 -29.86 -75.32
CA THR H 58 -41.67 -29.00 -74.20
C THR H 58 -42.12 -27.61 -74.69
N TRP H 59 -41.49 -27.11 -75.75
CA TRP H 59 -41.91 -25.83 -76.32
C TRP H 59 -43.33 -25.92 -76.85
N GLU H 60 -43.62 -26.99 -77.58
CA GLU H 60 -44.95 -27.22 -78.13
C GLU H 60 -45.99 -27.36 -77.03
N SER H 61 -45.63 -28.05 -75.94
CA SER H 61 -46.54 -28.31 -74.83
C SER H 61 -47.10 -27.04 -74.22
N MET H 62 -46.31 -25.97 -74.26
CA MET H 62 -46.76 -24.70 -73.73
C MET H 62 -47.81 -24.10 -74.63
N PRO H 63 -48.92 -23.63 -74.04
CA PRO H 63 -49.92 -22.85 -74.76
C PRO H 63 -49.27 -21.60 -75.34
N ARG H 64 -49.63 -21.23 -76.56
CA ARG H 64 -48.97 -20.12 -77.26
C ARG H 64 -48.99 -18.80 -76.50
N LYS H 65 -50.03 -18.58 -75.70
CA LYS H 65 -50.16 -17.31 -74.99
C LYS H 65 -49.08 -17.11 -73.94
N PHE H 66 -48.43 -18.20 -73.55
CA PHE H 66 -47.30 -18.18 -72.64
C PHE H 66 -46.00 -18.54 -73.35
N ARG H 67 -46.10 -18.98 -74.60
CA ARG H 67 -45.01 -19.69 -75.28
C ARG H 67 -43.64 -19.03 -75.22
N PRO H 68 -43.56 -17.72 -75.53
CA PRO H 68 -42.29 -17.10 -75.15
C PRO H 68 -42.35 -16.83 -73.66
N LEU H 69 -41.56 -17.57 -72.89
CA LEU H 69 -41.52 -17.35 -71.44
C LEU H 69 -40.97 -15.95 -71.17
N VAL H 70 -41.88 -15.08 -70.76
CA VAL H 70 -41.60 -13.66 -70.68
C VAL H 70 -40.63 -13.28 -69.56
N ASP H 71 -39.80 -12.27 -69.82
CA ASP H 71 -38.80 -11.75 -68.89
C ASP H 71 -37.64 -12.69 -68.59
N ARG H 72 -37.45 -13.66 -69.48
CA ARG H 72 -36.32 -14.57 -69.41
C ARG H 72 -35.89 -14.81 -70.84
N LEU H 73 -34.60 -14.99 -71.06
CA LEU H 73 -34.13 -15.47 -72.35
C LEU H 73 -34.70 -16.87 -72.49
N ASN H 74 -35.16 -17.20 -73.69
CA ASN H 74 -35.70 -18.52 -73.98
C ASN H 74 -34.82 -19.22 -74.98
N ILE H 75 -34.47 -20.48 -74.71
CA ILE H 75 -33.79 -21.28 -75.71
C ILE H 75 -34.51 -22.60 -75.94
N VAL H 76 -34.97 -22.81 -77.16
CA VAL H 76 -35.48 -24.11 -77.53
C VAL H 76 -34.32 -24.88 -78.15
N VAL H 77 -34.26 -26.18 -77.94
CA VAL H 77 -33.29 -26.98 -78.66
C VAL H 77 -34.03 -28.05 -79.48
N SER H 78 -34.00 -27.90 -80.79
CA SER H 78 -34.55 -28.89 -81.69
C SER H 78 -33.49 -29.14 -82.73
N SER H 79 -33.87 -29.75 -83.84
CA SER H 79 -33.04 -29.75 -85.02
C SER H 79 -33.92 -29.28 -86.17
N SER H 80 -35.19 -29.04 -85.85
CA SER H 80 -36.23 -28.85 -86.86
C SER H 80 -37.00 -27.52 -86.78
N LEU H 81 -36.56 -26.58 -85.94
CA LEU H 81 -37.35 -25.36 -85.77
C LEU H 81 -36.63 -24.05 -86.13
N LYS H 82 -37.37 -22.96 -86.04
CA LYS H 82 -36.90 -21.64 -86.46
C LYS H 82 -35.68 -21.16 -85.68
N VAL H 101 -32.33 -20.28 -80.25
CA VAL H 101 -32.77 -21.57 -80.77
C VAL H 101 -31.60 -22.44 -81.25
N CYS H 102 -31.20 -23.40 -80.42
CA CYS H 102 -29.98 -24.17 -80.69
C CYS H 102 -30.22 -25.62 -81.11
N ALA H 103 -29.13 -26.32 -81.42
CA ALA H 103 -29.22 -27.65 -82.01
C ALA H 103 -29.01 -28.76 -80.99
N SER H 104 -28.36 -28.44 -79.88
CA SER H 104 -28.17 -29.41 -78.80
C SER H 104 -28.00 -28.65 -77.49
N LEU H 105 -27.73 -29.37 -76.41
CA LEU H 105 -27.53 -28.71 -75.12
C LEU H 105 -26.16 -28.04 -74.99
N PRO H 106 -25.07 -28.77 -75.34
CA PRO H 106 -23.78 -28.06 -75.40
C PRO H 106 -23.89 -26.79 -76.23
N ALA H 107 -24.53 -26.89 -77.39
CA ALA H 107 -24.74 -25.74 -78.27
C ALA H 107 -25.40 -24.54 -77.58
N ALA H 108 -26.36 -24.81 -76.71
CA ALA H 108 -27.06 -23.72 -76.02
C ALA H 108 -26.20 -23.14 -74.89
N LEU H 109 -25.41 -23.98 -74.25
CA LEU H 109 -24.48 -23.50 -73.23
C LEU H 109 -23.42 -22.64 -73.90
N SER H 110 -23.02 -23.04 -75.10
CA SER H 110 -22.08 -22.26 -75.88
C SER H 110 -22.69 -20.93 -76.28
N LEU H 111 -23.85 -20.98 -76.91
CA LEU H 111 -24.58 -19.77 -77.28
C LEU H 111 -24.69 -18.78 -76.11
N LEU H 112 -24.77 -19.30 -74.89
CA LEU H 112 -24.81 -18.43 -73.72
C LEU H 112 -23.42 -17.95 -73.33
N GLU H 113 -22.39 -18.60 -73.86
CA GLU H 113 -21.02 -18.11 -73.70
C GLU H 113 -20.80 -16.88 -74.57
N GLU H 114 -20.67 -17.10 -75.88
CA GLU H 114 -20.39 -16.02 -76.84
C GLU H 114 -21.25 -14.79 -76.58
N GLU H 115 -22.56 -14.92 -76.81
CA GLU H 115 -23.44 -13.81 -76.49
C GLU H 115 -24.00 -13.96 -75.06
N TYR H 116 -24.70 -12.93 -74.60
CA TYR H 116 -25.35 -12.91 -73.29
C TYR H 116 -24.44 -13.02 -72.05
N LYS H 117 -23.13 -13.18 -72.22
CA LYS H 117 -22.20 -13.25 -71.08
C LYS H 117 -22.50 -12.19 -70.03
N ASP H 118 -22.95 -11.03 -70.52
CA ASP H 118 -23.48 -10.00 -69.66
C ASP H 118 -24.99 -10.03 -69.79
N SER H 119 -25.66 -9.74 -68.68
CA SER H 119 -27.14 -9.81 -68.52
C SER H 119 -27.63 -11.18 -68.07
N VAL H 120 -27.25 -12.25 -68.76
CA VAL H 120 -27.72 -13.57 -68.35
C VAL H 120 -27.00 -14.09 -67.10
N ASP H 121 -27.73 -14.08 -65.99
CA ASP H 121 -27.18 -14.47 -64.70
C ASP H 121 -27.00 -15.99 -64.65
N GLN H 122 -28.07 -16.69 -64.32
CA GLN H 122 -28.02 -18.14 -64.21
C GLN H 122 -29.02 -18.76 -65.17
N ILE H 123 -28.76 -20.01 -65.51
CA ILE H 123 -29.59 -20.68 -66.50
C ILE H 123 -30.39 -21.83 -65.88
N PHE H 124 -31.54 -22.13 -66.46
CA PHE H 124 -32.39 -23.21 -65.97
C PHE H 124 -32.85 -24.09 -67.11
N VAL H 125 -32.71 -25.40 -66.93
CA VAL H 125 -33.24 -26.38 -67.88
C VAL H 125 -34.64 -26.81 -67.40
N VAL H 126 -35.62 -26.83 -68.31
CA VAL H 126 -37.02 -27.03 -67.89
C VAL H 126 -37.84 -27.96 -68.78
N GLY H 128 -37.57 -30.64 -71.19
CA GLY H 128 -38.19 -31.95 -71.16
C GLY H 128 -37.21 -33.04 -70.78
N ALA H 129 -37.63 -34.30 -70.86
CA ALA H 129 -36.74 -35.41 -70.59
C ALA H 129 -35.71 -35.46 -71.69
N GLY H 130 -34.62 -36.20 -71.48
CA GLY H 130 -33.59 -36.21 -72.50
C GLY H 130 -32.80 -34.93 -72.40
N LEU H 131 -33.47 -33.79 -72.47
CA LEU H 131 -32.85 -32.54 -72.08
C LEU H 131 -32.39 -32.66 -70.63
N TYR H 132 -33.27 -33.19 -69.77
CA TYR H 132 -32.89 -33.48 -68.39
C TYR H 132 -31.81 -34.53 -68.38
N GLU H 133 -31.97 -35.57 -69.20
CA GLU H 133 -31.00 -36.65 -69.26
C GLU H 133 -29.67 -36.18 -69.89
N ALA H 134 -29.77 -35.25 -70.83
CA ALA H 134 -28.58 -34.66 -71.43
C ALA H 134 -27.82 -33.91 -70.35
N ALA H 135 -28.53 -33.10 -69.59
CA ALA H 135 -27.92 -32.27 -68.57
C ALA H 135 -27.26 -33.11 -67.48
N LEU H 136 -27.83 -34.26 -67.17
CA LEU H 136 -27.29 -35.13 -66.14
C LEU H 136 -26.07 -35.90 -66.61
N SER H 137 -26.09 -36.34 -67.86
CA SER H 137 -24.98 -37.10 -68.42
C SER H 137 -23.73 -36.26 -68.62
N LEU H 138 -23.91 -35.05 -69.18
CA LEU H 138 -22.81 -34.11 -69.31
C LEU H 138 -22.40 -33.59 -67.94
N GLY H 139 -23.13 -33.99 -66.92
CA GLY H 139 -22.82 -33.66 -65.55
C GLY H 139 -22.72 -32.18 -65.23
N VAL H 140 -23.56 -31.36 -65.87
CA VAL H 140 -23.48 -29.93 -65.66
C VAL H 140 -24.44 -29.34 -64.63
N ALA H 141 -25.38 -30.14 -64.14
CA ALA H 141 -26.36 -29.62 -63.19
C ALA H 141 -25.79 -29.56 -61.77
N SER H 142 -25.81 -28.38 -61.16
CA SER H 142 -25.33 -28.25 -59.79
C SER H 142 -26.48 -28.41 -58.81
N HIS H 143 -27.69 -28.08 -59.23
CA HIS H 143 -28.84 -28.13 -58.35
C HIS H 143 -30.09 -28.65 -59.05
N LEU H 144 -30.88 -29.41 -58.32
CA LEU H 144 -32.19 -29.82 -58.80
C LEU H 144 -33.27 -29.13 -57.98
N TYR H 145 -34.11 -28.35 -58.66
CA TYR H 145 -35.29 -27.78 -58.01
C TYR H 145 -36.48 -28.68 -58.35
N ILE H 146 -36.92 -29.48 -57.39
CA ILE H 146 -37.92 -30.50 -57.66
C ILE H 146 -39.23 -30.27 -56.91
N THR H 147 -40.33 -30.21 -57.64
CA THR H 147 -41.65 -30.28 -57.03
C THR H 147 -42.04 -31.75 -56.95
N ARG H 148 -42.19 -32.27 -55.74
CA ARG H 148 -42.61 -33.65 -55.58
C ARG H 148 -44.13 -33.73 -55.56
N VAL H 149 -44.72 -34.16 -56.66
CA VAL H 149 -46.14 -34.45 -56.69
C VAL H 149 -46.32 -35.77 -55.95
N ALA H 150 -47.09 -35.75 -54.86
CA ALA H 150 -47.16 -36.92 -54.00
C ALA H 150 -48.03 -38.06 -54.54
N ARG H 151 -48.94 -37.73 -55.46
CA ARG H 151 -49.82 -38.72 -56.10
C ARG H 151 -49.23 -39.26 -57.38
N GLU H 152 -49.51 -40.54 -57.65
CA GLU H 152 -49.16 -41.10 -58.95
C GLU H 152 -50.25 -40.78 -59.97
N PHE H 153 -49.82 -40.58 -61.21
CA PHE H 153 -50.73 -40.34 -62.33
C PHE H 153 -50.14 -41.08 -63.51
N PRO H 154 -51.00 -41.50 -64.46
CA PRO H 154 -50.55 -42.06 -65.72
C PRO H 154 -49.50 -41.14 -66.37
N CYS H 155 -48.37 -41.71 -66.74
CA CYS H 155 -47.31 -40.94 -67.37
C CYS H 155 -46.68 -41.77 -68.47
N ASP H 156 -46.19 -41.12 -69.53
CA ASP H 156 -45.42 -41.83 -70.54
C ASP H 156 -44.02 -41.23 -70.72
N VAL H 157 -43.73 -40.17 -69.98
CA VAL H 157 -42.39 -39.59 -69.99
C VAL H 157 -41.91 -39.47 -68.55
N PHE H 158 -40.67 -39.88 -68.30
CA PHE H 158 -40.15 -39.94 -66.93
C PHE H 158 -38.83 -39.18 -66.79
N PHE H 159 -38.62 -38.60 -65.62
CA PHE H 159 -37.35 -37.98 -65.28
C PHE H 159 -36.36 -39.12 -65.03
N PRO H 160 -35.09 -38.95 -65.41
CA PRO H 160 -34.12 -40.04 -65.28
C PRO H 160 -33.89 -40.43 -63.83
N ALA H 161 -33.59 -41.70 -63.61
CA ALA H 161 -33.13 -42.13 -62.30
C ALA H 161 -31.82 -41.41 -62.02
N PHE H 162 -31.61 -41.05 -60.76
CA PHE H 162 -30.43 -40.29 -60.39
C PHE H 162 -30.06 -40.65 -58.95
N PRO H 163 -28.76 -40.60 -58.62
CA PRO H 163 -28.45 -40.94 -57.23
C PRO H 163 -28.93 -39.84 -56.29
N GLY H 164 -29.69 -40.22 -55.28
CA GLY H 164 -30.41 -39.25 -54.47
C GLY H 164 -31.90 -39.44 -54.71
N ASP H 165 -32.20 -40.28 -55.70
CA ASP H 165 -33.55 -40.78 -55.97
C ASP H 165 -34.48 -41.02 -54.78
N ASP H 166 -33.88 -41.48 -53.69
CA ASP H 166 -34.57 -41.73 -52.42
C ASP H 166 -35.57 -40.67 -52.02
N ILE H 167 -35.32 -39.44 -52.45
CA ILE H 167 -36.08 -38.29 -52.00
C ILE H 167 -37.52 -38.36 -52.53
N LEU H 168 -37.75 -39.24 -53.49
CA LEU H 168 -39.06 -39.41 -54.11
C LEU H 168 -39.83 -40.61 -53.57
N SER H 169 -39.15 -41.74 -53.45
CA SER H 169 -39.79 -42.98 -53.04
C SER H 169 -38.78 -43.97 -52.50
N ASN H 170 -39.28 -45.12 -52.04
CA ASN H 170 -38.43 -46.11 -51.36
C ASN H 170 -37.53 -46.95 -52.25
N LYS H 171 -37.80 -46.92 -53.56
CA LYS H 171 -36.86 -47.37 -54.60
C LYS H 171 -35.61 -48.12 -54.13
N GLU H 180 -18.01 -41.09 -55.69
CA GLU H 180 -19.34 -41.25 -56.26
C GLU H 180 -20.15 -39.97 -56.10
N ALA H 181 -20.67 -39.45 -57.21
CA ALA H 181 -21.47 -38.23 -57.22
C ALA H 181 -22.90 -38.51 -56.77
N THR H 182 -23.54 -37.53 -56.15
CA THR H 182 -24.90 -37.71 -55.62
C THR H 182 -25.59 -36.39 -55.29
N TYR H 183 -26.91 -36.35 -55.45
CA TYR H 183 -27.68 -35.15 -55.15
C TYR H 183 -28.32 -35.23 -53.78
N ARG H 184 -28.09 -34.22 -52.96
CA ARG H 184 -28.49 -34.24 -51.58
C ARG H 184 -29.39 -33.05 -51.29
N PRO H 185 -30.53 -33.30 -50.65
CA PRO H 185 -31.50 -32.22 -50.39
C PRO H 185 -30.96 -31.20 -49.39
N ILE H 186 -31.35 -29.96 -49.60
CA ILE H 186 -30.76 -28.84 -48.93
C ILE H 186 -31.91 -27.95 -48.44
N PHE H 187 -33.11 -28.28 -48.92
CA PHE H 187 -34.31 -27.47 -48.70
C PHE H 187 -35.50 -28.42 -48.87
N ILE H 188 -36.41 -28.40 -47.90
CA ILE H 188 -37.63 -29.20 -47.98
C ILE H 188 -38.78 -28.37 -47.42
N SER H 189 -39.70 -27.97 -48.30
CA SER H 189 -40.76 -27.07 -47.91
C SER H 189 -41.88 -27.76 -47.15
N LYS H 190 -42.82 -26.94 -46.72
CA LYS H 190 -44.11 -27.38 -46.22
C LYS H 190 -44.86 -28.09 -47.35
N THR H 191 -45.89 -28.85 -47.01
CA THR H 191 -46.73 -29.49 -48.02
C THR H 191 -47.80 -28.52 -48.52
N PHE H 192 -47.95 -28.44 -49.83
CA PHE H 192 -49.04 -27.66 -50.42
C PHE H 192 -50.05 -28.59 -51.07
N SER H 193 -51.18 -28.03 -51.50
CA SER H 193 -52.10 -28.80 -52.31
C SER H 193 -52.92 -27.90 -53.22
N ASP H 194 -53.40 -28.48 -54.31
CA ASP H 194 -54.20 -27.78 -55.29
C ASP H 194 -54.95 -28.85 -56.06
N ASN H 195 -56.25 -28.66 -56.24
CA ASN H 195 -57.06 -29.62 -56.97
C ASN H 195 -56.88 -31.04 -56.44
N GLY H 196 -56.78 -31.16 -55.11
CA GLY H 196 -56.68 -32.46 -54.47
C GLY H 196 -55.35 -33.18 -54.64
N VAL H 197 -54.33 -32.44 -55.05
CA VAL H 197 -53.01 -32.98 -55.24
C VAL H 197 -52.03 -32.37 -54.26
N PRO H 198 -51.50 -33.17 -53.33
CA PRO H 198 -50.47 -32.68 -52.41
C PRO H 198 -49.10 -32.66 -53.07
N TYR H 199 -48.30 -31.65 -52.74
CA TYR H 199 -46.93 -31.55 -53.24
C TYR H 199 -46.01 -30.68 -52.38
N ASP H 200 -44.72 -30.85 -52.63
CA ASP H 200 -43.61 -30.32 -51.84
C ASP H 200 -42.65 -29.63 -52.79
N PHE H 201 -41.79 -28.78 -52.26
CA PHE H 201 -40.67 -28.27 -53.04
C PHE H 201 -39.37 -28.65 -52.37
N VAL H 202 -38.48 -29.29 -53.11
CA VAL H 202 -37.14 -29.56 -52.58
C VAL H 202 -36.06 -29.02 -53.48
N VAL H 203 -34.90 -28.72 -52.89
CA VAL H 203 -33.73 -28.37 -53.66
C VAL H 203 -32.58 -29.32 -53.32
N LEU H 204 -32.06 -29.98 -54.34
CA LEU H 204 -30.97 -30.93 -54.18
C LEU H 204 -29.68 -30.31 -54.73
N GLU H 205 -28.56 -30.54 -54.04
CA GLU H 205 -27.27 -30.12 -54.59
C GLU H 205 -26.30 -31.29 -54.81
N LYS H 206 -25.64 -31.27 -55.96
CA LYS H 206 -24.57 -32.21 -56.31
C LYS H 206 -23.46 -32.11 -55.28
N ARG H 207 -23.09 -33.24 -54.69
CA ARG H 207 -22.01 -33.26 -53.70
C ARG H 207 -21.00 -34.32 -54.09
N SER H 241 -21.30 -1.85 -33.04
CA SER H 241 -20.87 -1.43 -31.71
C SER H 241 -21.76 -2.06 -30.65
N SER H 242 -23.07 -1.95 -30.84
CA SER H 242 -23.98 -2.50 -29.84
C SER H 242 -23.88 -4.01 -29.78
N ALA H 243 -23.56 -4.65 -30.90
CA ALA H 243 -23.28 -6.08 -30.91
C ALA H 243 -21.97 -6.34 -30.20
N ALA H 244 -21.03 -5.41 -30.35
CA ALA H 244 -19.73 -5.55 -29.76
C ALA H 244 -19.76 -5.32 -28.25
N ALA H 245 -20.56 -4.38 -27.79
CA ALA H 245 -20.69 -4.11 -26.36
C ALA H 245 -21.36 -5.28 -25.65
N ILE H 246 -22.32 -5.88 -26.34
CA ILE H 246 -23.10 -6.98 -25.81
C ILE H 246 -22.31 -8.30 -25.74
N ALA H 247 -21.42 -8.51 -26.70
CA ALA H 247 -20.76 -9.80 -26.88
C ALA H 247 -20.09 -10.42 -25.65
N PRO H 248 -19.26 -9.66 -24.92
CA PRO H 248 -18.62 -10.30 -23.78
C PRO H 248 -19.62 -10.79 -22.74
N VAL H 249 -20.80 -10.18 -22.69
CA VAL H 249 -21.82 -10.59 -21.72
C VAL H 249 -22.52 -11.88 -22.18
N LEU H 250 -22.87 -11.94 -23.45
CA LEU H 250 -23.46 -13.15 -24.01
C LEU H 250 -22.50 -14.32 -23.86
N ALA H 251 -21.21 -14.05 -24.07
CA ALA H 251 -20.20 -15.09 -24.03
C ALA H 251 -20.12 -15.80 -22.68
N TRP H 252 -20.08 -15.04 -21.58
CA TRP H 252 -19.97 -15.69 -20.28
C TRP H 252 -21.25 -16.40 -19.86
N MET H 253 -22.39 -15.87 -20.29
CA MET H 253 -23.67 -16.49 -19.99
C MET H 253 -23.83 -17.82 -20.70
N ASP H 254 -23.26 -17.92 -21.90
CA ASP H 254 -23.35 -19.15 -22.68
C ASP H 254 -22.27 -20.16 -22.31
N GLU H 255 -21.17 -19.69 -21.73
CA GLU H 255 -20.02 -20.55 -21.41
C GLU H 255 -20.43 -21.87 -20.78
N GLU H 256 -21.17 -21.82 -19.69
CA GLU H 256 -21.88 -22.98 -19.19
C GLU H 256 -23.20 -23.07 -19.98
N ASP H 257 -23.29 -24.00 -20.93
CA ASP H 257 -22.23 -24.96 -21.19
C ASP H 257 -21.81 -25.08 -22.67
N LYS H 264 -22.68 -34.96 -25.51
CA LYS H 264 -21.43 -34.44 -26.04
C LYS H 264 -21.49 -34.34 -27.55
N GLU H 265 -21.74 -35.46 -28.22
CA GLU H 265 -22.05 -35.42 -29.64
C GLU H 265 -23.57 -35.32 -29.81
N LEU H 266 -24.01 -34.13 -30.20
CA LEU H 266 -25.42 -33.83 -30.41
C LEU H 266 -25.88 -34.61 -31.64
N ILE H 267 -27.03 -35.26 -31.57
CA ILE H 267 -27.62 -35.77 -32.79
C ILE H 267 -28.60 -34.74 -33.37
N ARG H 268 -28.87 -34.86 -34.66
CA ARG H 268 -29.74 -33.92 -35.35
C ARG H 268 -30.36 -34.58 -36.58
N ALA H 269 -31.64 -34.35 -36.80
CA ALA H 269 -32.32 -34.94 -37.95
C ALA H 269 -31.77 -34.37 -39.23
N VAL H 270 -31.40 -35.28 -40.15
CA VAL H 270 -30.86 -34.95 -41.48
C VAL H 270 -30.16 -33.59 -41.57
N PRO H 271 -29.00 -33.46 -40.90
CA PRO H 271 -28.32 -32.17 -40.73
C PRO H 271 -28.01 -31.42 -42.03
N HIS H 272 -27.94 -32.14 -43.14
CA HIS H 272 -27.67 -31.49 -44.42
C HIS H 272 -28.84 -30.62 -44.92
N VAL H 273 -30.02 -30.79 -44.34
CA VAL H 273 -31.15 -29.95 -44.74
C VAL H 273 -31.16 -28.64 -43.95
N HIS H 274 -30.87 -27.54 -44.64
CA HIS H 274 -30.74 -26.23 -44.02
C HIS H 274 -32.09 -25.57 -43.81
N PHE H 275 -32.87 -25.51 -44.87
CA PHE H 275 -34.19 -24.91 -44.82
C PHE H 275 -35.24 -25.99 -44.57
N ARG H 276 -35.77 -26.01 -43.36
CA ARG H 276 -36.55 -27.14 -42.88
C ARG H 276 -38.00 -26.75 -42.65
N GLY H 277 -38.69 -26.45 -43.75
CA GLY H 277 -40.06 -25.97 -43.70
C GLY H 277 -41.09 -27.05 -43.47
N HIS H 278 -40.75 -28.29 -43.81
CA HIS H 278 -41.67 -29.41 -43.62
C HIS H 278 -42.03 -29.54 -42.15
N GLU H 279 -43.33 -29.59 -41.87
CA GLU H 279 -43.80 -29.62 -40.48
C GLU H 279 -43.42 -30.89 -39.73
N GLU H 280 -43.02 -31.94 -40.44
CA GLU H 280 -42.54 -33.15 -39.78
C GLU H 280 -41.24 -32.93 -39.00
N PHE H 281 -40.51 -31.86 -39.34
CA PHE H 281 -39.29 -31.53 -38.61
C PHE H 281 -39.55 -31.21 -37.14
N GLN H 282 -40.75 -30.74 -36.81
CA GLN H 282 -41.09 -30.52 -35.41
C GLN H 282 -40.99 -31.82 -34.64
N TYR H 283 -41.35 -32.92 -35.30
CA TYR H 283 -41.32 -34.21 -34.65
C TYR H 283 -39.91 -34.78 -34.67
N LEU H 284 -39.21 -34.65 -35.79
CA LEU H 284 -37.83 -35.10 -35.85
C LEU H 284 -36.96 -34.31 -34.88
N ASP H 285 -37.17 -32.99 -34.80
CA ASP H 285 -36.41 -32.15 -33.88
C ASP H 285 -36.73 -32.49 -32.44
N LEU H 286 -37.97 -32.91 -32.19
CA LEU H 286 -38.39 -33.27 -30.84
C LEU H 286 -37.65 -34.50 -30.34
N ILE H 287 -37.54 -35.52 -31.17
CA ILE H 287 -36.73 -36.69 -30.87
C ILE H 287 -35.29 -36.31 -30.54
N ALA H 288 -34.70 -35.46 -31.38
CA ALA H 288 -33.33 -35.03 -31.19
C ALA H 288 -33.19 -34.32 -29.85
N ASP H 289 -34.11 -33.38 -29.60
CA ASP H 289 -34.09 -32.63 -28.35
C ASP H 289 -34.21 -33.54 -27.11
N ILE H 290 -35.05 -34.57 -27.18
CA ILE H 290 -35.19 -35.46 -26.05
C ILE H 290 -33.92 -36.27 -25.83
N ILE H 291 -33.38 -36.81 -26.91
CA ILE H 291 -32.17 -37.61 -26.82
C ILE H 291 -30.97 -36.76 -26.36
N ASN H 292 -30.86 -35.54 -26.88
CA ASN H 292 -29.74 -34.69 -26.51
C ASN H 292 -29.86 -34.04 -25.14
N ASN H 293 -31.08 -33.66 -24.78
CA ASN H 293 -31.29 -32.79 -23.63
C ASN H 293 -32.12 -33.38 -22.51
N GLY H 294 -32.78 -34.50 -22.78
CA GLY H 294 -33.61 -35.12 -21.77
C GLY H 294 -32.76 -35.72 -20.67
N ARG H 295 -33.42 -36.12 -19.58
CA ARG H 295 -32.77 -36.79 -18.48
C ARG H 295 -33.22 -38.24 -18.45
N THR H 296 -32.30 -39.13 -18.13
CA THR H 296 -32.60 -40.56 -18.04
C THR H 296 -33.33 -40.86 -16.73
N MET H 297 -34.45 -41.56 -16.83
CA MET H 297 -35.31 -41.77 -15.67
C MET H 297 -35.89 -43.17 -15.67
N ASP H 298 -36.30 -43.63 -14.49
CA ASP H 298 -37.09 -44.84 -14.37
C ASP H 298 -38.54 -44.53 -14.71
N ASP H 299 -39.37 -45.56 -14.80
CA ASP H 299 -40.76 -45.40 -15.18
C ASP H 299 -41.49 -46.70 -14.85
N ARG H 300 -42.81 -46.67 -14.97
CA ARG H 300 -43.69 -47.74 -14.47
C ARG H 300 -43.62 -49.05 -15.25
N THR H 301 -42.94 -49.05 -16.40
CA THR H 301 -42.86 -50.25 -17.22
C THR H 301 -41.60 -51.05 -16.93
N GLY H 302 -40.61 -50.39 -16.35
CA GLY H 302 -39.35 -51.03 -16.03
C GLY H 302 -38.36 -50.88 -17.16
N VAL H 303 -38.82 -50.34 -18.27
CA VAL H 303 -38.00 -50.25 -19.47
C VAL H 303 -36.97 -49.12 -19.39
N GLY H 304 -37.36 -47.99 -18.81
CA GLY H 304 -36.47 -46.85 -18.72
C GLY H 304 -36.67 -45.89 -19.87
N VAL H 305 -36.61 -44.59 -19.56
CA VAL H 305 -36.88 -43.58 -20.57
C VAL H 305 -35.84 -42.49 -20.52
N ILE H 306 -35.82 -41.67 -21.57
CA ILE H 306 -35.21 -40.36 -21.48
C ILE H 306 -36.35 -39.38 -21.66
N SER H 307 -36.43 -38.38 -20.78
CA SER H 307 -37.65 -37.57 -20.72
C SER H 307 -37.43 -36.07 -20.60
N LYS H 308 -38.38 -35.32 -21.15
CA LYS H 308 -38.49 -33.87 -20.97
C LYS H 308 -39.92 -33.61 -20.56
N PHE H 309 -40.18 -32.42 -20.01
CA PHE H 309 -41.52 -32.07 -19.56
C PHE H 309 -41.99 -30.79 -20.23
N GLY H 310 -43.14 -30.85 -20.89
CA GLY H 310 -43.71 -29.66 -21.50
C GLY H 310 -43.19 -29.40 -22.90
N CYS H 311 -43.77 -30.08 -23.88
CA CYS H 311 -43.36 -29.90 -25.26
C CYS H 311 -44.56 -29.60 -26.13
N THR H 312 -44.29 -29.07 -27.31
CA THR H 312 -45.32 -28.44 -28.12
C THR H 312 -45.08 -28.66 -29.61
N MET H 313 -46.14 -29.04 -30.33
CA MET H 313 -46.09 -29.13 -31.78
C MET H 313 -47.41 -28.60 -32.33
N ARG H 314 -47.37 -28.10 -33.56
CA ARG H 314 -48.62 -27.78 -34.23
C ARG H 314 -48.60 -28.07 -35.72
N TYR H 315 -49.72 -28.61 -36.20
CA TYR H 315 -49.81 -29.10 -37.55
C TYR H 315 -50.97 -28.47 -38.31
N SER H 316 -50.66 -27.91 -39.46
CA SER H 316 -51.67 -27.28 -40.28
C SER H 316 -52.50 -28.36 -41.02
N LEU H 317 -53.79 -28.10 -41.21
CA LEU H 317 -54.71 -29.13 -41.71
C LEU H 317 -55.48 -28.72 -42.97
N ASP H 318 -55.14 -27.56 -43.52
CA ASP H 318 -55.94 -26.97 -44.58
C ASP H 318 -55.45 -27.32 -45.98
N GLN H 319 -54.22 -27.80 -46.08
CA GLN H 319 -53.65 -28.18 -47.36
C GLN H 319 -53.50 -29.69 -47.39
N ALA H 320 -52.94 -30.21 -46.31
CA ALA H 320 -52.58 -31.60 -46.24
C ALA H 320 -52.81 -32.12 -44.82
N PHE H 321 -52.50 -33.39 -44.61
CA PHE H 321 -52.81 -34.06 -43.37
C PHE H 321 -51.51 -34.67 -42.81
N PRO H 322 -51.25 -34.45 -41.53
CA PRO H 322 -49.96 -34.79 -40.92
C PRO H 322 -49.82 -36.28 -40.58
N LEU H 323 -49.92 -37.14 -41.58
CA LEU H 323 -49.63 -38.55 -41.39
C LEU H 323 -48.14 -38.72 -41.68
N LEU H 324 -47.38 -39.07 -40.65
CA LEU H 324 -45.91 -38.97 -40.71
C LEU H 324 -45.29 -39.82 -41.82
N THR H 325 -44.25 -39.31 -42.44
CA THR H 325 -43.65 -39.96 -43.61
C THR H 325 -42.30 -40.60 -43.35
N THR H 326 -41.64 -40.28 -42.23
CA THR H 326 -40.34 -40.88 -41.98
C THR H 326 -40.45 -42.33 -41.52
N LYS H 327 -41.67 -42.78 -41.26
CA LYS H 327 -41.96 -44.20 -41.13
C LYS H 327 -43.46 -44.39 -41.33
N ARG H 328 -43.84 -45.55 -41.84
CA ARG H 328 -45.24 -45.81 -42.12
C ARG H 328 -46.05 -45.82 -40.83
N VAL H 329 -47.08 -44.98 -40.79
CA VAL H 329 -47.99 -44.94 -39.68
C VAL H 329 -49.24 -45.80 -39.98
N PHE H 330 -49.66 -46.55 -38.97
CA PHE H 330 -50.77 -47.50 -39.05
C PHE H 330 -52.12 -46.79 -39.14
N TRP H 331 -52.44 -46.31 -40.33
CA TRP H 331 -53.66 -45.53 -40.56
C TRP H 331 -54.95 -46.24 -40.15
N LYS H 332 -55.08 -47.51 -40.52
CA LYS H 332 -56.29 -48.27 -40.22
C LYS H 332 -56.51 -48.33 -38.71
N GLY H 333 -55.41 -48.43 -37.96
CA GLY H 333 -55.50 -48.47 -36.51
C GLY H 333 -56.00 -47.15 -35.94
N VAL H 334 -55.50 -46.05 -36.49
CA VAL H 334 -55.91 -44.71 -36.08
C VAL H 334 -57.41 -44.52 -36.29
N LEU H 335 -57.87 -44.86 -37.47
CA LEU H 335 -59.26 -44.71 -37.84
C LEU H 335 -60.17 -45.59 -36.98
N GLU H 336 -59.80 -46.86 -36.81
CA GLU H 336 -60.63 -47.78 -36.06
C GLU H 336 -60.71 -47.42 -34.59
N GLU H 337 -59.59 -46.99 -34.03
CA GLU H 337 -59.57 -46.61 -32.62
C GLU H 337 -60.46 -45.39 -32.39
N LEU H 338 -60.34 -44.40 -33.27
CA LEU H 338 -61.11 -43.18 -33.14
C LEU H 338 -62.63 -43.44 -33.24
N LEU H 339 -63.05 -44.22 -34.22
CA LEU H 339 -64.45 -44.59 -34.36
C LEU H 339 -64.92 -45.31 -33.11
N TRP H 340 -64.04 -46.12 -32.55
CA TRP H 340 -64.29 -46.88 -31.35
C TRP H 340 -64.47 -45.96 -30.14
N PHE H 341 -63.61 -44.94 -30.02
CA PHE H 341 -63.77 -43.93 -28.98
C PHE H 341 -65.13 -43.24 -29.11
N ILE H 342 -65.49 -42.90 -30.33
CA ILE H 342 -66.68 -42.10 -30.60
C ILE H 342 -67.97 -42.84 -30.26
N ARG H 343 -67.96 -44.16 -30.38
CA ARG H 343 -69.09 -44.99 -29.98
C ARG H 343 -69.18 -45.15 -28.47
N GLY H 344 -68.17 -44.71 -27.75
CA GLY H 344 -68.13 -44.95 -26.31
C GLY H 344 -67.84 -46.41 -25.98
N ASP H 345 -67.27 -47.13 -26.95
CA ASP H 345 -66.96 -48.54 -26.79
C ASP H 345 -65.78 -48.75 -25.84
N THR H 346 -65.92 -49.70 -24.92
CA THR H 346 -64.87 -50.03 -23.96
C THR H 346 -64.45 -51.49 -24.05
N ASN H 347 -64.75 -52.12 -25.17
CA ASN H 347 -64.38 -53.51 -25.38
C ASN H 347 -63.29 -53.57 -26.45
N ALA H 348 -62.06 -53.83 -26.01
CA ALA H 348 -60.93 -53.84 -26.94
C ALA H 348 -60.93 -55.05 -27.88
N ASN H 349 -61.72 -56.08 -27.56
CA ASN H 349 -61.88 -57.20 -28.47
C ASN H 349 -62.47 -56.76 -29.81
N HIS H 350 -63.28 -55.71 -29.79
CA HIS H 350 -63.84 -55.17 -31.04
C HIS H 350 -62.76 -54.60 -31.96
N LEU H 351 -61.73 -54.00 -31.38
CA LEU H 351 -60.58 -53.54 -32.15
C LEU H 351 -59.76 -54.73 -32.65
N SER H 352 -59.45 -55.62 -31.72
CA SER H 352 -58.58 -56.77 -31.99
C SER H 352 -59.18 -57.62 -33.09
N GLU H 353 -60.50 -57.79 -33.04
N GLU H 353 -60.50 -57.79 -33.07
CA GLU H 353 -61.28 -58.46 -34.05
CA GLU H 353 -61.18 -58.56 -34.08
C GLU H 353 -60.94 -57.98 -35.45
C GLU H 353 -61.08 -57.95 -35.49
N LYS H 354 -60.72 -56.67 -35.58
CA LYS H 354 -60.49 -56.05 -36.89
C LYS H 354 -59.02 -55.97 -37.26
N GLY H 355 -58.17 -56.63 -36.48
CA GLY H 355 -56.75 -56.58 -36.76
C GLY H 355 -56.06 -55.37 -36.13
N VAL H 356 -56.77 -54.69 -35.23
CA VAL H 356 -56.20 -53.56 -34.52
C VAL H 356 -55.95 -53.98 -33.08
N LYS H 357 -54.71 -54.34 -32.77
CA LYS H 357 -54.39 -55.01 -31.51
C LYS H 357 -53.74 -54.08 -30.50
N ILE H 358 -53.82 -52.78 -30.76
CA ILE H 358 -53.11 -51.76 -29.98
C ILE H 358 -53.40 -51.77 -28.49
N TRP H 359 -54.56 -52.25 -28.09
CA TRP H 359 -54.94 -52.20 -26.68
C TRP H 359 -54.79 -53.53 -25.96
N ASP H 360 -54.46 -54.56 -26.71
CA ASP H 360 -54.51 -55.93 -26.20
C ASP H 360 -53.59 -56.20 -25.00
N LYS H 361 -52.39 -55.63 -25.00
CA LYS H 361 -51.45 -55.92 -23.91
C LYS H 361 -51.80 -55.22 -22.60
N ASN H 362 -52.62 -54.18 -22.67
CA ASN H 362 -52.99 -53.52 -21.43
C ASN H 362 -54.37 -53.98 -20.94
N VAL H 363 -54.90 -55.04 -21.57
CA VAL H 363 -56.15 -55.64 -21.11
C VAL H 363 -56.11 -57.17 -21.03
N THR H 364 -54.92 -57.73 -20.84
CA THR H 364 -54.79 -59.15 -20.53
C THR H 364 -55.19 -59.37 -19.07
N ARG H 365 -55.47 -60.64 -18.74
CA ARG H 365 -55.70 -61.08 -17.38
C ARG H 365 -54.62 -60.56 -16.44
N GLU H 366 -53.37 -60.79 -16.83
CA GLU H 366 -52.21 -60.39 -16.06
C GLU H 366 -52.14 -58.88 -15.81
N PHE H 367 -52.37 -58.09 -16.84
CA PHE H 367 -52.25 -56.64 -16.64
C PHE H 367 -53.41 -56.11 -15.81
N LEU H 368 -54.60 -56.63 -16.08
CA LEU H 368 -55.78 -56.21 -15.34
C LEU H 368 -55.57 -56.52 -13.86
N ASP H 369 -55.01 -57.69 -13.57
CA ASP H 369 -54.73 -58.07 -12.19
C ASP H 369 -53.67 -57.16 -11.56
N SER H 370 -52.69 -56.74 -12.36
CA SER H 370 -51.67 -55.81 -11.88
C SER H 370 -52.31 -54.49 -11.48
N ARG H 371 -53.46 -54.19 -12.10
CA ARG H 371 -54.22 -52.99 -11.79
C ARG H 371 -55.23 -53.20 -10.66
N ASN H 372 -55.22 -54.39 -10.06
CA ASN H 372 -56.25 -54.79 -9.08
C ASN H 372 -57.64 -54.84 -9.68
N LEU H 373 -57.74 -55.42 -10.86
CA LEU H 373 -59.03 -55.56 -11.51
C LEU H 373 -59.34 -57.01 -11.87
N PRO H 374 -59.35 -57.91 -10.87
CA PRO H 374 -59.55 -59.32 -11.20
C PRO H 374 -60.96 -59.58 -11.73
N HIS H 375 -61.89 -58.68 -11.42
CA HIS H 375 -63.27 -58.82 -11.85
C HIS H 375 -63.50 -58.32 -13.28
N ARG H 376 -62.49 -57.71 -13.88
CA ARG H 376 -62.62 -57.29 -15.27
C ARG H 376 -62.40 -58.44 -16.22
N GLU H 377 -63.27 -58.52 -17.22
CA GLU H 377 -63.11 -59.48 -18.30
C GLU H 377 -61.98 -59.04 -19.21
N VAL H 378 -61.26 -60.01 -19.76
CA VAL H 378 -60.21 -59.73 -20.74
C VAL H 378 -60.74 -58.86 -21.87
N GLY H 379 -60.05 -57.76 -22.14
CA GLY H 379 -60.46 -56.84 -23.18
C GLY H 379 -61.18 -55.59 -22.69
N ASP H 380 -61.63 -55.60 -21.44
CA ASP H 380 -62.42 -54.50 -20.91
C ASP H 380 -61.52 -53.39 -20.37
N ILE H 381 -61.43 -52.27 -21.08
CA ILE H 381 -60.57 -51.17 -20.62
C ILE H 381 -61.17 -50.34 -19.48
N GLY H 382 -62.36 -50.71 -19.02
CA GLY H 382 -63.01 -49.94 -17.97
C GLY H 382 -63.60 -48.66 -18.55
N PRO H 383 -64.04 -47.76 -17.67
CA PRO H 383 -64.66 -46.49 -18.10
C PRO H 383 -63.62 -45.47 -18.56
N GLY H 384 -62.88 -45.81 -19.60
CA GLY H 384 -61.83 -44.95 -20.11
C GLY H 384 -62.23 -44.27 -21.42
N TYR H 385 -61.28 -43.55 -21.99
CA TYR H 385 -61.44 -42.71 -23.19
C TYR H 385 -62.87 -42.43 -23.67
N GLY H 386 -63.37 -43.25 -24.57
CA GLY H 386 -64.68 -43.04 -25.17
C GLY H 386 -65.84 -43.02 -24.20
N PHE H 387 -65.78 -43.84 -23.16
CA PHE H 387 -66.83 -43.84 -22.15
C PHE H 387 -66.97 -42.46 -21.52
N GLN H 388 -65.84 -41.85 -21.17
CA GLN H 388 -65.88 -40.53 -20.57
C GLN H 388 -66.29 -39.46 -21.59
N TRP H 389 -65.87 -39.62 -22.85
CA TRP H 389 -66.27 -38.68 -23.90
C TRP H 389 -67.79 -38.63 -24.03
N ARG H 390 -68.42 -39.79 -24.02
CA ARG H 390 -69.84 -39.88 -24.32
C ARG H 390 -70.69 -40.00 -23.05
N HIS H 391 -70.09 -40.47 -21.96
CA HIS H 391 -70.85 -40.68 -20.73
C HIS H 391 -70.10 -40.28 -19.49
N PHE H 392 -69.51 -39.08 -19.49
CA PHE H 392 -68.72 -38.64 -18.34
C PHE H 392 -69.48 -38.77 -17.03
N GLY H 393 -68.87 -39.48 -16.08
CA GLY H 393 -69.40 -39.56 -14.74
C GLY H 393 -70.39 -40.68 -14.51
N ALA H 394 -70.76 -41.40 -15.56
CA ALA H 394 -71.69 -42.51 -15.43
C ALA H 394 -71.09 -43.65 -14.62
N ALA H 395 -71.94 -44.39 -13.94
CA ALA H 395 -71.52 -45.55 -13.20
C ALA H 395 -71.22 -46.68 -14.19
N TYR H 396 -70.00 -47.19 -14.17
CA TYR H 396 -69.59 -48.27 -15.07
C TYR H 396 -69.99 -49.63 -14.53
N LYS H 397 -70.39 -50.52 -15.43
CA LYS H 397 -70.69 -51.90 -15.07
C LYS H 397 -69.65 -52.79 -15.72
N ASP H 398 -69.83 -53.05 -17.01
CA ASP H 398 -68.84 -53.74 -17.81
C ASP H 398 -68.91 -53.24 -19.25
N MET H 399 -68.12 -53.84 -20.14
CA MET H 399 -68.08 -53.40 -21.52
C MET H 399 -69.26 -53.86 -22.34
N HIS H 400 -70.11 -54.71 -21.77
CA HIS H 400 -71.28 -55.20 -22.48
C HIS H 400 -72.54 -54.41 -22.15
N THR H 401 -72.43 -53.46 -21.23
CA THR H 401 -73.58 -52.70 -20.79
C THR H 401 -73.91 -51.57 -21.78
N ASP H 402 -75.19 -51.28 -21.95
CA ASP H 402 -75.62 -50.14 -22.75
C ASP H 402 -75.83 -48.93 -21.85
N TYR H 403 -75.09 -47.86 -22.11
CA TYR H 403 -75.08 -46.67 -21.27
C TYR H 403 -75.82 -45.50 -21.88
N THR H 404 -76.52 -45.76 -22.97
CA THR H 404 -77.28 -44.73 -23.68
C THR H 404 -78.04 -43.80 -22.72
N GLY H 405 -77.90 -42.50 -22.93
CA GLY H 405 -78.52 -41.52 -22.06
C GLY H 405 -77.84 -41.27 -20.72
N GLN H 406 -76.88 -42.12 -20.35
CA GLN H 406 -76.21 -41.96 -19.06
C GLN H 406 -75.00 -41.04 -19.15
N GLY H 407 -74.80 -40.26 -18.11
CA GLY H 407 -73.64 -39.37 -18.02
C GLY H 407 -73.74 -38.16 -18.92
N VAL H 408 -72.65 -37.40 -19.01
CA VAL H 408 -72.61 -36.21 -19.84
C VAL H 408 -71.99 -36.53 -21.19
N ASP H 409 -72.72 -36.26 -22.26
CA ASP H 409 -72.19 -36.47 -23.60
C ASP H 409 -71.43 -35.22 -24.06
N GLN H 410 -70.14 -35.17 -23.71
CA GLN H 410 -69.31 -34.02 -23.99
C GLN H 410 -69.15 -33.76 -25.48
N LEU H 411 -68.99 -34.82 -26.25
CA LEU H 411 -68.76 -34.69 -27.68
C LEU H 411 -69.97 -34.02 -28.35
N LYS H 412 -71.16 -34.47 -27.97
CA LYS H 412 -72.37 -33.86 -28.47
C LYS H 412 -72.47 -32.38 -28.06
N ASN H 413 -72.16 -32.09 -26.80
CA ASN H 413 -72.16 -30.70 -26.34
C ASN H 413 -71.16 -29.83 -27.08
N VAL H 414 -69.97 -30.35 -27.35
CA VAL H 414 -68.98 -29.60 -28.09
C VAL H 414 -69.51 -29.27 -29.46
N ILE H 415 -70.06 -30.28 -30.14
CA ILE H 415 -70.59 -30.08 -31.47
C ILE H 415 -71.78 -29.11 -31.47
N GLN H 416 -72.68 -29.21 -30.50
CA GLN H 416 -73.81 -28.27 -30.48
C GLN H 416 -73.33 -26.82 -30.28
N MET H 417 -72.33 -26.64 -29.43
CA MET H 417 -71.81 -25.29 -29.20
C MET H 417 -71.11 -24.75 -30.44
N LEU H 418 -70.36 -25.61 -31.15
CA LEU H 418 -69.69 -25.19 -32.37
C LEU H 418 -70.70 -24.73 -33.42
N ARG H 419 -71.85 -25.38 -33.47
CA ARG H 419 -72.86 -25.02 -34.47
C ARG H 419 -73.65 -23.77 -34.10
N THR H 420 -73.78 -23.47 -32.82
CA THR H 420 -74.70 -22.42 -32.41
C THR H 420 -74.04 -21.18 -31.84
N ASN H 421 -72.95 -21.36 -31.11
CA ASN H 421 -72.27 -20.24 -30.51
C ASN H 421 -70.76 -20.48 -30.48
N PRO H 422 -70.13 -20.44 -31.65
CA PRO H 422 -68.74 -20.87 -31.79
C PRO H 422 -67.70 -19.95 -31.14
N THR H 423 -68.14 -18.84 -30.57
CA THR H 423 -67.22 -17.97 -29.85
C THR H 423 -67.16 -18.33 -28.37
N ASP H 424 -67.90 -19.36 -27.98
CA ASP H 424 -67.87 -19.86 -26.62
C ASP H 424 -66.46 -20.38 -26.29
N ARG H 425 -66.03 -20.19 -25.06
CA ARG H 425 -64.66 -20.57 -24.70
C ARG H 425 -64.62 -21.81 -23.81
N ARG H 426 -65.71 -22.58 -23.81
CA ARG H 426 -65.84 -23.75 -22.96
C ARG H 426 -66.00 -25.02 -23.79
N MET H 427 -65.58 -24.96 -25.05
CA MET H 427 -65.70 -26.10 -25.95
C MET H 427 -64.58 -27.11 -25.72
N LEU H 428 -64.75 -27.89 -24.66
CA LEU H 428 -63.74 -28.82 -24.19
C LEU H 428 -64.32 -30.21 -23.98
N MET H 429 -63.45 -31.21 -24.09
CA MET H 429 -63.83 -32.57 -23.81
C MET H 429 -62.73 -33.17 -22.95
N THR H 430 -63.10 -33.83 -21.87
CA THR H 430 -62.09 -34.44 -21.01
C THR H 430 -62.31 -35.93 -20.79
N ALA H 431 -61.21 -36.67 -20.67
CA ALA H 431 -61.28 -38.07 -20.32
C ALA H 431 -60.79 -38.29 -18.89
N TRP H 432 -60.25 -37.22 -18.29
CA TRP H 432 -59.65 -37.33 -16.97
C TRP H 432 -60.68 -37.22 -15.84
N ASN H 433 -61.08 -38.36 -15.32
CA ASN H 433 -62.07 -38.43 -14.26
C ASN H 433 -61.45 -39.12 -13.06
N PRO H 434 -61.00 -38.34 -12.06
CA PRO H 434 -60.33 -38.90 -10.89
C PRO H 434 -61.16 -39.92 -10.13
N ALA H 435 -62.48 -39.81 -10.21
CA ALA H 435 -63.35 -40.74 -9.49
C ALA H 435 -63.35 -42.11 -10.15
N ALA H 436 -62.92 -42.18 -11.41
CA ALA H 436 -62.98 -43.42 -12.16
C ALA H 436 -61.62 -44.02 -12.51
N LEU H 437 -60.55 -43.30 -12.20
CA LEU H 437 -59.21 -43.67 -12.67
C LEU H 437 -58.81 -45.09 -12.30
N ASP H 438 -59.04 -45.48 -11.05
CA ASP H 438 -58.66 -46.80 -10.58
C ASP H 438 -59.45 -47.92 -11.26
N GLU H 439 -60.57 -47.57 -11.91
CA GLU H 439 -61.40 -48.57 -12.58
C GLU H 439 -60.93 -48.80 -14.00
N MET H 440 -60.05 -47.93 -14.48
CA MET H 440 -59.55 -48.03 -15.84
C MET H 440 -58.33 -48.94 -15.92
N ALA H 441 -58.16 -49.59 -17.06
CA ALA H 441 -56.98 -50.42 -17.29
C ALA H 441 -55.74 -49.54 -17.31
N LEU H 442 -55.84 -48.43 -18.00
CA LEU H 442 -54.77 -47.45 -18.04
C LEU H 442 -55.39 -46.07 -17.96
N PRO H 443 -54.92 -45.23 -17.04
CA PRO H 443 -55.35 -43.84 -17.10
C PRO H 443 -55.04 -43.25 -18.46
N PRO H 444 -55.95 -42.42 -18.99
CA PRO H 444 -55.84 -41.90 -20.35
C PRO H 444 -54.59 -41.04 -20.54
N CYS H 445 -53.98 -41.15 -21.70
CA CYS H 445 -52.81 -40.36 -22.01
C CYS H 445 -53.22 -39.05 -22.63
N HIS H 446 -54.03 -39.13 -23.68
CA HIS H 446 -54.60 -37.93 -24.25
C HIS H 446 -55.87 -37.65 -23.48
N LEU H 447 -55.87 -36.58 -22.70
CA LEU H 447 -56.89 -36.48 -21.66
C LEU H 447 -57.81 -35.27 -21.78
N LEU H 448 -57.47 -34.34 -22.66
CA LEU H 448 -58.27 -33.16 -22.84
C LEU H 448 -58.13 -32.61 -24.24
N CYS H 449 -59.22 -32.13 -24.81
CA CYS H 449 -59.13 -31.38 -26.05
C CYS H 449 -60.08 -30.21 -26.08
N GLN H 450 -59.68 -29.16 -26.78
CA GLN H 450 -60.44 -27.93 -26.84
C GLN H 450 -60.52 -27.45 -28.28
N PHE H 451 -61.65 -26.88 -28.63
CA PHE H 451 -61.86 -26.42 -29.99
C PHE H 451 -62.03 -24.93 -30.05
N TYR H 452 -61.75 -24.38 -31.23
CA TYR H 452 -61.75 -22.96 -31.43
C TYR H 452 -62.08 -22.65 -32.87
N VAL H 453 -62.90 -21.64 -33.08
CA VAL H 453 -63.25 -21.19 -34.42
C VAL H 453 -62.85 -19.75 -34.58
N ASN H 454 -62.20 -19.41 -35.70
CA ASN H 454 -61.91 -18.02 -35.92
C ASN H 454 -63.07 -17.31 -36.64
N ASP H 455 -62.78 -16.21 -37.30
CA ASP H 455 -63.83 -15.43 -37.96
C ASP H 455 -64.04 -15.85 -39.41
N GLN H 456 -63.26 -16.84 -39.87
CA GLN H 456 -63.37 -17.32 -41.24
C GLN H 456 -63.89 -18.75 -41.27
N LYS H 457 -64.62 -19.14 -40.23
CA LYS H 457 -65.14 -20.49 -40.10
C LYS H 457 -64.04 -21.56 -40.08
N GLU H 458 -62.88 -21.23 -39.53
CA GLU H 458 -61.80 -22.22 -39.46
C GLU H 458 -61.68 -22.84 -38.07
N LEU H 459 -61.66 -24.16 -38.02
CA LEU H 459 -61.64 -24.90 -36.77
C LEU H 459 -60.24 -25.33 -36.40
N SER H 460 -59.84 -25.02 -35.17
CA SER H 460 -58.60 -25.51 -34.62
C SER H 460 -58.85 -26.40 -33.40
N CYS H 461 -57.92 -27.31 -33.14
CA CYS H 461 -58.03 -28.20 -32.00
C CYS H 461 -56.73 -28.28 -31.23
N ILE H 462 -56.86 -28.19 -29.91
CA ILE H 462 -55.74 -28.44 -29.02
C ILE H 462 -55.98 -29.73 -28.26
N MET H 463 -55.00 -30.61 -28.24
CA MET H 463 -55.06 -31.77 -27.37
C MET H 463 -53.94 -31.74 -26.35
N TYR H 464 -54.28 -31.98 -25.09
CA TYR H 464 -53.28 -32.11 -24.04
C TYR H 464 -53.04 -33.57 -23.69
N GLN H 465 -51.78 -33.98 -23.75
CA GLN H 465 -51.40 -35.35 -23.48
C GLN H 465 -50.43 -35.40 -22.30
N ARG H 466 -50.79 -36.11 -21.24
CA ARG H 466 -49.99 -36.14 -20.02
C ARG H 466 -48.71 -36.93 -20.17
N SER H 467 -48.74 -37.92 -21.07
CA SER H 467 -47.64 -38.87 -21.19
C SER H 467 -47.50 -39.27 -22.65
N CYS H 468 -46.32 -39.02 -23.21
CA CYS H 468 -46.14 -39.20 -24.64
C CYS H 468 -44.96 -40.10 -24.97
N ASP H 469 -45.27 -41.29 -25.47
CA ASP H 469 -44.29 -42.22 -25.98
C ASP H 469 -43.93 -41.71 -27.37
N VAL H 470 -42.82 -41.00 -27.46
CA VAL H 470 -42.41 -40.32 -28.68
C VAL H 470 -42.24 -41.23 -29.88
N GLY H 471 -41.62 -42.39 -29.67
CA GLY H 471 -41.37 -43.31 -30.76
C GLY H 471 -42.61 -44.00 -31.28
N LEU H 472 -43.43 -44.50 -30.38
CA LEU H 472 -44.56 -45.30 -30.79
C LEU H 472 -45.88 -44.53 -30.80
N GLY H 473 -46.25 -43.98 -29.66
CA GLY H 473 -47.55 -43.33 -29.50
C GLY H 473 -47.80 -42.03 -30.24
N VAL H 474 -46.83 -41.12 -30.21
CA VAL H 474 -47.00 -39.76 -30.72
C VAL H 474 -47.46 -39.59 -32.19
N PRO H 475 -46.81 -40.27 -33.14
CA PRO H 475 -47.28 -40.18 -34.53
C PRO H 475 -48.74 -40.61 -34.66
N PHE H 476 -49.11 -41.60 -33.86
CA PHE H 476 -50.44 -42.15 -33.84
C PHE H 476 -51.43 -41.12 -33.28
N ASN H 477 -51.05 -40.50 -32.17
CA ASN H 477 -51.89 -39.48 -31.53
C ASN H 477 -52.10 -38.26 -32.43
N ILE H 478 -51.05 -37.83 -33.11
CA ILE H 478 -51.13 -36.73 -34.05
C ILE H 478 -52.16 -37.02 -35.14
N ALA H 479 -52.07 -38.19 -35.76
CA ALA H 479 -53.02 -38.57 -36.79
C ALA H 479 -54.44 -38.66 -36.22
N SER H 480 -54.55 -39.15 -35.00
CA SER H 480 -55.85 -39.35 -34.35
C SER H 480 -56.64 -38.05 -34.16
N TYR H 481 -56.02 -37.07 -33.51
CA TYR H 481 -56.72 -35.83 -33.23
C TYR H 481 -56.81 -34.92 -34.45
N SER H 482 -55.87 -35.06 -35.38
CA SER H 482 -55.97 -34.34 -36.64
C SER H 482 -57.21 -34.87 -37.38
N LEU H 483 -57.41 -36.18 -37.34
CA LEU H 483 -58.57 -36.79 -37.97
C LEU H 483 -59.89 -36.40 -37.27
N LEU H 484 -59.87 -36.34 -35.93
CA LEU H 484 -61.05 -35.94 -35.19
C LEU H 484 -61.46 -34.52 -35.59
N THR H 485 -60.47 -33.69 -35.84
CA THR H 485 -60.67 -32.30 -36.21
C THR H 485 -61.34 -32.17 -37.58
N LEU H 486 -60.86 -32.95 -38.54
CA LEU H 486 -61.51 -33.03 -39.84
C LEU H 486 -62.97 -33.48 -39.72
N MET H 487 -63.22 -34.46 -38.85
CA MET H 487 -64.57 -35.00 -38.70
C MET H 487 -65.51 -33.98 -38.07
N VAL H 488 -65.05 -33.33 -37.01
CA VAL H 488 -65.85 -32.34 -36.31
C VAL H 488 -66.12 -31.12 -37.21
N ALA H 489 -65.10 -30.69 -37.95
CA ALA H 489 -65.26 -29.59 -38.90
C ALA H 489 -66.34 -29.89 -39.92
N HIS H 490 -66.30 -31.10 -40.48
CA HIS H 490 -67.30 -31.48 -41.47
C HIS H 490 -68.74 -31.41 -40.95
N VAL H 491 -69.01 -32.02 -39.80
CA VAL H 491 -70.38 -32.01 -39.28
C VAL H 491 -70.81 -30.63 -38.78
N CYS H 492 -69.87 -29.71 -38.63
CA CYS H 492 -70.20 -28.36 -38.19
C CYS H 492 -70.14 -27.32 -39.29
N ASN H 493 -69.90 -27.76 -40.54
CA ASN H 493 -69.74 -26.87 -41.69
C ASN H 493 -68.60 -25.85 -41.53
N LEU H 494 -67.53 -26.27 -40.87
CA LEU H 494 -66.36 -25.43 -40.71
C LEU H 494 -65.25 -26.03 -41.55
N LYS H 495 -64.13 -25.32 -41.67
CA LYS H 495 -62.99 -25.86 -42.38
C LYS H 495 -61.87 -26.12 -41.39
N PRO H 496 -61.22 -27.29 -41.50
CA PRO H 496 -60.14 -27.63 -40.57
C PRO H 496 -58.91 -26.75 -40.79
N LYS H 497 -58.36 -26.18 -39.72
CA LYS H 497 -57.21 -25.29 -39.85
C LYS H 497 -55.94 -25.85 -39.21
N GLU H 498 -56.02 -26.20 -37.93
CA GLU H 498 -54.81 -26.55 -37.19
C GLU H 498 -55.06 -27.53 -36.06
N PHE H 499 -54.12 -28.46 -35.90
CA PHE H 499 -54.06 -29.28 -34.70
C PHE H 499 -52.86 -28.82 -33.87
N ILE H 500 -53.11 -28.60 -32.59
CA ILE H 500 -52.09 -28.15 -31.67
C ILE H 500 -51.90 -29.19 -30.58
N HIS H 501 -50.68 -29.70 -30.47
CA HIS H 501 -50.36 -30.81 -29.60
C HIS H 501 -49.57 -30.32 -28.40
N PHE H 502 -50.18 -30.38 -27.23
CA PHE H 502 -49.53 -30.01 -25.99
C PHE H 502 -49.17 -31.27 -25.21
N MET H 503 -47.92 -31.36 -24.77
CA MET H 503 -47.39 -32.59 -24.19
C MET H 503 -46.78 -32.38 -22.80
N GLY H 504 -47.13 -33.25 -21.86
CA GLY H 504 -46.53 -33.20 -20.54
C GLY H 504 -45.24 -34.00 -20.49
N ASN H 505 -45.30 -35.18 -19.88
CA ASN H 505 -44.13 -36.04 -19.80
C ASN H 505 -43.89 -36.66 -21.17
N THR H 506 -42.85 -36.18 -21.81
CA THR H 506 -42.58 -36.50 -23.19
C THR H 506 -41.30 -37.31 -23.21
N HIS H 507 -41.42 -38.56 -23.63
CA HIS H 507 -40.33 -39.50 -23.38
C HIS H 507 -40.04 -40.47 -24.52
N VAL H 508 -38.77 -40.88 -24.56
CA VAL H 508 -38.29 -41.86 -25.50
C VAL H 508 -37.83 -43.07 -24.69
N TYR H 509 -38.45 -44.22 -24.91
CA TYR H 509 -38.03 -45.43 -24.22
C TYR H 509 -36.63 -45.86 -24.68
N THR H 510 -35.85 -46.36 -23.74
CA THR H 510 -34.44 -46.68 -24.00
C THR H 510 -34.28 -47.70 -25.13
N ASN H 511 -35.18 -48.68 -25.18
CA ASN H 511 -35.14 -49.66 -26.26
C ASN H 511 -35.66 -49.14 -27.61
N HIS H 512 -35.89 -47.84 -27.71
CA HIS H 512 -36.29 -47.23 -28.99
C HIS H 512 -35.19 -46.37 -29.61
N VAL H 513 -34.18 -46.04 -28.83
CA VAL H 513 -33.20 -45.04 -29.25
C VAL H 513 -32.52 -45.34 -30.59
N GLU H 514 -32.13 -46.59 -30.80
CA GLU H 514 -31.46 -46.97 -32.02
C GLU H 514 -32.35 -46.86 -33.26
N ALA H 515 -33.58 -47.34 -33.13
CA ALA H 515 -34.56 -47.23 -34.21
C ALA H 515 -34.82 -45.77 -34.57
N LEU H 516 -34.91 -44.92 -33.56
CA LEU H 516 -35.18 -43.50 -33.80
C LEU H 516 -33.98 -42.81 -34.44
N LYS H 517 -32.78 -43.30 -34.18
CA LYS H 517 -31.61 -42.72 -34.82
C LYS H 517 -31.57 -43.05 -36.32
N GLU H 518 -32.04 -44.23 -36.71
CA GLU H 518 -32.20 -44.53 -38.14
C GLU H 518 -33.27 -43.62 -38.75
N GLN H 519 -34.37 -43.43 -38.03
CA GLN H 519 -35.47 -42.62 -38.54
C GLN H 519 -34.99 -41.19 -38.75
N LEU H 520 -34.12 -40.72 -37.88
CA LEU H 520 -33.66 -39.35 -37.96
C LEU H 520 -32.71 -39.15 -39.15
N ARG H 521 -32.37 -40.24 -39.83
CA ARG H 521 -31.58 -40.12 -41.05
C ARG H 521 -32.44 -40.05 -42.30
N ARG H 522 -33.76 -39.98 -42.12
CA ARG H 522 -34.66 -40.00 -43.27
C ARG H 522 -35.23 -38.62 -43.55
N GLU H 523 -35.18 -38.20 -44.81
CA GLU H 523 -35.81 -36.94 -45.19
C GLU H 523 -37.32 -37.16 -45.37
N PRO H 524 -38.12 -36.25 -44.80
CA PRO H 524 -39.57 -36.41 -44.94
C PRO H 524 -40.05 -36.27 -46.37
N ARG H 525 -41.19 -36.90 -46.65
CA ARG H 525 -41.84 -36.83 -47.94
C ARG H 525 -43.05 -35.91 -47.78
N PRO H 526 -43.64 -35.43 -48.90
CA PRO H 526 -44.81 -34.57 -48.73
C PRO H 526 -45.89 -35.30 -47.95
N PHE H 527 -46.60 -34.57 -47.09
CA PHE H 527 -47.74 -35.11 -46.38
C PHE H 527 -48.83 -35.47 -47.39
N PRO H 528 -49.61 -36.51 -47.11
CA PRO H 528 -50.75 -36.87 -47.96
C PRO H 528 -51.95 -35.98 -47.66
N ILE H 529 -53.02 -36.10 -48.44
CA ILE H 529 -54.27 -35.53 -47.98
C ILE H 529 -55.28 -36.62 -47.63
N VAL H 530 -56.11 -36.32 -46.64
CA VAL H 530 -57.18 -37.21 -46.23
C VAL H 530 -58.51 -36.60 -46.68
N ASN H 531 -59.26 -37.35 -47.46
CA ASN H 531 -60.57 -36.89 -47.90
C ASN H 531 -61.67 -37.64 -47.19
N ILE H 532 -62.74 -36.94 -46.85
CA ILE H 532 -63.91 -37.59 -46.34
C ILE H 532 -64.76 -37.95 -47.54
N LEU H 533 -65.14 -39.22 -47.65
CA LEU H 533 -66.00 -39.68 -48.72
C LEU H 533 -67.44 -39.59 -48.28
N ASN H 534 -68.37 -39.58 -49.24
CA ASN H 534 -69.80 -39.59 -48.97
C ASN H 534 -70.23 -38.49 -48.02
N LYS H 535 -69.66 -37.30 -48.19
CA LYS H 535 -69.89 -36.21 -47.26
C LYS H 535 -71.36 -35.82 -47.18
N GLU H 536 -72.05 -35.93 -48.31
CA GLU H 536 -73.48 -35.68 -48.37
C GLU H 536 -74.28 -36.59 -47.42
N ARG H 537 -73.76 -37.77 -47.12
CA ARG H 537 -74.49 -38.68 -46.25
C ARG H 537 -74.21 -38.43 -44.76
N ILE H 538 -73.10 -37.75 -44.48
CA ILE H 538 -72.61 -37.64 -43.12
C ILE H 538 -72.97 -36.31 -42.49
N LYS H 539 -73.92 -36.34 -41.57
CA LYS H 539 -74.48 -35.14 -40.98
C LYS H 539 -74.11 -35.04 -39.52
N GLU H 540 -73.88 -36.19 -38.90
CA GLU H 540 -73.62 -36.23 -37.47
C GLU H 540 -72.37 -37.03 -37.19
N ILE H 541 -71.78 -36.82 -36.01
CA ILE H 541 -70.48 -37.41 -35.72
C ILE H 541 -70.57 -38.93 -35.65
N ASP H 542 -71.72 -39.46 -35.22
CA ASP H 542 -71.91 -40.90 -35.14
C ASP H 542 -72.05 -41.56 -36.51
N ASP H 543 -72.23 -40.75 -37.56
CA ASP H 543 -72.48 -41.26 -38.91
C ASP H 543 -71.24 -41.74 -39.67
N PHE H 544 -70.05 -41.32 -39.23
CA PHE H 544 -68.83 -41.75 -39.91
C PHE H 544 -68.61 -43.25 -39.78
N THR H 545 -68.17 -43.88 -40.86
CA THR H 545 -67.76 -45.28 -40.78
C THR H 545 -66.32 -45.44 -41.25
N ALA H 546 -65.80 -46.65 -41.06
CA ALA H 546 -64.42 -46.98 -41.44
C ALA H 546 -64.18 -46.89 -42.94
N GLU H 547 -65.26 -46.79 -43.73
CA GLU H 547 -65.14 -46.79 -45.17
C GLU H 547 -65.31 -45.40 -45.76
N ASP H 548 -65.45 -44.39 -44.91
CA ASP H 548 -65.72 -43.04 -45.38
C ASP H 548 -64.48 -42.14 -45.54
N PHE H 549 -63.30 -42.75 -45.59
CA PHE H 549 -62.09 -41.95 -45.70
C PHE H 549 -61.18 -42.45 -46.81
N GLU H 550 -60.42 -41.54 -47.41
CA GLU H 550 -59.37 -41.96 -48.34
C GLU H 550 -58.07 -41.16 -48.15
N VAL H 551 -56.98 -41.88 -47.95
CA VAL H 551 -55.68 -41.26 -47.83
C VAL H 551 -55.04 -41.22 -49.19
N VAL H 552 -54.71 -40.02 -49.63
CA VAL H 552 -54.29 -39.79 -50.99
C VAL H 552 -52.83 -39.32 -51.03
N GLY H 553 -51.99 -40.04 -51.76
CA GLY H 553 -50.60 -39.68 -51.94
C GLY H 553 -49.68 -39.89 -50.75
N TYR H 554 -49.92 -40.96 -49.99
CA TYR H 554 -49.07 -41.28 -48.85
C TYR H 554 -47.89 -42.09 -49.35
N VAL H 555 -46.68 -41.55 -49.15
CA VAL H 555 -45.47 -42.22 -49.61
C VAL H 555 -44.41 -42.21 -48.51
N PRO H 556 -44.60 -43.02 -47.47
CA PRO H 556 -43.69 -43.00 -46.33
C PRO H 556 -42.49 -43.91 -46.55
N HIS H 557 -41.44 -43.70 -45.76
CA HIS H 557 -40.37 -44.67 -45.66
C HIS H 557 -40.92 -45.91 -44.96
N GLY H 558 -40.12 -46.97 -44.88
CA GLY H 558 -40.58 -48.23 -44.34
C GLY H 558 -40.93 -48.20 -42.86
N ARG H 559 -41.71 -49.18 -42.42
CA ARG H 559 -42.08 -49.27 -41.02
C ARG H 559 -40.86 -49.53 -40.17
N ILE H 560 -40.85 -48.98 -38.96
CA ILE H 560 -39.81 -49.30 -38.03
C ILE H 560 -40.39 -49.98 -36.80
N GLN H 561 -39.86 -51.16 -36.51
CA GLN H 561 -40.33 -51.93 -35.37
C GLN H 561 -39.87 -51.29 -34.07
N MET H 562 -40.83 -50.88 -33.26
CA MET H 562 -40.55 -50.42 -31.90
C MET H 562 -41.49 -51.13 -30.94
N GLU H 563 -40.91 -51.84 -29.97
CA GLU H 563 -41.69 -52.64 -29.05
C GLU H 563 -42.43 -51.80 -28.00
N MET H 564 -43.65 -52.21 -27.66
CA MET H 564 -44.45 -51.46 -26.70
C MET H 564 -44.15 -51.86 -25.26
N ALA H 565 -43.63 -50.91 -24.48
CA ALA H 565 -43.45 -51.10 -23.05
C ALA H 565 -44.82 -51.23 -22.39
N VAL H 566 -45.11 -52.42 -21.84
CA VAL H 566 -46.44 -52.70 -21.34
C VAL H 566 -46.70 -52.08 -19.97
N1 UMP I . 55.63 24.49 8.15
C2 UMP I . 54.68 23.96 8.93
N3 UMP I . 54.98 22.81 9.67
C4 UMP I . 56.26 22.26 9.67
C5 UMP I . 57.26 22.85 8.91
C6 UMP I . 56.93 23.97 8.18
O2 UMP I . 53.53 24.38 8.95
O4 UMP I . 56.50 21.26 10.33
C1' UMP I . 55.55 25.74 7.37
C2' UMP I . 55.50 26.78 8.42
C3' UMP I . 55.44 28.00 7.50
C4' UMP I . 56.73 27.76 6.73
O3' UMP I . 54.30 28.48 6.81
O4' UMP I . 56.79 26.47 7.49
C5' UMP I . 58.06 27.72 7.40
O5' UMP I . 58.84 28.90 7.18
P UMP I . 59.10 30.05 8.29
OP1 UMP I . 58.05 29.97 9.33
OP2 UMP I . 60.43 29.64 8.71
OP3 UMP I . 59.01 31.30 7.52
N1 CB3 J . 56.94 24.99 3.83
C2 CB3 J . 55.73 25.60 3.90
NA2 CB3 J . 55.58 26.84 3.44
N3 CB3 J . 54.63 24.95 4.44
C4 CB3 J . 54.78 23.66 4.92
O4 CB3 J . 53.80 23.09 5.41
C4A CB3 J . 56.03 23.05 4.84
C5 CB3 J . 56.21 21.76 5.33
C6 CB3 J . 57.45 21.14 5.25
C7 CB3 J . 58.52 21.83 4.68
C8 CB3 J . 58.34 23.12 4.21
C8A CB3 J . 57.09 23.74 4.29
C9 CB3 J . 57.61 19.82 5.70
N10 CB3 J . 56.33 19.06 5.61
C11 CB3 J . 53.99 18.46 2.23
C12 CB3 J . 53.59 17.95 3.46
C13 CB3 J . 54.40 18.14 4.58
C14 CB3 J . 55.59 18.89 4.51
C15 CB3 J . 55.97 19.37 3.26
C16 CB3 J . 55.18 19.18 2.14
C CB3 J . 53.26 18.33 1.06
O CB3 J . 53.71 18.85 0.04
N CB3 J . 52.10 17.65 1.15
CA CB3 J . 51.19 17.41 -0.02
CB CB3 J . 51.91 17.19 -1.40
CG CB3 J . 53.00 16.10 -1.58
CD CB3 J . 52.71 14.61 -1.45
OE1 CB3 J . 53.62 13.86 -1.88
OE2 CB3 J . 51.60 14.23 -1.03
CT CB3 J . 49.95 16.55 0.30
O1 CB3 J . 48.84 17.07 0.03
O2 CB3 J . 50.12 15.45 0.87
CP1 CB3 J . 55.98 18.37 6.86
CP2 CB3 J . 54.97 19.09 7.57
CP3 CB3 J . 54.18 19.64 8.13
N1 FOL K . 20.87 0.32 14.04
C2 FOL K . 22.07 0.57 14.56
NA2 FOL K . 22.59 1.79 14.56
N3 FOL K . 22.83 -0.44 15.15
C4 FOL K . 22.32 -1.72 15.16
O4 FOL K . 22.95 -2.65 15.67
C4A FOL K . 21.10 -1.97 14.62
N5 FOL K . 20.68 -3.24 14.69
C6 FOL K . 19.50 -3.57 14.18
C7 FOL K . 18.75 -2.54 13.59
N8 FOL K . 19.19 -1.21 13.52
C8A FOL K . 20.37 -0.93 14.05
C9 FOL K . 19.01 -4.89 14.20
N10 FOL K . 19.61 -5.92 15.13
C11 FOL K . 19.61 -5.80 19.28
C12 FOL K . 19.07 -4.76 18.54
C13 FOL K . 19.06 -4.80 17.14
C14 FOL K . 19.64 -5.87 16.47
C15 FOL K . 20.16 -6.92 17.22
C16 FOL K . 20.13 -6.90 18.61
C FOL K . 19.59 -5.73 20.68
O FOL K . 19.78 -6.72 21.37
N FOL K . 19.19 -4.55 21.17
CA FOL K . 19.11 -4.29 22.61
CB FOL K . 20.34 -3.46 23.03
CG FOL K . 20.28 -3.22 24.54
CD FOL K . 21.36 -2.27 25.12
OE1 FOL K . 22.53 -2.27 24.70
OE2 FOL K . 20.91 -1.49 26.00
CT FOL K . 17.91 -3.38 22.83
O1 FOL K . 17.15 -3.64 23.79
O2 FOL K . 17.78 -2.40 22.05
PA NDP L . 14.69 -7.96 6.10
O1A NDP L . 14.43 -6.87 5.16
O2A NDP L . 14.78 -7.64 7.54
O5B NDP L . 13.69 -9.27 5.85
C5B NDP L . 13.43 -9.57 4.49
C4B NDP L . 11.94 -9.68 4.06
O4B NDP L . 11.16 -8.99 5.10
C3B NDP L . 11.16 -9.71 2.89
O3B NDP L . 11.50 -11.03 2.43
C2B NDP L . 9.85 -9.91 3.85
O2B NDP L . 9.62 -11.25 4.49
C1B NDP L . 9.76 -8.75 4.78
N9A NDP L . 9.65 -7.74 3.70
C8A NDP L . 10.65 -6.83 3.71
N7A NDP L . 10.43 -5.85 2.85
C5A NDP L . 9.22 -6.04 2.39
C6A NDP L . 8.52 -5.32 1.52
N6A NDP L . 9.12 -4.25 1.03
N1A NDP L . 7.29 -5.66 1.16
C2A NDP L . 6.73 -6.80 1.73
N3A NDP L . 7.48 -7.55 2.63
C4A NDP L . 8.71 -7.14 2.96
O3 NDP L . 16.09 -8.67 5.82
PN NDP L . 17.35 -8.10 5.04
O1N NDP L . 17.05 -6.97 4.14
O2N NDP L . 18.14 -9.24 4.52
O5D NDP L . 18.07 -7.65 6.47
C5D NDP L . 18.98 -8.61 7.08
C4D NDP L . 20.34 -8.07 6.69
O4D NDP L . 20.51 -6.83 7.43
C3D NDP L . 20.79 -8.88 7.87
O3D NDP L . 22.19 -8.99 8.05
C2D NDP L . 19.99 -8.31 9.17
O2D NDP L . 20.83 -8.76 10.24
C1D NDP L . 20.60 -7.09 8.92
N1N NDP L . 20.58 -5.77 9.58
C2N NDP L . 21.58 -4.80 9.69
C3N NDP L . 21.24 -3.61 10.33
C7N NDP L . 22.19 -2.60 10.54
O7N NDP L . 21.84 -1.48 10.93
N7N NDP L . 23.43 -2.92 10.23
C4N NDP L . 19.94 -3.33 10.70
C5N NDP L . 18.94 -4.26 10.53
C6N NDP L . 19.27 -5.46 9.94
P2B NDP L . 8.66 -12.48 3.92
O1X NDP L . 8.31 -13.21 5.14
O2X NDP L . 7.53 -11.91 3.19
O3X NDP L . 9.61 -13.23 3.05
N1 UMP M . 56.84 27.75 39.52
C2 UMP M . 55.93 28.44 38.79
N3 UMP M . 56.35 29.56 38.06
C4 UMP M . 57.69 29.92 38.02
C5 UMP M . 58.63 29.19 38.72
C6 UMP M . 58.18 28.11 39.45
O2 UMP M . 54.73 28.19 38.79
O4 UMP M . 58.04 30.91 37.37
C1' UMP M . 56.59 26.51 40.28
C2' UMP M . 56.32 25.52 39.21
C3' UMP M . 56.11 24.33 40.13
C4' UMP M . 57.45 24.32 40.82
O3' UMP M . 54.94 23.97 40.82
O4' UMP M . 57.67 25.60 40.07
C5' UMP M . 58.72 24.15 40.05
O5' UMP M . 59.18 22.81 40.25
P UMP M . 59.37 21.75 39.04
OP1 UMP M . 58.29 21.94 38.07
OP2 UMP M . 60.72 22.08 38.56
OP3 UMP M . 59.22 20.46 39.74
N1 CB3 N . 58.18 26.89 43.80
C2 CB3 N . 56.89 26.52 43.78
NA2 CB3 N . 56.54 25.33 44.26
N3 CB3 N . 55.92 27.37 43.28
C4 CB3 N . 56.28 28.61 42.77
O4 CB3 N . 55.41 29.35 42.32
C4A CB3 N . 57.63 28.98 42.80
C5 CB3 N . 58.06 30.21 42.30
C6 CB3 N . 59.42 30.57 42.33
C7 CB3 N . 60.32 29.67 42.86
C8 CB3 N . 59.90 28.44 43.35
C8A CB3 N . 58.56 28.09 43.32
C9 CB3 N . 59.88 31.83 41.87
N10 CB3 N . 58.82 32.86 42.00
C11 CB3 N . 56.78 33.88 45.53
C12 CB3 N . 56.47 34.47 44.31
C13 CB3 N . 57.18 34.16 43.15
C14 CB3 N . 58.16 33.17 43.14
C15 CB3 N . 58.46 32.57 44.37
C16 CB3 N . 57.76 32.89 45.54
C CB3 N . 56.00 34.18 46.65
O CB3 N . 55.19 35.10 46.59
N CB3 N . 56.16 33.45 47.78
CA CB3 N . 55.34 33.76 49.00
CB CB3 N . 55.35 32.59 50.05
CG CB3 N . 56.71 32.21 50.64
CD CB3 N . 56.46 31.05 51.63
OE1 CB3 N . 56.11 31.34 52.79
OE2 CB3 N . 56.59 29.88 51.19
CT CB3 N . 55.44 35.14 49.70
O1 CB3 N . 55.39 35.12 50.95
O2 CB3 N . 55.38 36.16 48.99
CP1 CB3 N . 58.62 33.64 40.76
CP2 CB3 N . 57.42 33.19 40.06
CP3 CB3 N . 56.51 32.85 39.53
N1 FOL O . 26.59 57.76 35.35
C2 FOL O . 27.73 57.27 34.82
NA2 FOL O . 28.01 55.99 34.91
N3 FOL O . 28.64 58.12 34.17
C4 FOL O . 28.34 59.47 34.07
O4 FOL O . 29.12 60.24 33.51
C4A FOL O . 27.17 59.94 34.61
N5 FOL O . 26.93 61.25 34.49
C6 FOL O . 25.82 61.76 35.00
C7 FOL O . 24.90 60.91 35.64
N8 FOL O . 25.17 59.53 35.76
C8A FOL O . 26.30 59.06 35.25
C9 FOL O . 25.53 63.12 34.88
N10 FOL O . 26.26 63.89 33.83
C11 FOL O . 25.82 63.42 29.71
C12 FOL O . 25.11 62.61 30.60
C13 FOL O . 25.27 62.76 31.98
C14 FOL O . 26.13 63.71 32.51
C15 FOL O . 26.77 64.57 31.62
C16 FOL O . 26.60 64.44 30.25
C FOL O . 25.60 63.32 28.34
O FOL O . 25.93 64.25 27.60
N FOL O . 24.90 62.26 27.91
CA FOL O . 24.61 62.04 26.46
CB FOL O . 25.84 61.88 25.53
CG FOL O . 26.76 60.70 25.80
CD FOL O . 27.90 60.82 24.77
OE1 FOL O . 28.43 61.94 24.69
OE2 FOL O . 28.22 59.79 24.11
CT FOL O . 23.61 60.88 26.31
O1 FOL O . 22.47 61.16 25.90
O2 FOL O . 24.01 59.74 26.64
PA NDP P . 22.04 66.91 43.42
O1A NDP P . 21.58 65.93 44.41
O2A NDP P . 21.96 66.57 41.99
O5B NDP P . 21.33 68.38 43.72
C5B NDP P . 21.12 68.67 45.10
C4B NDP P . 19.70 69.07 45.55
O4B NDP P . 18.75 68.46 44.55
C3B NDP P . 18.99 69.28 46.78
O3B NDP P . 19.54 70.49 47.30
C2B NDP P . 17.69 69.70 45.83
O2B NDP P . 17.70 71.09 45.25
C1B NDP P . 17.35 68.55 44.92
N9A NDP P . 17.10 67.66 46.12
C8A NDP P . 17.91 66.60 46.31
N7A NDP P . 17.48 65.85 47.32
C5A NDP P . 16.31 66.34 47.66
C6A NDP P . 15.46 65.92 48.59
N6A NDP P . 15.82 64.86 49.30
N1A NDP P . 14.31 66.55 48.81
C2A NDP P . 13.99 67.67 48.03
N3A NDP P . 14.91 68.08 47.05
C4A NDP P . 16.04 67.40 46.88
O3 NDP P . 23.58 67.25 43.68
PN NDP P . 24.69 66.62 44.67
O1N NDP P . 24.22 65.61 45.64
O2N NDP P . 25.54 67.74 45.15
O5D NDP P . 25.37 65.84 43.43
C5D NDP P . 26.07 66.83 42.65
C4D NDP P . 27.56 66.65 42.34
O4D NDP P . 26.96 65.52 41.53
C3D NDP P . 28.38 66.99 41.12
O3D NDP P . 29.76 66.66 41.35
C2D NDP P . 27.76 66.18 40.06
O2D NDP P . 28.63 66.27 38.94
C1D NDP P . 28.01 64.87 40.79
N1N NDP P . 27.48 63.75 39.96
C2N NDP P . 28.19 62.56 39.74
C3N NDP P . 27.67 61.53 38.94
C7N NDP P . 28.40 60.36 38.70
O7N NDP P . 27.87 59.37 38.20
N7N NDP P . 29.64 60.35 39.17
C4N NDP P . 26.39 61.65 38.44
C5N NDP P . 25.66 62.81 38.67
C6N NDP P . 26.18 63.84 39.43
P2B NDP P . 16.94 72.40 45.94
O1X NDP P . 16.65 73.26 44.79
O2X NDP P . 15.76 71.92 46.67
O3X NDP P . 17.99 72.95 46.83
N1 UMP Q . -30.72 29.50 37.44
C2 UMP Q . -32.06 29.57 37.35
N3 UMP Q . -32.64 30.65 36.71
C4 UMP Q . -31.87 31.61 36.07
C5 UMP Q . -30.48 31.50 36.09
C6 UMP Q . -29.94 30.43 36.76
O2 UMP Q . -32.80 28.76 37.92
O4 UMP Q . -32.40 32.55 35.49
C1' UMP Q . -29.92 28.39 38.00
C2' UMP Q . -30.18 27.29 37.03
C3' UMP Q . -29.30 26.23 37.71
C4' UMP Q . -27.98 26.97 37.67
O3' UMP Q . -29.63 25.40 38.81
O4' UMP Q . -28.79 28.12 37.13
C5' UMP Q . -27.35 27.39 36.37
O5' UMP Q . -26.25 26.56 36.01
P UMP Q . -26.28 25.45 34.84
OP1 UMP Q . -27.68 25.06 34.57
OP2 UMP Q . -25.63 26.21 33.78
OP3 UMP Q . -25.51 24.32 35.41
N1 CB3 R . -27.26 29.74 40.41
C2 CB3 R . -28.00 28.77 40.95
NA2 CB3 R . -27.44 27.60 41.27
N3 CB3 R . -29.36 28.94 41.17
C4 CB3 R . -29.95 30.16 40.84
O4 CB3 R . -31.15 30.33 41.03
C4A CB3 R . -29.15 31.15 40.28
C5 CB3 R . -29.72 32.37 39.92
C6 CB3 R . -28.94 33.38 39.37
C7 CB3 R . -27.58 33.13 39.18
C8 CB3 R . -27.02 31.91 39.52
C8A CB3 R . -27.81 30.92 40.08
C9 CB3 R . -29.49 34.66 39.04
N10 CB3 R . -30.69 34.96 39.87
C11 CB3 R . -30.72 35.10 44.02
C12 CB3 R . -31.90 35.31 43.30
C13 CB3 R . -31.88 35.28 41.90
C14 CB3 R . -30.70 35.00 41.21
C15 CB3 R . -29.53 34.82 41.96
C16 CB3 R . -29.55 34.87 43.34
C CB3 R . -30.64 35.11 45.41
O CB3 R . -29.54 35.08 45.96
N CB3 R . -31.78 35.24 46.08
CA CB3 R . -31.86 35.27 47.56
CB CB3 R . -31.08 36.41 48.26
CG CB3 R . -31.55 37.69 47.55
CD CB3 R . -31.61 38.83 48.55
OE1 CB3 R . -31.03 39.92 48.35
OE2 CB3 R . -32.48 38.62 49.43
CT CB3 R . -33.33 35.16 48.10
O1 CB3 R . -33.73 34.02 48.43
O2 CB3 R . -34.01 36.21 48.21
CP1 CB3 R . -31.87 35.38 39.09
CP2 CB3 R . -32.78 34.27 38.88
CP3 CB3 R . -33.48 33.42 38.73
N1 FOL S . -68.81 39.37 54.32
C2 FOL S . -68.09 39.50 53.17
NA2 FOL S . -67.27 38.54 52.78
N3 FOL S . -68.19 40.64 52.39
C4 FOL S . -69.04 41.66 52.78
O4 FOL S . -69.16 42.68 52.12
C4A FOL S . -69.76 41.51 53.93
N5 FOL S . -70.56 42.54 54.24
C6 FOL S . -71.30 42.50 55.34
C7 FOL S . -71.21 41.36 56.14
N8 FOL S . -70.36 40.27 55.81
C8A FOL S . -69.63 40.36 54.70
C9 FOL S . -72.15 43.57 55.70
N10 FOL S . -72.52 44.62 54.69
C11 FOL S . -74.80 44.07 51.21
C12 FOL S . -74.48 43.03 52.06
C13 FOL S . -73.72 43.20 53.21
C14 FOL S . -73.23 44.44 53.56
C15 FOL S . -73.61 45.53 52.76
C16 FOL S . -74.41 45.36 51.63
C FOL S . -75.64 43.77 50.11
O FOL S . -76.35 44.64 49.60
N FOL S . -75.72 42.43 49.82
CA FOL S . -76.53 41.78 48.72
CB FOL S . -75.99 41.14 47.40
CG FOL S . -75.30 41.91 46.28
CD FOL S . -75.02 40.84 45.18
OE1 FOL S . -73.96 40.97 44.53
OE2 FOL S . -75.86 39.92 45.03
CT FOL S . -77.27 40.56 49.26
O1 FOL S . -78.43 40.43 48.83
O2 FOL S . -76.62 39.71 49.92
PA NDP T . -72.00 45.74 65.19
O1A NDP T . -71.39 44.71 66.03
O2A NDP T . -72.62 45.32 63.92
O5B NDP T . -73.04 46.69 66.08
C5B NDP T . -72.60 46.99 67.40
C4B NDP T . -73.56 46.59 68.54
O4B NDP T . -74.46 45.55 67.99
C3B NDP T . -73.53 46.45 69.95
O3B NDP T . -73.48 47.80 70.35
C2B NDP T . -75.14 46.05 69.85
O2B NDP T . -76.10 47.17 69.62
C1B NDP T . -75.29 44.87 68.96
N9A NDP T . -74.43 44.02 69.84
C8A NDP T . -73.38 43.50 69.18
N7A NDP T . -72.73 42.62 69.92
C5A NDP T . -73.45 42.45 71.01
C6A NDP T . -73.25 41.68 72.06
N6A NDP T . -72.16 40.92 72.05
N1A NDP T . -74.10 41.65 73.08
C2A NDP T . -75.22 42.46 73.03
N3A NDP T . -75.41 43.28 71.92
C4A NDP T . -74.53 43.26 70.92
O3 NDP T . -71.00 46.89 64.75
PN NDP T . -69.41 46.90 64.72
O1N NDP T . -68.79 45.82 65.51
O2N NDP T . -68.93 48.28 64.92
O5D NDP T . -69.44 46.59 63.08
C5D NDP T . -69.45 47.74 62.19
C4D NDP T . -68.02 47.77 61.70
O4D NDP T . -67.86 46.58 60.85
C3D NDP T . -68.63 48.55 60.56
O3D NDP T . -67.71 49.16 59.65
C2D NDP T . -69.74 47.59 59.85
O2D NDP T . -69.86 48.17 58.54
C1D NDP T . -68.70 46.69 59.58
N1N NDP T . -68.63 45.39 58.89
C2N NDP T . -67.60 44.83 58.11
C3N NDP T . -67.79 43.53 57.61
C7N NDP T . -66.87 42.90 56.78
O7N NDP T . -67.01 41.72 56.47
N7N NDP T . -65.84 43.64 56.38
C4N NDP T . -68.89 42.77 57.99
C5N NDP T . -69.87 43.31 58.81
C6N NDP T . -69.71 44.60 59.27
P2B NDP T . -76.88 48.08 70.78
O1X NDP T . -78.07 48.56 70.07
O2X NDP T . -77.16 47.23 71.95
O3X NDP T . -75.88 49.14 71.05
N1 UMP U . -45.91 23.41 10.47
C2 UMP U . -45.95 22.53 11.49
N3 UMP U . -44.83 21.74 11.76
C4 UMP U . -43.65 21.91 11.04
C5 UMP U . -43.58 22.86 10.04
C6 UMP U . -44.72 23.61 9.80
O2 UMP U . -46.97 22.31 12.15
O4 UMP U . -42.68 21.22 11.29
C1' UMP U . -46.95 24.39 10.11
C2' UMP U . -46.96 25.35 11.25
C3' UMP U . -48.04 26.28 10.72
C4' UMP U . -47.39 26.66 9.42
O3' UMP U . -49.45 26.10 10.78
O4' UMP U . -46.35 25.65 9.78
C5' UMP U . -46.07 27.36 9.38
O5' UMP U . -46.30 28.74 9.13
P UMP U . -45.90 29.92 10.18
OP1 UMP U . -46.21 29.47 11.55
OP2 UMP U . -44.48 30.10 9.89
OP3 UMP U . -46.78 31.02 9.75
N1 CB3 V . -47.54 24.27 6.29
C2 CB3 V . -48.66 24.17 7.03
NA2 CB3 V . -49.61 25.09 6.98
N3 CB3 V . -48.86 23.08 7.88
C4 CB3 V . -47.88 22.09 7.95
O4 CB3 V . -48.04 21.13 8.70
C4A CB3 V . -46.72 22.22 7.17
C5 CB3 V . -45.71 21.26 7.23
C6 CB3 V . -44.55 21.36 6.45
C7 CB3 V . -44.43 22.47 5.62
C8 CB3 V . -45.43 23.44 5.58
C8A CB3 V . -46.58 23.32 6.35
C9 CB3 V . -43.53 20.37 6.46
N10 CB3 V . -44.05 19.03 6.85
C11 CB3 V . -47.21 17.01 4.98
C12 CB3 V . -46.59 16.46 6.09
C13 CB3 V . -45.51 17.13 6.69
C14 CB3 V . -45.08 18.38 6.24
C15 CB3 V . -45.72 18.90 5.13
C16 CB3 V . -46.80 18.26 4.53
C CB3 V . -48.32 16.41 4.36
O CB3 V . -48.77 15.34 4.78
N CB3 V . -48.86 17.19 3.40
CA CB3 V . -50.03 16.99 2.49
CB CB3 V . -49.64 17.76 1.19
CG CB3 V . -50.72 17.84 0.08
CD CB3 V . -51.95 18.61 0.58
OE1 CB3 V . -52.89 17.95 1.09
OE2 CB3 V . -51.95 19.86 0.40
CT CB3 V . -50.50 15.53 2.22
O1 CB3 V . -51.57 15.37 1.60
O2 CB3 V . -49.80 14.57 2.63
CP1 CB3 V . -43.29 18.40 7.95
CP2 CB3 V . -44.03 18.49 9.22
CP3 CB3 V . -44.60 18.55 10.20
N1 FOL W . -56.29 -14.54 27.36
C2 FOL W . -55.26 -13.68 27.27
NA2 FOL W . -55.48 -12.38 27.24
N3 FOL W . -53.94 -14.13 27.22
C4 FOL W . -53.71 -15.50 27.25
O4 FOL W . -52.57 -15.96 27.21
C4A FOL W . -54.77 -16.35 27.33
N5 FOL W . -54.48 -17.65 27.36
C6 FOL W . -55.44 -18.54 27.43
C7 FOL W . -56.77 -18.11 27.50
N8 FOL W . -57.07 -16.73 27.46
C8A FOL W . -56.06 -15.86 27.38
C9 FOL W . -55.11 -19.90 27.47
N10 FOL W . -53.69 -20.23 27.78
C11 FOL W . -51.91 -19.44 31.49
C12 FOL W . -53.22 -19.07 31.22
C13 FOL W . -53.80 -19.33 29.98
C14 FOL W . -53.10 -19.96 28.96
C15 FOL W . -51.81 -20.41 29.23
C16 FOL W . -51.24 -20.18 30.50
C FOL W . -51.34 -19.26 32.77
O FOL W . -50.36 -19.94 33.07
N FOL W . -51.95 -18.46 33.68
CA FOL W . -51.35 -18.26 35.04
CB FOL W . -50.03 -17.45 35.21
CG FOL W . -50.11 -15.96 34.86
CD FOL W . -48.73 -15.32 35.12
OE1 FOL W . -47.73 -15.94 34.70
OE2 FOL W . -48.69 -14.23 35.75
CT FOL W . -52.39 -17.60 35.98
O1 FOL W . -52.41 -18.00 37.17
O2 FOL W . -53.10 -16.69 35.50
PA NDP X . -61.07 -25.55 22.17
O1A NDP X . -62.28 -24.95 21.58
O2A NDP X . -60.54 -25.00 23.41
O5B NDP X . -61.26 -27.20 22.24
C5B NDP X . -62.04 -27.76 21.20
C4B NDP X . -63.26 -28.64 21.60
O4B NDP X . -63.65 -28.22 22.98
C3B NDP X . -64.42 -29.22 20.97
O3B NDP X . -63.90 -30.27 20.17
C2B NDP X . -64.76 -29.88 22.44
O2B NDP X . -63.95 -31.11 22.74
C1B NDP X . -64.90 -28.77 23.46
N9A NDP X . -66.05 -28.17 22.66
C8A NDP X . -65.91 -26.96 22.09
N7A NDP X . -67.05 -26.55 21.56
C5A NDP X . -67.95 -27.44 21.92
C6A NDP X . -69.26 -27.47 21.68
N6A NDP X . -69.77 -26.48 20.95
N1A NDP X . -70.02 -28.47 22.14
C2A NDP X . -69.42 -29.47 22.90
N3A NDP X . -68.05 -29.41 23.14
C4A NDP X . -67.36 -28.39 22.66
O3 NDP X . -59.86 -25.49 21.12
PN NDP X . -59.65 -24.53 19.86
O1N NDP X . -60.85 -23.75 19.49
O2N NDP X . -58.98 -25.30 18.80
O5D NDP X . -58.56 -23.61 20.76
C5D NDP X . -57.12 -23.89 20.69
C4D NDP X . -56.61 -22.77 19.79
O4D NDP X . -56.70 -21.52 20.56
C3D NDP X . -55.30 -23.11 20.40
O3D NDP X . -54.19 -22.48 19.77
C2D NDP X . -55.43 -22.89 22.02
O2D NDP X . -54.07 -22.74 22.46
C1D NDP X . -55.72 -21.53 21.74
N1N NDP X . -56.01 -20.32 22.59
C2N NDP X . -55.72 -18.96 22.37
C3N NDP X . -56.15 -18.02 23.32
C7N NDP X . -55.86 -16.66 23.25
O7N NDP X . -56.27 -15.87 24.10
N7N NDP X . -55.09 -16.29 22.24
C4N NDP X . -56.95 -18.43 24.38
C5N NDP X . -57.29 -19.75 24.55
C6N NDP X . -56.84 -20.67 23.64
P2B NDP X . -64.48 -32.65 22.42
O1X NDP X . -63.61 -33.48 23.26
O2X NDP X . -65.92 -32.76 22.73
O3X NDP X . -64.16 -32.79 20.98
N1 UMP Y . 35.05 -38.55 -29.10
C2 UMP Y . 36.03 -37.85 -29.70
N3 UMP Y . 35.71 -37.03 -30.79
C4 UMP Y . 34.39 -36.90 -31.22
C5 UMP Y . 33.38 -37.57 -30.58
C6 UMP Y . 33.73 -38.38 -29.50
O2 UMP Y . 37.20 -37.95 -29.37
O4 UMP Y . 34.12 -36.18 -32.18
C1' UMP Y . 35.18 -39.37 -27.89
C2' UMP Y . 35.46 -38.35 -26.84
C3' UMP Y . 35.55 -39.31 -25.67
C4' UMP Y . 34.17 -39.93 -25.76
O3' UMP Y . 36.67 -40.10 -25.28
O4' UMP Y . 34.05 -39.12 -27.03
C5' UMP Y . 32.94 -39.08 -25.63
O5' UMP Y . 32.34 -39.24 -24.35
P UMP Y . 32.38 -38.11 -23.20
OP1 UMP Y . 33.52 -37.21 -23.44
OP2 UMP Y . 31.05 -37.52 -23.43
OP3 UMP Y . 32.55 -38.88 -21.95
N1 CB3 Z . 33.37 -42.70 -28.43
C2 CB3 Z . 34.62 -42.80 -27.98
NA2 CB3 Z . 34.88 -43.29 -26.77
N3 CB3 Z . 35.70 -42.41 -28.77
C4 CB3 Z . 35.46 -41.90 -30.04
O4 CB3 Z . 36.40 -41.55 -30.74
C4A CB3 Z . 34.14 -41.80 -30.48
C5 CB3 Z . 33.87 -41.29 -31.73
C6 CB3 Z . 32.57 -41.17 -32.20
C7 CB3 Z . 31.53 -41.59 -31.37
C8 CB3 Z . 31.80 -42.10 -30.11
C8A CB3 Z . 33.10 -42.21 -29.65
C9 CB3 Z . 32.31 -40.67 -33.50
N10 CB3 Z . 33.48 -40.81 -34.41
C11 CB3 Z . 35.33 -44.41 -35.45
C12 CB3 Z . 35.82 -43.21 -35.95
C13 CB3 Z . 35.18 -42.00 -35.60
C14 CB3 Z . 34.08 -41.97 -34.73
C15 CB3 Z . 33.59 -43.19 -34.27
C16 CB3 Z . 34.20 -44.37 -34.63
C CB3 Z . 35.83 -45.69 -35.71
O CB3 Z . 35.17 -46.64 -35.31
N CB3 Z . 36.96 -45.82 -36.45
CA CB3 Z . 37.55 -47.16 -36.78
CB CB3 Z . 36.50 -48.14 -37.36
CG CB3 Z . 35.77 -47.56 -38.58
CD CB3 Z . 36.01 -48.26 -39.92
OE1 CB3 Z . 34.99 -48.77 -40.44
OE2 CB3 Z . 37.15 -48.23 -40.43
CT CB3 Z . 38.91 -47.07 -37.52
O1 CB3 Z . 39.93 -47.09 -36.78
O2 CB3 Z . 38.91 -47.02 -38.76
CP1 CB3 Z . 33.81 -39.57 -35.13
CP2 CB3 Z . 34.99 -38.94 -34.55
CP3 CB3 Z . 35.87 -38.45 -34.13
N1 FOL AA . 67.24 -36.09 -57.36
C2 FOL AA . 66.13 -35.43 -56.97
NA2 FOL AA . 65.74 -35.40 -55.71
N3 FOL AA . 65.34 -34.74 -57.89
C4 FOL AA . 65.71 -34.75 -59.22
O4 FOL AA . 65.05 -34.16 -60.06
C4A FOL AA . 66.83 -35.42 -59.59
N5 FOL AA . 67.11 -35.37 -60.90
C6 FOL AA . 68.18 -35.99 -61.37
C7 FOL AA . 68.98 -36.69 -60.45
N8 FOL AA . 68.68 -36.75 -59.07
C8A FOL AA . 67.60 -36.10 -58.65
C9 FOL AA . 68.49 -35.96 -62.74
N10 FOL AA . 67.92 -34.89 -63.65
C11 FOL AA . 68.46 -30.72 -63.51
C12 FOL AA . 69.01 -31.57 -62.55
C13 FOL AA . 68.83 -32.96 -62.58
C14 FOL AA . 68.07 -33.55 -63.57
C15 FOL AA . 67.59 -32.71 -64.59
C16 FOL AA . 67.80 -31.32 -64.58
C FOL AA . 68.75 -29.34 -63.42
O FOL AA . 68.65 -28.62 -64.42
N FOL AA . 69.29 -28.93 -62.25
CA FOL AA . 69.69 -27.52 -61.94
CB FOL AA . 68.93 -26.57 -60.97
CG FOL AA . 67.48 -26.11 -61.18
CD FOL AA . 67.30 -25.10 -60.01
OE1 FOL AA . 66.33 -25.23 -59.24
OE2 FOL AA . 68.18 -24.22 -59.90
CT FOL AA . 71.05 -27.53 -61.26
O1 FOL AA . 71.86 -26.67 -61.65
O2 FOL AA . 71.22 -28.33 -60.31
PA NDP BA . 71.42 -44.50 -66.34
O1A NDP BA . 71.70 -45.52 -65.32
O2A NDP BA . 71.58 -43.09 -65.97
O5B NDP BA . 72.21 -44.83 -67.78
C5B NDP BA . 72.27 -46.20 -68.13
C4B NDP BA . 73.67 -46.78 -68.40
O4B NDP BA . 74.65 -45.86 -67.76
C3B NDP BA . 74.31 -48.04 -68.52
O3B NDP BA . 73.81 -48.43 -69.80
C2B NDP BA . 75.70 -47.24 -68.84
O2B NDP BA . 75.85 -46.63 -70.19
C1B NDP BA . 76.02 -46.35 -67.69
N9A NDP BA . 76.09 -47.50 -66.73
C8A NDP BA . 75.23 -47.40 -65.70
N7A NDP BA . 75.46 -48.34 -64.79
C5A NDP BA . 76.57 -48.94 -65.17
C6A NDP BA . 77.26 -49.94 -64.62
N6A NDP BA . 76.77 -50.44 -63.49
N1A NDP BA . 78.37 -50.42 -65.17
C2A NDP BA . 78.82 -49.85 -66.35
N3A NDP BA . 78.10 -48.81 -66.92
C4A NDP BA . 77.00 -48.37 -66.32
O3 NDP BA . 69.93 -44.58 -66.88
PN NDP BA . 68.64 -45.24 -66.24
O1N NDP BA . 68.91 -46.19 -65.15
O2N NDP BA . 67.76 -45.67 -67.34
O5D NDP BA . 68.11 -43.75 -65.70
C5D NDP BA . 67.21 -43.00 -66.55
C4D NDP BA . 65.86 -43.25 -65.88
O4D NDP BA . 65.93 -42.52 -64.60
C3D NDP BA . 65.50 -41.98 -66.61
O3D NDP BA . 64.12 -41.64 -66.57
C2D NDP BA . 66.50 -40.80 -66.10
O2D NDP BA . 65.75 -39.62 -66.40
C1D NDP BA . 65.98 -41.02 -64.81
N1N NDP BA . 66.22 -40.40 -63.47
C2N NDP BA . 65.37 -40.18 -62.38
C3N NDP BA . 65.92 -39.61 -61.21
C7N NDP BA . 65.15 -39.28 -60.09
O7N NDP BA . 65.68 -38.84 -59.06
N7N NDP BA . 63.84 -39.49 -60.21
C4N NDP BA . 67.28 -39.38 -61.10
C5N NDP BA . 68.13 -39.67 -62.16
C6N NDP BA . 67.59 -40.19 -63.32
P2B NDP BA . 76.52 -47.30 -71.53
O1X NDP BA . 76.88 -46.12 -72.31
O2X NDP BA . 77.65 -48.17 -71.16
O3X NDP BA . 75.38 -48.05 -72.10
N1 UMP CA . 38.12 -7.37 -25.24
C2 UMP CA . 39.00 -8.22 -24.68
N3 UMP CA . 38.62 -8.95 -23.55
C4 UMP CA . 37.32 -8.86 -23.05
C5 UMP CA . 36.39 -8.04 -23.67
C6 UMP CA . 36.81 -7.32 -24.77
O2 UMP CA . 40.17 -8.32 -25.07
O4 UMP CA . 37.00 -9.51 -22.07
C1' UMP CA . 38.32 -6.59 -26.48
C2' UMP CA . 38.38 -7.65 -27.55
C3' UMP CA . 38.57 -6.70 -28.71
C4' UMP CA . 37.32 -5.89 -28.55
O3' UMP CA . 39.77 -6.11 -29.19
O4' UMP CA . 37.14 -6.65 -27.29
C5' UMP CA . 35.96 -6.51 -28.62
O5' UMP CA . 35.38 -6.22 -29.89
P UMP CA . 35.01 -7.35 -30.99
OP1 UMP CA . 35.98 -8.44 -30.88
OP2 UMP CA . 33.64 -7.68 -30.58
OP3 UMP CA . 35.13 -6.61 -32.27
N1 CB3 DA . 37.25 -2.98 -25.89
C2 CB3 DA . 38.49 -3.11 -26.42
NA2 CB3 DA . 38.76 -2.67 -27.63
N3 CB3 DA . 39.50 -3.72 -25.68
C4 CB3 DA . 39.23 -4.19 -24.39
O4 CB3 DA . 40.12 -4.73 -23.76
C4A CB3 DA . 37.94 -4.04 -23.88
C5 CB3 DA . 37.62 -4.49 -22.60
C6 CB3 DA . 36.34 -4.35 -22.06
C7 CB3 DA . 35.38 -3.72 -22.85
C8 CB3 DA . 35.70 -3.26 -24.13
C8A CB3 DA . 36.97 -3.41 -24.66
C9 CB3 DA . 36.01 -4.78 -20.75
N10 CB3 DA . 37.22 -4.83 -19.86
C11 CB3 DA . 39.80 -1.62 -19.13
C12 CB3 DA . 40.05 -2.87 -18.57
C13 CB3 DA . 39.16 -3.94 -18.78
C14 CB3 DA . 38.06 -3.79 -19.62
C15 CB3 DA . 37.83 -2.53 -20.17
C16 CB3 DA . 38.70 -1.47 -19.95
C CB3 DA . 40.67 -0.53 -18.96
O CB3 DA . 41.69 -0.64 -18.31
N CB3 DA . 40.29 0.56 -19.67
CA CB3 DA . 40.91 1.90 -19.78
CB CB3 DA . 39.71 2.84 -20.09
CG CB3 DA . 40.03 4.31 -20.42
CD CB3 DA . 40.85 4.40 -21.72
OE1 CB3 DA . 42.09 4.28 -21.63
OE2 CB3 DA . 40.21 4.60 -22.78
CT CB3 DA . 41.72 2.38 -18.52
O1 CB3 DA . 42.37 3.45 -18.64
O2 CB3 DA . 41.69 1.70 -17.47
CP1 CB3 DA . 37.38 -6.10 -19.14
CP2 CB3 DA . 38.35 -6.95 -19.82
CP3 CB3 DA . 39.10 -7.62 -20.35
N1 FOL EA . 70.92 -15.99 0.82
C2 FOL EA . 69.70 -16.41 0.46
NA2 FOL EA . 69.28 -16.29 -0.79
N3 FOL EA . 68.84 -16.97 1.40
C4 FOL EA . 69.27 -17.11 2.71
O4 FOL EA . 68.54 -17.61 3.55
C4A FOL EA . 70.52 -16.69 3.06
N5 FOL EA . 70.89 -16.83 4.33
C6 FOL EA . 72.09 -16.44 4.73
C7 FOL EA . 72.95 -15.88 3.78
N8 FOL EA . 72.57 -15.71 2.45
C8A FOL EA . 71.34 -16.12 2.08
C9 FOL EA . 72.52 -16.58 6.06
N10 FOL EA . 71.76 -17.50 6.95
C11 FOL EA . 71.63 -21.64 6.47
C12 FOL EA . 72.32 -20.83 5.57
C13 FOL EA . 72.35 -19.45 5.73
C14 FOL EA . 71.70 -18.83 6.79
C15 FOL EA . 71.06 -19.64 7.73
C16 FOL EA . 71.05 -21.02 7.58
C FOL EA . 71.65 -23.03 6.35
O FOL EA . 71.34 -23.73 7.31
N FOL EA . 72.13 -23.56 5.21
CA FOL EA . 72.19 -25.04 4.99
CB FOL EA . 70.95 -25.90 4.62
CG FOL EA . 70.26 -25.51 3.32
CD FOL EA . 69.20 -26.57 2.97
OE1 FOL EA . 68.10 -26.56 3.54
OE2 FOL EA . 69.58 -27.42 2.13
CT FOL EA . 73.23 -25.36 3.88
O1 FOL EA . 74.11 -26.21 4.18
O2 FOL EA . 73.12 -24.80 2.77
PA NDP FA . 77.53 -8.80 9.35
O1A NDP FA . 77.94 -7.81 8.34
O2A NDP FA . 77.44 -10.21 8.95
O5B NDP FA . 78.45 -8.65 10.72
C5B NDP FA . 78.86 -7.33 11.00
C4B NDP FA . 80.38 -7.08 11.25
O4B NDP FA . 81.12 -8.18 10.55
C3B NDP FA . 81.26 -5.96 11.37
O3B NDP FA . 80.89 -5.41 12.63
C2B NDP FA . 82.46 -7.05 11.66
O2B NDP FA . 82.51 -7.61 13.05
C1B NDP FA . 82.58 -7.99 10.50
N9A NDP FA . 82.86 -6.82 9.58
C8A NDP FA . 81.97 -6.73 8.56
N7A NDP FA . 82.32 -5.79 7.70
C5A NDP FA . 83.51 -5.37 8.08
C6A NDP FA . 84.31 -4.44 7.53
N6A NDP FA . 83.86 -3.84 6.44
N1A NDP FA . 85.50 -4.15 8.05
C2A NDP FA . 85.90 -4.82 9.20
N3A NDP FA . 85.06 -5.79 9.75
C4A NDP FA . 83.87 -6.05 9.18
O3 NDP FA . 76.11 -8.39 9.93
PN NDP FA . 75.07 -7.21 9.47
O1N NDP FA . 75.64 -6.24 8.50
O2N NDP FA . 74.35 -6.70 10.65
O5D NDP FA . 74.15 -8.34 8.71
C5D NDP FA . 73.51 -9.05 9.76
C4D NDP FA . 71.97 -9.19 9.83
O4D NDP FA . 72.31 -10.04 8.64
C3D NDP FA . 71.10 -10.33 10.31
O3D NDP FA . 69.72 -9.99 10.17
C2D NDP FA . 71.51 -11.42 9.41
O2D NDP FA . 70.59 -12.48 9.61
C1D NDP FA . 71.10 -10.64 8.14
N1N NDP FA . 71.41 -11.49 6.97
C2N NDP FA . 70.54 -11.59 5.88
C3N NDP FA . 70.84 -12.39 4.78
C7N NDP FA . 69.98 -12.51 3.70
O7N NDP FA . 70.34 -12.99 2.62
N7N NDP FA . 68.78 -11.96 3.87
C4N NDP FA . 72.08 -13.00 4.72
C5N NDP FA . 72.98 -12.89 5.78
C6N NDP FA . 72.65 -12.12 6.89
P2B NDP FA . 83.56 -7.06 14.22
O1X NDP FA . 83.67 -8.19 15.16
O2X NDP FA . 84.81 -6.67 13.56
O3X NDP FA . 82.81 -5.92 14.80
N1 UMP GA . -60.05 -15.42 -16.50
C2 UMP GA . -58.72 -15.65 -16.57
N3 UMP GA . -58.10 -16.38 -15.55
C4 UMP GA . -58.84 -16.95 -14.51
C5 UMP GA . -60.21 -16.76 -14.47
C6 UMP GA . -60.78 -16.01 -15.47
O2 UMP GA . -58.02 -15.17 -17.45
O4 UMP GA . -58.28 -17.58 -13.64
C1' UMP GA . -60.90 -14.76 -17.50
C2' UMP GA . -60.91 -15.72 -18.63
C3' UMP GA . -61.82 -14.92 -19.56
C4' UMP GA . -63.04 -14.83 -18.66
O3' UMP GA . -61.47 -13.84 -20.41
O4' UMP GA . -62.16 -15.47 -17.63
C5' UMP GA . -63.77 -16.04 -18.17
O5' UMP GA . -65.01 -16.25 -18.83
P UMP GA . -65.29 -17.38 -19.95
OP1 UMP GA . -63.97 -17.78 -20.50
OP2 UMP GA . -65.95 -18.37 -19.11
OP3 UMP GA . -66.12 -16.70 -20.96
N1 CB3 HA . -63.12 -12.15 -15.71
C2 CB3 HA . -62.45 -11.68 -16.78
NA2 CB3 HA . -63.11 -11.28 -17.86
N3 CB3 HA . -61.06 -11.61 -16.77
C4 CB3 HA . -60.37 -12.05 -15.65
O4 CB3 HA . -59.14 -12.00 -15.65
C4A CB3 HA . -61.07 -12.52 -14.56
C5 CB3 HA . -60.41 -12.97 -13.42
C6 CB3 HA . -61.11 -13.44 -12.32
C7 CB3 HA . -62.50 -13.48 -12.39
C8 CB3 HA . -63.17 -13.04 -13.53
C8A CB3 HA . -62.46 -12.57 -14.62
C9 CB3 HA . -60.45 -13.85 -11.14
N10 CB3 HA . -59.12 -13.21 -10.99
C11 CB3 HA . -58.39 -9.12 -10.75
C12 CB3 HA . -57.33 -10.02 -10.73
C13 CB3 HA . -57.58 -11.39 -10.80
C14 CB3 HA . -58.89 -11.89 -10.93
C15 CB3 HA . -59.93 -10.97 -10.94
C16 CB3 HA . -59.68 -9.61 -10.86
C CB3 HA . -58.31 -7.72 -10.70
O CB3 HA . -59.37 -7.12 -10.71
N CB3 HA . -57.08 -7.13 -10.61
CA CB3 HA . -56.90 -5.64 -10.55
CB CB3 HA . -57.98 -4.88 -9.70
CG CB3 HA . -58.30 -5.21 -8.21
CD CB3 HA . -57.33 -5.04 -7.03
OE1 CB3 HA . -57.88 -5.12 -5.91
OE2 CB3 HA . -56.13 -4.76 -7.22
CT CB3 HA . -55.43 -5.10 -10.51
O1 CB3 HA . -54.92 -4.88 -11.64
O2 CB3 HA . -54.90 -4.84 -9.41
CP1 CB3 HA . -58.03 -14.17 -10.74
CP2 CB3 HA . -57.28 -14.42 -11.93
CP3 CB3 HA . -56.71 -14.61 -12.81
N1 FOL IA . -19.36 -3.55 -11.11
C2 FOL IA . -20.21 -4.59 -10.92
NA2 FOL IA . -21.16 -4.85 -11.80
N3 FOL IA . -20.09 -5.42 -9.81
C4 FOL IA . -19.10 -5.16 -8.89
O4 FOL IA . -18.96 -5.87 -7.89
C4A FOL IA . -18.26 -4.11 -9.09
N5 FOL IA . -17.33 -3.95 -8.13
C6 FOL IA . -16.45 -2.96 -8.24
C7 FOL IA . -16.56 -2.13 -9.36
N8 FOL IA . -17.55 -2.29 -10.35
C8A FOL IA . -18.39 -3.31 -10.21
C9 FOL IA . -15.46 -2.74 -7.27
N10 FOL IA . -15.00 -3.79 -6.30
C11 FOL IA . -13.17 -7.45 -7.20
C12 FOL IA . -13.62 -6.58 -8.18
C13 FOL IA . -14.23 -5.36 -7.89
C14 FOL IA . -14.45 -4.98 -6.58
C15 FOL IA . -13.92 -5.81 -5.58
C16 FOL IA . -13.28 -7.02 -5.87
C FOL IA . -12.51 -8.62 -7.60
O FOL IA . -11.83 -9.27 -6.81
N FOL IA . -12.61 -8.91 -8.93
CA FOL IA . -12.00 -10.10 -9.58
CB FOL IA . -12.76 -11.38 -9.99
CG FOL IA . -13.45 -12.29 -8.98
CD FOL IA . -13.92 -13.46 -9.87
OE1 FOL IA . -15.13 -13.55 -10.18
OE2 FOL IA . -13.02 -14.23 -10.27
CT FOL IA . -11.48 -9.69 -10.97
O1 FOL IA . -10.47 -10.32 -11.36
O2 FOL IA . -12.14 -8.86 -11.63
PA NDP JA . -14.13 6.74 -4.96
O1A NDP JA . -14.84 7.68 -5.86
O2A NDP JA . -13.68 5.46 -5.53
O5B NDP JA . -12.88 7.48 -4.14
C5B NDP JA . -13.13 8.82 -3.74
C4B NDP JA . -12.12 9.88 -4.24
O4B NDP JA . -11.40 9.27 -5.40
C3B NDP JA . -12.01 11.29 -4.36
O3B NDP JA . -11.84 11.62 -2.99
C2B NDP JA . -10.50 11.04 -4.96
O2B NDP JA . -9.42 10.69 -3.98
C1B NDP JA . -10.56 10.18 -6.18
N9A NDP JA . -11.43 11.15 -6.91
C8A NDP JA . -12.63 10.64 -7.27
N7A NDP JA . -13.29 11.46 -8.07
C5A NDP JA . -12.46 12.45 -8.35
C6A NDP JA . -12.62 13.51 -9.12
N6A NDP JA . -13.79 13.65 -9.71
N1A NDP JA . -11.65 14.41 -9.28
C2A NDP JA . -10.45 14.20 -8.62
N3A NDP JA . -10.29 13.07 -7.83
C4A NDP JA . -11.30 12.21 -7.72
O3 NDP JA . -15.00 6.33 -3.72
PN NDP JA . -16.57 6.46 -3.49
O1N NDP JA . -17.25 7.34 -4.47
O2N NDP JA . -16.82 6.68 -2.05
O5D NDP JA . -16.77 4.85 -3.83
C5D NDP JA . -16.73 3.92 -2.71
C4D NDP JA . -18.20 3.60 -2.49
O4D NDP JA . -18.63 2.81 -3.66
C3D NDP JA . -17.63 2.39 -1.82
O3D NDP JA . -18.55 1.60 -1.08
C2D NDP JA . -16.75 1.58 -2.93
O2D NDP JA . -16.72 0.25 -2.38
C1D NDP JA . -17.93 1.45 -3.68
N1N NDP JA . -18.27 0.80 -4.98
C2N NDP JA . -19.43 0.15 -5.43
C3N NDP JA . -19.46 -0.33 -6.75
C7N NDP JA . -20.53 -1.04 -7.28
O7N NDP JA . -20.61 -1.30 -8.47
N7N NDP JA . -21.50 -1.31 -6.40
C4N NDP JA . -18.42 -0.05 -7.63
C5N NDP JA . -17.31 0.64 -7.20
C6N NDP JA . -17.27 1.08 -5.89
P2B NDP JA . -8.38 11.71 -3.18
O1X NDP JA . -7.23 10.85 -2.95
O2X NDP JA . -8.12 12.90 -4.01
O3X NDP JA . -9.15 12.03 -1.95
N1 UMP KA . -49.16 -43.87 -24.71
C2 UMP KA . -49.10 -42.83 -25.56
N3 UMP KA . -50.27 -42.42 -26.21
C4 UMP KA . -51.50 -43.02 -25.92
C5 UMP KA . -51.56 -44.04 -24.99
C6 UMP KA . -50.39 -44.43 -24.39
O2 UMP KA . -48.07 -42.27 -25.88
O4 UMP KA . -52.50 -42.63 -26.50
C1' UMP KA . -48.04 -44.37 -23.88
C2' UMP KA . -47.81 -43.24 -22.92
C3' UMP KA . -46.67 -43.91 -22.15
C4' UMP KA . -47.40 -45.13 -21.68
O3' UMP KA . -45.29 -43.96 -22.49
O4' UMP KA . -48.52 -44.64 -22.55
C5' UMP KA . -48.62 -45.03 -20.81
O5' UMP KA . -48.26 -45.37 -19.46
P UMP KA . -48.33 -44.32 -18.25
OP1 UMP KA . -48.04 -42.98 -18.76
OP2 UMP KA . -49.72 -44.53 -17.79
OP3 UMP KA . -47.30 -44.84 -17.33
N1 CB3 LA . -47.92 -48.16 -24.20
C2 CB3 LA . -46.75 -47.55 -24.42
NA2 CB3 LA . -45.72 -47.75 -23.59
N3 CB3 LA . -46.57 -46.71 -25.51
C4 CB3 LA . -47.64 -46.49 -26.37
O4 CB3 LA . -47.49 -45.74 -27.33
C4A CB3 LA . -48.85 -47.13 -26.12
C5 CB3 LA . -49.94 -46.93 -26.96
C6 CB3 LA . -51.16 -47.57 -26.73
C7 CB3 LA . -51.27 -48.42 -25.62
C8 CB3 LA . -50.17 -48.60 -24.78
C8A CB3 LA . -48.96 -47.97 -25.02
C9 CB3 LA . -52.28 -47.42 -27.59
N10 CB3 LA . -51.88 -47.09 -28.98
C11 CB3 LA . -49.23 -49.33 -31.34
C12 CB3 LA . -49.80 -48.14 -31.81
C13 CB3 LA . -50.70 -47.41 -31.04
C14 CB3 LA . -51.02 -47.81 -29.74
C15 CB3 LA . -50.44 -48.99 -29.29
C16 CB3 LA . -49.54 -49.73 -30.05
C CB3 LA . -48.29 -50.06 -32.08
O CB3 LA . -47.99 -49.70 -33.22
N CB3 LA . -47.73 -51.11 -31.45
CA CB3 LA . -46.70 -52.02 -32.05
CB CB3 LA . -46.20 -52.95 -30.89
CG CB3 LA . -45.06 -53.92 -31.25
CD CB3 LA . -44.57 -54.71 -30.02
OE1 CB3 LA . -43.72 -55.62 -30.23
OE2 CB3 LA . -44.96 -54.33 -28.90
CT CB3 LA . -47.06 -52.68 -33.44
O1 CB3 LA . -46.44 -53.70 -33.80
O2 CB3 LA . -47.87 -52.08 -34.17
CP1 CB3 LA . -52.61 -45.94 -29.55
CP2 CB3 LA . -51.81 -44.72 -29.45
CP3 CB3 LA . -51.20 -43.76 -29.40
N1 FOL MA . -41.35 -27.21 -63.46
C2 FOL MA . -42.21 -27.24 -62.43
NA2 FOL MA . -41.78 -27.40 -61.19
N3 FOL MA . -43.58 -27.10 -62.63
C4 FOL MA . -44.05 -26.94 -63.92
O4 FOL MA . -45.26 -26.81 -64.14
C4A FOL MA . -43.17 -26.91 -64.97
N5 FOL MA . -43.70 -26.74 -66.19
C6 FOL MA . -42.90 -26.70 -67.25
C7 FOL MA . -41.51 -26.84 -67.04
N8 FOL MA . -40.97 -27.02 -65.75
C8A FOL MA . -41.81 -27.05 -64.72
C9 FOL MA . -43.37 -26.54 -68.56
N10 FOL MA . -44.75 -26.07 -68.87
C11 FOL MA . -46.07 -22.23 -67.85
C12 FOL MA . -44.80 -22.68 -67.49
C13 FOL MA . -44.37 -23.97 -67.85
C14 FOL MA . -45.23 -24.85 -68.50
C15 FOL MA . -46.48 -24.38 -68.91
C16 FOL MA . -46.89 -23.07 -68.61
C FOL MA . -46.48 -20.93 -67.50
O FOL MA . -47.36 -20.35 -68.15
N FOL MA . -45.66 -20.29 -66.62
CA FOL MA . -45.86 -18.93 -66.08
CB FOL MA . -46.84 -19.08 -64.89
CG FOL MA . -47.13 -17.78 -64.12
CD FOL MA . -48.14 -18.05 -62.98
OE1 FOL MA . -49.16 -18.72 -63.30
OE2 FOL MA . -47.92 -17.56 -61.86
CT FOL MA . -44.55 -18.34 -65.54
O1 FOL MA . -44.42 -17.09 -65.51
O2 FOL MA . -43.69 -19.14 -65.12
PA NDP NA . -38.54 -32.70 -74.96
O1A NDP NA . -37.32 -33.40 -74.50
O2A NDP NA . -38.86 -31.39 -74.38
O5B NDP NA . -38.59 -32.61 -76.65
C5B NDP NA . -38.05 -33.72 -77.37
C4B NDP NA . -36.88 -33.47 -78.34
O4B NDP NA . -36.29 -32.15 -78.00
C3B NDP NA . -35.88 -34.21 -79.05
O3B NDP NA . -36.60 -34.88 -80.06
C2B NDP NA . -35.39 -32.79 -79.73
O2B NDP NA . -36.28 -32.37 -80.88
C1B NDP NA . -35.02 -31.82 -78.64
N9A NDP NA . -33.94 -32.74 -78.10
C8A NDP NA . -34.07 -33.38 -76.92
N7A NDP NA . -32.95 -33.97 -76.57
C5A NDP NA . -32.04 -33.59 -77.46
C6A NDP NA . -30.75 -33.88 -77.54
N6A NDP NA . -30.25 -34.69 -76.62
N1A NDP NA . -29.99 -33.39 -78.53
C2A NDP NA . -30.59 -32.55 -79.47
N3A NDP NA . -31.94 -32.25 -79.36
C4A NDP NA . -32.63 -32.78 -78.35
O3 NDP NA . -39.80 -33.63 -74.67
PN NDP NA . -39.96 -35.02 -73.84
O1N NDP NA . -38.72 -35.65 -73.37
O2N NDP NA . -40.99 -35.87 -74.47
O5D NDP NA . -40.64 -34.20 -72.61
C5D NDP NA . -41.94 -33.83 -73.07
C4D NDP NA . -43.17 -34.23 -72.24
O4D NDP NA . -42.54 -33.18 -71.33
C3D NDP NA . -44.48 -33.52 -71.97
O3D NDP NA . -45.31 -34.34 -71.16
C2D NDP NA . -44.08 -32.26 -71.33
O2D NDP NA . -45.28 -31.69 -70.82
C1D NDP NA . -43.39 -32.99 -70.18
N1N NDP NA . -42.82 -31.98 -69.25
C2N NDP NA . -42.93 -32.08 -67.86
C3N NDP NA . -42.38 -31.12 -67.01
C7N NDP NA . -42.51 -31.21 -65.63
O7N NDP NA . -41.86 -30.49 -64.87
N7N NDP NA . -43.30 -32.19 -65.21
C4N NDP NA . -41.63 -30.08 -67.56
C5N NDP NA . -41.48 -29.98 -68.94
C6N NDP NA . -42.06 -30.93 -69.78
P2B NDP NA . -35.95 -32.66 -82.47
O1X NDP NA . -36.89 -31.79 -83.18
O2X NDP NA . -34.53 -32.38 -82.75
O3X NDP NA . -36.32 -34.09 -82.58
#